data_6CCV
#
_entry.id   6CCV
#
_cell.length_a   132.353
_cell.length_b   162.325
_cell.length_c   139.401
_cell.angle_alpha   90.00
_cell.angle_beta   107.37
_cell.angle_gamma   90.00
#
_symmetry.space_group_name_H-M   'P 1 21 1'
#
loop_
_entity.id
_entity.type
_entity.pdbx_description
1 polymer 'DNA-directed RNA polymerase subunit alpha'
2 polymer 'DNA-directed RNA polymerase subunit beta'
3 polymer "DNA-directed RNA polymerase subunit beta'"
4 polymer 'DNA-directed RNA polymerase subunit omega'
5 polymer 'RNA polymerase sigma factor SigA'
6 polymer 'Unknown Peptide'
7 polymer 'RNA polymerase-binding protein RbpA'
8 polymer 'DNA (31-MER)'
9 polymer 'DNA (26-MER)'
10 non-polymer 'SULFATE ION'
11 non-polymer 1,2-ETHANEDIOL
12 non-polymer RIFAMPICIN
13 non-polymer 'ZINC ION'
14 non-polymer 'GLUTAMIC ACID'
15 water water
#
loop_
_entity_poly.entity_id
_entity_poly.type
_entity_poly.pdbx_seq_one_letter_code
_entity_poly.pdbx_strand_id
1 'polypeptide(L)'
;MLISQRPTLSEETVAENRSRFVIEPLEPGFGYTLGNSLRRTLLSSIPGAAVTSIRIDGVLHEFTTVPGVKEDVTDIILNL
KGLVVSSDDDEPVTMYLRKQGPGVVTAGDIVPPAGVTVHNPDMHIATLNDKGKLEVELVVERGRGYVPAVQNKASGAEIG
RIPVDSIYSPVLKVTYKVEATRVEQRTDFDKLIIDVETKNSISPRDALASAGGTLVELFGLARELNADSEHIEIGPSPAE
ADHIASFALPIDDLDLTVRSYNCLKREGVHTVGELVARTESDLLDIRNFGQKSIDEVKIKLHQLGLSLKDSPATFDPSEV
AGYDAATGTWTSDAGYDLDDNQDYAETEQL
;
A,B,T
2 'polypeptide(L)'
;MLEGCILAVSSQSKSNAITNNSVPGAPNRVSFAKLREPLEVPGLLDVQTDSFEWLVGSDRWRQAAIDRGEENPVGGLEEV
LAELSPIEDFSGSMSLSFSDPRFDEVKASVDECKDKDMTYAAPLFVTAEFINNNTGEIKSQTVFMGDFPMMTEKGTFIIN
GTERVVVSQLVRSPGVYFDETIDKSTEKTLHSVKVIPGRGAWLEFDVDKRDTVGVRIDRKRRQPVTVLLKALGWTNEQIV
ERFGFSEIMMGTLEKDTTSGTDEALLDIYRKLRPGEPPTKESAQTLLENLFFKEKRYDLARVGRYKVNKKLGLNAGKPIT
SSTLTEEDVVATIEYLVRLHEGQTSMTVPGGVEVPVEVDDIDHFGNRRLRTVGELIQNQIRVGLSRMERVVRERMTTQDV
EAITPQTLINIRPVVAAIKEFFGTSQLSQFMDQNNPLSGLTHKRRLSALGPGGLSRERAGLEVRDVHPSHYGRMCPIETP
EGPNIGLIGSLSVYARVNPFGFIETPYRKVENGVVTDQIDYLTADEEDRHVVAQANSPTDENGRFTEDRVMVRKKGGEVE
FVSADQVDYMDVSPRQMVSVATAMIPFLEHDDANRALMGANMQRQAVPLVRSEAPLVGTGMELRAAIDAGDVVVADKTGV
IEEVSADYITVMADDGTRQSYRLRKFARSNHGTCANQRPIVDAGQRVEAGQVIADGPCTQNGEMALGKNLLVAIMPWEGH
NYEDAIILSNRLVEEDVLTSIHIEEHEIDARDTKLGAEEITRDIPNVSDEVLADLDERGIVRIGAEVRDGDILVGKVTPK
GETELTPEERLLRAIFGEKAREVRDTSLKVPHGESGKVIGIRVFSREDDDELPAGVNELVRVYVAQKRKISDGDKLAGRH
GNKGVIGKILPVEDMPFLPDGTPVDIILNTHGVPRRMNIGQILETHLGWVAKAGWNIDVAAGVPDWASKLPEELYSAPAD
STVATPVFDGAQEGELAGLLGSTLPNRDGEVMVDADGKSTLFDGRSGEPFPYPVTVGYMYILKLHHLVDDKIHARSTGPY
SMITQQPLGGKAQFGGQRFGEMECWAMQAYGAAYTLQELLTIKSDDTVGRVKVYEAIVKGENIPEPGIPESFKVLLKELQ
SLCLNVEVLSSDGAAIEMRDGDDEDLERAAANLGINLSRNESASVEDLA
;
C
3 'polypeptide(L)'
;MLDVNFFDELRIGLATADDIRNWSYGEVKKPETINYRTLKPEKDGLFCEKIFGPTRDWECYCGKYKRVRFKGIICERCGV
EVTRAKVRRERMGHIELAAPVTHIWYFKGVPSRLGYLLDLAPKDLEKIIYFAAYVITSVDDEMRHNELSTLEAEMAVEKK
AVEDQRDADLEARAQKLEADLAELEAEGAKSDVRRKVRDSGEREMRQLRDRAQRELDRLDEIWNTFTKLAPKQLIVDEVL
YRELQDRYGEYFTGAMGAESIKKLIENFDIDAEAESLREVIRSGKGQKKLRALKRLKVVAAFQQSGNSPMGMVLDAVPVI
PPELRPMVQLDGGRFATSDLNDLYRRVINRNNRLKRLIDLGAPEIIVNNEKRMLQESVDALFDNGRRGRPVTGPGNRPLK
SLSDLLKGKQGRFRQNLLGKRVDYSGRSVIVVGPQLKLHQCGLPKLMALELFKPFVMKRLVDLNHAQNIKSAKRMVERQR
PQVWDVLEEVIAEHPVLLNRAPTLHRLGIQAFEPQLVEGKAIQLHPLVCEAFNADFDGDQMAVHLPLSAEAQAEARILML
SSNNILSPASGKPLAMPRLDMVTGLYYLTTLVEGATGEYQAATKDAPEQGVYSSPAEAIMAMDRGALSVRAKIKVRLTEL
RPPTDLEAQLFENGWKPGDAWTAETTLGRVMFNELLPKSYPFVNEQMHKKVQARIINDLAERFPMIVVAQTVDKLKDAGF
YWATRSGVTVSMADVLVPPQKQEILERHEAEADAIERKYQRGALNHTERNESLVKIWQDATEEVGKALEEFYPADNPIIT
IVKSGATGNLTQTRTLAGMKGLVTNPKGEFIPRPIKSSFREGLTVLEYFINTHGARKGLADTALRTADSGYLTRRLVDVS
QDVIVREHDCETERGINVTLAERGPDGTLIRDAHVETSAFARTLATDAVDANGNVIIERGHDLGDPAIDALLAAGITTVK
VRSVLTCTSATGVCAMCYGRSMATGKLVDIGEAVGIVAAQSIGEPGTQLTMRTFHQGGVTGGADIVGGLPRVQELFEARV
PRNKAPIADVAGRVRLEESDKFFKITIVPDDGGEEVVYDKLSKRQRLRVITHEDGTEGVLSDGDHVEVGDQLMEGAADPH
EVLRVQGPREVQIHLVKEVQEVYRAQGVSIHDKHIEVIVRQMLRRVTIIDSGSTEFLPGSLTERAEFEAENRRVVAEGGE
PAAGRPVLMGITKASLATDSWLSAASFQETTRVLTDAAINCRSDKLNGLKENVIIGKLIPAGTGISRYRNIQVQPTEEAR
AAAYTIPSYEDQYYSPDFGQATGAAVPLDDYGYSDYR
;
D
4 'polypeptide(L)'
;MSTPHADAQLNAADDLGIDSSAASAYDTPLGITNPPIDELLSRASSKYALVIYAAKRARQINDYYNQLGDGILEYVGPLV
EPGLQEKPLSIALREIHGDLLEHTEGE
;
E
5 'polypeptide(L)'
;MAATKASPATEEPVKRTATKTPAKKAPAKRAAKSAAAKAGGKAPAKKAPAKRAAKGTAAKPEDGVTDDLEVTDDLEAEPG
EDLDVEDTDLELDDLDSDDDTAVEDEEEEADAATPAVATAKAADDDIDEPSEKDKASGDFVWDEEESEALRQARKDAELT
ASADSVRAYLKQIGKVALLNAEEEVELAKRIEAGLYATQKLAELAEKGEKLPVQQRRDMQWICRDGDRAKNHLLEANLRL
VVSLAKRYTGRGMAFLDLIQEGNLGLIRAVEKFDYTKGYKFSTYATWWIRQAITRAMADQARTIRIPVHMVEVINKLGRI
QRELLQDLGREPTPEELAKEMDITPEKVLEIQQYAREPISLDQTIGDEGDSQLGDFIEDSEAVVAVDAVSFTLLQDQLQS
VLETLSEREAGVVRLRFGLTDGQPRTLDEIGQVYGVTRERIRQIESKTMSKLRHPSRSQVLRDYLD
;
F
6 'polypeptide(L)'
;(UNK)(UNK)(UNK)(UNK)(UNK)(UNK)(UNK)(UNK)(UNK)(UNK)(UNK)(UNK)(UNK)(UNK)(UNK)(UNK)
(UNK)
;
G
7 'polypeptide(L)'
;MADRVLRGSRLGAVSYETDRNHDLAPRQVARYRTDNGEEFDVPFADDAEIPGTWLCRNGLEGTLIEGDVPEPKKVKPPRT
HWDMLLERRSVEELEELLKERLDLIKAKRRGTGS
;
J
8 'polydeoxyribonucleotide'
;(DG)(DC)(DT)(DT)(DG)(DA)(DC)(DA)(DA)(DA)(DA)(DG)(DT)(DG)(DT)(DT)(DA)(DA)(DA)(DT)
(DT)(DG)(DT)(DG)(DC)(DT)(DA)(DT)(DA)(DC)(DT)
;
O
9 'polydeoxyribonucleotide'
;(DA)(DG)(DC)(DA)(DC)(DA)(DA)(DT)(DT)(DT)(DA)(DA)(DC)(DA)(DC)(DT)(DT)(DT)(DT)(DG)
(DT)(DC)(DA)(DA)(DG)(DC)
;
P
#
# COMPACT_ATOMS: atom_id res chain seq x y z
N MET A 1 45.35 -52.25 20.43
CA MET A 1 45.93 -51.67 21.63
C MET A 1 44.87 -51.48 22.72
N LEU A 2 44.27 -52.58 23.15
CA LEU A 2 43.25 -52.51 24.20
C LEU A 2 43.85 -52.01 25.50
N ILE A 3 43.18 -51.04 26.13
CA ILE A 3 43.57 -50.51 27.42
C ILE A 3 42.31 -50.41 28.26
N SER A 4 42.25 -51.16 29.36
CA SER A 4 41.04 -51.29 30.17
C SER A 4 41.33 -50.98 31.63
N GLN A 5 41.01 -49.76 32.05
CA GLN A 5 40.86 -49.40 33.45
C GLN A 5 39.50 -48.71 33.54
N ARG A 6 38.48 -49.46 33.93
CA ARG A 6 37.08 -49.05 33.85
C ARG A 6 36.90 -47.61 34.30
N PRO A 7 36.00 -46.87 33.65
CA PRO A 7 35.89 -45.43 33.93
C PRO A 7 35.57 -45.19 35.41
N THR A 8 36.24 -44.19 35.97
CA THR A 8 36.10 -43.83 37.37
C THR A 8 35.46 -42.44 37.48
N LEU A 9 34.38 -42.35 38.23
CA LEU A 9 33.67 -41.09 38.46
C LEU A 9 33.80 -40.72 39.93
N SER A 10 34.64 -39.73 40.22
CA SER A 10 34.86 -39.25 41.57
C SER A 10 34.30 -37.84 41.72
N GLU A 11 33.61 -37.60 42.83
CA GLU A 11 32.98 -36.32 43.05
C GLU A 11 33.99 -35.27 43.49
N GLU A 12 33.50 -34.08 43.80
CA GLU A 12 34.31 -32.97 44.26
C GLU A 12 33.40 -31.97 44.96
N THR A 13 33.94 -30.80 45.29
CA THR A 13 33.18 -29.72 45.90
C THR A 13 33.85 -28.40 45.58
N VAL A 14 33.05 -27.41 45.20
CA VAL A 14 33.54 -26.06 44.94
C VAL A 14 32.77 -25.10 45.83
N ALA A 15 31.44 -25.12 45.72
CA ALA A 15 30.57 -24.41 46.64
C ALA A 15 29.51 -25.38 47.15
N GLU A 16 28.52 -24.88 47.89
CA GLU A 16 27.46 -25.75 48.37
C GLU A 16 26.41 -26.00 47.30
N ASN A 17 26.18 -25.03 46.41
CA ASN A 17 25.19 -25.21 45.35
C ASN A 17 25.75 -25.98 44.16
N ARG A 18 27.06 -25.91 43.94
CA ARG A 18 27.68 -26.60 42.80
C ARG A 18 28.87 -27.41 43.27
N SER A 19 29.22 -28.41 42.46
CA SER A 19 30.37 -29.28 42.73
C SER A 19 30.79 -29.94 41.43
N ARG A 20 32.11 -30.03 41.22
CA ARG A 20 32.62 -30.63 40.00
C ARG A 20 32.49 -32.15 40.04
N PHE A 21 32.48 -32.75 38.86
CA PHE A 21 32.48 -34.19 38.70
C PHE A 21 33.51 -34.56 37.63
N VAL A 22 34.30 -35.60 37.91
CA VAL A 22 35.37 -36.01 37.01
C VAL A 22 35.21 -37.50 36.72
N ILE A 23 35.48 -37.87 35.47
CA ILE A 23 35.40 -39.26 35.01
C ILE A 23 36.63 -39.55 34.17
N GLU A 24 37.37 -40.59 34.54
CA GLU A 24 38.58 -40.98 33.82
C GLU A 24 38.80 -42.47 34.01
N PRO A 25 39.37 -43.16 33.01
CA PRO A 25 39.73 -42.54 31.72
C PRO A 25 38.69 -42.79 30.64
N LEU A 26 38.94 -42.27 29.44
CA LEU A 26 38.03 -42.44 28.32
C LEU A 26 38.81 -42.41 27.02
N GLU A 27 38.32 -43.15 26.02
CA GLU A 27 38.97 -43.19 24.73
C GLU A 27 39.11 -41.77 24.17
N PRO A 28 40.04 -41.57 23.24
CA PRO A 28 40.23 -40.23 22.67
C PRO A 28 38.97 -39.74 21.98
N GLY A 29 38.70 -38.44 22.13
CA GLY A 29 37.52 -37.83 21.53
C GLY A 29 36.22 -38.35 22.11
N PHE A 30 36.09 -38.28 23.43
CA PHE A 30 34.87 -38.72 24.11
C PHE A 30 34.29 -37.69 25.06
N GLY A 31 35.14 -36.92 25.75
CA GLY A 31 34.65 -36.03 26.78
C GLY A 31 33.63 -35.03 26.27
N TYR A 32 33.91 -34.41 25.12
CA TYR A 32 32.98 -33.44 24.56
C TYR A 32 31.60 -34.04 24.36
N THR A 33 31.52 -35.11 23.57
CA THR A 33 30.22 -35.69 23.26
C THR A 33 29.54 -36.24 24.51
N LEU A 34 30.31 -36.74 25.47
CA LEU A 34 29.73 -37.24 26.72
C LEU A 34 29.38 -36.12 27.69
N GLY A 35 30.17 -35.05 27.72
CA GLY A 35 29.85 -33.93 28.59
C GLY A 35 28.57 -33.23 28.18
N ASN A 36 28.48 -32.86 26.90
CA ASN A 36 27.29 -32.19 26.41
C ASN A 36 26.05 -33.08 26.51
N SER A 37 26.23 -34.40 26.44
CA SER A 37 25.10 -35.29 26.59
C SER A 37 24.51 -35.20 27.98
N LEU A 38 25.33 -34.88 28.99
CA LEU A 38 24.80 -34.64 30.33
C LEU A 38 24.27 -33.22 30.49
N ARG A 39 25.01 -32.24 29.96
CA ARG A 39 24.55 -30.85 30.05
C ARG A 39 23.18 -30.68 29.41
N ARG A 40 23.01 -31.19 28.20
CA ARG A 40 21.70 -31.13 27.55
C ARG A 40 20.62 -31.75 28.43
N THR A 41 20.95 -32.82 29.15
CA THR A 41 19.96 -33.49 29.98
C THR A 41 19.78 -32.79 31.33
N LEU A 42 20.85 -32.23 31.89
CA LEU A 42 20.72 -31.50 33.15
C LEU A 42 19.82 -30.28 32.99
N LEU A 43 20.13 -29.44 32.00
CA LEU A 43 19.42 -28.18 31.84
C LEU A 43 17.94 -28.35 31.52
N SER A 44 17.48 -29.56 31.18
CA SER A 44 16.07 -29.73 30.83
C SER A 44 15.30 -30.65 31.76
N SER A 45 15.74 -31.90 31.92
CA SER A 45 14.84 -32.96 32.42
C SER A 45 14.97 -33.21 33.92
N ILE A 46 15.70 -32.38 34.65
CA ILE A 46 15.81 -32.54 36.10
C ILE A 46 14.48 -32.17 36.73
N PRO A 47 13.73 -33.14 37.26
CA PRO A 47 12.43 -32.82 37.85
C PRO A 47 12.57 -31.88 39.04
N GLY A 48 11.49 -31.19 39.36
CA GLY A 48 11.49 -30.27 40.47
C GLY A 48 10.09 -29.79 40.78
N ALA A 49 10.01 -28.86 41.73
CA ALA A 49 8.75 -28.26 42.14
C ALA A 49 8.72 -26.79 41.70
N ALA A 50 7.53 -26.32 41.36
CA ALA A 50 7.34 -24.95 40.94
C ALA A 50 5.91 -24.52 41.21
N VAL A 51 5.71 -23.22 41.31
CA VAL A 51 4.39 -22.66 41.57
C VAL A 51 3.65 -22.52 40.25
N THR A 52 2.49 -23.17 40.15
CA THR A 52 1.70 -23.12 38.93
C THR A 52 0.83 -21.88 38.87
N SER A 53 -0.07 -21.72 39.84
CA SER A 53 -1.00 -20.61 39.87
C SER A 53 -0.93 -19.93 41.24
N ILE A 54 -1.57 -18.76 41.32
CA ILE A 54 -1.64 -17.99 42.56
C ILE A 54 -2.98 -17.29 42.61
N ARG A 55 -3.47 -17.05 43.82
CA ARG A 55 -4.76 -16.41 44.03
C ARG A 55 -4.61 -15.34 45.09
N ILE A 56 -4.94 -14.10 44.74
CA ILE A 56 -4.94 -12.97 45.68
C ILE A 56 -6.37 -12.48 45.84
N ASP A 57 -6.77 -12.24 47.09
CA ASP A 57 -8.16 -11.96 47.40
C ASP A 57 -8.67 -10.73 46.65
N GLY A 58 -8.05 -9.58 46.90
CA GLY A 58 -8.58 -8.34 46.35
C GLY A 58 -8.60 -8.29 44.83
N VAL A 59 -7.62 -8.91 44.19
CA VAL A 59 -7.46 -8.80 42.74
C VAL A 59 -8.14 -9.97 42.05
N LEU A 60 -8.81 -9.67 40.94
CA LEU A 60 -9.43 -10.69 40.10
C LEU A 60 -8.60 -11.04 38.88
N HIS A 61 -7.55 -10.29 38.58
CA HIS A 61 -6.69 -10.57 37.44
C HIS A 61 -5.29 -10.04 37.74
N GLU A 62 -4.45 -10.03 36.72
CA GLU A 62 -3.02 -9.80 36.87
C GLU A 62 -2.62 -8.34 36.65
N PHE A 63 -3.49 -7.51 36.08
CA PHE A 63 -3.12 -6.18 35.62
C PHE A 63 -3.62 -5.06 36.53
N THR A 64 -3.93 -5.36 37.78
CA THR A 64 -4.37 -4.35 38.73
C THR A 64 -3.30 -4.14 39.80
N THR A 65 -3.58 -3.23 40.72
CA THR A 65 -2.72 -2.96 41.86
C THR A 65 -3.42 -3.38 43.15
N VAL A 66 -2.65 -3.37 44.24
CA VAL A 66 -3.20 -3.69 45.56
C VAL A 66 -3.02 -2.47 46.46
N PRO A 67 -4.03 -2.10 47.25
CA PRO A 67 -3.91 -0.90 48.09
C PRO A 67 -2.74 -1.02 49.05
N GLY A 68 -1.87 0.00 49.03
CA GLY A 68 -0.74 0.07 49.91
C GLY A 68 0.51 -0.62 49.42
N VAL A 69 0.37 -1.65 48.57
CA VAL A 69 1.54 -2.36 48.07
C VAL A 69 2.28 -1.49 47.06
N LYS A 70 3.60 -1.54 47.10
CA LYS A 70 4.41 -0.73 46.20
C LYS A 70 4.52 -1.33 44.81
N GLU A 71 4.42 -2.66 44.71
CA GLU A 71 4.53 -3.35 43.44
C GLU A 71 3.14 -3.68 42.91
N ASP A 72 2.94 -3.45 41.61
CA ASP A 72 1.70 -3.91 40.98
C ASP A 72 1.68 -5.43 40.95
N VAL A 73 0.48 -5.98 40.70
CA VAL A 73 0.32 -7.43 40.73
C VAL A 73 1.20 -8.10 39.69
N THR A 74 1.33 -7.48 38.51
CA THR A 74 2.13 -8.07 37.45
C THR A 74 3.61 -8.07 37.80
N ASP A 75 4.08 -7.00 38.46
CA ASP A 75 5.48 -6.94 38.88
C ASP A 75 5.76 -7.80 40.10
N ILE A 76 4.73 -8.08 40.91
CA ILE A 76 4.90 -9.01 42.03
C ILE A 76 5.08 -10.43 41.51
N ILE A 77 4.29 -10.82 40.51
CA ILE A 77 4.43 -12.15 39.94
C ILE A 77 5.81 -12.32 39.31
N LEU A 78 6.33 -11.27 38.68
CA LEU A 78 7.69 -11.34 38.16
C LEU A 78 8.68 -11.71 39.25
N ASN A 79 8.55 -11.09 40.43
CA ASN A 79 9.41 -11.44 41.55
C ASN A 79 9.19 -12.88 41.99
N LEU A 80 7.93 -13.27 42.12
CA LEU A 80 7.63 -14.62 42.58
C LEU A 80 8.18 -15.71 41.66
N LYS A 81 8.45 -15.37 40.39
CA LYS A 81 9.04 -16.37 39.51
C LYS A 81 10.40 -16.82 40.01
N GLY A 82 11.11 -15.97 40.74
CA GLY A 82 12.40 -16.33 41.30
C GLY A 82 12.35 -17.28 42.47
N LEU A 83 11.17 -17.63 42.96
CA LEU A 83 11.07 -18.57 44.07
C LEU A 83 11.60 -19.93 43.66
N VAL A 84 12.50 -20.47 44.47
CA VAL A 84 13.01 -21.83 44.30
C VAL A 84 12.40 -22.67 45.40
N VAL A 85 11.50 -23.58 45.01
CA VAL A 85 10.79 -24.42 45.96
C VAL A 85 11.00 -25.88 45.59
N SER A 86 10.87 -26.75 46.58
CA SER A 86 11.00 -28.20 46.41
C SER A 86 9.83 -28.87 47.11
N SER A 87 9.07 -29.67 46.35
CA SER A 87 7.91 -30.37 46.89
C SER A 87 8.18 -31.86 46.87
N ASP A 88 8.21 -32.47 48.05
CA ASP A 88 8.45 -33.90 48.19
C ASP A 88 7.17 -34.73 48.02
N ASP A 89 6.06 -34.11 47.64
CA ASP A 89 4.79 -34.79 47.44
C ASP A 89 4.25 -34.49 46.05
N ASP A 90 3.61 -35.49 45.44
CA ASP A 90 2.88 -35.31 44.19
C ASP A 90 1.61 -34.51 44.48
N GLU A 91 0.69 -34.42 43.50
CA GLU A 91 -0.62 -33.91 43.89
C GLU A 91 -0.61 -32.47 44.39
N PRO A 92 -0.85 -31.50 43.50
CA PRO A 92 -0.69 -30.08 43.86
C PRO A 92 -1.04 -29.72 45.28
N VAL A 93 -0.19 -28.92 45.91
CA VAL A 93 -0.36 -28.48 47.29
C VAL A 93 -0.31 -26.96 47.32
N THR A 94 -1.23 -26.35 48.06
CA THR A 94 -1.36 -24.90 48.12
C THR A 94 -0.61 -24.36 49.33
N MET A 95 0.22 -23.34 49.09
CA MET A 95 0.88 -22.60 50.15
C MET A 95 0.00 -21.43 50.57
N TYR A 96 0.48 -20.63 51.52
CA TYR A 96 -0.30 -19.50 52.02
C TYR A 96 0.64 -18.40 52.48
N LEU A 97 0.23 -17.15 52.23
CA LEU A 97 1.01 -15.98 52.61
C LEU A 97 0.05 -14.87 53.00
N ARG A 98 0.28 -14.28 54.17
CA ARG A 98 -0.57 -13.20 54.68
C ARG A 98 0.29 -12.26 55.49
N LYS A 99 0.30 -10.98 55.12
CA LYS A 99 1.09 -9.99 55.83
C LYS A 99 0.30 -8.69 55.97
N GLN A 100 0.47 -8.04 57.12
CA GLN A 100 -0.24 -6.80 57.44
C GLN A 100 0.77 -5.77 57.95
N GLY A 101 0.38 -4.51 57.88
CA GLY A 101 1.20 -3.43 58.37
C GLY A 101 2.45 -3.23 57.54
N PRO A 102 3.25 -2.25 57.88
CA PRO A 102 4.47 -1.97 57.11
C PRO A 102 5.48 -3.10 57.23
N GLY A 103 6.49 -3.03 56.37
CA GLY A 103 7.54 -4.02 56.32
C GLY A 103 7.89 -4.35 54.89
N VAL A 104 8.50 -5.52 54.70
CA VAL A 104 8.91 -6.00 53.38
C VAL A 104 8.64 -7.49 53.34
N VAL A 105 7.70 -7.92 52.50
CA VAL A 105 7.37 -9.34 52.39
C VAL A 105 8.51 -10.06 51.67
N THR A 106 8.79 -11.29 52.09
CA THR A 106 9.82 -12.11 51.49
C THR A 106 9.33 -13.54 51.42
N ALA A 107 10.08 -14.38 50.68
CA ALA A 107 9.68 -15.77 50.49
C ALA A 107 9.57 -16.50 51.82
N GLY A 108 10.39 -16.11 52.81
CA GLY A 108 10.33 -16.77 54.10
C GLY A 108 8.97 -16.65 54.77
N ASP A 109 8.27 -15.54 54.53
CA ASP A 109 6.96 -15.33 55.14
C ASP A 109 5.93 -16.35 54.65
N ILE A 110 6.14 -16.96 53.50
CA ILE A 110 5.23 -17.99 53.02
C ILE A 110 5.28 -19.18 53.98
N VAL A 111 4.12 -19.64 54.41
CA VAL A 111 4.01 -20.81 55.28
C VAL A 111 3.95 -22.05 54.38
N PRO A 112 4.92 -22.95 54.45
CA PRO A 112 4.89 -24.13 53.59
C PRO A 112 4.05 -25.24 54.19
N PRO A 113 3.27 -25.94 53.37
CA PRO A 113 2.54 -27.12 53.87
C PRO A 113 3.47 -28.29 54.15
N ALA A 114 2.87 -29.45 54.45
CA ALA A 114 3.65 -30.63 54.81
C ALA A 114 4.67 -30.97 53.72
N GLY A 115 5.92 -31.14 54.14
CA GLY A 115 6.95 -31.67 53.27
C GLY A 115 7.36 -30.78 52.12
N VAL A 116 7.11 -29.47 52.21
CA VAL A 116 7.53 -28.52 51.18
C VAL A 116 8.35 -27.43 51.84
N THR A 117 9.38 -26.97 51.14
CA THR A 117 10.31 -26.01 51.70
C THR A 117 10.63 -24.91 50.70
N VAL A 118 10.76 -23.68 51.19
CA VAL A 118 11.22 -22.55 50.41
C VAL A 118 12.71 -22.39 50.67
N HIS A 119 13.52 -22.59 49.64
CA HIS A 119 14.97 -22.69 49.81
C HIS A 119 15.68 -21.34 49.69
N ASN A 120 14.96 -20.25 49.44
CA ASN A 120 15.56 -18.90 49.42
C ASN A 120 14.59 -17.91 50.05
N PRO A 121 14.28 -18.08 51.33
CA PRO A 121 13.39 -17.14 52.02
C PRO A 121 13.89 -15.71 52.00
N ASP A 122 15.15 -15.48 51.66
CA ASP A 122 15.74 -14.14 51.61
C ASP A 122 15.22 -13.32 50.44
N MET A 123 14.34 -13.87 49.60
CA MET A 123 13.92 -13.19 48.39
C MET A 123 12.86 -12.14 48.69
N HIS A 124 12.96 -11.00 48.00
CA HIS A 124 12.01 -9.91 48.15
C HIS A 124 10.80 -10.14 47.25
N ILE A 125 9.61 -10.02 47.81
CA ILE A 125 8.36 -10.13 47.06
C ILE A 125 7.73 -8.76 46.84
N ALA A 126 7.33 -8.10 47.92
CA ALA A 126 6.65 -6.82 47.83
C ALA A 126 6.87 -6.02 49.10
N THR A 127 6.95 -4.71 48.97
CA THR A 127 7.12 -3.81 50.10
C THR A 127 5.79 -3.19 50.46
N LEU A 128 5.29 -3.50 51.65
CA LEU A 128 4.00 -3.03 52.12
C LEU A 128 4.16 -1.85 53.07
N ASN A 129 3.17 -0.96 53.05
CA ASN A 129 3.11 0.19 53.94
C ASN A 129 1.99 0.00 54.96
N ASP A 130 1.76 1.05 55.76
CA ASP A 130 0.80 0.96 56.85
C ASP A 130 -0.57 0.49 56.36
N LYS A 131 -0.99 0.95 55.19
CA LYS A 131 -2.29 0.59 54.64
C LYS A 131 -2.25 -0.70 53.83
N GLY A 132 -1.06 -1.26 53.61
CA GLY A 132 -0.92 -2.40 52.71
C GLY A 132 -1.18 -3.73 53.40
N LYS A 133 -2.03 -4.53 52.76
CA LYS A 133 -2.33 -5.89 53.21
C LYS A 133 -2.26 -6.81 52.00
N LEU A 134 -1.50 -7.90 52.12
CA LEU A 134 -1.31 -8.85 51.04
C LEU A 134 -1.70 -10.25 51.52
N GLU A 135 -2.74 -10.80 50.91
CA GLU A 135 -3.23 -12.14 51.24
C GLU A 135 -3.27 -12.94 49.94
N VAL A 136 -2.34 -13.89 49.80
CA VAL A 136 -2.18 -14.63 48.55
C VAL A 136 -1.78 -16.06 48.88
N GLU A 137 -2.36 -17.00 48.15
CA GLU A 137 -2.01 -18.41 48.24
C GLU A 137 -1.36 -18.85 46.93
N LEU A 138 -0.48 -19.86 47.03
CA LEU A 138 0.31 -20.33 45.90
C LEU A 138 0.19 -21.84 45.80
N VAL A 139 -0.07 -22.32 44.59
CA VAL A 139 -0.22 -23.75 44.33
C VAL A 139 1.09 -24.26 43.76
N VAL A 140 1.73 -25.19 44.47
CA VAL A 140 2.99 -25.80 44.04
C VAL A 140 2.69 -27.17 43.45
N GLU A 141 3.14 -27.37 42.21
CA GLU A 141 3.02 -28.65 41.53
C GLU A 141 4.42 -29.22 41.29
N ARG A 142 4.48 -30.41 40.71
CA ARG A 142 5.73 -31.10 40.45
C ARG A 142 5.84 -31.44 38.98
N GLY A 143 7.00 -31.19 38.40
CA GLY A 143 7.21 -31.47 37.00
C GLY A 143 8.65 -31.26 36.60
N ARG A 144 8.87 -31.07 35.31
CA ARG A 144 10.21 -30.87 34.78
C ARG A 144 10.14 -29.93 33.57
N GLY A 145 11.23 -29.17 33.38
CA GLY A 145 11.30 -28.28 32.24
C GLY A 145 10.57 -26.96 32.49
N TYR A 146 10.13 -26.35 31.40
CA TYR A 146 9.40 -25.08 31.44
C TYR A 146 8.04 -25.28 30.79
N VAL A 147 6.98 -25.10 31.58
CA VAL A 147 5.60 -25.21 31.11
C VAL A 147 4.97 -23.83 31.15
N PRO A 148 4.55 -23.27 30.02
CA PRO A 148 3.90 -21.96 30.05
C PRO A 148 2.62 -22.00 30.86
N ALA A 149 2.28 -20.87 31.45
CA ALA A 149 1.10 -20.78 32.31
C ALA A 149 -0.12 -21.39 31.62
N VAL A 150 -0.79 -22.29 32.32
CA VAL A 150 -2.00 -22.94 31.81
C VAL A 150 -3.19 -22.02 32.08
N GLN A 151 -3.83 -21.55 31.02
CA GLN A 151 -4.96 -20.64 31.16
C GLN A 151 -6.12 -21.36 31.85
N ASN A 152 -6.81 -20.62 32.73
CA ASN A 152 -7.88 -21.24 33.52
C ASN A 152 -9.07 -21.64 32.66
N LYS A 153 -9.24 -21.02 31.49
CA LYS A 153 -10.28 -21.48 30.57
C LYS A 153 -9.97 -22.87 30.03
N ALA A 154 -8.68 -23.23 29.97
CA ALA A 154 -8.30 -24.58 29.59
C ALA A 154 -8.43 -25.55 30.76
N SER A 155 -7.95 -25.15 31.94
CA SER A 155 -8.14 -25.92 33.15
C SER A 155 -9.56 -25.66 33.68
N GLY A 156 -9.83 -26.12 34.90
CA GLY A 156 -11.14 -25.90 35.49
C GLY A 156 -11.18 -24.76 36.48
N ALA A 157 -10.23 -23.84 36.37
CA ALA A 157 -10.12 -22.75 37.33
C ALA A 157 -11.23 -21.72 37.11
N GLU A 158 -11.38 -20.84 38.09
CA GLU A 158 -12.39 -19.79 38.08
C GLU A 158 -11.73 -18.44 37.86
N ILE A 159 -12.58 -17.42 37.66
CA ILE A 159 -12.12 -16.10 37.22
C ILE A 159 -11.05 -15.54 38.14
N GLY A 160 -11.01 -15.96 39.40
CA GLY A 160 -10.03 -15.43 40.32
C GLY A 160 -8.64 -16.01 40.20
N ARG A 161 -8.49 -17.13 39.49
CA ARG A 161 -7.22 -17.81 39.39
C ARG A 161 -6.23 -17.02 38.52
N ILE A 162 -5.00 -16.91 39.00
CA ILE A 162 -3.94 -16.24 38.25
C ILE A 162 -2.89 -17.26 37.84
N PRO A 163 -3.00 -17.87 36.65
CA PRO A 163 -1.95 -18.79 36.21
C PRO A 163 -0.64 -18.06 35.94
N VAL A 164 0.46 -18.76 36.18
CA VAL A 164 1.79 -18.19 36.03
C VAL A 164 2.71 -19.18 35.32
N ASP A 165 3.70 -18.66 34.62
CA ASP A 165 4.71 -19.50 34.01
C ASP A 165 5.48 -20.26 35.08
N SER A 166 5.57 -21.57 34.92
CA SER A 166 6.22 -22.45 35.88
C SER A 166 7.55 -22.95 35.31
N ILE A 167 8.60 -22.91 36.13
CA ILE A 167 9.94 -23.35 35.73
C ILE A 167 10.40 -24.37 36.76
N TYR A 168 10.28 -25.66 36.42
CA TYR A 168 10.80 -26.73 37.28
C TYR A 168 12.20 -27.08 36.79
N SER A 169 13.20 -26.35 37.30
CA SER A 169 14.59 -26.55 36.87
C SER A 169 15.51 -26.41 38.08
N PRO A 170 15.77 -27.49 38.81
CA PRO A 170 16.72 -27.39 39.93
C PRO A 170 18.11 -26.96 39.50
N VAL A 171 18.56 -27.41 38.32
CA VAL A 171 19.89 -27.05 37.85
C VAL A 171 19.91 -25.60 37.40
N LEU A 172 21.07 -24.95 37.58
CA LEU A 172 21.21 -23.52 37.32
C LEU A 172 22.16 -23.24 36.15
N LYS A 173 23.41 -23.70 36.24
CA LYS A 173 24.40 -23.45 35.20
C LYS A 173 25.35 -24.63 35.13
N VAL A 174 25.71 -25.04 33.91
CA VAL A 174 26.52 -26.23 33.69
C VAL A 174 27.55 -25.95 32.61
N THR A 175 28.71 -26.60 32.75
CA THR A 175 29.78 -26.51 31.77
C THR A 175 30.65 -27.75 31.91
N TYR A 176 31.66 -27.86 31.04
CA TYR A 176 32.57 -28.99 31.11
C TYR A 176 33.84 -28.66 30.33
N LYS A 177 34.83 -29.54 30.46
CA LYS A 177 36.10 -29.42 29.76
C LYS A 177 36.81 -30.77 29.84
N VAL A 178 37.75 -30.97 28.92
CA VAL A 178 38.42 -32.26 28.79
C VAL A 178 39.93 -32.06 28.79
N GLU A 179 40.64 -33.05 29.32
CA GLU A 179 42.09 -33.14 29.27
C GLU A 179 42.45 -34.26 28.32
N ALA A 180 42.99 -33.91 27.14
CA ALA A 180 43.41 -34.89 26.17
C ALA A 180 44.79 -35.44 26.57
N THR A 181 45.44 -36.15 25.66
CA THR A 181 46.78 -36.67 25.91
C THR A 181 47.48 -36.86 24.58
N ARG A 182 48.76 -37.22 24.67
CA ARG A 182 49.56 -37.47 23.48
C ARG A 182 50.69 -38.44 23.77
N ARG A 186 53.53 -43.97 25.62
CA ARG A 186 52.26 -44.46 26.13
C ARG A 186 51.08 -43.87 25.36
N THR A 187 50.04 -44.68 25.17
CA THR A 187 48.85 -44.22 24.47
C THR A 187 48.20 -43.07 25.22
N ASP A 188 47.40 -42.29 24.50
CA ASP A 188 46.79 -41.08 25.02
C ASP A 188 45.28 -41.23 25.07
N PHE A 189 44.70 -40.98 26.24
CA PHE A 189 43.27 -41.04 26.47
C PHE A 189 42.73 -39.64 26.77
N ASP A 190 41.44 -39.56 27.11
CA ASP A 190 40.78 -38.31 27.42
C ASP A 190 40.02 -38.42 28.72
N LYS A 191 40.10 -37.38 29.54
CA LYS A 191 39.41 -37.30 30.82
C LYS A 191 38.66 -35.97 30.90
N LEU A 192 37.36 -36.05 31.16
CA LEU A 192 36.52 -34.86 31.23
C LEU A 192 36.14 -34.56 32.68
N ILE A 193 36.01 -33.27 32.98
CA ILE A 193 35.52 -32.79 34.27
C ILE A 193 34.35 -31.86 34.01
N ILE A 194 33.26 -32.06 34.74
CA ILE A 194 32.05 -31.27 34.54
C ILE A 194 31.76 -30.47 35.80
N ASP A 195 31.12 -29.33 35.61
CA ASP A 195 30.77 -28.41 36.69
C ASP A 195 29.27 -28.24 36.71
N VAL A 196 28.61 -28.75 37.75
CA VAL A 196 27.16 -28.70 37.89
C VAL A 196 26.82 -27.74 39.02
N GLU A 197 25.85 -26.86 38.78
CA GLU A 197 25.37 -25.91 39.77
C GLU A 197 23.86 -25.99 39.84
N THR A 198 23.32 -25.99 41.06
CA THR A 198 21.90 -26.12 41.30
C THR A 198 21.37 -24.89 42.04
N LYS A 199 20.04 -24.79 42.10
CA LYS A 199 19.36 -23.70 42.77
C LYS A 199 19.17 -23.95 44.26
N ASN A 200 19.84 -24.95 44.83
CA ASN A 200 19.77 -25.38 46.22
C ASN A 200 18.53 -26.22 46.52
N SER A 201 17.63 -26.44 45.56
CA SER A 201 16.55 -27.39 45.79
C SER A 201 17.05 -28.83 45.76
N ILE A 202 18.18 -29.07 45.10
CA ILE A 202 18.85 -30.36 45.11
C ILE A 202 20.35 -30.10 44.98
N SER A 203 21.14 -31.09 45.36
CA SER A 203 22.58 -30.96 45.27
C SER A 203 23.08 -31.41 43.91
N PRO A 204 24.24 -30.92 43.48
CA PRO A 204 24.80 -31.38 42.19
C PRO A 204 24.89 -32.90 42.11
N ARG A 205 25.06 -33.58 43.24
CA ARG A 205 25.14 -35.03 43.23
C ARG A 205 23.81 -35.65 42.81
N ASP A 206 22.72 -35.29 43.50
CA ASP A 206 21.42 -35.85 43.17
C ASP A 206 20.99 -35.46 41.75
N ALA A 207 21.34 -34.25 41.31
CA ALA A 207 20.98 -33.83 39.96
C ALA A 207 21.68 -34.69 38.92
N LEU A 208 23.01 -34.81 39.02
CA LEU A 208 23.75 -35.64 38.08
C LEU A 208 23.28 -37.08 38.12
N ALA A 209 22.88 -37.56 39.31
CA ALA A 209 22.29 -38.90 39.40
C ALA A 209 20.97 -38.97 38.65
N SER A 210 20.19 -37.89 38.69
CA SER A 210 18.93 -37.85 37.96
C SER A 210 19.17 -37.94 36.46
N ALA A 211 20.13 -37.16 35.95
CA ALA A 211 20.46 -37.23 34.53
C ALA A 211 20.90 -38.63 34.15
N GLY A 212 21.86 -39.19 34.88
CA GLY A 212 22.32 -40.54 34.64
C GLY A 212 21.18 -41.55 34.65
N GLY A 213 20.45 -41.60 35.76
CA GLY A 213 19.28 -42.47 35.82
C GLY A 213 18.31 -42.20 34.70
N THR A 214 18.11 -40.92 34.36
CA THR A 214 17.26 -40.58 33.22
C THR A 214 17.95 -40.87 31.90
N LEU A 215 19.28 -40.80 31.87
CA LEU A 215 20.02 -41.08 30.65
C LEU A 215 20.26 -42.58 30.46
N VAL A 216 20.42 -43.31 31.56
CA VAL A 216 20.62 -44.76 31.46
C VAL A 216 19.36 -45.43 30.92
N GLU A 217 18.19 -45.07 31.47
CA GLU A 217 16.95 -45.70 31.06
C GLU A 217 16.68 -45.50 29.57
N LEU A 218 17.23 -44.44 28.98
CA LEU A 218 16.89 -44.11 27.60
C LEU A 218 17.64 -44.98 26.60
N PHE A 219 18.93 -45.20 26.80
CA PHE A 219 19.70 -46.06 25.91
C PHE A 219 19.20 -47.50 26.01
N GLY A 220 18.82 -48.08 24.88
CA GLY A 220 18.28 -49.43 24.87
C GLY A 220 18.71 -50.18 23.62
N LEU A 221 18.64 -51.49 23.72
CA LEU A 221 19.03 -52.37 22.61
C LEU A 221 18.50 -53.79 22.83
N MET B 1 7.47 -38.44 39.22
CA MET B 1 8.81 -38.17 38.76
C MET B 1 8.85 -37.95 37.25
N LEU B 2 8.81 -39.04 36.49
CA LEU B 2 8.89 -38.96 35.03
C LEU B 2 8.25 -40.18 34.40
N ILE B 3 7.40 -39.94 33.41
CA ILE B 3 6.84 -41.00 32.57
C ILE B 3 6.50 -40.39 31.22
N SER B 4 6.92 -41.05 30.15
CA SER B 4 6.70 -40.57 28.79
C SER B 4 6.42 -41.75 27.87
N GLN B 5 5.77 -41.45 26.75
CA GLN B 5 5.33 -42.46 25.80
C GLN B 5 5.42 -41.91 24.39
N ARG B 6 6.15 -42.60 23.52
CA ARG B 6 6.92 -43.78 23.90
C ARG B 6 7.97 -44.09 22.83
N PRO B 7 9.24 -44.21 23.25
CA PRO B 7 10.31 -44.41 22.27
C PRO B 7 10.35 -45.83 21.73
N THR B 8 10.75 -45.94 20.46
CA THR B 8 10.86 -47.22 19.79
C THR B 8 12.03 -47.19 18.83
N LEU B 9 12.75 -48.30 18.74
CA LEU B 9 13.91 -48.42 17.86
C LEU B 9 13.60 -49.35 16.71
N SER B 10 13.82 -48.88 15.48
CA SER B 10 13.58 -49.64 14.27
C SER B 10 14.82 -49.62 13.39
N GLU B 11 14.88 -50.56 12.46
CA GLU B 11 16.05 -50.72 11.61
C GLU B 11 15.64 -51.05 10.18
N GLU B 12 16.13 -50.26 9.23
CA GLU B 12 15.94 -50.50 7.81
C GLU B 12 17.27 -50.96 7.22
N THR B 13 17.25 -52.10 6.52
CA THR B 13 18.45 -52.71 5.98
C THR B 13 18.69 -52.16 4.58
N VAL B 14 19.78 -51.42 4.40
CA VAL B 14 20.17 -50.96 3.07
C VAL B 14 20.99 -52.02 2.33
N ALA B 15 21.72 -52.86 3.05
CA ALA B 15 22.52 -53.94 2.48
C ALA B 15 23.05 -54.78 3.63
N GLU B 16 23.73 -55.88 3.29
CA GLU B 16 24.34 -56.71 4.32
C GLU B 16 25.38 -55.94 5.13
N ASN B 17 25.94 -54.88 4.56
CA ASN B 17 26.95 -54.07 5.24
C ASN B 17 26.35 -52.88 5.99
N ARG B 18 25.31 -52.26 5.43
CA ARG B 18 24.73 -51.04 5.98
C ARG B 18 23.32 -51.31 6.50
N SER B 19 22.91 -50.50 7.47
CA SER B 19 21.56 -50.53 8.01
C SER B 19 21.24 -49.19 8.64
N ARG B 20 20.03 -48.70 8.40
CA ARG B 20 19.57 -47.44 8.97
C ARG B 20 18.68 -47.72 10.18
N PHE B 21 18.89 -46.94 11.24
CA PHE B 21 18.16 -47.08 12.49
C PHE B 21 17.49 -45.76 12.86
N VAL B 22 16.27 -45.84 13.36
CA VAL B 22 15.48 -44.67 13.71
C VAL B 22 14.79 -44.91 15.05
N ILE B 23 14.74 -43.87 15.86
CA ILE B 23 14.10 -43.92 17.18
C ILE B 23 12.95 -42.91 17.17
N GLU B 24 11.74 -43.38 17.48
CA GLU B 24 10.54 -42.56 17.42
C GLU B 24 9.56 -42.94 18.52
N PRO B 25 9.02 -41.96 19.26
CA PRO B 25 9.49 -40.58 19.18
C PRO B 25 10.35 -40.22 20.38
N LEU B 26 11.22 -39.22 20.25
CA LEU B 26 12.03 -38.75 21.36
C LEU B 26 11.41 -37.50 21.97
N GLU B 27 11.87 -37.19 23.19
CA GLU B 27 11.37 -35.92 23.69
C GLU B 27 12.28 -34.78 23.24
N PRO B 28 11.72 -33.63 22.86
CA PRO B 28 12.55 -32.51 22.41
C PRO B 28 13.41 -31.99 23.56
N GLY B 29 14.71 -31.89 23.32
CA GLY B 29 15.32 -32.22 22.04
C GLY B 29 16.31 -33.37 22.13
N PHE B 30 15.95 -34.41 22.89
CA PHE B 30 16.86 -35.51 23.17
C PHE B 30 17.54 -36.07 21.92
N GLY B 31 16.94 -35.90 20.75
CA GLY B 31 17.56 -36.41 19.54
C GLY B 31 19.00 -35.96 19.36
N TYR B 32 19.23 -34.65 19.44
CA TYR B 32 20.58 -34.13 19.28
C TYR B 32 21.51 -34.56 20.41
N THR B 33 20.99 -34.69 21.62
CA THR B 33 21.84 -35.00 22.76
C THR B 33 22.52 -36.35 22.59
N LEU B 34 21.73 -37.42 22.53
CA LEU B 34 22.27 -38.77 22.43
C LEU B 34 22.80 -39.09 21.04
N GLY B 35 22.32 -38.39 20.00
CA GLY B 35 22.75 -38.64 18.64
C GLY B 35 24.25 -38.62 18.46
N ASN B 36 24.89 -37.50 18.80
CA ASN B 36 26.33 -37.41 18.62
C ASN B 36 27.08 -38.38 19.53
N SER B 37 26.48 -38.74 20.68
CA SER B 37 27.13 -39.69 21.58
C SER B 37 27.13 -41.10 21.00
N LEU B 38 26.10 -41.46 20.24
CA LEU B 38 26.06 -42.79 19.64
C LEU B 38 27.09 -42.91 18.53
N ARG B 39 27.18 -41.90 17.66
CA ARG B 39 28.17 -41.94 16.58
C ARG B 39 29.58 -42.14 17.13
N ARG B 40 29.83 -41.70 18.36
CA ARG B 40 31.15 -41.88 18.96
C ARG B 40 31.30 -43.28 19.55
N THR B 41 30.27 -43.78 20.23
CA THR B 41 30.34 -45.10 20.84
C THR B 41 30.52 -46.18 19.77
N LEU B 42 29.73 -46.12 18.70
CA LEU B 42 29.87 -47.10 17.62
C LEU B 42 31.23 -46.96 16.94
N LEU B 43 31.73 -45.74 16.81
CA LEU B 43 32.93 -45.51 16.01
C LEU B 43 34.19 -45.92 16.76
N SER B 44 34.32 -45.51 18.02
CA SER B 44 35.58 -45.66 18.75
C SER B 44 35.46 -46.42 20.06
N SER B 45 34.35 -47.12 20.30
CA SER B 45 34.12 -47.78 21.57
C SER B 45 33.90 -49.29 21.46
N ILE B 46 33.89 -49.85 20.26
CA ILE B 46 33.66 -51.28 20.05
C ILE B 46 35.01 -51.95 19.85
N PRO B 47 35.30 -53.05 20.56
CA PRO B 47 36.61 -53.70 20.41
C PRO B 47 36.72 -54.48 19.11
N GLY B 48 37.89 -54.36 18.48
CA GLY B 48 38.14 -55.08 17.24
C GLY B 48 39.63 -55.21 17.00
N ALA B 49 39.99 -56.12 16.10
CA ALA B 49 41.36 -56.39 15.74
C ALA B 49 41.66 -55.81 14.36
N ALA B 50 42.91 -55.40 14.17
CA ALA B 50 43.32 -54.81 12.90
C ALA B 50 44.83 -54.89 12.78
N VAL B 51 45.32 -54.63 11.57
CA VAL B 51 46.76 -54.62 11.31
C VAL B 51 47.38 -53.35 11.89
N THR B 52 48.58 -53.49 12.45
CA THR B 52 49.29 -52.37 13.06
C THR B 52 50.53 -51.98 12.24
N SER B 53 51.43 -52.92 11.98
CA SER B 53 52.64 -52.66 11.23
C SER B 53 52.91 -53.83 10.30
N ILE B 54 53.59 -53.55 9.20
CA ILE B 54 53.92 -54.57 8.21
C ILE B 54 55.35 -54.38 7.75
N ARG B 55 56.01 -55.48 7.44
CA ARG B 55 57.34 -55.46 6.84
C ARG B 55 57.33 -56.37 5.61
N ILE B 56 57.76 -55.82 4.48
CA ILE B 56 57.76 -56.54 3.20
C ILE B 56 59.19 -56.83 2.82
N ASP B 57 59.47 -58.10 2.49
CA ASP B 57 60.81 -58.48 2.08
C ASP B 57 61.20 -57.75 0.80
N GLY B 58 62.44 -57.25 0.77
CA GLY B 58 62.95 -56.51 -0.36
C GLY B 58 62.84 -55.00 -0.25
N VAL B 59 62.11 -54.50 0.76
CA VAL B 59 61.92 -53.07 0.96
C VAL B 59 62.56 -52.72 2.29
N LEU B 60 63.81 -52.22 2.25
CA LEU B 60 64.50 -51.77 3.46
C LEU B 60 64.76 -50.27 3.44
N HIS B 61 65.48 -49.77 2.44
CA HIS B 61 65.70 -48.35 2.27
C HIS B 61 65.03 -47.81 1.01
N GLU B 62 64.40 -48.69 0.22
CA GLU B 62 63.67 -48.27 -0.96
C GLU B 62 62.51 -47.37 -0.54
N PHE B 63 62.19 -46.41 -1.41
CA PHE B 63 61.14 -45.45 -1.09
C PHE B 63 59.77 -46.03 -1.40
N THR B 64 59.52 -46.35 -2.68
CA THR B 64 58.24 -46.91 -3.08
C THR B 64 58.43 -47.65 -4.40
N THR B 65 58.57 -48.97 -4.32
CA THR B 65 58.54 -49.84 -5.50
C THR B 65 58.61 -51.31 -5.07
N VAL B 66 58.08 -52.20 -5.91
CA VAL B 66 58.18 -53.63 -5.65
C VAL B 66 58.36 -54.36 -6.98
N PRO B 67 59.58 -54.58 -7.43
CA PRO B 67 59.78 -55.29 -8.71
C PRO B 67 59.12 -56.67 -8.68
N GLY B 68 58.42 -56.99 -9.77
CA GLY B 68 57.70 -58.23 -9.89
C GLY B 68 56.20 -58.13 -9.71
N VAL B 69 55.70 -56.96 -9.29
CA VAL B 69 54.27 -56.75 -9.10
C VAL B 69 53.92 -55.35 -9.63
N LYS B 70 52.69 -55.22 -10.13
CA LYS B 70 52.24 -53.94 -10.64
C LYS B 70 51.72 -53.01 -9.53
N GLU B 71 51.44 -53.55 -8.35
CA GLU B 71 51.02 -52.73 -7.22
C GLU B 71 52.22 -52.13 -6.53
N ASP B 72 52.19 -50.81 -6.32
CA ASP B 72 53.27 -50.12 -5.64
C ASP B 72 53.18 -50.38 -4.13
N VAL B 73 54.14 -49.82 -3.38
CA VAL B 73 54.14 -50.00 -1.93
C VAL B 73 52.93 -49.32 -1.31
N THR B 74 52.63 -48.09 -1.75
CA THR B 74 51.49 -47.36 -1.21
C THR B 74 50.18 -48.08 -1.52
N ASP B 75 50.02 -48.49 -2.78
CA ASP B 75 48.77 -49.13 -3.19
C ASP B 75 48.53 -50.43 -2.43
N ILE B 76 49.61 -51.10 -1.99
CA ILE B 76 49.44 -52.35 -1.25
C ILE B 76 49.17 -52.08 0.22
N ILE B 77 49.77 -51.03 0.79
CA ILE B 77 49.50 -50.70 2.19
C ILE B 77 48.02 -50.40 2.40
N LEU B 78 47.47 -49.51 1.57
CA LEU B 78 46.03 -49.25 1.62
C LEU B 78 45.23 -50.45 1.11
N ASN B 79 45.86 -51.34 0.33
CA ASN B 79 45.20 -52.59 -0.04
C ASN B 79 45.09 -53.53 1.16
N LEU B 80 46.04 -53.45 2.10
CA LEU B 80 45.98 -54.26 3.30
C LEU B 80 45.16 -53.61 4.42
N LYS B 81 45.03 -52.29 4.40
CA LYS B 81 44.23 -51.61 5.43
C LYS B 81 42.80 -52.15 5.43
N GLY B 82 42.31 -52.65 4.30
CA GLY B 82 41.00 -53.23 4.22
C GLY B 82 40.88 -54.64 4.76
N LEU B 83 41.98 -55.25 5.19
CA LEU B 83 41.92 -56.59 5.77
C LEU B 83 41.11 -56.57 7.05
N VAL B 84 40.17 -57.51 7.16
CA VAL B 84 39.29 -57.63 8.32
C VAL B 84 39.51 -59.01 8.92
N VAL B 85 40.07 -59.05 10.13
CA VAL B 85 40.41 -60.30 10.80
C VAL B 85 40.18 -60.12 12.29
N SER B 86 39.42 -61.02 12.90
CA SER B 86 39.16 -60.99 14.33
C SER B 86 40.20 -61.81 15.05
N SER B 87 41.01 -61.15 15.89
CA SER B 87 42.09 -61.78 16.62
C SER B 87 41.70 -61.95 18.07
N ASP B 88 41.94 -63.14 18.63
CA ASP B 88 41.63 -63.45 20.01
C ASP B 88 42.86 -63.38 20.92
N ASP B 89 43.97 -62.82 20.42
CA ASP B 89 45.22 -62.88 21.16
C ASP B 89 45.31 -61.79 22.22
N ASP B 90 44.77 -60.60 21.93
CA ASP B 90 44.83 -59.46 22.85
C ASP B 90 46.23 -58.86 22.85
N GLU B 91 47.17 -59.53 22.19
CA GLU B 91 48.54 -59.09 22.06
C GLU B 91 48.93 -59.15 20.59
N PRO B 92 49.95 -58.40 20.17
CA PRO B 92 50.33 -58.41 18.76
C PRO B 92 50.73 -59.79 18.29
N VAL B 93 50.08 -60.25 17.22
CA VAL B 93 50.38 -61.52 16.59
C VAL B 93 50.84 -61.25 15.16
N THR B 94 51.87 -61.97 14.72
CA THR B 94 52.47 -61.77 13.41
C THR B 94 52.02 -62.90 12.49
N MET B 95 51.17 -62.58 11.52
CA MET B 95 50.82 -63.50 10.46
C MET B 95 51.82 -63.35 9.32
N TYR B 96 51.72 -64.22 8.32
CA TYR B 96 52.69 -64.24 7.24
C TYR B 96 52.01 -64.57 5.91
N LEU B 97 52.46 -63.89 4.86
CA LEU B 97 51.99 -64.12 3.50
C LEU B 97 53.21 -64.24 2.59
N ARG B 98 53.40 -65.41 1.99
CA ARG B 98 54.54 -65.66 1.12
C ARG B 98 54.05 -66.41 -0.12
N LYS B 99 54.15 -65.76 -1.27
CA LYS B 99 53.74 -66.36 -2.54
C LYS B 99 54.68 -65.90 -3.64
N GLN B 100 55.20 -66.87 -4.40
CA GLN B 100 56.07 -66.59 -5.54
C GLN B 100 55.39 -66.86 -6.88
N GLY B 101 54.15 -67.36 -6.87
CA GLY B 101 53.45 -67.68 -8.08
C GLY B 101 53.00 -66.44 -8.83
N PRO B 102 53.26 -66.39 -10.13
CA PRO B 102 52.84 -65.23 -10.93
C PRO B 102 51.33 -65.17 -11.09
N GLY B 103 50.62 -64.90 -9.99
CA GLY B 103 49.17 -64.84 -10.01
C GLY B 103 48.68 -63.85 -9.00
N VAL B 104 47.35 -63.69 -8.97
CA VAL B 104 46.73 -62.74 -8.05
C VAL B 104 46.78 -63.30 -6.63
N VAL B 105 47.21 -62.45 -5.69
CA VAL B 105 47.24 -62.81 -4.27
C VAL B 105 45.98 -62.27 -3.61
N THR B 106 45.45 -63.01 -2.64
CA THR B 106 44.25 -62.62 -1.94
C THR B 106 44.45 -62.83 -0.44
N ALA B 107 43.46 -62.39 0.33
CA ALA B 107 43.51 -62.55 1.77
C ALA B 107 43.54 -64.01 2.20
N GLY B 108 43.04 -64.92 1.36
CA GLY B 108 43.05 -66.34 1.70
C GLY B 108 44.42 -66.97 1.66
N ASP B 109 45.38 -66.33 0.99
CA ASP B 109 46.72 -66.91 0.88
C ASP B 109 47.48 -66.82 2.20
N ILE B 110 47.17 -65.83 3.04
CA ILE B 110 47.87 -65.69 4.31
C ILE B 110 47.44 -66.80 5.27
N VAL B 111 48.39 -67.30 6.04
CA VAL B 111 48.12 -68.33 7.04
C VAL B 111 47.92 -67.67 8.39
N PRO B 112 46.68 -67.55 8.86
CA PRO B 112 46.43 -66.93 10.16
C PRO B 112 46.82 -67.86 11.30
N PRO B 113 47.66 -67.40 12.22
CA PRO B 113 47.98 -68.23 13.39
C PRO B 113 46.73 -68.56 14.18
N ALA B 114 46.84 -69.59 15.02
CA ALA B 114 45.71 -70.02 15.83
C ALA B 114 45.23 -68.86 16.71
N GLY B 115 43.99 -68.45 16.49
CA GLY B 115 43.37 -67.35 17.23
C GLY B 115 42.93 -66.19 16.37
N VAL B 116 43.47 -66.05 15.16
CA VAL B 116 43.11 -64.97 14.25
C VAL B 116 42.40 -65.58 13.04
N THR B 117 41.32 -64.94 12.62
CA THR B 117 40.48 -65.44 11.53
C THR B 117 40.18 -64.30 10.57
N VAL B 118 40.57 -64.48 9.31
CA VAL B 118 40.32 -63.48 8.28
C VAL B 118 38.90 -63.64 7.76
N HIS B 119 38.17 -62.53 7.69
CA HIS B 119 36.76 -62.54 7.31
C HIS B 119 36.52 -62.16 5.85
N ASN B 120 37.56 -61.76 5.12
CA ASN B 120 37.42 -61.34 3.72
C ASN B 120 38.48 -62.01 2.85
N PRO B 121 38.44 -63.35 2.74
CA PRO B 121 39.44 -64.03 1.92
C PRO B 121 39.50 -63.53 0.49
N ASP B 122 38.37 -63.15 -0.10
CA ASP B 122 38.33 -62.71 -1.49
C ASP B 122 39.07 -61.40 -1.73
N MET B 123 39.62 -60.77 -0.69
CA MET B 123 40.24 -59.48 -0.84
C MET B 123 41.51 -59.58 -1.68
N HIS B 124 41.66 -58.65 -2.61
CA HIS B 124 42.88 -58.57 -3.42
C HIS B 124 43.97 -57.80 -2.67
N ILE B 125 45.19 -58.32 -2.73
CA ILE B 125 46.35 -57.69 -2.11
C ILE B 125 47.32 -57.17 -3.16
N ALA B 126 47.79 -58.04 -4.05
CA ALA B 126 48.75 -57.63 -5.07
C ALA B 126 48.68 -58.58 -6.25
N THR B 127 49.03 -58.06 -7.42
CA THR B 127 49.14 -58.85 -8.64
C THR B 127 50.61 -59.11 -8.91
N LEU B 128 51.00 -60.37 -8.96
CA LEU B 128 52.39 -60.77 -9.14
C LEU B 128 52.70 -60.89 -10.62
N ASN B 129 53.62 -60.06 -11.12
CA ASN B 129 54.07 -60.18 -12.49
C ASN B 129 54.73 -61.54 -12.71
N ASP B 130 54.88 -61.90 -13.99
CA ASP B 130 55.44 -63.19 -14.36
C ASP B 130 56.78 -63.42 -13.66
N LYS B 131 56.90 -64.55 -12.97
CA LYS B 131 58.14 -64.91 -12.28
C LYS B 131 58.53 -63.84 -11.24
N GLY B 132 57.66 -63.68 -10.24
CA GLY B 132 57.98 -62.85 -9.09
C GLY B 132 57.48 -63.38 -7.76
N LYS B 133 58.22 -63.16 -6.67
CA LYS B 133 57.82 -63.65 -5.36
C LYS B 133 57.48 -62.48 -4.44
N LEU B 134 56.66 -62.76 -3.43
CA LEU B 134 56.21 -61.72 -2.49
C LEU B 134 56.21 -62.31 -1.09
N GLU B 135 56.97 -61.70 -0.18
CA GLU B 135 57.03 -62.12 1.21
C GLU B 135 56.74 -60.92 2.10
N VAL B 136 55.77 -61.08 3.01
CA VAL B 136 55.33 -59.97 3.85
C VAL B 136 54.93 -60.52 5.21
N GLU B 137 55.27 -59.77 6.25
CA GLU B 137 54.83 -60.05 7.61
C GLU B 137 53.79 -59.02 8.02
N LEU B 138 52.85 -59.45 8.88
CA LEU B 138 51.77 -58.60 9.34
C LEU B 138 51.65 -58.71 10.85
N VAL B 139 51.54 -57.56 11.51
CA VAL B 139 51.36 -57.50 12.96
C VAL B 139 49.91 -57.15 13.24
N VAL B 140 49.24 -57.96 14.07
CA VAL B 140 47.83 -57.79 14.38
C VAL B 140 47.67 -57.74 15.88
N GLU B 141 47.15 -56.63 16.40
CA GLU B 141 46.90 -56.43 17.82
C GLU B 141 45.50 -55.88 18.02
N ARG B 142 44.78 -56.44 18.98
CA ARG B 142 43.43 -55.97 19.27
C ARG B 142 43.46 -54.50 19.70
N GLY B 143 42.41 -53.78 19.34
CA GLY B 143 42.30 -52.39 19.71
C GLY B 143 40.89 -51.87 19.55
N ARG B 144 40.75 -50.55 19.69
CA ARG B 144 39.48 -49.88 19.53
C ARG B 144 39.68 -48.53 18.87
N GLY B 145 38.67 -48.09 18.13
CA GLY B 145 38.73 -46.79 17.49
C GLY B 145 39.57 -46.80 16.23
N TYR B 146 40.21 -45.66 15.97
CA TYR B 146 41.10 -45.47 14.84
C TYR B 146 42.42 -44.92 15.35
N VAL B 147 43.48 -45.73 15.27
CA VAL B 147 44.79 -45.36 15.76
C VAL B 147 45.68 -45.09 14.55
N PRO B 148 46.04 -43.83 14.28
CA PRO B 148 46.93 -43.55 13.16
C PRO B 148 48.26 -44.26 13.33
N ALA B 149 48.98 -44.39 12.21
CA ALA B 149 50.29 -45.04 12.22
C ALA B 149 51.21 -44.39 13.25
N VAL B 150 51.85 -45.21 14.07
CA VAL B 150 52.67 -44.74 15.19
C VAL B 150 54.10 -45.20 14.98
N GLN B 151 55.02 -44.24 14.90
CA GLN B 151 56.45 -44.52 14.98
C GLN B 151 56.89 -44.09 16.38
N ASN B 152 57.02 -45.07 17.28
CA ASN B 152 57.28 -44.81 18.69
C ASN B 152 58.76 -44.68 19.02
N LYS B 153 59.58 -44.33 18.03
CA LYS B 153 61.04 -44.27 18.18
C LYS B 153 61.60 -45.67 18.24
N ALA B 154 60.72 -46.67 18.31
CA ALA B 154 61.10 -48.07 18.14
C ALA B 154 60.87 -48.55 16.72
N SER B 155 60.07 -47.82 15.93
CA SER B 155 59.94 -48.11 14.51
C SER B 155 61.20 -47.75 13.75
N GLY B 156 62.06 -46.91 14.33
CA GLY B 156 63.34 -46.61 13.70
C GLY B 156 64.37 -47.69 13.88
N ALA B 157 64.29 -48.46 14.97
CA ALA B 157 65.20 -49.57 15.17
C ALA B 157 64.99 -50.65 14.11
N GLU B 158 63.75 -50.97 13.81
CA GLU B 158 63.44 -51.93 12.75
C GLU B 158 63.81 -51.35 11.39
N ILE B 159 64.56 -52.14 10.60
CA ILE B 159 64.91 -51.77 9.24
C ILE B 159 63.89 -52.41 8.30
N GLY B 160 63.10 -51.57 7.63
CA GLY B 160 62.04 -52.03 6.76
C GLY B 160 60.69 -52.19 7.41
N ARG B 161 60.56 -51.80 8.68
CA ARG B 161 59.28 -51.91 9.38
C ARG B 161 58.40 -50.72 9.02
N ILE B 162 57.21 -51.00 8.48
CA ILE B 162 56.31 -49.95 8.03
C ILE B 162 55.09 -49.89 8.94
N PRO B 163 55.00 -48.91 9.84
CA PRO B 163 53.75 -48.73 10.59
C PRO B 163 52.65 -48.22 9.69
N VAL B 164 51.45 -48.75 9.88
CA VAL B 164 50.31 -48.44 9.02
C VAL B 164 49.15 -47.93 9.87
N ASP B 165 48.26 -47.20 9.22
CA ASP B 165 47.05 -46.69 9.87
C ASP B 165 46.12 -47.85 10.18
N SER B 166 45.78 -48.01 11.45
CA SER B 166 45.00 -49.15 11.93
C SER B 166 43.55 -48.74 12.15
N ILE B 167 42.64 -49.42 11.46
CA ILE B 167 41.20 -49.24 11.65
C ILE B 167 40.74 -50.35 12.59
N TYR B 168 40.69 -50.05 13.89
CA TYR B 168 40.35 -51.06 14.88
C TYR B 168 38.87 -51.37 14.94
N SER B 169 37.99 -50.37 14.67
CA SER B 169 36.58 -50.63 14.90
C SER B 169 35.93 -51.26 13.68
N PRO B 170 34.94 -52.13 13.89
CA PRO B 170 34.25 -52.76 12.75
C PRO B 170 33.50 -51.77 11.88
N VAL B 171 32.94 -50.72 12.47
CA VAL B 171 32.18 -49.73 11.70
C VAL B 171 33.15 -48.74 11.08
N LEU B 172 33.11 -48.62 9.75
CA LEU B 172 34.01 -47.74 9.03
C LEU B 172 33.41 -46.39 8.67
N LYS B 173 32.09 -46.24 8.81
CA LYS B 173 31.44 -44.96 8.54
C LYS B 173 30.09 -44.92 9.25
N VAL B 174 29.78 -43.77 9.86
CA VAL B 174 28.52 -43.58 10.56
C VAL B 174 28.15 -42.11 10.49
N THR B 175 26.85 -41.85 10.42
CA THR B 175 26.34 -40.49 10.37
C THR B 175 24.93 -40.48 10.96
N TYR B 176 24.43 -39.27 11.23
CA TYR B 176 23.12 -39.13 11.87
C TYR B 176 22.51 -37.79 11.49
N LYS B 177 21.19 -37.72 11.60
CA LYS B 177 20.45 -36.47 11.47
C LYS B 177 19.10 -36.64 12.14
N VAL B 178 18.43 -35.51 12.39
CA VAL B 178 17.21 -35.50 13.18
C VAL B 178 16.07 -34.90 12.36
N GLU B 179 14.85 -35.26 12.74
CA GLU B 179 13.65 -34.76 12.09
C GLU B 179 12.53 -34.67 13.12
N ALA B 180 11.41 -34.07 12.70
CA ALA B 180 10.25 -33.89 13.56
C ALA B 180 9.12 -34.83 13.14
N THR B 181 8.25 -35.14 14.09
CA THR B 181 7.18 -36.13 13.92
C THR B 181 5.99 -35.70 14.79
N ARG B 182 5.10 -36.64 15.10
CA ARG B 182 4.03 -36.33 16.03
C ARG B 182 3.03 -35.30 15.50
N VAL B 183 2.12 -35.75 14.63
CA VAL B 183 1.14 -34.86 14.00
C VAL B 183 0.46 -33.95 15.02
N GLU B 184 -0.29 -34.52 15.95
CA GLU B 184 -1.06 -33.73 16.91
C GLU B 184 -0.72 -34.02 18.36
N GLN B 185 -0.75 -35.29 18.77
CA GLN B 185 -0.51 -35.65 20.16
C GLN B 185 0.75 -34.96 20.69
N ARG B 186 1.89 -35.28 20.10
CA ARG B 186 3.11 -34.53 20.31
C ARG B 186 3.28 -33.53 19.18
N THR B 187 3.97 -32.43 19.46
CA THR B 187 4.16 -31.37 18.46
C THR B 187 5.65 -31.09 18.34
N ASP B 188 6.21 -31.40 17.18
CA ASP B 188 7.62 -31.15 16.88
C ASP B 188 8.53 -32.02 17.75
N PHE B 189 8.15 -33.28 17.92
CA PHE B 189 9.02 -34.24 18.59
C PHE B 189 10.15 -34.67 17.65
N ASP B 190 11.22 -35.17 18.23
CA ASP B 190 12.43 -35.49 17.49
C ASP B 190 12.44 -36.96 17.06
N LYS B 191 12.93 -37.19 15.84
CA LYS B 191 13.16 -38.52 15.32
C LYS B 191 14.63 -38.64 14.92
N LEU B 192 15.31 -39.65 15.44
CA LEU B 192 16.74 -39.81 15.22
C LEU B 192 16.99 -40.83 14.11
N ILE B 193 17.78 -40.43 13.12
CA ILE B 193 18.17 -41.29 12.01
C ILE B 193 19.68 -41.47 12.06
N ILE B 194 20.12 -42.72 12.09
CA ILE B 194 21.53 -43.06 12.20
C ILE B 194 21.89 -44.06 11.11
N ASP B 195 23.02 -43.82 10.45
CA ASP B 195 23.47 -44.62 9.32
C ASP B 195 24.77 -45.32 9.71
N VAL B 196 24.78 -46.65 9.62
CA VAL B 196 25.91 -47.46 10.04
C VAL B 196 26.30 -48.40 8.91
N GLU B 197 27.51 -48.22 8.39
CA GLU B 197 28.10 -49.12 7.40
C GLU B 197 29.17 -49.93 8.12
N THR B 198 28.89 -51.22 8.33
CA THR B 198 29.72 -52.06 9.18
C THR B 198 30.55 -53.03 8.35
N LYS B 199 31.66 -53.47 8.95
CA LYS B 199 32.52 -54.47 8.35
C LYS B 199 31.95 -55.87 8.59
N ASN B 200 32.40 -56.83 7.78
CA ASN B 200 31.86 -58.17 7.86
C ASN B 200 32.17 -58.86 9.18
N SER B 201 32.95 -58.24 10.07
CA SER B 201 33.20 -58.84 11.38
C SER B 201 31.92 -58.88 12.21
N ILE B 202 31.12 -57.83 12.16
CA ILE B 202 29.92 -57.70 12.98
C ILE B 202 28.82 -57.08 12.13
N SER B 203 27.60 -57.55 12.34
CA SER B 203 26.46 -56.97 11.65
C SER B 203 26.07 -55.64 12.30
N PRO B 204 25.33 -54.80 11.57
CA PRO B 204 24.93 -53.51 12.15
C PRO B 204 24.18 -53.65 13.47
N ARG B 205 23.31 -54.65 13.59
CA ARG B 205 22.54 -54.82 14.81
C ARG B 205 23.42 -55.13 16.01
N ASP B 206 24.44 -55.96 15.81
CA ASP B 206 25.36 -56.29 16.90
C ASP B 206 26.20 -55.08 17.30
N ALA B 207 26.61 -54.27 16.31
CA ALA B 207 27.35 -53.05 16.62
C ALA B 207 26.51 -52.09 17.45
N LEU B 208 25.20 -52.06 17.22
CA LEU B 208 24.32 -51.21 18.02
C LEU B 208 24.27 -51.67 19.47
N ALA B 209 23.86 -52.92 19.69
CA ALA B 209 23.78 -53.45 21.05
C ALA B 209 25.12 -53.30 21.78
N SER B 210 26.22 -53.53 21.08
CA SER B 210 27.53 -53.31 21.70
C SER B 210 27.70 -51.86 22.12
N ALA B 211 27.30 -50.92 21.27
CA ALA B 211 27.36 -49.51 21.64
C ALA B 211 26.33 -49.19 22.72
N GLY B 212 25.15 -49.82 22.66
CA GLY B 212 24.16 -49.59 23.69
C GLY B 212 24.63 -50.00 25.07
N GLY B 213 25.22 -51.20 25.17
CA GLY B 213 25.71 -51.66 26.45
C GLY B 213 26.89 -50.85 26.96
N THR B 214 27.85 -50.56 26.09
CA THR B 214 28.99 -49.76 26.50
C THR B 214 28.58 -48.35 26.92
N LEU B 215 27.50 -47.83 26.33
CA LEU B 215 27.03 -46.50 26.69
C LEU B 215 26.21 -46.50 27.96
N VAL B 216 25.31 -47.49 28.10
CA VAL B 216 24.48 -47.57 29.30
C VAL B 216 25.36 -47.74 30.54
N GLU B 217 26.31 -48.68 30.48
CA GLU B 217 27.18 -48.92 31.62
C GLU B 217 28.00 -47.68 31.97
N LEU B 218 28.33 -46.86 30.96
CA LEU B 218 29.14 -45.67 31.23
C LEU B 218 28.39 -44.68 32.10
N PHE B 219 27.10 -44.46 31.83
CA PHE B 219 26.31 -43.53 32.62
C PHE B 219 25.94 -44.09 33.99
N GLY B 220 26.21 -45.37 34.24
CA GLY B 220 26.01 -45.91 35.58
C GLY B 220 26.91 -45.29 36.62
N LEU B 221 28.06 -44.75 36.21
CA LEU B 221 28.95 -44.07 37.14
C LEU B 221 28.24 -42.93 37.86
N ALA B 222 27.30 -42.27 37.18
CA ALA B 222 26.54 -41.17 37.77
C ALA B 222 25.31 -41.67 38.51
N ARG B 223 24.55 -42.59 37.90
CA ARG B 223 23.35 -43.10 38.55
C ARG B 223 23.66 -43.73 39.90
N GLU B 224 24.78 -44.47 39.98
CA GLU B 224 25.16 -45.07 41.25
C GLU B 224 25.31 -44.04 42.36
N LEU B 225 25.48 -42.76 42.01
CA LEU B 225 25.62 -41.73 43.03
C LEU B 225 24.40 -41.68 43.94
N ASN B 226 23.21 -41.53 43.36
CA ASN B 226 21.98 -41.60 44.15
C ASN B 226 21.01 -42.68 43.66
N ALA B 227 20.59 -42.64 42.41
CA ALA B 227 19.49 -43.47 41.89
C ALA B 227 18.13 -43.00 42.36
N ASP B 228 18.05 -41.85 43.05
CA ASP B 228 16.76 -41.37 43.54
C ASP B 228 15.86 -40.88 42.42
N SER B 229 16.29 -39.84 41.71
CA SER B 229 15.53 -39.34 40.57
C SER B 229 15.57 -40.35 39.43
N GLU B 230 14.48 -40.43 38.68
CA GLU B 230 14.33 -41.46 37.67
C GLU B 230 13.55 -40.91 36.49
N HIS B 231 13.16 -41.80 35.58
CA HIS B 231 12.38 -41.46 34.40
C HIS B 231 11.53 -42.66 34.02
N ILE B 232 11.00 -42.66 32.80
CA ILE B 232 10.03 -43.65 32.36
C ILE B 232 10.72 -44.75 31.56
N GLU B 233 10.09 -45.92 31.53
CA GLU B 233 10.58 -47.05 30.76
C GLU B 233 9.57 -47.46 29.69
N ASN C 21 23.47 14.02 33.80
CA ASN C 21 24.38 14.96 34.45
C ASN C 21 23.65 16.24 34.83
N SER C 22 23.96 16.76 36.02
CA SER C 22 23.31 17.93 36.59
C SER C 22 21.83 17.71 36.87
N VAL C 23 21.37 16.47 36.80
CA VAL C 23 20.01 16.09 37.18
C VAL C 23 20.10 15.35 38.50
N PRO C 24 19.34 15.76 39.52
CA PRO C 24 19.58 15.27 40.89
C PRO C 24 19.67 13.74 40.98
N GLY C 25 18.63 13.04 40.56
CA GLY C 25 18.62 11.60 40.62
C GLY C 25 19.25 10.90 39.44
N ALA C 26 20.02 11.62 38.62
CA ALA C 26 20.59 11.03 37.42
C ALA C 26 21.46 9.84 37.78
N PRO C 27 21.27 8.68 37.15
CA PRO C 27 22.14 7.54 37.41
C PRO C 27 23.54 7.78 36.87
N ASN C 28 24.48 7.00 37.40
CA ASN C 28 25.90 7.17 37.09
C ASN C 28 26.23 6.40 35.82
N ARG C 29 26.31 7.11 34.70
CA ARG C 29 26.67 6.55 33.41
C ARG C 29 27.94 7.25 32.92
N VAL C 30 29.06 6.53 32.94
CA VAL C 30 30.35 7.13 32.60
C VAL C 30 30.37 7.47 31.11
N SER C 31 30.98 8.61 30.79
CA SER C 31 31.03 9.10 29.42
C SER C 31 32.48 9.16 28.94
N PHE C 32 32.66 9.00 27.64
CA PHE C 32 33.97 9.11 27.00
C PHE C 32 34.20 10.47 26.38
N ALA C 33 33.27 11.41 26.53
CA ALA C 33 33.39 12.71 25.88
C ALA C 33 34.67 13.41 26.33
N LYS C 34 35.42 13.92 25.35
CA LYS C 34 36.61 14.72 25.62
C LYS C 34 36.30 16.21 25.70
N LEU C 35 35.07 16.62 25.40
CA LEU C 35 34.65 18.01 25.49
C LEU C 35 33.73 18.17 26.70
N ARG C 36 33.32 19.42 26.94
CA ARG C 36 32.40 19.76 28.01
C ARG C 36 31.24 20.54 27.42
N GLU C 37 30.02 20.01 27.59
CA GLU C 37 28.85 20.67 27.03
C GLU C 37 28.71 22.06 27.64
N PRO C 38 28.98 23.12 26.88
CA PRO C 38 28.85 24.47 27.44
C PRO C 38 27.41 24.90 27.61
N LEU C 39 26.46 24.26 26.94
CA LEU C 39 25.06 24.63 27.01
C LEU C 39 24.22 23.36 27.14
N GLU C 40 23.44 23.28 28.22
CA GLU C 40 22.53 22.16 28.38
C GLU C 40 21.55 22.09 27.22
N VAL C 41 21.09 20.88 26.92
CA VAL C 41 20.08 20.67 25.89
C VAL C 41 18.82 21.42 26.30
N PRO C 42 18.31 22.35 25.50
CA PRO C 42 17.09 23.06 25.88
C PRO C 42 15.91 22.10 26.00
N GLY C 43 14.85 22.59 26.64
CA GLY C 43 13.64 21.80 26.75
C GLY C 43 13.12 21.42 25.39
N LEU C 44 13.19 20.13 25.05
CA LEU C 44 12.86 19.69 23.70
C LEU C 44 11.38 19.83 23.37
N LEU C 45 10.54 20.18 24.34
CA LEU C 45 9.11 20.39 24.10
C LEU C 45 8.76 21.86 23.90
N ASP C 46 9.74 22.76 24.02
CA ASP C 46 9.44 24.19 23.96
C ASP C 46 8.77 24.57 22.64
N VAL C 47 9.21 23.97 21.53
CA VAL C 47 8.69 24.36 20.23
C VAL C 47 7.17 24.27 20.18
N GLN C 48 6.59 23.30 20.90
CA GLN C 48 5.14 23.16 20.93
C GLN C 48 4.50 24.09 21.94
N THR C 49 5.16 24.35 23.07
CA THR C 49 4.55 25.15 24.13
C THR C 49 4.64 26.65 23.83
N ASP C 50 5.83 27.14 23.51
CA ASP C 50 6.00 28.57 23.27
C ASP C 50 5.04 29.08 22.21
N SER C 51 4.82 28.28 21.17
CA SER C 51 3.88 28.67 20.12
C SER C 51 2.48 28.89 20.69
N PHE C 52 2.01 27.94 21.50
CA PHE C 52 0.67 28.07 22.08
C PHE C 52 0.61 29.20 23.09
N GLU C 53 1.66 29.36 23.90
CA GLU C 53 1.68 30.44 24.88
C GLU C 53 1.65 31.80 24.20
N TRP C 54 2.22 31.90 22.99
CA TRP C 54 2.09 33.13 22.22
C TRP C 54 0.65 33.36 21.79
N LEU C 55 -0.02 32.31 21.31
CA LEU C 55 -1.41 32.43 20.89
C LEU C 55 -2.28 32.94 22.03
N VAL C 56 -2.27 32.23 23.16
CA VAL C 56 -3.04 32.66 24.31
C VAL C 56 -2.37 33.86 25.00
N GLY C 57 -1.07 34.01 24.83
CA GLY C 57 -0.35 35.14 25.39
C GLY C 57 -0.50 35.28 26.89
N SER C 58 -0.33 34.17 27.62
CA SER C 58 -0.42 34.23 29.06
C SER C 58 0.76 35.01 29.65
N ASP C 59 0.70 35.27 30.95
CA ASP C 59 1.72 36.10 31.59
C ASP C 59 3.11 35.49 31.44
N ARG C 60 3.21 34.16 31.40
CA ARG C 60 4.52 33.54 31.23
C ARG C 60 5.17 33.96 29.92
N TRP C 61 4.37 34.19 28.88
CA TRP C 61 4.91 34.70 27.63
C TRP C 61 5.03 36.22 27.64
N ARG C 62 4.15 36.90 28.37
CA ARG C 62 4.24 38.36 28.46
C ARG C 62 5.59 38.79 29.01
N GLN C 63 6.00 38.20 30.14
CA GLN C 63 7.29 38.53 30.73
C GLN C 63 8.43 38.28 29.77
N ALA C 64 8.31 37.28 28.91
CA ALA C 64 9.39 36.95 27.97
C ALA C 64 9.70 38.14 27.06
N ALA C 65 8.71 38.60 26.31
CA ALA C 65 8.95 39.70 25.37
C ALA C 65 9.26 41.00 26.10
N ILE C 66 8.68 41.22 27.28
CA ILE C 66 8.89 42.48 27.98
C ILE C 66 10.34 42.60 28.44
N ASP C 67 10.89 41.55 29.04
CA ASP C 67 12.26 41.60 29.55
C ASP C 67 13.24 42.05 28.46
N ARG C 68 13.25 41.37 27.33
CA ARG C 68 14.14 41.71 26.21
C ARG C 68 13.33 41.60 24.92
N GLY C 69 12.92 42.75 24.38
CA GLY C 69 12.18 42.78 23.14
C GLY C 69 11.19 43.93 23.13
N GLU C 70 10.18 43.77 22.29
CA GLU C 70 9.17 44.81 22.10
C GLU C 70 8.49 45.13 23.43
N GLU C 71 7.90 46.32 23.49
CA GLU C 71 7.18 46.78 24.68
C GLU C 71 5.67 46.72 24.53
N ASN C 72 5.17 46.17 23.42
CA ASN C 72 3.74 45.97 23.21
C ASN C 72 3.51 44.55 22.73
N PRO C 73 3.79 43.56 23.58
CA PRO C 73 3.50 42.16 23.20
C PRO C 73 2.02 41.99 22.86
N VAL C 74 1.77 41.24 21.80
CA VAL C 74 0.41 41.03 21.29
C VAL C 74 0.17 39.53 21.18
N GLY C 75 -0.76 39.02 21.97
CA GLY C 75 -1.12 37.62 21.85
C GLY C 75 -1.77 37.32 20.51
N GLY C 76 -1.58 36.08 20.04
CA GLY C 76 -2.16 35.69 18.77
C GLY C 76 -3.63 36.01 18.67
N LEU C 77 -4.38 35.80 19.76
CA LEU C 77 -5.79 36.16 19.75
C LEU C 77 -5.98 37.67 19.58
N GLU C 78 -5.32 38.45 20.43
CA GLU C 78 -5.41 39.91 20.30
C GLU C 78 -5.00 40.36 18.90
N GLU C 79 -3.95 39.75 18.36
CA GLU C 79 -3.46 40.15 17.04
C GLU C 79 -4.54 40.00 15.98
N VAL C 80 -5.25 38.87 15.97
CA VAL C 80 -6.32 38.67 15.00
C VAL C 80 -7.53 39.52 15.37
N LEU C 81 -7.72 39.83 16.65
CA LEU C 81 -8.83 40.67 17.06
C LEU C 81 -8.61 42.12 16.65
N ALA C 82 -7.35 42.57 16.61
CA ALA C 82 -7.07 43.92 16.14
C ALA C 82 -7.46 44.10 14.68
N GLU C 83 -7.32 43.04 13.86
CA GLU C 83 -7.67 43.14 12.46
C GLU C 83 -9.16 43.41 12.27
N LEU C 84 -10.01 42.74 13.05
CA LEU C 84 -11.45 42.92 12.91
C LEU C 84 -11.90 44.27 13.45
N SER C 85 -11.20 44.81 14.45
CA SER C 85 -11.69 45.99 15.14
C SER C 85 -11.37 47.25 14.34
N PRO C 86 -12.36 48.10 14.06
CA PRO C 86 -13.77 47.78 14.31
C PRO C 86 -14.50 47.33 13.06
N ILE C 87 -15.75 46.93 13.19
CA ILE C 87 -16.58 46.54 12.06
C ILE C 87 -17.39 47.75 11.61
N GLU C 88 -17.53 47.91 10.30
CA GLU C 88 -18.23 49.06 9.75
C GLU C 88 -18.69 48.74 8.35
N ASP C 89 -19.90 49.18 8.01
CA ASP C 89 -20.47 48.97 6.70
C ASP C 89 -20.12 50.12 5.76
N PHE C 90 -20.58 50.03 4.51
CA PHE C 90 -20.27 51.06 3.53
C PHE C 90 -20.70 52.44 4.03
N SER C 91 -21.84 52.51 4.71
CA SER C 91 -22.30 53.78 5.27
C SER C 91 -21.44 54.24 6.44
N GLY C 92 -20.75 53.32 7.12
CA GLY C 92 -20.01 53.70 8.30
C GLY C 92 -20.85 54.29 9.40
N SER C 93 -22.16 54.01 9.39
CA SER C 93 -23.05 54.58 10.40
C SER C 93 -23.00 53.80 11.71
N MET C 94 -22.75 52.49 11.65
CA MET C 94 -22.64 51.67 12.84
C MET C 94 -21.30 50.95 12.83
N SER C 95 -20.66 50.88 13.99
CA SER C 95 -19.37 50.23 14.16
C SER C 95 -19.40 49.29 15.34
N LEU C 96 -18.73 48.14 15.18
CA LEU C 96 -18.65 47.12 16.23
C LEU C 96 -17.19 46.83 16.51
N SER C 97 -16.74 47.16 17.71
CA SER C 97 -15.34 47.01 18.09
C SER C 97 -15.16 45.79 19.00
N PHE C 98 -14.10 45.03 18.74
CA PHE C 98 -13.74 43.86 19.52
C PHE C 98 -12.47 44.15 20.33
N SER C 99 -12.38 43.54 21.50
CA SER C 99 -11.22 43.75 22.36
C SER C 99 -11.32 42.87 23.59
N ASP C 100 -10.18 42.74 24.29
CA ASP C 100 -10.06 42.08 25.58
C ASP C 100 -10.65 40.68 25.61
N PRO C 101 -9.97 39.70 25.02
CA PRO C 101 -10.41 38.31 25.16
C PRO C 101 -10.04 37.75 26.54
N ARG C 102 -10.89 36.86 27.03
CA ARG C 102 -10.70 36.27 28.35
C ARG C 102 -10.95 34.76 28.30
N PHE C 103 -10.20 34.04 29.14
CA PHE C 103 -10.32 32.59 29.27
C PHE C 103 -10.74 32.24 30.69
N ASP C 104 -11.67 31.31 30.81
CA ASP C 104 -12.03 30.77 32.12
C ASP C 104 -11.21 29.51 32.40
N GLU C 105 -11.29 29.05 33.65
CA GLU C 105 -10.61 27.82 34.03
C GLU C 105 -11.11 26.66 33.18
N VAL C 106 -10.24 25.67 32.98
CA VAL C 106 -10.55 24.56 32.09
C VAL C 106 -11.82 23.86 32.58
N LYS C 107 -12.66 23.45 31.63
CA LYS C 107 -13.91 22.78 31.97
C LYS C 107 -13.65 21.54 32.83
N ALA C 108 -12.95 20.57 32.27
CA ALA C 108 -12.64 19.32 32.97
C ALA C 108 -11.16 19.02 32.82
N SER C 109 -10.67 18.11 33.65
CA SER C 109 -9.27 17.72 33.60
C SER C 109 -9.00 16.82 32.41
N VAL C 110 -7.73 16.79 32.00
CA VAL C 110 -7.33 15.95 30.86
C VAL C 110 -7.75 14.50 31.09
N ASP C 111 -7.52 13.99 32.29
CA ASP C 111 -7.88 12.60 32.58
C ASP C 111 -9.38 12.39 32.45
N GLU C 112 -10.18 13.39 32.87
CA GLU C 112 -11.62 13.29 32.74
C GLU C 112 -12.05 13.37 31.28
N CYS C 113 -11.36 14.17 30.46
CA CYS C 113 -11.73 14.32 29.07
C CYS C 113 -11.49 13.03 28.29
N LYS C 114 -10.28 12.48 28.38
CA LYS C 114 -9.99 11.22 27.70
C LYS C 114 -10.95 10.12 28.13
N ASP C 115 -11.56 10.24 29.30
CA ASP C 115 -12.50 9.23 29.76
C ASP C 115 -13.89 9.45 29.19
N LYS C 116 -14.30 10.71 29.03
CA LYS C 116 -15.66 11.05 28.62
C LYS C 116 -15.76 11.46 27.15
N ASP C 117 -14.69 11.28 26.38
CA ASP C 117 -14.70 11.54 24.93
C ASP C 117 -15.03 13.00 24.62
N MET C 118 -14.67 13.91 25.51
CA MET C 118 -14.81 15.34 25.26
C MET C 118 -13.45 15.94 24.99
N THR C 119 -13.44 17.23 24.65
CA THR C 119 -12.23 17.93 24.23
C THR C 119 -11.80 18.93 25.30
N TYR C 120 -10.56 18.80 25.73
CA TYR C 120 -9.98 19.65 26.78
C TYR C 120 -9.92 21.10 26.30
N ALA C 121 -10.81 21.94 26.83
CA ALA C 121 -10.94 23.30 26.32
C ALA C 121 -11.35 24.23 27.45
N ALA C 122 -11.11 25.53 27.24
CA ALA C 122 -11.47 26.57 28.18
C ALA C 122 -12.35 27.60 27.48
N PRO C 123 -13.49 27.99 28.07
CA PRO C 123 -14.37 28.95 27.40
C PRO C 123 -13.67 30.29 27.19
N LEU C 124 -14.07 30.97 26.12
CA LEU C 124 -13.48 32.24 25.72
C LEU C 124 -14.57 33.31 25.67
N PHE C 125 -14.29 34.46 26.26
CA PHE C 125 -15.21 35.60 26.25
C PHE C 125 -14.50 36.82 25.70
N VAL C 126 -15.28 37.73 25.10
CA VAL C 126 -14.75 38.91 24.44
C VAL C 126 -15.64 40.10 24.75
N THR C 127 -15.14 41.29 24.44
CA THR C 127 -15.88 42.54 24.60
C THR C 127 -16.39 42.98 23.23
N ALA C 128 -17.70 43.15 23.10
CA ALA C 128 -18.35 43.51 21.84
C ALA C 128 -18.97 44.89 21.98
N GLU C 129 -18.42 45.87 21.28
CA GLU C 129 -18.91 47.24 21.30
C GLU C 129 -19.68 47.51 20.01
N PHE C 130 -20.85 48.12 20.14
CA PHE C 130 -21.71 48.43 19.00
C PHE C 130 -22.08 49.90 19.08
N ILE C 131 -21.52 50.69 18.17
CA ILE C 131 -21.66 52.15 18.17
C ILE C 131 -22.45 52.57 16.94
N ASN C 132 -23.55 53.28 17.16
CA ASN C 132 -24.35 53.86 16.08
C ASN C 132 -23.98 55.33 15.95
N ASN C 133 -23.38 55.69 14.80
CA ASN C 133 -22.91 57.05 14.61
C ASN C 133 -24.05 58.05 14.63
N ASN C 134 -25.22 57.66 14.11
CA ASN C 134 -26.35 58.59 14.09
C ASN C 134 -26.89 58.84 15.48
N THR C 135 -27.17 57.77 16.23
CA THR C 135 -27.66 57.91 17.60
C THR C 135 -26.55 58.07 18.63
N GLY C 136 -25.31 57.76 18.27
CA GLY C 136 -24.20 57.93 19.21
C GLY C 136 -24.37 57.15 20.49
N GLU C 137 -24.88 55.93 20.40
CA GLU C 137 -25.13 55.10 21.57
C GLU C 137 -24.05 54.02 21.69
N ILE C 138 -24.10 53.30 22.81
CA ILE C 138 -23.12 52.25 23.11
C ILE C 138 -23.85 51.08 23.73
N LYS C 139 -23.73 49.91 23.13
CA LYS C 139 -24.30 48.66 23.63
C LYS C 139 -23.16 47.68 23.88
N SER C 140 -22.61 47.71 25.10
CA SER C 140 -21.52 46.84 25.48
C SER C 140 -22.10 45.52 25.99
N GLN C 141 -21.70 44.42 25.37
CA GLN C 141 -22.26 43.11 25.69
C GLN C 141 -21.14 42.08 25.71
N THR C 142 -21.02 41.37 26.83
CA THR C 142 -20.04 40.29 26.91
C THR C 142 -20.47 39.14 26.01
N VAL C 143 -19.56 38.68 25.15
CA VAL C 143 -19.87 37.68 24.14
C VAL C 143 -19.12 36.40 24.45
N PHE C 144 -19.79 35.27 24.23
CA PHE C 144 -19.20 33.95 24.40
C PHE C 144 -18.80 33.42 23.02
N MET C 145 -17.50 33.28 22.80
CA MET C 145 -17.02 32.80 21.50
C MET C 145 -17.11 31.29 21.41
N GLY C 146 -16.74 30.57 22.45
CA GLY C 146 -16.83 29.13 22.45
C GLY C 146 -15.71 28.53 23.28
N ASP C 147 -15.76 27.21 23.41
CA ASP C 147 -14.74 26.46 24.15
C ASP C 147 -13.48 26.36 23.31
N PHE C 148 -12.39 26.94 23.81
CA PHE C 148 -11.15 27.03 23.05
C PHE C 148 -10.21 25.92 23.50
N PRO C 149 -9.88 24.96 22.64
CA PRO C 149 -9.03 23.84 23.08
C PRO C 149 -7.69 24.33 23.61
N MET C 150 -7.28 23.76 24.74
CA MET C 150 -6.06 24.13 25.43
C MET C 150 -5.01 23.05 25.28
N MET C 151 -3.74 23.45 25.30
CA MET C 151 -2.63 22.53 25.21
C MET C 151 -2.24 22.01 26.58
N THR C 152 -1.96 20.72 26.66
CA THR C 152 -1.59 20.08 27.91
C THR C 152 -0.14 20.42 28.27
N GLU C 153 0.32 19.87 29.39
CA GLU C 153 1.71 20.04 29.79
C GLU C 153 2.65 19.38 28.79
N LYS C 154 2.20 18.29 28.16
CA LYS C 154 3.01 17.53 27.21
C LYS C 154 2.95 18.12 25.81
N GLY C 155 2.41 19.33 25.64
CA GLY C 155 2.32 19.93 24.32
C GLY C 155 1.32 19.28 23.39
N THR C 156 0.34 18.55 23.93
CA THR C 156 -0.66 17.85 23.13
C THR C 156 -2.02 18.50 23.33
N PHE C 157 -3.01 17.96 22.61
CA PHE C 157 -4.40 18.38 22.72
C PHE C 157 -5.26 17.14 22.90
N ILE C 158 -6.39 17.32 23.59
CA ILE C 158 -7.40 16.28 23.74
C ILE C 158 -8.59 16.72 22.90
N ILE C 159 -8.74 16.11 21.73
CA ILE C 159 -9.82 16.44 20.80
C ILE C 159 -10.78 15.27 20.79
N ASN C 160 -11.97 15.48 21.38
CA ASN C 160 -13.00 14.46 21.45
C ASN C 160 -12.49 13.19 22.15
N GLY C 161 -11.62 13.38 23.16
CA GLY C 161 -11.14 12.31 23.99
C GLY C 161 -9.76 11.78 23.60
N THR C 162 -9.39 11.88 22.32
CA THR C 162 -8.13 11.34 21.84
C THR C 162 -7.03 12.39 21.90
N GLU C 163 -5.83 11.96 22.26
CA GLU C 163 -4.70 12.85 22.38
C GLU C 163 -4.06 13.06 21.00
N ARG C 164 -3.92 14.33 20.60
CA ARG C 164 -3.45 14.68 19.27
C ARG C 164 -2.28 15.64 19.36
N VAL C 165 -1.59 15.81 18.25
CA VAL C 165 -0.43 16.69 18.15
C VAL C 165 -0.52 17.50 16.87
N VAL C 166 -0.21 18.78 16.96
CA VAL C 166 -0.23 19.69 15.82
C VAL C 166 1.21 19.88 15.35
N VAL C 167 1.54 19.26 14.22
CA VAL C 167 2.91 19.32 13.69
C VAL C 167 3.14 20.65 12.99
N SER C 168 4.36 21.17 13.10
CA SER C 168 4.70 22.45 12.51
C SER C 168 5.03 22.28 11.03
N GLN C 169 4.63 23.26 10.22
CA GLN C 169 4.68 23.16 8.77
C GLN C 169 5.80 24.02 8.21
N LEU C 170 6.36 23.58 7.08
CA LEU C 170 7.38 24.31 6.35
C LEU C 170 6.75 25.01 5.15
N VAL C 171 7.01 26.31 5.02
CA VAL C 171 6.44 27.12 3.94
C VAL C 171 7.47 28.14 3.48
N ARG C 172 7.29 28.62 2.26
CA ARG C 172 8.13 29.69 1.73
C ARG C 172 7.64 31.02 2.29
N SER C 173 8.52 31.70 3.02
CA SER C 173 8.14 32.96 3.65
C SER C 173 7.74 33.98 2.59
N PRO C 174 6.65 34.71 2.76
CA PRO C 174 6.27 35.73 1.79
C PRO C 174 7.39 36.74 1.57
N GLY C 175 7.67 37.02 0.31
CA GLY C 175 8.73 37.95 -0.03
C GLY C 175 8.99 37.96 -1.52
N VAL C 176 10.02 38.72 -1.89
CA VAL C 176 10.42 38.86 -3.29
C VAL C 176 11.61 37.96 -3.54
N TYR C 177 11.43 36.97 -4.42
CA TYR C 177 12.47 36.00 -4.73
C TYR C 177 12.69 35.95 -6.23
N PHE C 178 13.94 36.08 -6.65
CA PHE C 178 14.31 36.08 -8.06
C PHE C 178 15.02 34.78 -8.41
N ASP C 179 14.94 34.41 -9.69
CA ASP C 179 15.64 33.23 -10.19
C ASP C 179 16.06 33.47 -11.62
N GLU C 180 17.19 32.89 -12.00
CA GLU C 180 17.75 33.00 -13.35
C GLU C 180 17.68 31.63 -14.01
N THR C 181 16.87 31.52 -15.07
CA THR C 181 16.70 30.29 -15.82
C THR C 181 17.10 30.53 -17.27
N ILE C 182 17.97 29.66 -17.79
CA ILE C 182 18.45 29.80 -19.16
C ILE C 182 17.41 29.24 -20.12
N ASP C 183 17.17 29.96 -21.21
CA ASP C 183 16.23 29.54 -22.24
C ASP C 183 16.99 28.85 -23.37
N LYS C 184 16.54 27.63 -23.71
CA LYS C 184 17.21 26.89 -24.78
C LYS C 184 16.98 27.53 -26.14
N SER C 185 15.84 28.18 -26.34
CA SER C 185 15.55 28.82 -27.62
C SER C 185 16.63 29.82 -27.99
N THR C 186 16.88 30.80 -27.11
CA THR C 186 17.93 31.77 -27.32
C THR C 186 19.27 31.33 -26.76
N GLU C 187 19.31 30.22 -26.00
CA GLU C 187 20.53 29.76 -25.35
C GLU C 187 21.20 30.87 -24.55
N LYS C 188 20.39 31.81 -24.07
CA LYS C 188 20.87 32.99 -23.36
C LYS C 188 20.23 33.06 -21.98
N THR C 189 20.69 34.02 -21.19
CA THR C 189 20.22 34.17 -19.82
C THR C 189 18.88 34.89 -19.76
N LEU C 190 18.07 34.51 -18.77
CA LEU C 190 16.79 35.14 -18.51
C LEU C 190 16.58 35.21 -17.00
N HIS C 191 15.87 36.24 -16.56
CA HIS C 191 15.62 36.47 -15.15
C HIS C 191 14.12 36.67 -14.92
N SER C 192 13.56 35.91 -13.99
CA SER C 192 12.16 36.01 -13.62
C SER C 192 12.05 36.26 -12.12
N VAL C 193 11.05 37.05 -11.74
CA VAL C 193 10.84 37.45 -10.35
C VAL C 193 9.44 37.04 -9.91
N LYS C 194 9.31 36.74 -8.62
CA LYS C 194 8.03 36.36 -8.04
C LYS C 194 7.88 37.03 -6.67
N VAL C 195 6.66 37.48 -6.39
CA VAL C 195 6.32 38.10 -5.11
C VAL C 195 5.11 37.36 -4.55
N ILE C 196 5.32 36.58 -3.49
CA ILE C 196 4.27 35.77 -2.88
C ILE C 196 3.84 36.44 -1.58
N PRO C 197 2.62 36.96 -1.49
CA PRO C 197 2.18 37.63 -0.26
C PRO C 197 1.54 36.69 0.75
N GLY C 198 1.05 37.25 1.86
CA GLY C 198 0.25 36.46 2.77
C GLY C 198 -1.06 36.03 2.15
N ARG C 199 -1.73 36.94 1.43
CA ARG C 199 -2.95 36.60 0.72
C ARG C 199 -3.13 37.60 -0.42
N GLY C 200 -3.81 37.15 -1.47
CA GLY C 200 -4.06 37.96 -2.64
C GLY C 200 -3.36 37.42 -3.87
N ALA C 201 -3.73 38.00 -5.02
CA ALA C 201 -3.15 37.59 -6.28
C ALA C 201 -1.64 37.84 -6.30
N TRP C 202 -0.92 36.96 -6.98
CA TRP C 202 0.53 37.04 -7.07
C TRP C 202 0.94 37.51 -8.46
N LEU C 203 2.09 38.18 -8.51
CA LEU C 203 2.62 38.76 -9.75
C LEU C 203 3.99 38.17 -10.05
N GLU C 204 4.33 38.15 -11.34
CA GLU C 204 5.59 37.63 -11.81
C GLU C 204 6.03 38.42 -13.04
N PHE C 205 7.31 38.73 -13.12
CA PHE C 205 7.84 39.49 -14.25
C PHE C 205 8.70 38.59 -15.15
N VAL C 215 5.06 41.67 -17.76
CA VAL C 215 4.38 41.34 -16.52
C VAL C 215 3.64 40.01 -16.64
N ARG C 216 3.54 39.29 -15.52
CA ARG C 216 2.71 38.10 -15.43
C ARG C 216 1.95 38.19 -14.11
N ILE C 217 0.67 38.50 -14.18
CA ILE C 217 -0.14 38.77 -13.00
C ILE C 217 -1.38 37.87 -13.03
N ASP C 218 -1.56 37.08 -11.97
CA ASP C 218 -2.72 36.22 -11.82
C ASP C 218 -2.95 35.35 -13.06
N ARG C 219 -1.91 34.62 -13.45
CA ARG C 219 -1.99 33.66 -14.55
C ARG C 219 -2.50 34.31 -15.84
N LYS C 220 -2.19 35.59 -16.03
CA LYS C 220 -2.57 36.33 -17.23
C LYS C 220 -1.28 36.85 -17.87
N ARG C 221 -0.85 36.19 -18.94
CA ARG C 221 0.39 36.54 -19.61
C ARG C 221 0.11 37.63 -20.66
N ARG C 222 1.10 37.88 -21.52
CA ARG C 222 0.98 38.91 -22.56
C ARG C 222 0.94 40.32 -21.97
N GLN C 223 1.79 40.56 -20.97
CA GLN C 223 1.78 41.83 -20.24
C GLN C 223 3.14 42.51 -20.36
N PRO C 224 3.21 43.73 -20.90
CA PRO C 224 4.47 44.49 -20.89
C PRO C 224 4.64 45.20 -19.56
N VAL C 225 5.73 44.89 -18.85
CA VAL C 225 5.94 45.44 -17.52
C VAL C 225 5.81 46.96 -17.51
N THR C 226 6.06 47.61 -18.65
CA THR C 226 5.97 49.06 -18.71
C THR C 226 4.53 49.54 -18.70
N VAL C 227 3.60 48.76 -19.23
CA VAL C 227 2.22 49.23 -19.36
C VAL C 227 1.60 49.49 -18.00
N LEU C 228 1.99 48.72 -16.97
CA LEU C 228 1.41 48.91 -15.65
C LEU C 228 1.96 50.16 -14.98
N LEU C 229 3.24 50.47 -15.20
CA LEU C 229 3.79 51.72 -14.69
C LEU C 229 3.01 52.91 -15.24
N LYS C 230 2.44 52.77 -16.44
CA LYS C 230 1.49 53.76 -16.94
C LYS C 230 0.11 53.60 -16.31
N ALA C 231 -0.23 52.41 -15.82
CA ALA C 231 -1.50 52.21 -15.17
C ALA C 231 -1.62 53.06 -13.91
N LEU C 232 -0.52 53.22 -13.18
CA LEU C 232 -0.53 54.09 -12.00
C LEU C 232 -0.73 55.55 -12.38
N GLY C 233 -0.32 55.93 -13.58
CA GLY C 233 -0.42 57.31 -14.03
C GLY C 233 0.91 58.02 -14.20
N TRP C 234 2.03 57.33 -14.06
CA TRP C 234 3.33 57.96 -14.25
C TRP C 234 3.61 58.19 -15.73
N THR C 235 4.13 59.37 -16.04
CA THR C 235 4.38 59.75 -17.42
C THR C 235 5.66 59.10 -17.95
N ASN C 236 5.75 59.00 -19.27
CA ASN C 236 6.89 58.35 -19.90
C ASN C 236 8.20 59.02 -19.53
N GLU C 237 8.17 60.33 -19.26
CA GLU C 237 9.40 61.03 -18.88
C GLU C 237 10.03 60.39 -17.64
N GLN C 238 9.21 60.10 -16.63
CA GLN C 238 9.72 59.45 -15.43
C GLN C 238 10.32 58.09 -15.73
N ILE C 239 9.81 57.41 -16.77
CA ILE C 239 10.35 56.10 -17.13
C ILE C 239 11.80 56.24 -17.59
N VAL C 240 12.06 57.20 -18.47
CA VAL C 240 13.43 57.47 -18.89
C VAL C 240 14.25 58.03 -17.74
N GLU C 241 13.60 58.64 -16.75
CA GLU C 241 14.31 59.18 -15.59
C GLU C 241 14.72 58.06 -14.63
N ARG C 242 13.76 57.22 -14.23
CA ARG C 242 14.04 56.19 -13.24
C ARG C 242 14.76 55.00 -13.85
N PHE C 243 14.35 54.57 -15.04
CA PHE C 243 15.00 53.43 -15.68
C PHE C 243 16.50 53.68 -15.84
N GLY C 244 16.86 54.80 -16.43
CA GLY C 244 18.27 55.17 -16.53
C GLY C 244 19.06 54.18 -17.35
N PHE C 245 20.08 53.59 -16.72
CA PHE C 245 21.03 52.72 -17.42
C PHE C 245 20.37 51.50 -18.04
N SER C 246 19.13 51.18 -17.68
CA SER C 246 18.47 50.00 -18.20
C SER C 246 18.20 50.18 -19.70
N GLU C 247 18.76 49.28 -20.51
CA GLU C 247 18.57 49.36 -21.95
C GLU C 247 17.21 48.82 -22.36
N ILE C 248 16.88 47.59 -21.95
CA ILE C 248 15.57 47.03 -22.26
C ILE C 248 14.44 47.80 -21.59
N MET C 249 14.74 48.52 -20.50
CA MET C 249 13.73 49.36 -19.87
C MET C 249 13.25 50.43 -20.83
N MET C 250 14.18 51.09 -21.53
CA MET C 250 13.80 52.10 -22.51
C MET C 250 13.27 51.48 -23.79
N GLY C 251 13.83 50.34 -24.21
CA GLY C 251 13.41 49.73 -25.45
C GLY C 251 12.01 49.14 -25.40
N THR C 252 11.55 48.76 -24.19
CA THR C 252 10.23 48.17 -24.07
C THR C 252 9.13 49.22 -24.14
N LEU C 253 9.32 50.37 -23.46
CA LEU C 253 8.33 51.44 -23.55
C LEU C 253 8.21 51.96 -24.97
N GLU C 254 9.32 51.99 -25.72
CA GLU C 254 9.24 52.37 -27.13
C GLU C 254 8.52 51.32 -27.95
N LYS C 255 8.53 50.06 -27.50
CA LYS C 255 7.83 49.00 -28.22
C LYS C 255 6.35 48.95 -27.86
N ASP C 256 5.99 49.30 -26.63
CA ASP C 256 4.59 49.25 -26.21
C ASP C 256 3.79 50.29 -26.97
N THR C 257 2.62 49.89 -27.47
CA THR C 257 1.73 50.77 -28.20
C THR C 257 0.70 51.46 -27.31
N THR C 258 0.77 51.25 -25.99
CA THR C 258 -0.19 51.86 -25.08
C THR C 258 0.14 53.33 -24.89
N SER C 259 -0.83 54.20 -25.15
CA SER C 259 -0.66 55.65 -25.04
C SER C 259 -1.63 56.16 -23.97
N GLY C 260 -1.08 56.63 -22.87
CA GLY C 260 -1.87 57.20 -21.80
C GLY C 260 -1.89 56.31 -20.56
N THR C 261 -2.13 56.94 -19.41
CA THR C 261 -2.22 56.21 -18.15
C THR C 261 -3.57 55.51 -17.99
N ASP C 262 -4.64 56.11 -18.49
CA ASP C 262 -5.96 55.50 -18.41
C ASP C 262 -6.18 54.43 -19.47
N GLU C 263 -5.46 54.51 -20.59
CA GLU C 263 -5.61 53.51 -21.64
C GLU C 263 -4.89 52.21 -21.27
N ALA C 264 -3.75 52.33 -20.60
CA ALA C 264 -3.05 51.12 -20.14
C ALA C 264 -3.87 50.39 -19.07
N LEU C 265 -4.53 51.14 -18.20
CA LEU C 265 -5.41 50.53 -17.21
C LEU C 265 -6.53 49.74 -17.89
N LEU C 266 -6.90 50.12 -19.11
CA LEU C 266 -7.91 49.38 -19.86
C LEU C 266 -7.33 48.13 -20.48
N ASP C 267 -6.12 48.21 -21.05
CA ASP C 267 -5.46 47.02 -21.56
C ASP C 267 -5.19 46.01 -20.46
N ILE C 268 -5.01 46.50 -19.23
CA ILE C 268 -4.84 45.60 -18.09
C ILE C 268 -6.20 45.11 -17.59
N TYR C 269 -7.27 45.88 -17.83
CA TYR C 269 -8.57 45.56 -17.29
C TYR C 269 -9.23 44.39 -18.02
N ARG C 270 -9.36 44.49 -19.36
CA ARG C 270 -10.13 43.50 -20.09
C ARG C 270 -9.51 42.11 -19.99
N LYS C 271 -8.18 42.02 -19.83
CA LYS C 271 -7.54 40.72 -19.70
C LYS C 271 -7.70 40.15 -18.30
N LEU C 272 -7.80 41.02 -17.28
CA LEU C 272 -7.98 40.55 -15.92
C LEU C 272 -9.44 40.24 -15.61
N ARG C 273 -10.37 41.05 -16.11
CA ARG C 273 -11.80 40.83 -15.94
C ARG C 273 -12.44 40.70 -17.32
N PRO C 274 -12.11 39.64 -18.07
CA PRO C 274 -12.70 39.47 -19.40
C PRO C 274 -14.20 39.25 -19.31
N GLY C 275 -14.92 39.87 -20.25
CA GLY C 275 -16.36 39.75 -20.31
C GLY C 275 -17.12 40.86 -19.61
N GLU C 276 -16.44 41.73 -18.87
CA GLU C 276 -17.10 42.80 -18.12
C GLU C 276 -16.70 44.14 -18.69
N PRO C 277 -17.64 44.92 -19.22
CA PRO C 277 -17.31 46.27 -19.72
C PRO C 277 -16.90 47.17 -18.57
N PRO C 278 -15.76 47.84 -18.67
CA PRO C 278 -15.22 48.59 -17.54
C PRO C 278 -15.84 49.97 -17.42
N THR C 279 -15.43 50.68 -16.37
CA THR C 279 -15.84 52.06 -16.11
C THR C 279 -14.67 52.78 -15.47
N LYS C 280 -14.60 54.10 -15.71
CA LYS C 280 -13.50 54.88 -15.14
C LYS C 280 -13.42 54.71 -13.63
N GLU C 281 -14.56 54.47 -12.98
CA GLU C 281 -14.55 54.24 -11.54
C GLU C 281 -14.04 52.85 -11.18
N SER C 282 -14.31 51.85 -12.02
CA SER C 282 -13.87 50.48 -11.75
C SER C 282 -12.47 50.20 -12.27
N ALA C 283 -12.05 50.85 -13.35
CA ALA C 283 -10.73 50.58 -13.92
C ALA C 283 -9.62 51.08 -12.99
N GLN C 284 -9.84 52.19 -12.31
CA GLN C 284 -8.79 52.77 -11.47
C GLN C 284 -8.71 52.08 -10.12
N THR C 285 -9.86 51.84 -9.48
CA THR C 285 -9.86 51.10 -8.22
C THR C 285 -9.50 49.64 -8.41
N LEU C 286 -9.52 49.13 -9.64
CA LEU C 286 -9.12 47.75 -9.88
C LEU C 286 -7.70 47.49 -9.39
N LEU C 287 -6.74 48.32 -9.84
CA LEU C 287 -5.36 48.13 -9.44
C LEU C 287 -5.18 48.33 -7.94
N GLU C 288 -5.72 49.44 -7.41
CA GLU C 288 -5.54 49.72 -5.98
C GLU C 288 -6.18 48.65 -5.12
N ASN C 289 -7.40 48.23 -5.46
CA ASN C 289 -8.10 47.22 -4.65
C ASN C 289 -7.39 45.87 -4.71
N LEU C 290 -6.74 45.56 -5.82
CA LEU C 290 -6.10 44.25 -5.95
C LEU C 290 -4.89 44.14 -5.03
N PHE C 291 -4.05 45.16 -4.97
CA PHE C 291 -2.83 45.09 -4.17
C PHE C 291 -2.75 46.17 -3.09
N PHE C 292 -2.91 47.43 -3.47
CA PHE C 292 -2.70 48.53 -2.52
C PHE C 292 -3.68 48.45 -1.37
N LYS C 293 -4.94 48.18 -1.65
CA LYS C 293 -5.93 48.01 -0.59
C LYS C 293 -5.50 46.91 0.36
N GLU C 294 -5.65 47.15 1.65
CA GLU C 294 -5.22 46.18 2.66
C GLU C 294 -6.16 44.99 2.74
N LYS C 295 -7.43 45.15 2.34
CA LYS C 295 -8.41 44.07 2.50
C LYS C 295 -8.03 42.86 1.66
N ARG C 296 -7.95 43.02 0.34
CA ARG C 296 -7.73 41.89 -0.55
C ARG C 296 -6.27 41.51 -0.68
N TYR C 297 -5.35 42.41 -0.33
CA TYR C 297 -3.92 42.12 -0.33
C TYR C 297 -3.39 42.35 1.08
N ASP C 298 -3.04 41.27 1.77
CA ASP C 298 -2.68 41.34 3.18
C ASP C 298 -1.17 41.46 3.32
N LEU C 299 -0.72 42.54 3.94
CA LEU C 299 0.70 42.68 4.27
C LEU C 299 1.06 41.69 5.36
N ALA C 300 2.04 40.84 5.10
CA ALA C 300 2.47 39.84 6.07
C ALA C 300 3.62 40.41 6.90
N ARG C 301 3.55 40.21 8.22
CA ARG C 301 4.65 40.63 9.07
C ARG C 301 5.96 40.03 8.61
N VAL C 302 5.92 38.79 8.11
CA VAL C 302 7.10 38.17 7.54
C VAL C 302 7.48 38.84 6.23
N GLY C 303 6.52 38.95 5.31
CA GLY C 303 6.79 39.59 4.04
C GLY C 303 7.15 41.05 4.18
N ARG C 304 6.41 41.78 5.02
CA ARG C 304 6.72 43.18 5.24
C ARG C 304 8.15 43.36 5.75
N TYR C 305 8.65 42.40 6.54
CA TYR C 305 10.01 42.49 7.05
C TYR C 305 11.03 42.01 6.03
N LYS C 306 10.67 41.00 5.23
CA LYS C 306 11.61 40.47 4.26
C LYS C 306 12.04 41.53 3.25
N VAL C 307 11.08 42.18 2.60
CA VAL C 307 11.40 43.10 1.52
C VAL C 307 11.80 44.47 2.05
N ASN C 308 11.20 44.92 3.16
CA ASN C 308 11.54 46.24 3.70
C ASN C 308 13.04 46.37 3.90
N LYS C 309 13.71 45.31 4.33
CA LYS C 309 15.16 45.30 4.45
C LYS C 309 15.84 44.93 3.14
N LYS C 310 15.27 43.98 2.40
CA LYS C 310 15.85 43.58 1.12
C LYS C 310 15.76 44.69 0.08
N LEU C 311 14.93 45.70 0.30
CA LEU C 311 14.78 46.80 -0.64
C LEU C 311 14.76 48.14 0.09
N THR C 323 2.37 49.08 3.31
CA THR C 323 2.34 47.64 3.05
C THR C 323 2.86 47.30 1.65
N LEU C 324 2.22 47.87 0.62
CA LEU C 324 2.48 47.49 -0.76
C LEU C 324 3.08 48.60 -1.61
N THR C 325 2.85 49.87 -1.28
CA THR C 325 2.70 50.93 -2.28
C THR C 325 3.76 50.92 -3.38
N GLU C 326 3.54 51.74 -4.41
CA GLU C 326 4.43 51.84 -5.56
C GLU C 326 5.89 51.64 -5.18
N GLU C 327 6.30 52.20 -4.04
CA GLU C 327 7.70 52.08 -3.63
C GLU C 327 8.18 50.64 -3.67
N ASP C 328 7.31 49.69 -3.30
CA ASP C 328 7.72 48.28 -3.32
C ASP C 328 7.70 47.73 -4.75
N VAL C 329 6.73 48.16 -5.56
CA VAL C 329 6.63 47.65 -6.93
C VAL C 329 7.82 48.10 -7.76
N VAL C 330 8.07 49.41 -7.80
CA VAL C 330 9.18 49.93 -8.60
C VAL C 330 10.51 49.39 -8.09
N ALA C 331 10.64 49.18 -6.78
CA ALA C 331 11.88 48.64 -6.24
C ALA C 331 12.19 47.27 -6.81
N THR C 332 11.16 46.43 -6.99
CA THR C 332 11.37 45.11 -7.55
C THR C 332 11.90 45.20 -8.98
N ILE C 333 11.31 46.07 -9.80
CA ILE C 333 11.75 46.23 -11.18
C ILE C 333 13.20 46.71 -11.21
N GLU C 334 13.51 47.74 -10.41
CA GLU C 334 14.89 48.22 -10.34
C GLU C 334 15.82 47.12 -9.84
N TYR C 335 15.36 46.30 -8.89
CA TYR C 335 16.15 45.16 -8.45
C TYR C 335 16.37 44.18 -9.59
N LEU C 336 15.30 43.87 -10.35
CA LEU C 336 15.43 42.93 -11.45
C LEU C 336 16.40 43.44 -12.51
N VAL C 337 16.29 44.72 -12.86
CA VAL C 337 17.14 45.27 -13.93
C VAL C 337 18.61 45.08 -13.60
N ARG C 338 19.01 45.48 -12.39
CA ARG C 338 20.42 45.35 -12.01
C ARG C 338 20.88 43.90 -12.03
N LEU C 339 20.00 42.96 -11.69
CA LEU C 339 20.38 41.55 -11.69
C LEU C 339 20.70 41.06 -13.09
N HIS C 340 19.92 41.50 -14.09
CA HIS C 340 20.20 41.11 -15.46
C HIS C 340 21.43 41.82 -16.01
N GLU C 341 21.69 43.04 -15.55
CA GLU C 341 22.89 43.76 -15.99
C GLU C 341 24.15 43.14 -15.40
N GLY C 342 24.11 42.78 -14.12
CA GLY C 342 25.22 42.10 -13.49
C GLY C 342 25.85 42.84 -12.33
N GLN C 343 25.27 43.97 -11.92
CA GLN C 343 25.81 44.72 -10.80
C GLN C 343 25.37 44.10 -9.48
N THR C 344 26.29 44.08 -8.51
CA THR C 344 26.03 43.45 -7.23
C THR C 344 25.47 44.40 -6.18
N SER C 345 25.46 45.70 -6.45
CA SER C 345 24.93 46.69 -5.52
C SER C 345 23.91 47.56 -6.23
N MET C 346 22.76 47.77 -5.59
CA MET C 346 21.68 48.55 -6.17
C MET C 346 21.25 49.62 -5.18
N THR C 347 21.10 50.85 -5.66
CA THR C 347 20.59 51.96 -4.87
C THR C 347 19.68 52.82 -5.73
N VAL C 348 18.69 53.43 -5.09
CA VAL C 348 17.67 54.23 -5.76
C VAL C 348 17.30 55.41 -4.86
N PRO C 349 16.41 56.29 -5.28
CA PRO C 349 16.07 57.45 -4.43
C PRO C 349 15.65 57.03 -3.03
N GLY C 350 16.31 57.60 -2.03
CA GLY C 350 16.00 57.33 -0.64
C GLY C 350 15.96 55.85 -0.31
N GLY C 351 17.01 55.13 -0.64
CA GLY C 351 17.07 53.70 -0.36
C GLY C 351 18.45 53.30 0.11
N VAL C 352 18.48 52.26 0.94
CA VAL C 352 19.72 51.73 1.47
C VAL C 352 20.30 50.73 0.47
N GLU C 353 21.62 50.76 0.32
CA GLU C 353 22.27 49.90 -0.67
C GLU C 353 22.21 48.44 -0.22
N VAL C 354 21.85 47.56 -1.16
CA VAL C 354 21.76 46.12 -0.89
C VAL C 354 22.28 45.36 -2.10
N PRO C 355 22.74 44.13 -1.88
CA PRO C 355 23.29 43.35 -2.99
C PRO C 355 22.18 42.81 -3.89
N VAL C 356 22.45 42.83 -5.20
CA VAL C 356 21.54 42.30 -6.19
C VAL C 356 22.01 40.88 -6.52
N GLU C 357 21.30 39.89 -6.01
CA GLU C 357 21.69 38.49 -6.20
C GLU C 357 20.43 37.63 -6.17
N VAL C 358 20.53 36.47 -6.80
CA VAL C 358 19.42 35.52 -6.81
C VAL C 358 19.23 34.94 -5.42
N ASP C 359 17.99 34.53 -5.12
CA ASP C 359 17.63 33.97 -3.83
C ASP C 359 17.36 32.48 -3.97
N ASP C 360 17.58 31.75 -2.88
CA ASP C 360 17.37 30.31 -2.83
C ASP C 360 16.12 30.02 -2.01
N ILE C 361 15.13 29.40 -2.65
CA ILE C 361 13.87 29.11 -1.96
C ILE C 361 14.06 28.07 -0.87
N ASP C 362 15.10 27.23 -0.97
CA ASP C 362 15.33 26.19 0.02
C ASP C 362 16.26 26.63 1.15
N HIS C 363 16.87 27.80 1.05
CA HIS C 363 17.65 28.33 2.15
C HIS C 363 16.73 28.70 3.31
N PHE C 364 17.02 28.17 4.49
CA PHE C 364 16.14 28.39 5.64
C PHE C 364 15.95 29.86 5.98
N GLY C 365 16.73 30.76 5.38
CA GLY C 365 16.48 32.17 5.55
C GLY C 365 15.20 32.64 4.89
N ASN C 366 14.81 31.99 3.79
CA ASN C 366 13.57 32.29 3.09
C ASN C 366 12.51 31.21 3.29
N ARG C 367 12.83 30.15 4.02
CA ARG C 367 11.88 29.07 4.32
C ARG C 367 11.69 29.03 5.82
N ARG C 368 10.44 29.22 6.26
CA ARG C 368 10.13 29.34 7.68
C ARG C 368 9.23 28.19 8.12
N LEU C 369 9.00 28.14 9.43
CA LEU C 369 8.19 27.10 10.06
C LEU C 369 6.95 27.74 10.67
N ARG C 370 5.78 27.19 10.35
CA ARG C 370 4.52 27.66 10.90
C ARG C 370 4.18 26.79 12.11
N THR C 371 4.47 27.31 13.31
CA THR C 371 4.29 26.56 14.53
C THR C 371 2.79 26.45 14.87
N VAL C 372 2.49 25.73 15.94
CA VAL C 372 1.11 25.39 16.27
C VAL C 372 0.29 26.64 16.53
N GLY C 373 0.83 27.58 17.30
CA GLY C 373 0.10 28.81 17.58
C GLY C 373 -0.34 29.53 16.31
N GLU C 374 0.53 29.57 15.31
CA GLU C 374 0.19 30.25 14.06
C GLU C 374 -0.83 29.45 13.25
N LEU C 375 -0.65 28.13 13.18
CA LEU C 375 -1.63 27.29 12.49
C LEU C 375 -3.01 27.45 13.10
N ILE C 376 -3.09 27.64 14.42
CA ILE C 376 -4.36 27.93 15.06
C ILE C 376 -4.82 29.34 14.69
N GLN C 377 -3.93 30.31 14.80
CA GLN C 377 -4.27 31.70 14.50
C GLN C 377 -4.91 31.82 13.13
N ASN C 378 -4.30 31.20 12.12
CA ASN C 378 -4.83 31.30 10.76
C ASN C 378 -6.24 30.75 10.67
N GLN C 379 -6.54 29.67 11.41
CA GLN C 379 -7.86 29.10 11.36
C GLN C 379 -8.89 29.92 12.13
N ILE C 380 -8.46 30.71 13.11
CA ILE C 380 -9.36 31.64 13.77
C ILE C 380 -9.70 32.79 12.84
N ARG C 381 -8.69 33.35 12.16
CA ARG C 381 -8.94 34.44 11.22
C ARG C 381 -9.97 34.05 10.18
N VAL C 382 -9.89 32.81 9.68
CA VAL C 382 -10.87 32.34 8.70
C VAL C 382 -12.26 32.33 9.30
N GLY C 383 -12.37 32.05 10.60
CA GLY C 383 -13.68 32.04 11.23
C GLY C 383 -14.23 33.44 11.44
N LEU C 384 -13.37 34.40 11.78
CA LEU C 384 -13.82 35.77 11.99
C LEU C 384 -14.23 36.42 10.67
N SER C 385 -13.45 36.21 9.61
CA SER C 385 -13.81 36.77 8.31
C SER C 385 -15.15 36.22 7.83
N ARG C 386 -15.49 34.99 8.20
CA ARG C 386 -16.79 34.43 7.84
C ARG C 386 -17.90 34.98 8.73
N MET C 387 -17.57 35.35 9.98
CA MET C 387 -18.54 35.99 10.86
C MET C 387 -18.73 37.46 10.49
N GLU C 388 -17.66 38.12 10.08
CA GLU C 388 -17.75 39.51 9.65
C GLU C 388 -18.81 39.68 8.56
N ARG C 389 -18.90 38.72 7.65
CA ARG C 389 -19.89 38.78 6.58
C ARG C 389 -21.30 38.82 7.16
N VAL C 390 -21.58 37.96 8.14
CA VAL C 390 -22.90 37.96 8.76
C VAL C 390 -23.09 39.18 9.65
N VAL C 391 -22.01 39.68 10.26
CA VAL C 391 -22.13 40.88 11.08
C VAL C 391 -22.48 42.09 10.23
N ARG C 392 -21.84 42.21 9.06
CA ARG C 392 -22.10 43.35 8.20
C ARG C 392 -23.49 43.28 7.59
N GLU C 393 -23.85 42.15 6.98
CA GLU C 393 -25.15 42.04 6.33
C GLU C 393 -26.29 42.06 7.34
N ARG C 394 -26.09 41.45 8.51
CA ARG C 394 -27.13 41.45 9.53
C ARG C 394 -27.59 42.88 9.85
N MET C 395 -26.65 43.82 9.89
CA MET C 395 -27.00 45.20 10.21
C MET C 395 -28.03 45.76 9.25
N THR C 396 -27.93 45.41 7.96
CA THR C 396 -28.77 46.03 6.94
C THR C 396 -30.24 45.64 7.14
N THR C 397 -30.53 44.35 7.18
CA THR C 397 -31.91 43.89 7.30
C THR C 397 -32.41 43.87 8.74
N GLN C 398 -31.52 43.98 9.73
CA GLN C 398 -31.94 44.06 11.11
C GLN C 398 -32.45 45.46 11.43
N ASP C 399 -33.38 45.53 12.38
CA ASP C 399 -33.94 46.81 12.79
C ASP C 399 -32.89 47.64 13.51
N VAL C 400 -32.58 48.82 12.96
CA VAL C 400 -31.56 49.67 13.56
C VAL C 400 -31.98 50.05 14.97
N GLU C 401 -31.02 50.01 15.90
CA GLU C 401 -31.17 50.27 17.33
C GLU C 401 -31.84 49.10 18.04
N ALA C 402 -32.34 48.09 17.34
CA ALA C 402 -32.82 46.86 17.94
C ALA C 402 -31.79 45.74 17.84
N ILE C 403 -30.61 46.03 17.30
CA ILE C 403 -29.52 45.07 17.15
C ILE C 403 -28.52 45.28 18.27
N THR C 404 -27.86 44.20 18.66
CA THR C 404 -26.88 44.21 19.73
C THR C 404 -25.72 43.33 19.33
N PRO C 405 -24.57 43.46 19.99
CA PRO C 405 -23.47 42.52 19.72
C PRO C 405 -23.91 41.07 19.67
N GLN C 406 -24.82 40.65 20.56
CA GLN C 406 -25.29 39.27 20.53
C GLN C 406 -26.13 38.97 19.30
N THR C 407 -26.90 39.95 18.82
CA THR C 407 -27.74 39.72 17.65
C THR C 407 -26.93 39.76 16.35
N LEU C 408 -26.01 40.71 16.23
CA LEU C 408 -25.17 40.78 15.04
C LEU C 408 -24.17 39.63 15.00
N ILE C 409 -23.65 39.24 16.16
CA ILE C 409 -22.61 38.23 16.23
C ILE C 409 -23.24 36.84 16.16
N ASN C 410 -22.64 35.97 15.34
CA ASN C 410 -23.00 34.57 15.29
C ASN C 410 -21.72 33.76 15.19
N ILE C 411 -21.45 32.92 16.19
CA ILE C 411 -20.17 32.24 16.33
C ILE C 411 -20.16 30.86 15.67
N ARG C 412 -21.21 30.52 14.92
CA ARG C 412 -21.20 29.25 14.20
C ARG C 412 -19.95 29.06 13.36
N PRO C 413 -19.51 30.03 12.54
CA PRO C 413 -18.29 29.82 11.75
C PRO C 413 -17.00 29.91 12.56
N VAL C 414 -17.00 30.57 13.72
CA VAL C 414 -15.78 30.69 14.51
C VAL C 414 -15.44 29.36 15.16
N VAL C 415 -16.40 28.77 15.89
CA VAL C 415 -16.14 27.48 16.53
C VAL C 415 -16.00 26.39 15.48
N ALA C 416 -16.68 26.51 14.35
CA ALA C 416 -16.54 25.53 13.28
C ALA C 416 -15.11 25.51 12.73
N ALA C 417 -14.45 26.66 12.70
CA ALA C 417 -13.05 26.70 12.25
C ALA C 417 -12.16 25.91 13.19
N ILE C 418 -12.29 26.14 14.50
CA ILE C 418 -11.50 25.40 15.48
C ILE C 418 -11.84 23.92 15.42
N LYS C 419 -13.13 23.60 15.47
CA LYS C 419 -13.55 22.20 15.47
C LYS C 419 -13.12 21.49 14.19
N GLU C 420 -13.19 22.19 13.05
CA GLU C 420 -12.81 21.61 11.79
C GLU C 420 -11.30 21.57 11.58
N PHE C 421 -10.53 22.25 12.42
CA PHE C 421 -9.07 22.20 12.32
C PHE C 421 -8.51 21.03 13.13
N PHE C 422 -8.77 21.00 14.44
CA PHE C 422 -8.21 19.94 15.27
C PHE C 422 -8.65 18.57 14.79
N GLY C 423 -9.79 18.49 14.11
CA GLY C 423 -10.21 17.27 13.42
C GLY C 423 -10.13 17.49 11.92
N THR C 424 -9.66 16.47 11.21
CA THR C 424 -9.58 16.40 9.76
C THR C 424 -8.42 17.22 9.18
N SER C 425 -7.71 18.01 9.99
CA SER C 425 -6.57 18.74 9.47
C SER C 425 -5.35 17.83 9.38
N GLN C 426 -4.54 18.04 8.34
CA GLN C 426 -3.39 17.18 8.13
C GLN C 426 -2.31 17.42 9.17
N LEU C 427 -2.25 18.63 9.74
CA LEU C 427 -1.25 18.93 10.76
C LEU C 427 -1.70 18.60 12.17
N SER C 428 -3.00 18.46 12.40
CA SER C 428 -3.53 17.99 13.68
C SER C 428 -3.60 16.46 13.60
N GLN C 429 -2.63 15.80 14.24
CA GLN C 429 -2.39 14.39 14.02
C GLN C 429 -2.66 13.57 15.29
N PHE C 430 -3.26 12.41 15.10
CA PHE C 430 -3.40 11.42 16.16
C PHE C 430 -2.03 11.09 16.74
N MET C 431 -1.83 11.38 18.02
CA MET C 431 -0.49 11.29 18.60
C MET C 431 0.07 9.89 18.46
N ASP C 432 1.34 9.81 18.08
CA ASP C 432 2.05 8.53 17.93
C ASP C 432 2.71 8.21 19.26
N GLN C 433 2.12 7.30 20.03
CA GLN C 433 2.68 6.91 21.33
C GLN C 433 2.75 5.38 21.39
N ASN C 434 3.82 4.82 20.83
CA ASN C 434 4.25 3.47 21.15
C ASN C 434 5.15 3.47 22.38
N ASN C 435 5.98 4.50 22.49
CA ASN C 435 6.89 4.69 23.61
C ASN C 435 7.03 6.18 23.82
N PRO C 436 7.61 6.60 24.94
CA PRO C 436 7.85 8.04 25.15
C PRO C 436 8.62 8.69 24.00
N LEU C 437 9.57 7.97 23.39
CA LEU C 437 10.35 8.56 22.30
C LEU C 437 9.47 8.84 21.09
N SER C 438 8.69 7.86 20.64
CA SER C 438 7.82 8.06 19.48
C SER C 438 6.96 9.31 19.65
N GLY C 439 6.44 9.52 20.85
CA GLY C 439 5.65 10.73 21.10
C GLY C 439 6.50 11.98 21.13
N LEU C 440 7.70 11.89 21.69
CA LEU C 440 8.58 13.06 21.76
C LEU C 440 9.08 13.49 20.39
N THR C 441 9.10 12.59 19.41
CA THR C 441 9.50 12.96 18.06
C THR C 441 8.31 13.41 17.21
N HIS C 442 7.10 12.95 17.51
CA HIS C 442 5.93 13.43 16.79
C HIS C 442 5.81 14.94 16.91
N LYS C 443 5.70 15.44 18.13
CA LYS C 443 6.07 16.82 18.37
C LYS C 443 7.57 16.97 18.15
N ARG C 444 7.98 18.12 17.64
CA ARG C 444 9.28 18.40 17.03
C ARG C 444 9.36 17.88 15.60
N ARG C 445 8.33 17.23 15.08
CA ARG C 445 8.33 16.84 13.69
C ARG C 445 7.98 18.04 12.82
N LEU C 446 8.67 18.15 11.68
CA LEU C 446 8.47 19.25 10.75
C LEU C 446 7.98 18.70 9.43
N SER C 447 6.88 19.25 8.91
CA SER C 447 6.26 18.75 7.69
C SER C 447 6.20 19.84 6.63
N ALA C 448 6.41 19.43 5.38
CA ALA C 448 6.23 20.32 4.25
C ALA C 448 4.84 20.17 3.61
N LEU C 449 4.04 19.21 4.09
CA LEU C 449 2.76 18.90 3.48
C LEU C 449 1.65 19.72 4.14
N GLY C 450 0.42 19.49 3.68
CA GLY C 450 -0.73 20.18 4.21
C GLY C 450 -1.05 21.45 3.44
N PRO C 451 -2.18 22.08 3.76
CA PRO C 451 -2.53 23.34 3.09
C PRO C 451 -1.48 24.40 3.32
N GLY C 452 -1.27 25.23 2.30
CA GLY C 452 -0.29 26.29 2.37
C GLY C 452 1.12 25.88 2.04
N GLY C 453 1.37 24.59 1.78
CA GLY C 453 2.67 24.13 1.37
C GLY C 453 2.54 23.16 0.21
N LEU C 454 3.68 22.87 -0.42
CA LEU C 454 3.70 21.93 -1.53
C LEU C 454 3.06 20.61 -1.12
N SER C 455 2.31 20.02 -2.04
CA SER C 455 1.68 18.74 -1.78
C SER C 455 2.66 17.59 -2.02
N ARG C 456 2.26 16.40 -1.58
CA ARG C 456 3.20 15.27 -1.54
C ARG C 456 3.62 14.83 -2.93
N GLU C 457 2.68 14.71 -3.86
CA GLU C 457 2.98 14.11 -5.16
C GLU C 457 3.65 15.09 -6.12
N ARG C 458 3.39 16.38 -6.00
CA ARG C 458 3.84 17.36 -6.98
C ARG C 458 5.27 17.85 -6.73
N ALA C 459 5.69 17.97 -5.47
CA ALA C 459 6.97 18.59 -5.16
C ALA C 459 8.13 17.89 -5.84
N GLY C 460 9.07 18.69 -6.36
CA GLY C 460 10.26 18.14 -6.97
C GLY C 460 11.29 17.71 -5.94
N LEU C 461 12.33 17.04 -6.44
CA LEU C 461 13.36 16.48 -5.56
C LEU C 461 14.34 17.53 -5.06
N GLU C 462 14.33 18.74 -5.62
CA GLU C 462 15.30 19.74 -5.20
C GLU C 462 15.11 20.12 -3.74
N VAL C 463 13.86 20.21 -3.28
CA VAL C 463 13.60 20.54 -1.88
C VAL C 463 14.04 19.40 -0.97
N ARG C 464 13.79 18.15 -1.39
CA ARG C 464 14.08 17.00 -0.53
C ARG C 464 15.56 16.94 -0.16
N ASP C 465 16.44 17.41 -1.03
CA ASP C 465 17.87 17.31 -0.77
C ASP C 465 18.24 18.13 0.48
N VAL C 466 19.27 17.67 1.18
CA VAL C 466 19.80 18.42 2.32
C VAL C 466 20.39 19.74 1.82
N HIS C 467 20.39 20.73 2.70
CA HIS C 467 20.92 22.05 2.41
C HIS C 467 21.94 22.43 3.48
N PRO C 468 22.95 23.22 3.13
CA PRO C 468 23.95 23.63 4.15
C PRO C 468 23.33 24.32 5.35
N SER C 469 22.26 25.08 5.15
CA SER C 469 21.61 25.79 6.26
C SER C 469 20.81 24.87 7.17
N HIS C 470 20.69 23.58 6.85
CA HIS C 470 20.04 22.64 7.75
C HIS C 470 20.89 22.29 8.96
N TYR C 471 22.16 22.68 8.97
CA TYR C 471 23.04 22.33 10.08
C TYR C 471 22.52 22.90 11.38
N GLY C 472 22.40 22.05 12.39
CA GLY C 472 21.96 22.48 13.71
C GLY C 472 20.52 22.91 13.81
N ARG C 473 19.77 22.89 12.72
CA ARG C 473 18.37 23.30 12.72
C ARG C 473 17.43 22.13 12.46
N MET C 474 17.60 21.43 11.33
CA MET C 474 16.80 20.27 10.99
C MET C 474 17.73 19.08 10.76
N CYS C 475 17.52 18.02 11.52
CA CYS C 475 18.39 16.86 11.42
C CYS C 475 18.32 16.29 10.01
N PRO C 476 19.46 16.11 9.32
CA PRO C 476 19.44 15.53 7.98
C PRO C 476 19.31 14.02 7.97
N ILE C 477 19.56 13.35 9.10
CA ILE C 477 19.60 11.89 9.12
C ILE C 477 18.24 11.26 9.41
N GLU C 478 17.33 11.99 10.07
CA GLU C 478 16.02 11.45 10.44
C GLU C 478 14.98 11.95 9.44
N THR C 479 14.44 11.03 8.64
CA THR C 479 13.44 11.33 7.64
C THR C 479 12.83 10.02 7.16
N PRO C 480 11.63 10.06 6.59
CA PRO C 480 11.00 8.82 6.12
C PRO C 480 11.84 8.16 5.04
N GLU C 481 11.71 6.83 4.95
CA GLU C 481 12.36 6.09 3.87
C GLU C 481 11.52 6.09 2.60
N GLY C 482 10.20 6.18 2.74
CA GLY C 482 9.30 6.03 1.62
C GLY C 482 9.19 7.25 0.74
N PRO C 483 8.01 7.48 0.17
CA PRO C 483 7.84 8.59 -0.78
C PRO C 483 7.94 9.97 -0.15
N ASN C 484 8.02 10.07 1.19
CA ASN C 484 8.07 11.36 1.87
C ASN C 484 9.49 11.77 2.24
N ILE C 485 10.51 11.17 1.61
CA ILE C 485 11.88 11.50 1.94
C ILE C 485 12.12 12.99 1.76
N GLY C 486 12.86 13.59 2.69
CA GLY C 486 13.24 14.97 2.60
C GLY C 486 12.14 15.98 2.89
N LEU C 487 10.87 15.59 2.79
CA LEU C 487 9.76 16.48 3.09
C LEU C 487 9.38 16.48 4.56
N ILE C 488 9.87 15.53 5.34
CA ILE C 488 9.55 15.43 6.76
C ILE C 488 10.85 15.26 7.54
N GLY C 489 11.01 16.06 8.59
CA GLY C 489 12.20 16.00 9.42
C GLY C 489 11.88 16.47 10.82
N SER C 490 12.79 16.16 11.73
CA SER C 490 12.64 16.51 13.15
C SER C 490 13.58 17.65 13.51
N LEU C 491 13.10 18.55 14.36
CA LEU C 491 13.91 19.67 14.81
C LEU C 491 15.18 19.15 15.51
N SER C 492 16.29 19.86 15.28
CA SER C 492 17.56 19.47 15.88
C SER C 492 17.48 19.62 17.40
N VAL C 493 18.57 19.22 18.07
CA VAL C 493 18.57 19.17 19.53
C VAL C 493 18.55 20.58 20.11
N TYR C 494 19.53 21.40 19.73
CA TYR C 494 19.66 22.74 20.28
C TYR C 494 18.91 23.79 19.46
N ALA C 495 18.20 23.38 18.41
CA ALA C 495 17.48 24.32 17.57
C ALA C 495 16.42 25.06 18.38
N ARG C 496 16.02 26.22 17.86
CA ARG C 496 15.04 27.07 18.51
C ARG C 496 14.29 27.84 17.44
N VAL C 497 12.99 28.04 17.65
CA VAL C 497 12.14 28.73 16.68
C VAL C 497 12.03 30.20 17.06
N ASN C 498 12.04 31.05 16.05
CA ASN C 498 11.98 32.50 16.16
C ASN C 498 10.54 32.97 16.18
N PRO C 499 10.24 34.09 16.85
CA PRO C 499 8.89 34.64 16.80
C PRO C 499 8.39 34.91 15.38
N PHE C 500 9.28 34.99 14.39
CA PHE C 500 8.89 35.21 13.01
C PHE C 500 8.78 33.93 12.20
N GLY C 501 9.15 32.80 12.77
CA GLY C 501 9.02 31.52 12.12
C GLY C 501 10.28 30.93 11.52
N PHE C 502 11.45 31.49 11.83
CA PHE C 502 12.72 31.01 11.32
C PHE C 502 13.47 30.30 12.44
N ILE C 503 14.08 29.16 12.12
CA ILE C 503 14.76 28.34 13.11
C ILE C 503 16.12 28.94 13.42
N GLU C 504 16.45 29.02 14.71
CA GLU C 504 17.73 29.54 15.17
C GLU C 504 18.54 28.43 15.81
N THR C 505 19.86 28.59 15.80
CA THR C 505 20.78 27.62 16.38
C THR C 505 21.75 28.30 17.32
N PRO C 506 22.07 27.68 18.45
CA PRO C 506 22.96 28.33 19.43
C PRO C 506 24.41 28.26 19.00
N TYR C 507 25.11 29.38 19.20
CA TYR C 507 26.52 29.49 18.88
C TYR C 507 27.25 30.22 20.00
N ARG C 508 28.54 29.95 20.12
CA ARG C 508 29.42 30.64 21.06
C ARG C 508 30.38 31.51 20.25
N LYS C 509 30.21 32.82 20.35
CA LYS C 509 31.02 33.72 19.54
C LYS C 509 32.47 33.75 20.04
N VAL C 510 33.40 33.79 19.10
CA VAL C 510 34.83 33.84 19.39
C VAL C 510 35.36 35.19 18.94
N GLU C 511 36.28 35.76 19.72
CA GLU C 511 36.89 37.04 19.41
C GLU C 511 38.39 36.95 19.62
N ASN C 512 39.16 37.20 18.56
CA ASN C 512 40.61 37.18 18.63
C ASN C 512 41.13 35.84 19.17
N GLY C 513 40.69 34.76 18.53
CA GLY C 513 41.15 33.44 18.91
C GLY C 513 40.82 33.05 20.34
N VAL C 514 39.74 33.58 20.89
CA VAL C 514 39.30 33.25 22.25
C VAL C 514 37.80 33.05 22.23
N VAL C 515 37.34 31.87 22.62
CA VAL C 515 35.92 31.54 22.63
C VAL C 515 35.35 31.98 23.99
N THR C 516 34.48 32.98 23.96
CA THR C 516 33.87 33.49 25.17
C THR C 516 32.75 32.56 25.61
N ASP C 517 32.13 32.90 26.75
CA ASP C 517 30.93 32.21 27.20
C ASP C 517 29.66 32.81 26.61
N GLN C 518 29.78 33.90 25.86
CA GLN C 518 28.62 34.50 25.21
C GLN C 518 28.03 33.54 24.18
N ILE C 519 26.77 33.19 24.36
CA ILE C 519 26.06 32.28 23.47
C ILE C 519 24.95 33.08 22.80
N ASP C 520 24.97 33.13 21.46
CA ASP C 520 24.04 33.93 20.69
C ASP C 520 23.31 33.02 19.70
N TYR C 521 21.98 33.01 19.78
CA TYR C 521 21.17 32.26 18.83
C TYR C 521 21.06 33.06 17.53
N LEU C 522 21.43 32.42 16.42
CA LEU C 522 21.50 33.09 15.12
C LEU C 522 20.57 32.39 14.13
N THR C 523 19.88 33.19 13.32
CA THR C 523 19.09 32.67 12.23
C THR C 523 20.00 32.33 11.04
N ALA C 524 19.43 31.60 10.07
CA ALA C 524 20.22 31.16 8.93
C ALA C 524 20.84 32.34 8.18
N ASP C 525 20.07 33.42 8.01
CA ASP C 525 20.58 34.58 7.28
C ASP C 525 21.87 35.10 7.90
N GLU C 526 21.82 35.43 9.19
CA GLU C 526 22.98 35.99 9.87
C GLU C 526 24.09 34.97 10.11
N GLU C 527 23.80 33.68 9.96
CA GLU C 527 24.85 32.67 10.10
C GLU C 527 25.84 32.76 8.96
N ASP C 528 25.35 32.80 7.72
CA ASP C 528 26.24 32.90 6.57
C ASP C 528 27.11 34.15 6.65
N ARG C 529 26.62 35.19 7.32
CA ARG C 529 27.41 36.42 7.46
C ARG C 529 28.73 36.18 8.16
N HIS C 530 28.78 35.20 9.06
CA HIS C 530 29.94 34.96 9.91
C HIS C 530 30.62 33.65 9.54
N VAL C 531 31.63 33.29 10.32
CA VAL C 531 32.43 32.09 10.12
C VAL C 531 32.30 31.22 11.36
N VAL C 532 31.91 29.96 11.16
CA VAL C 532 31.56 29.06 12.26
C VAL C 532 32.72 28.09 12.48
N ALA C 533 33.43 28.27 13.59
CA ALA C 533 34.44 27.30 13.97
C ALA C 533 33.79 25.97 14.35
N GLN C 534 34.60 24.92 14.35
CA GLN C 534 34.06 23.58 14.59
C GLN C 534 33.96 23.30 16.09
N ALA C 535 32.94 22.52 16.45
CA ALA C 535 32.63 22.28 17.85
C ALA C 535 33.86 21.77 18.61
N ASN C 536 34.54 20.76 18.07
CA ASN C 536 35.73 20.21 18.70
C ASN C 536 36.96 20.81 18.05
N SER C 537 37.74 21.55 18.84
CA SER C 537 39.00 22.14 18.42
C SER C 537 39.82 22.28 19.69
N PRO C 538 41.12 22.05 19.63
CA PRO C 538 41.94 22.06 20.85
C PRO C 538 41.70 23.32 21.68
N THR C 539 41.41 23.13 22.97
CA THR C 539 41.16 24.21 23.91
C THR C 539 42.42 24.55 24.67
N ASP C 540 42.66 25.85 24.87
CA ASP C 540 43.82 26.41 25.55
C ASP C 540 43.41 26.95 26.91
N GLU C 541 44.31 26.85 27.90
CA GLU C 541 43.86 26.58 29.27
C GLU C 541 42.66 27.39 29.71
N ASN C 542 42.78 28.73 29.68
CA ASN C 542 41.68 29.56 30.11
C ASN C 542 40.74 29.91 28.96
N GLY C 543 41.05 29.45 27.76
CA GLY C 543 40.28 29.79 26.60
C GLY C 543 41.12 30.51 25.56
N ARG C 544 41.54 29.76 24.53
CA ARG C 544 42.22 30.35 23.39
C ARG C 544 42.40 29.28 22.31
N PHE C 545 42.52 29.68 21.04
CA PHE C 545 42.71 28.71 19.97
C PHE C 545 44.13 28.17 20.03
N THR C 546 44.27 26.88 20.33
CA THR C 546 45.59 26.28 20.44
C THR C 546 46.13 25.82 19.09
N GLU C 547 45.28 25.15 18.32
CA GLU C 547 45.70 24.64 17.02
C GLU C 547 46.18 25.79 16.13
N ASP C 548 47.16 25.48 15.28
CA ASP C 548 47.68 26.50 14.37
C ASP C 548 46.59 27.04 13.45
N ARG C 549 45.69 26.16 13.01
CA ARG C 549 44.58 26.54 12.16
C ARG C 549 43.30 25.92 12.72
N VAL C 550 42.17 26.49 12.34
CA VAL C 550 40.87 26.10 12.89
C VAL C 550 39.92 25.75 11.76
N MET C 551 39.08 24.74 11.98
CA MET C 551 38.04 24.39 11.03
C MET C 551 36.99 25.50 10.99
N VAL C 552 36.47 25.77 9.79
CA VAL C 552 35.57 26.89 9.56
C VAL C 552 34.52 26.50 8.53
N ARG C 553 33.40 27.23 8.56
CA ARG C 553 32.31 27.07 7.62
C ARG C 553 31.96 28.42 7.01
N LYS C 554 31.83 28.46 5.70
CA LYS C 554 31.55 29.69 4.95
C LYS C 554 30.10 29.70 4.50
N LYS C 555 29.72 30.81 3.86
CA LYS C 555 28.36 30.99 3.36
C LYS C 555 28.05 30.10 2.16
N GLY C 556 29.02 29.34 1.66
CA GLY C 556 28.80 28.46 0.52
C GLY C 556 27.66 27.49 0.68
N GLY C 557 27.73 26.63 1.70
CA GLY C 557 28.83 26.64 2.64
C GLY C 557 30.13 26.10 2.10
N GLU C 558 31.24 26.64 2.60
CA GLU C 558 32.57 26.20 2.23
C GLU C 558 33.38 25.91 3.48
N VAL C 559 34.34 25.00 3.37
CA VAL C 559 35.19 24.60 4.48
C VAL C 559 36.60 25.07 4.19
N GLU C 560 37.16 25.88 5.09
CA GLU C 560 38.47 26.47 4.89
C GLU C 560 39.13 26.67 6.26
N PHE C 561 40.31 27.27 6.25
CA PHE C 561 41.12 27.44 7.44
C PHE C 561 41.54 28.90 7.60
N VAL C 562 41.88 29.25 8.84
CA VAL C 562 42.62 30.45 9.16
C VAL C 562 43.47 30.14 10.39
N SER C 563 44.31 31.09 10.81
CA SER C 563 45.17 30.88 11.96
C SER C 563 44.46 31.17 13.28
N ALA C 564 43.14 31.09 13.31
CA ALA C 564 42.28 31.35 14.48
C ALA C 564 42.04 32.84 14.72
N ASP C 565 42.54 33.73 13.85
CA ASP C 565 42.35 35.16 14.06
C ASP C 565 41.05 35.69 13.47
N GLN C 566 40.57 35.10 12.37
CA GLN C 566 39.41 35.62 11.66
C GLN C 566 38.12 34.87 11.98
N VAL C 567 38.13 34.01 13.00
CA VAL C 567 36.91 33.31 13.40
C VAL C 567 36.06 34.22 14.27
N ASP C 568 34.73 34.05 14.16
CA ASP C 568 33.79 34.85 14.93
C ASP C 568 32.95 34.02 15.88
N TYR C 569 32.33 32.94 15.40
CA TYR C 569 31.48 32.10 16.22
C TYR C 569 31.93 30.65 16.11
N MET C 570 31.66 29.87 17.16
CA MET C 570 31.98 28.46 17.19
C MET C 570 30.75 27.66 17.58
N ASP C 571 30.80 26.36 17.30
CA ASP C 571 29.68 25.47 17.59
C ASP C 571 29.58 25.19 19.08
N VAL C 572 28.34 25.18 19.59
CA VAL C 572 28.11 24.94 21.01
C VAL C 572 28.60 23.55 21.41
N SER C 573 28.44 22.58 20.52
CA SER C 573 28.96 21.24 20.76
C SER C 573 28.71 20.35 19.54
N PRO C 574 29.31 19.17 19.47
CA PRO C 574 28.94 18.23 18.41
C PRO C 574 27.47 17.90 18.48
N ARG C 575 26.99 17.21 17.44
CA ARG C 575 25.60 16.76 17.33
C ARG C 575 24.61 17.92 17.35
N GLN C 576 25.05 19.12 16.96
CA GLN C 576 24.09 20.20 16.75
C GLN C 576 23.12 19.84 15.62
N MET C 577 23.65 19.32 14.52
CA MET C 577 22.81 18.92 13.39
C MET C 577 21.91 17.74 13.72
N VAL C 578 22.27 16.95 14.71
CA VAL C 578 21.55 15.71 15.01
C VAL C 578 20.26 16.02 15.76
N SER C 579 19.29 15.13 15.63
CA SER C 579 18.03 15.23 16.36
C SER C 579 18.12 14.38 17.62
N VAL C 580 17.02 14.36 18.39
CA VAL C 580 17.00 13.59 19.63
C VAL C 580 17.17 12.10 19.35
N ALA C 581 16.36 11.57 18.43
CA ALA C 581 16.44 10.15 18.11
C ALA C 581 17.80 9.80 17.53
N THR C 582 18.29 10.62 16.60
CA THR C 582 19.60 10.37 15.99
C THR C 582 20.70 10.38 17.05
N ALA C 583 20.64 11.33 17.99
CA ALA C 583 21.65 11.45 19.01
C ALA C 583 21.66 10.28 20.00
N MET C 584 20.71 9.36 19.89
CA MET C 584 20.63 8.21 20.79
C MET C 584 21.28 6.96 20.19
N ILE C 585 21.90 7.07 19.03
CA ILE C 585 22.52 5.92 18.36
C ILE C 585 24.00 5.88 18.77
N PRO C 586 24.42 4.93 19.59
CA PRO C 586 25.85 4.84 19.94
C PRO C 586 26.68 4.57 18.69
N PHE C 587 27.86 5.18 18.63
CA PHE C 587 28.74 5.06 17.48
C PHE C 587 28.05 5.51 16.20
N LEU C 588 27.29 6.61 16.28
CA LEU C 588 26.63 7.14 15.09
C LEU C 588 27.64 7.44 13.99
N GLU C 589 28.76 8.05 14.35
CA GLU C 589 29.75 8.46 13.34
C GLU C 589 30.22 7.32 12.48
N HIS C 590 30.11 6.08 12.95
CA HIS C 590 30.63 4.93 12.23
C HIS C 590 29.66 4.36 11.19
N ASP C 591 28.37 4.60 11.34
CA ASP C 591 27.37 3.99 10.47
C ASP C 591 26.99 4.93 9.34
N ASP C 592 26.74 4.35 8.16
CA ASP C 592 26.37 5.15 7.00
C ASP C 592 24.99 5.76 7.19
N ALA C 593 24.80 6.94 6.58
CA ALA C 593 23.55 7.66 6.74
C ALA C 593 22.33 6.81 6.39
N ASN C 594 22.48 5.90 5.43
CA ASN C 594 21.37 5.03 5.05
C ASN C 594 20.91 4.20 6.24
N ARG C 595 21.81 3.42 6.83
CA ARG C 595 21.43 2.55 7.93
C ARG C 595 21.09 3.34 9.19
N ALA C 596 21.69 4.52 9.36
CA ALA C 596 21.33 5.38 10.49
C ALA C 596 19.89 5.84 10.37
N LEU C 597 19.52 6.40 9.21
CA LEU C 597 18.14 6.81 8.98
C LEU C 597 17.17 5.72 9.36
N MET C 598 17.47 4.47 8.99
CA MET C 598 16.65 3.35 9.44
C MET C 598 16.71 3.19 10.95
N GLY C 599 17.88 3.44 11.55
CA GLY C 599 18.01 3.28 12.99
C GLY C 599 17.16 4.25 13.77
N ALA C 600 17.09 5.51 13.31
CA ALA C 600 16.27 6.50 13.99
C ALA C 600 14.79 6.19 13.83
N ASN C 601 14.36 5.91 12.59
CA ASN C 601 12.94 5.62 12.35
C ASN C 601 12.46 4.41 13.14
N MET C 602 13.36 3.51 13.52
CA MET C 602 12.95 2.29 14.20
C MET C 602 12.88 2.44 15.72
N GLN C 603 13.58 3.42 16.30
CA GLN C 603 13.43 3.68 17.73
C GLN C 603 11.98 4.02 18.05
N ARG C 604 11.36 4.87 17.22
CA ARG C 604 9.96 5.23 17.44
C ARG C 604 9.06 4.01 17.45
N GLN C 605 9.43 2.96 16.72
CA GLN C 605 8.57 1.79 16.53
C GLN C 605 8.73 0.75 17.64
N ALA C 606 9.61 0.97 18.60
CA ALA C 606 9.76 0.03 19.69
C ALA C 606 8.50 -0.01 20.54
N VAL C 607 8.40 -1.04 21.39
CA VAL C 607 7.24 -1.20 22.25
C VAL C 607 7.71 -1.37 23.69
N PRO C 608 7.01 -0.80 24.67
CA PRO C 608 7.45 -0.93 26.07
C PRO C 608 7.34 -2.38 26.54
N LEU C 609 8.41 -2.87 27.15
CA LEU C 609 8.43 -4.20 27.71
C LEU C 609 7.89 -4.18 29.14
N VAL C 610 7.80 -5.37 29.76
CA VAL C 610 7.35 -5.44 31.14
C VAL C 610 8.45 -5.04 32.10
N ARG C 611 9.69 -5.46 31.83
CA ARG C 611 10.83 -5.16 32.71
C ARG C 611 11.46 -3.81 32.39
N SER C 612 11.58 -3.46 31.11
CA SER C 612 12.08 -2.16 30.71
C SER C 612 13.49 -1.89 31.25
N GLU C 613 14.44 -2.69 30.77
CA GLU C 613 15.84 -2.53 31.10
C GLU C 613 16.47 -1.45 30.23
N ALA C 614 17.36 -0.65 30.83
CA ALA C 614 18.00 0.44 30.10
C ALA C 614 19.18 -0.05 29.29
N PRO C 615 19.65 0.75 28.33
CA PRO C 615 20.77 0.31 27.48
C PRO C 615 22.07 0.25 28.26
N LEU C 616 22.82 -0.83 28.03
CA LEU C 616 24.10 -0.99 28.71
C LEU C 616 25.16 -0.07 28.14
N VAL C 617 25.21 0.07 26.82
CA VAL C 617 26.07 1.01 26.14
C VAL C 617 25.17 2.03 25.46
N GLY C 618 25.11 3.24 26.01
CA GLY C 618 24.25 4.27 25.45
C GLY C 618 24.97 5.55 25.11
N THR C 619 24.20 6.62 24.94
CA THR C 619 24.72 7.96 24.66
C THR C 619 24.24 8.90 25.76
N GLY C 620 24.47 10.20 25.57
CA GLY C 620 24.08 11.17 26.57
C GLY C 620 22.59 11.44 26.65
N MET C 621 21.85 11.21 25.56
CA MET C 621 20.45 11.64 25.49
C MET C 621 19.50 10.75 26.27
N GLU C 622 19.93 9.56 26.69
CA GLU C 622 19.00 8.59 27.27
C GLU C 622 18.17 9.21 28.39
N LEU C 623 18.84 9.76 29.41
CA LEU C 623 18.11 10.27 30.57
C LEU C 623 17.43 11.60 30.27
N ARG C 624 18.06 12.46 29.45
CA ARG C 624 17.47 13.76 29.17
C ARG C 624 16.20 13.66 28.34
N ALA C 625 16.11 12.66 27.45
CA ALA C 625 14.96 12.55 26.57
C ALA C 625 13.75 11.94 27.27
N ALA C 626 13.97 11.10 28.29
CA ALA C 626 12.85 10.47 28.97
C ALA C 626 12.05 11.47 29.78
N ILE C 627 12.74 12.33 30.53
CA ILE C 627 12.04 13.30 31.39
C ILE C 627 11.30 14.32 30.52
N ASP C 628 11.92 14.78 29.43
CA ASP C 628 11.28 15.75 28.57
C ASP C 628 10.17 15.14 27.72
N ALA C 629 10.00 13.82 27.75
CA ALA C 629 8.91 13.20 27.00
C ALA C 629 7.57 13.40 27.71
N GLY C 630 7.55 13.30 29.03
CA GLY C 630 6.34 13.45 29.82
C GLY C 630 5.80 12.14 30.36
N ASP C 631 6.30 11.00 29.90
CA ASP C 631 5.84 9.71 30.40
C ASP C 631 6.56 9.28 31.69
N VAL C 632 7.33 10.18 32.29
CA VAL C 632 8.02 9.92 33.55
C VAL C 632 7.52 10.92 34.59
N VAL C 633 7.52 10.49 35.86
CA VAL C 633 7.01 11.31 36.95
C VAL C 633 8.18 12.06 37.58
N VAL C 634 8.15 13.38 37.50
CA VAL C 634 9.20 14.24 38.04
C VAL C 634 8.62 15.05 39.21
N ALA C 635 9.44 15.28 40.22
CA ALA C 635 9.05 16.07 41.38
C ALA C 635 9.40 17.54 41.14
N ASP C 636 8.45 18.43 41.43
CA ASP C 636 8.61 19.85 41.17
C ASP C 636 9.02 20.65 42.41
N LYS C 637 9.11 20.02 43.57
CA LYS C 637 9.56 20.70 44.79
C LYS C 637 10.40 19.76 45.62
N THR C 638 11.53 20.27 46.12
CA THR C 638 12.39 19.47 46.98
C THR C 638 11.65 19.10 48.26
N GLY C 639 11.83 17.86 48.70
CA GLY C 639 11.16 17.40 49.90
C GLY C 639 11.45 15.95 50.26
N VAL C 640 10.48 15.27 50.85
CA VAL C 640 10.63 13.89 51.29
C VAL C 640 9.33 13.15 51.00
N ILE C 641 9.45 11.84 50.82
CA ILE C 641 8.31 11.01 50.46
C ILE C 641 7.52 10.67 51.72
N GLU C 642 6.21 10.94 51.69
CA GLU C 642 5.31 10.55 52.77
C GLU C 642 4.79 9.13 52.60
N GLU C 643 4.31 8.80 51.40
CA GLU C 643 3.83 7.46 51.09
C GLU C 643 4.35 7.06 49.72
N VAL C 644 4.34 5.75 49.48
CA VAL C 644 4.67 5.17 48.18
C VAL C 644 3.78 3.94 47.98
N SER C 645 2.88 4.02 47.01
CA SER C 645 2.02 2.90 46.66
C SER C 645 1.96 2.79 45.15
N ALA C 646 1.60 1.60 44.67
CA ALA C 646 1.38 1.42 43.24
C ALA C 646 0.38 2.42 42.70
N ASP C 647 -0.48 2.97 43.56
CA ASP C 647 -1.54 3.87 43.12
C ASP C 647 -1.04 5.31 42.99
N TYR C 648 -0.30 5.80 43.99
CA TYR C 648 0.18 7.17 43.96
C TYR C 648 1.39 7.31 44.86
N ILE C 649 2.07 8.45 44.73
CA ILE C 649 3.28 8.77 45.48
C ILE C 649 3.15 10.21 45.97
N THR C 650 3.24 10.39 47.29
CA THR C 650 3.11 11.71 47.91
C THR C 650 4.45 12.17 48.47
N VAL C 651 4.72 13.47 48.35
CA VAL C 651 5.97 14.06 48.82
C VAL C 651 5.65 15.24 49.73
N MET C 652 6.39 15.33 50.83
CA MET C 652 6.25 16.43 51.79
C MET C 652 7.41 17.39 51.57
N ALA C 653 7.16 18.46 50.83
CA ALA C 653 8.20 19.41 50.50
C ALA C 653 8.69 20.14 51.75
N ASP C 654 9.91 20.68 51.65
CA ASP C 654 10.43 21.53 52.72
C ASP C 654 9.55 22.74 52.93
N ASP C 655 8.86 23.19 51.88
CA ASP C 655 7.97 24.34 51.97
C ASP C 655 6.77 24.09 52.87
N GLY C 656 6.62 22.87 53.40
CA GLY C 656 5.43 22.50 54.12
C GLY C 656 4.26 22.11 53.25
N THR C 657 4.27 22.50 51.97
CA THR C 657 3.24 22.10 51.03
C THR C 657 3.33 20.60 50.76
N ARG C 658 2.31 20.08 50.08
CA ARG C 658 2.19 18.64 49.84
C ARG C 658 1.73 18.41 48.40
N GLN C 659 2.60 17.78 47.61
CA GLN C 659 2.27 17.38 46.25
C GLN C 659 2.07 15.88 46.19
N SER C 660 1.20 15.45 45.28
CA SER C 660 0.93 14.03 45.08
C SER C 660 0.77 13.75 43.59
N TYR C 661 1.12 12.53 43.20
CA TYR C 661 1.17 12.13 41.80
C TYR C 661 0.46 10.78 41.64
N ARG C 662 -0.66 10.78 40.92
CA ARG C 662 -1.35 9.53 40.61
C ARG C 662 -0.63 8.84 39.45
N LEU C 663 -0.36 7.55 39.62
CA LEU C 663 0.40 6.78 38.63
C LEU C 663 -0.52 6.17 37.59
N ARG C 664 -0.19 6.39 36.32
CA ARG C 664 -0.85 5.65 35.25
C ARG C 664 -0.52 4.17 35.37
N LYS C 665 -1.56 3.34 35.41
CA LYS C 665 -1.41 1.90 35.62
C LYS C 665 -2.10 1.15 34.49
N PHE C 666 -1.30 0.53 33.62
CA PHE C 666 -1.83 -0.30 32.54
C PHE C 666 -2.81 0.47 31.67
N ALA C 667 -2.45 1.71 31.33
CA ALA C 667 -3.28 2.53 30.47
C ALA C 667 -3.03 2.17 29.01
N ARG C 668 -4.10 1.85 28.28
CA ARG C 668 -3.96 1.56 26.87
C ARG C 668 -3.52 2.81 26.12
N SER C 669 -2.37 2.72 25.45
CA SER C 669 -1.87 3.84 24.67
C SER C 669 -2.69 4.00 23.39
N ASN C 670 -2.39 5.09 22.66
CA ASN C 670 -3.08 5.33 21.40
C ASN C 670 -2.95 4.14 20.46
N HIS C 671 -1.78 3.51 20.41
CA HIS C 671 -1.50 2.43 19.50
C HIS C 671 -1.54 1.06 20.17
N GLY C 672 -2.03 0.98 21.41
CA GLY C 672 -2.20 -0.28 22.09
C GLY C 672 -1.10 -0.64 23.06
N THR C 673 0.03 0.06 23.02
CA THR C 673 1.11 -0.24 23.95
C THR C 673 0.67 0.08 25.38
N CYS C 674 1.40 -0.48 26.34
CA CYS C 674 1.09 -0.34 27.76
C CYS C 674 1.80 0.88 28.33
N ALA C 675 1.05 1.78 28.96
CA ALA C 675 1.58 3.01 29.52
C ALA C 675 1.79 2.92 31.03
N ASN C 676 2.03 1.72 31.54
CA ASN C 676 2.17 1.51 32.98
C ASN C 676 3.35 2.30 33.54
N GLN C 677 3.21 2.73 34.79
CA GLN C 677 4.25 3.45 35.51
C GLN C 677 4.56 2.72 36.81
N ARG C 678 5.82 2.82 37.25
CA ARG C 678 6.27 2.15 38.47
C ARG C 678 7.12 3.10 39.30
N PRO C 679 6.94 3.10 40.63
CA PRO C 679 7.70 4.03 41.47
C PRO C 679 9.12 3.52 41.72
N ILE C 680 10.07 4.45 41.72
CA ILE C 680 11.48 4.15 41.90
C ILE C 680 12.03 4.71 43.20
N VAL C 681 11.16 5.14 44.12
CA VAL C 681 11.59 5.74 45.37
C VAL C 681 10.93 5.00 46.53
N ASP C 682 11.58 5.07 47.70
CA ASP C 682 11.08 4.46 48.92
C ASP C 682 10.47 5.54 49.83
N ALA C 683 10.01 5.11 51.00
CA ALA C 683 9.25 5.99 51.88
C ALA C 683 10.11 7.13 52.41
N GLY C 684 11.18 6.79 53.14
CA GLY C 684 11.98 7.81 53.79
C GLY C 684 12.89 8.60 52.86
N GLN C 685 12.94 8.25 51.58
CA GLN C 685 13.88 8.88 50.66
C GLN C 685 13.75 10.39 50.68
N ARG C 686 14.89 11.07 50.53
CA ARG C 686 14.92 12.48 50.22
C ARG C 686 14.94 12.66 48.71
N VAL C 687 14.39 13.78 48.24
CA VAL C 687 14.33 14.07 46.81
C VAL C 687 14.60 15.54 46.58
N GLU C 688 14.96 15.87 45.34
CA GLU C 688 15.30 17.22 44.95
C GLU C 688 14.44 17.65 43.77
N ALA C 689 14.25 18.95 43.62
CA ALA C 689 13.37 19.47 42.57
C ALA C 689 13.86 19.01 41.21
N GLY C 690 12.96 18.39 40.45
CA GLY C 690 13.28 17.91 39.12
C GLY C 690 13.78 16.48 39.05
N GLN C 691 13.71 15.73 40.14
CA GLN C 691 14.16 14.35 40.15
C GLN C 691 13.07 13.42 39.59
N VAL C 692 13.44 12.16 39.39
CA VAL C 692 12.54 11.16 38.84
C VAL C 692 11.98 10.34 39.98
N ILE C 693 10.65 10.34 40.11
CA ILE C 693 9.98 9.62 41.19
C ILE C 693 9.55 8.23 40.74
N ALA C 694 9.05 8.09 39.53
CA ALA C 694 8.59 6.82 39.00
C ALA C 694 9.00 6.70 37.54
N ASP C 695 9.14 5.46 37.08
CA ASP C 695 9.53 5.20 35.70
C ASP C 695 8.30 5.09 34.81
N GLY C 696 8.48 5.49 33.55
CA GLY C 696 7.44 5.39 32.56
C GLY C 696 7.46 4.03 31.87
N PRO C 697 6.83 3.95 30.70
CA PRO C 697 6.77 2.66 29.99
C PRO C 697 8.13 2.13 29.58
N CYS C 698 8.91 2.94 28.85
CA CYS C 698 10.19 2.50 28.31
C CYS C 698 11.38 3.13 29.02
N THR C 699 11.22 3.51 30.28
CA THR C 699 12.29 4.17 31.02
C THR C 699 12.70 3.34 32.22
N GLN C 700 13.97 3.46 32.59
CA GLN C 700 14.50 2.86 33.82
C GLN C 700 15.43 3.86 34.48
N ASN C 701 15.13 4.21 35.73
CA ASN C 701 15.93 5.16 36.51
C ASN C 701 16.14 6.46 35.75
N GLY C 702 15.14 6.88 34.97
CA GLY C 702 15.11 8.20 34.37
C GLY C 702 15.54 8.27 32.92
N GLU C 703 16.15 7.21 32.38
CA GLU C 703 16.66 7.24 31.01
C GLU C 703 15.90 6.25 30.13
N MET C 704 15.81 6.60 28.84
CA MET C 704 15.05 5.80 27.89
C MET C 704 15.60 4.39 27.80
N ALA C 705 14.71 3.40 27.96
CA ALA C 705 15.05 1.99 27.84
C ALA C 705 14.11 1.36 26.81
N LEU C 706 14.48 1.46 25.53
CA LEU C 706 13.65 0.96 24.45
C LEU C 706 13.81 -0.53 24.21
N GLY C 707 14.81 -1.17 24.80
CA GLY C 707 15.02 -2.59 24.61
C GLY C 707 15.79 -3.21 25.74
N LYS C 708 16.30 -4.41 25.50
CA LYS C 708 17.09 -5.15 26.48
C LYS C 708 18.51 -5.36 25.96
N ASN C 709 19.43 -5.61 26.88
CA ASN C 709 20.79 -5.98 26.54
C ASN C 709 20.90 -7.50 26.48
N LEU C 710 21.41 -8.02 25.36
CA LEU C 710 21.44 -9.46 25.13
C LEU C 710 22.83 -9.91 24.73
N LEU C 711 23.13 -11.17 25.08
CA LEU C 711 24.40 -11.79 24.71
C LEU C 711 24.35 -12.21 23.25
N VAL C 712 25.21 -11.63 22.43
CA VAL C 712 25.17 -11.80 20.99
C VAL C 712 26.32 -12.69 20.53
N ALA C 713 26.06 -13.47 19.48
CA ALA C 713 27.07 -14.27 18.80
C ALA C 713 26.91 -14.05 17.31
N ILE C 714 28.00 -13.64 16.65
CA ILE C 714 27.95 -13.18 15.27
C ILE C 714 28.31 -14.30 14.29
N MET C 715 28.20 -15.56 14.71
CA MET C 715 28.49 -16.67 13.80
C MET C 715 27.24 -17.03 12.99
N PRO C 716 27.40 -17.41 11.72
CA PRO C 716 26.28 -18.04 11.01
C PRO C 716 26.01 -19.42 11.59
N TRP C 717 24.73 -19.74 11.78
CA TRP C 717 24.35 -20.91 12.57
C TRP C 717 23.34 -21.77 11.80
N GLU C 718 23.84 -22.85 11.18
CA GLU C 718 23.01 -23.92 10.63
C GLU C 718 21.89 -23.39 9.75
N GLY C 719 22.17 -22.30 9.03
CA GLY C 719 21.21 -21.77 8.09
C GLY C 719 19.89 -21.35 8.68
N HIS C 720 19.82 -21.13 9.99
CA HIS C 720 18.59 -20.65 10.61
C HIS C 720 18.55 -19.13 10.69
N ASN C 721 19.66 -18.49 11.04
CA ASN C 721 19.78 -17.04 10.96
C ASN C 721 20.46 -16.73 9.62
N TYR C 722 19.64 -16.40 8.62
CA TYR C 722 20.11 -16.28 7.25
C TYR C 722 19.24 -15.28 6.52
N GLU C 723 19.88 -14.31 5.85
CA GLU C 723 19.16 -13.31 5.08
C GLU C 723 18.43 -12.33 6.01
N ASP C 724 19.10 -11.93 7.08
CA ASP C 724 18.62 -11.04 8.14
C ASP C 724 17.77 -11.73 9.20
N ALA C 725 17.51 -13.03 9.09
CA ALA C 725 16.76 -13.72 10.14
C ALA C 725 17.59 -13.76 11.44
N ILE C 726 16.92 -14.12 12.53
CA ILE C 726 17.54 -14.12 13.86
C ILE C 726 17.09 -15.35 14.62
N ILE C 727 17.93 -15.78 15.57
CA ILE C 727 17.61 -16.88 16.47
C ILE C 727 17.81 -16.42 17.90
N LEU C 728 16.95 -16.88 18.79
CA LEU C 728 16.94 -16.42 20.18
C LEU C 728 17.03 -17.62 21.12
N SER C 729 17.53 -17.36 22.32
CA SER C 729 17.49 -18.34 23.39
C SER C 729 16.08 -18.43 23.95
N ASN C 730 15.62 -19.66 24.17
CA ASN C 730 14.29 -19.83 24.77
C ASN C 730 14.23 -19.16 26.15
N ARG C 731 15.38 -18.83 26.74
CA ARG C 731 15.38 -18.06 27.98
C ARG C 731 14.58 -16.78 27.82
N LEU C 732 14.68 -16.12 26.66
CA LEU C 732 13.96 -14.88 26.44
C LEU C 732 12.45 -15.05 26.50
N VAL C 733 11.96 -16.28 26.57
CA VAL C 733 10.53 -16.54 26.76
C VAL C 733 10.23 -16.93 28.20
N GLU C 734 11.02 -17.86 28.76
CA GLU C 734 10.77 -18.29 30.14
C GLU C 734 10.90 -17.16 31.13
N GLU C 735 11.81 -16.21 30.87
CA GLU C 735 12.09 -15.12 31.80
C GLU C 735 11.42 -13.81 31.40
N ASP C 736 10.60 -13.80 30.35
CA ASP C 736 9.82 -12.62 29.97
C ASP C 736 10.70 -11.39 29.80
N VAL C 737 11.84 -11.56 29.14
CA VAL C 737 12.73 -10.43 28.90
C VAL C 737 12.22 -9.59 27.74
N LEU C 738 11.68 -10.23 26.70
CA LEU C 738 11.12 -9.52 25.57
C LEU C 738 9.59 -9.54 25.57
N THR C 739 8.99 -9.84 26.72
CA THR C 739 7.54 -9.82 26.84
C THR C 739 7.03 -8.38 26.95
N SER C 740 5.85 -8.15 26.38
CA SER C 740 5.22 -6.84 26.41
C SER C 740 3.72 -7.02 26.48
N ILE C 741 3.03 -6.03 27.02
CA ILE C 741 1.59 -6.07 27.22
C ILE C 741 0.93 -5.20 26.15
N HIS C 742 -0.20 -5.66 25.63
CA HIS C 742 -0.98 -4.93 24.64
C HIS C 742 -2.45 -4.96 25.05
N ILE C 743 -3.15 -3.87 24.79
CA ILE C 743 -4.51 -3.68 25.27
C ILE C 743 -5.38 -3.18 24.12
N GLU C 744 -6.56 -3.79 23.97
CA GLU C 744 -7.53 -3.39 22.96
C GLU C 744 -8.73 -2.73 23.62
N GLU C 745 -9.45 -1.94 22.84
CA GLU C 745 -10.67 -1.29 23.28
C GLU C 745 -11.79 -1.65 22.33
N HIS C 746 -12.80 -2.34 22.84
CA HIS C 746 -13.98 -2.72 22.06
C HIS C 746 -15.18 -1.89 22.52
N GLU C 747 -16.03 -1.51 21.56
CA GLU C 747 -17.09 -0.56 21.83
C GLU C 747 -18.38 -1.00 21.13
N ILE C 748 -19.50 -0.77 21.81
CA ILE C 748 -20.82 -1.10 21.27
C ILE C 748 -21.83 -0.17 21.93
N ASP C 749 -22.82 0.27 21.16
CA ASP C 749 -23.84 1.18 21.67
C ASP C 749 -25.23 0.60 21.43
N ALA C 750 -26.18 1.05 22.25
CA ALA C 750 -27.58 0.67 22.14
C ALA C 750 -28.37 1.93 21.81
N ARG C 751 -28.82 2.04 20.57
CA ARG C 751 -29.47 3.25 20.06
C ARG C 751 -30.97 3.02 19.91
N ASP C 752 -31.67 4.09 19.54
CA ASP C 752 -33.10 4.03 19.27
C ASP C 752 -33.32 3.72 17.80
N THR C 753 -33.96 2.59 17.52
CA THR C 753 -34.26 2.17 16.16
C THR C 753 -35.69 2.54 15.79
N LYS C 754 -35.91 2.76 14.49
CA LYS C 754 -37.25 3.09 14.01
C LYS C 754 -38.28 2.05 14.44
N LEU C 755 -37.85 0.82 14.71
CA LEU C 755 -38.74 -0.27 15.07
C LEU C 755 -38.71 -0.58 16.57
N GLY C 756 -38.06 0.24 17.36
CA GLY C 756 -38.03 0.04 18.80
C GLY C 756 -36.79 0.70 19.41
N ALA C 757 -36.25 0.05 20.42
CA ALA C 757 -35.07 0.54 21.11
C ALA C 757 -34.11 -0.62 21.35
N GLU C 758 -32.86 -0.44 20.96
CA GLU C 758 -31.84 -1.45 21.24
C GLU C 758 -31.68 -1.63 22.75
N GLU C 759 -31.54 -2.88 23.18
CA GLU C 759 -31.42 -3.21 24.60
C GLU C 759 -30.19 -4.09 24.80
N ILE C 760 -29.30 -3.65 25.69
CA ILE C 760 -28.18 -4.48 26.12
C ILE C 760 -28.71 -5.46 27.16
N THR C 761 -28.59 -6.75 26.86
CA THR C 761 -29.18 -7.77 27.73
C THR C 761 -28.38 -9.06 27.64
N ARG C 762 -28.54 -9.89 28.67
CA ARG C 762 -27.94 -11.22 28.66
C ARG C 762 -28.73 -12.21 27.83
N ASP C 763 -29.97 -11.90 27.44
CA ASP C 763 -30.79 -12.81 26.66
C ASP C 763 -30.41 -12.71 25.19
N ILE C 764 -30.04 -13.84 24.60
CA ILE C 764 -29.69 -13.89 23.18
C ILE C 764 -30.67 -14.83 22.49
N PRO C 765 -31.12 -14.51 21.27
CA PRO C 765 -32.17 -15.32 20.62
C PRO C 765 -31.88 -16.81 20.59
N ASN C 766 -30.76 -17.20 19.98
CA ASN C 766 -30.40 -18.61 19.81
C ASN C 766 -28.96 -18.80 20.25
N VAL C 767 -28.77 -19.26 21.49
CA VAL C 767 -27.44 -19.48 22.06
C VAL C 767 -27.55 -20.53 23.16
N SER C 768 -26.43 -21.18 23.43
CA SER C 768 -26.36 -22.12 24.54
C SER C 768 -26.15 -21.36 25.85
N ASP C 769 -26.62 -21.95 26.95
CA ASP C 769 -26.36 -21.36 28.25
C ASP C 769 -24.87 -21.31 28.57
N GLU C 770 -24.05 -22.06 27.83
CA GLU C 770 -22.61 -22.05 28.07
C GLU C 770 -21.94 -20.82 27.48
N VAL C 771 -22.39 -20.39 26.29
CA VAL C 771 -21.78 -19.23 25.64
C VAL C 771 -21.94 -17.99 26.51
N LEU C 772 -22.98 -17.95 27.35
CA LEU C 772 -23.21 -16.84 28.27
C LEU C 772 -22.59 -17.09 29.64
N ALA C 773 -21.76 -18.12 29.78
CA ALA C 773 -21.26 -18.51 31.09
C ALA C 773 -20.43 -17.40 31.74
N ASP C 774 -19.84 -16.51 30.94
CA ASP C 774 -18.98 -15.45 31.46
C ASP C 774 -19.66 -14.09 31.49
N LEU C 775 -20.95 -14.02 31.15
CA LEU C 775 -21.70 -12.78 31.17
C LEU C 775 -22.38 -12.58 32.52
N ASP C 776 -22.53 -11.31 32.90
CA ASP C 776 -23.19 -10.94 34.14
C ASP C 776 -24.67 -10.68 33.86
N GLU C 777 -25.38 -10.07 34.80
CA GLU C 777 -26.81 -9.81 34.62
C GLU C 777 -27.07 -8.97 33.38
N ARG C 778 -26.37 -7.83 33.25
CA ARG C 778 -26.64 -6.91 32.16
C ARG C 778 -26.30 -7.48 30.80
N GLY C 779 -25.46 -8.51 30.75
CA GLY C 779 -25.02 -9.07 29.49
C GLY C 779 -23.66 -8.60 29.01
N ILE C 780 -22.82 -8.09 29.91
CA ILE C 780 -21.47 -7.65 29.56
C ILE C 780 -20.48 -8.59 30.25
N VAL C 781 -19.36 -8.84 29.57
CA VAL C 781 -18.39 -9.80 30.08
C VAL C 781 -17.97 -9.41 31.49
N ARG C 782 -17.77 -10.43 32.33
CA ARG C 782 -17.38 -10.19 33.71
C ARG C 782 -15.89 -9.88 33.80
N ILE C 783 -15.55 -8.85 34.58
CA ILE C 783 -14.17 -8.44 34.71
C ILE C 783 -13.33 -9.62 35.17
N GLY C 784 -12.15 -9.77 34.56
CA GLY C 784 -11.23 -10.83 34.91
C GLY C 784 -11.42 -12.12 34.14
N ALA C 785 -12.35 -12.18 33.20
CA ALA C 785 -12.60 -13.39 32.44
C ALA C 785 -11.65 -13.49 31.24
N GLU C 786 -11.57 -14.68 30.68
CA GLU C 786 -10.81 -14.93 29.47
C GLU C 786 -11.74 -14.93 28.26
N VAL C 787 -11.26 -14.39 27.14
CA VAL C 787 -12.05 -14.24 25.93
C VAL C 787 -11.30 -14.87 24.77
N ARG C 788 -12.02 -15.63 23.95
CA ARG C 788 -11.47 -16.31 22.79
C ARG C 788 -12.15 -15.78 21.53
N ASP C 789 -11.42 -15.85 20.42
CA ASP C 789 -11.94 -15.37 19.14
C ASP C 789 -13.37 -15.87 18.92
N GLY C 790 -14.30 -14.93 18.80
CA GLY C 790 -15.70 -15.23 18.63
C GLY C 790 -16.53 -15.20 19.90
N ASP C 791 -15.88 -15.08 21.06
CA ASP C 791 -16.60 -15.01 22.31
C ASP C 791 -17.42 -13.72 22.41
N ILE C 792 -18.38 -13.72 23.33
CA ILE C 792 -19.28 -12.59 23.51
C ILE C 792 -18.70 -11.66 24.56
N LEU C 793 -18.70 -10.36 24.26
CA LEU C 793 -18.28 -9.34 25.20
C LEU C 793 -19.45 -8.55 25.78
N VAL C 794 -20.35 -8.08 24.94
CA VAL C 794 -21.54 -7.33 25.35
C VAL C 794 -22.73 -7.85 24.56
N GLY C 795 -23.70 -8.42 25.26
CA GLY C 795 -24.90 -8.90 24.61
C GLY C 795 -25.82 -7.74 24.24
N LYS C 796 -26.24 -7.71 22.98
CA LYS C 796 -27.14 -6.68 22.49
C LYS C 796 -28.16 -7.32 21.56
N VAL C 797 -29.33 -6.70 21.48
CA VAL C 797 -30.42 -7.19 20.65
C VAL C 797 -31.14 -6.00 20.04
N THR C 798 -31.57 -6.14 18.78
CA THR C 798 -32.26 -5.09 18.07
C THR C 798 -33.58 -5.62 17.53
N PRO C 799 -34.63 -4.78 17.49
CA PRO C 799 -35.93 -5.24 17.01
C PRO C 799 -35.85 -5.75 15.57
N LYS C 800 -36.76 -6.67 15.23
CA LYS C 800 -36.83 -7.29 13.92
C LYS C 800 -38.18 -6.96 13.28
N GLY C 801 -38.22 -6.95 11.97
CA GLY C 801 -39.43 -6.63 11.23
C GLY C 801 -39.90 -7.78 10.36
N GLU C 802 -41.20 -8.06 10.41
CA GLU C 802 -41.83 -8.95 9.44
C GLU C 802 -40.99 -10.19 9.15
N THR C 803 -40.74 -11.00 10.19
CA THR C 803 -39.82 -12.13 10.07
C THR C 803 -40.09 -12.95 8.82
N GLU C 804 -41.28 -13.55 8.73
CA GLU C 804 -41.63 -14.45 7.63
C GLU C 804 -40.62 -15.60 7.54
N LEU C 805 -40.60 -16.40 8.61
CA LEU C 805 -39.66 -17.52 8.69
C LEU C 805 -39.91 -18.52 7.56
N THR C 806 -38.83 -19.20 7.16
CA THR C 806 -38.96 -20.25 6.17
C THR C 806 -39.82 -21.38 6.72
N PRO C 807 -40.62 -22.03 5.87
CA PRO C 807 -41.44 -23.15 6.36
C PRO C 807 -40.64 -24.21 7.09
N GLU C 808 -39.44 -24.52 6.59
CA GLU C 808 -38.58 -25.48 7.29
C GLU C 808 -38.17 -24.97 8.66
N GLU C 809 -38.13 -23.65 8.84
CA GLU C 809 -37.75 -23.08 10.13
C GLU C 809 -38.92 -23.02 11.11
N ARG C 810 -40.16 -22.93 10.59
CA ARG C 810 -41.31 -22.90 11.49
C ARG C 810 -41.68 -24.28 12.00
N LEU C 811 -41.46 -25.32 11.20
CA LEU C 811 -41.78 -26.67 11.65
C LEU C 811 -40.93 -27.05 12.86
N LEU C 812 -39.62 -26.77 12.80
CA LEU C 812 -38.76 -27.04 13.95
C LEU C 812 -39.16 -26.22 15.17
N ARG C 813 -39.63 -24.98 14.95
CA ARG C 813 -40.10 -24.17 16.07
C ARG C 813 -41.24 -24.85 16.81
N ALA C 814 -42.14 -25.51 16.07
CA ALA C 814 -43.25 -26.20 16.72
C ALA C 814 -42.79 -27.49 17.39
N ILE C 815 -41.87 -28.22 16.75
CA ILE C 815 -41.40 -29.49 17.31
C ILE C 815 -40.70 -29.25 18.63
N PHE C 816 -39.61 -28.48 18.61
CA PHE C 816 -38.84 -28.22 19.82
C PHE C 816 -39.42 -27.08 20.65
N GLY C 817 -40.50 -26.45 20.19
CA GLY C 817 -41.23 -25.51 21.02
C GLY C 817 -40.48 -24.26 21.40
N GLU C 818 -39.42 -23.90 20.65
CA GLU C 818 -38.70 -22.66 20.89
C GLU C 818 -39.39 -21.55 20.10
N LYS C 819 -40.12 -20.69 20.81
CA LYS C 819 -40.86 -19.62 20.16
C LYS C 819 -39.90 -18.68 19.43
N ALA C 820 -40.17 -18.46 18.14
CA ALA C 820 -39.34 -17.54 17.36
C ALA C 820 -39.34 -16.17 18.02
N ARG C 821 -38.15 -15.68 18.34
CA ARG C 821 -38.03 -14.43 19.06
C ARG C 821 -38.28 -13.24 18.13
N GLU C 822 -38.69 -12.13 18.72
CA GLU C 822 -39.10 -10.94 17.98
C GLU C 822 -37.94 -10.01 17.64
N VAL C 823 -36.71 -10.36 18.00
CA VAL C 823 -35.57 -9.47 17.86
C VAL C 823 -34.36 -10.24 17.34
N ARG C 824 -33.59 -9.59 16.49
CA ARG C 824 -32.37 -10.16 15.93
C ARG C 824 -31.20 -9.95 16.88
N ASP C 825 -30.18 -10.79 16.72
CA ASP C 825 -29.01 -10.79 17.61
C ASP C 825 -27.87 -10.00 16.95
N THR C 826 -27.65 -8.79 17.44
CA THR C 826 -26.51 -7.95 17.05
C THR C 826 -25.70 -7.70 18.31
N SER C 827 -24.75 -8.58 18.60
CA SER C 827 -23.99 -8.54 19.84
C SER C 827 -22.51 -8.33 19.54
N LEU C 828 -21.79 -7.79 20.51
CA LEU C 828 -20.37 -7.48 20.37
C LEU C 828 -19.55 -8.72 20.73
N LYS C 829 -18.69 -9.14 19.82
CA LYS C 829 -17.86 -10.33 20.01
C LYS C 829 -16.41 -9.96 19.76
N VAL C 830 -15.50 -10.81 20.25
CA VAL C 830 -14.08 -10.51 20.11
C VAL C 830 -13.65 -10.77 18.68
N PRO C 831 -12.81 -9.91 18.10
CA PRO C 831 -12.45 -10.07 16.68
C PRO C 831 -11.69 -11.37 16.43
N HIS C 832 -11.59 -11.71 15.15
CA HIS C 832 -10.89 -12.93 14.74
C HIS C 832 -9.43 -12.88 15.17
N GLY C 833 -8.91 -14.03 15.60
CA GLY C 833 -7.53 -14.15 15.98
C GLY C 833 -7.09 -13.14 17.03
N GLU C 834 -7.88 -12.99 18.09
CA GLU C 834 -7.59 -12.06 19.16
C GLU C 834 -8.07 -12.64 20.47
N SER C 835 -7.26 -12.51 21.53
CA SER C 835 -7.59 -13.12 22.80
C SER C 835 -6.87 -12.37 23.92
N GLY C 836 -7.38 -12.54 25.13
CA GLY C 836 -6.78 -11.88 26.28
C GLY C 836 -7.71 -11.94 27.48
N LYS C 837 -7.34 -11.20 28.51
CA LYS C 837 -8.11 -11.06 29.74
C LYS C 837 -8.85 -9.73 29.75
N VAL C 838 -10.00 -9.71 30.43
CA VAL C 838 -10.82 -8.50 30.54
C VAL C 838 -10.29 -7.67 31.70
N ILE C 839 -9.75 -6.49 31.40
CA ILE C 839 -9.17 -5.63 32.43
C ILE C 839 -10.26 -4.81 33.12
N GLY C 840 -10.95 -3.97 32.35
CA GLY C 840 -11.94 -3.08 32.93
C GLY C 840 -13.10 -2.85 31.98
N ILE C 841 -14.18 -2.33 32.54
CA ILE C 841 -15.41 -2.06 31.79
C ILE C 841 -15.84 -0.64 32.08
N ARG C 842 -16.36 0.04 31.05
CA ARG C 842 -16.85 1.41 31.16
C ARG C 842 -18.24 1.46 30.54
N VAL C 843 -19.24 1.80 31.34
CA VAL C 843 -20.63 1.78 30.92
C VAL C 843 -21.21 3.19 31.05
N PHE C 844 -21.74 3.70 29.95
CA PHE C 844 -22.49 4.96 29.93
C PHE C 844 -23.94 4.64 29.58
N SER C 845 -24.84 4.92 30.51
CA SER C 845 -26.26 4.64 30.31
C SER C 845 -27.03 5.94 30.14
N ARG C 846 -28.18 5.83 29.47
CA ARG C 846 -29.08 6.97 29.37
C ARG C 846 -29.93 7.13 30.62
N GLU C 847 -30.38 6.01 31.20
CA GLU C 847 -31.05 6.05 32.50
C GLU C 847 -30.21 6.85 33.48
N ASP C 848 -28.97 6.42 33.69
CA ASP C 848 -27.99 7.28 34.35
C ASP C 848 -27.82 8.54 33.52
N ASP C 849 -27.62 9.66 34.19
CA ASP C 849 -27.76 10.97 33.55
C ASP C 849 -26.90 11.17 32.32
N ASP C 850 -25.89 10.33 32.09
CA ASP C 850 -24.70 10.70 31.31
C ASP C 850 -25.04 11.33 29.97
N GLU C 851 -24.02 11.82 29.27
CA GLU C 851 -24.22 12.48 27.99
C GLU C 851 -23.96 11.51 26.84
N LEU C 852 -24.89 11.49 25.87
CA LEU C 852 -24.82 10.66 24.68
C LEU C 852 -25.45 11.41 23.51
N PRO C 853 -25.02 11.13 22.29
CA PRO C 853 -25.67 11.75 21.13
C PRO C 853 -27.12 11.29 20.98
N ALA C 854 -27.94 12.15 20.38
CA ALA C 854 -29.36 11.85 20.20
C ALA C 854 -29.54 10.50 19.52
N GLY C 855 -30.28 9.62 20.18
CA GLY C 855 -30.54 8.28 19.68
C GLY C 855 -29.79 7.19 20.42
N VAL C 856 -28.68 7.51 21.06
CA VAL C 856 -27.85 6.53 21.75
C VAL C 856 -28.27 6.49 23.21
N ASN C 857 -28.70 5.31 23.67
CA ASN C 857 -29.15 5.14 25.04
C ASN C 857 -28.05 4.64 25.97
N GLU C 858 -27.28 3.66 25.54
CA GLU C 858 -26.27 3.04 26.39
C GLU C 858 -25.03 2.73 25.57
N LEU C 859 -23.86 3.03 26.13
CA LEU C 859 -22.58 2.80 25.48
C LEU C 859 -21.64 2.16 26.48
N VAL C 860 -21.10 0.99 26.13
CA VAL C 860 -20.20 0.24 27.01
C VAL C 860 -18.91 -0.04 26.25
N ARG C 861 -17.78 0.18 26.93
CA ARG C 861 -16.46 -0.09 26.36
C ARG C 861 -15.75 -1.13 27.22
N VAL C 862 -15.17 -2.14 26.57
CA VAL C 862 -14.51 -3.25 27.24
C VAL C 862 -13.03 -3.24 26.85
N TYR C 863 -12.16 -3.33 27.85
CA TYR C 863 -10.72 -3.28 27.66
C TYR C 863 -10.13 -4.67 27.89
N VAL C 864 -9.57 -5.26 26.83
CA VAL C 864 -8.91 -6.56 26.91
C VAL C 864 -7.42 -6.35 26.77
N ALA C 865 -6.65 -7.07 27.58
CA ALA C 865 -5.19 -6.99 27.58
C ALA C 865 -4.61 -8.39 27.55
N GLN C 866 -3.39 -8.49 27.05
CA GLN C 866 -2.74 -9.79 26.90
C GLN C 866 -1.22 -9.63 26.98
N LYS C 867 -0.57 -10.63 27.58
CA LYS C 867 0.89 -10.70 27.61
C LYS C 867 1.37 -11.41 26.35
N ARG C 868 2.20 -10.73 25.56
CA ARG C 868 2.71 -11.27 24.31
C ARG C 868 4.17 -11.69 24.51
N LYS C 869 4.39 -13.00 24.60
CA LYS C 869 5.75 -13.52 24.62
C LYS C 869 6.43 -13.28 23.28
N ILE C 870 7.75 -13.13 23.32
CA ILE C 870 8.50 -12.96 22.08
C ILE C 870 8.35 -14.23 21.25
N SER C 871 7.85 -14.08 20.03
CA SER C 871 7.50 -15.22 19.18
C SER C 871 8.26 -15.17 17.86
N ASP C 872 8.51 -16.35 17.30
CA ASP C 872 9.15 -16.43 16.00
C ASP C 872 8.26 -15.76 14.95
N GLY C 873 8.86 -14.85 14.19
CA GLY C 873 8.14 -13.99 13.28
C GLY C 873 8.07 -12.55 13.76
N ASP C 874 8.26 -12.31 15.05
CA ASP C 874 8.30 -10.94 15.55
C ASP C 874 9.57 -10.24 15.07
N LYS C 875 9.48 -8.93 14.93
CA LYS C 875 10.54 -8.12 14.36
C LYS C 875 11.36 -7.50 15.48
N LEU C 876 12.65 -7.74 15.47
CA LEU C 876 13.60 -7.14 16.40
C LEU C 876 14.57 -6.26 15.62
N ALA C 877 15.37 -5.49 16.35
CA ALA C 877 16.34 -4.63 15.67
C ALA C 877 17.22 -3.94 16.70
N GLY C 878 18.37 -3.45 16.21
CA GLY C 878 19.25 -2.61 16.98
C GLY C 878 19.15 -1.17 16.50
N ARG C 879 19.89 -0.30 17.21
CA ARG C 879 19.85 1.12 16.93
C ARG C 879 20.58 1.51 15.64
N HIS C 880 21.21 0.56 14.96
CA HIS C 880 22.06 0.85 13.81
C HIS C 880 21.37 0.55 12.48
N GLY C 881 20.05 0.41 12.47
CA GLY C 881 19.34 0.06 11.26
C GLY C 881 19.33 -1.41 10.92
N ASN C 882 19.92 -2.26 11.78
CA ASN C 882 19.92 -3.69 11.57
C ASN C 882 18.61 -4.29 12.10
N LYS C 883 17.81 -4.86 11.19
CA LYS C 883 16.51 -5.40 11.53
C LYS C 883 16.39 -6.81 11.00
N GLY C 884 15.49 -7.58 11.62
CA GLY C 884 15.26 -8.95 11.17
C GLY C 884 14.25 -9.68 12.01
N VAL C 885 13.52 -10.62 11.40
CA VAL C 885 12.52 -11.38 12.14
C VAL C 885 13.20 -12.51 12.92
N ILE C 886 12.46 -13.03 13.90
CA ILE C 886 12.93 -14.16 14.69
C ILE C 886 12.73 -15.42 13.87
N GLY C 887 13.84 -15.98 13.35
CA GLY C 887 13.74 -17.18 12.54
C GLY C 887 13.46 -18.42 13.37
N LYS C 888 14.13 -18.55 14.51
CA LYS C 888 13.96 -19.72 15.34
C LYS C 888 14.37 -19.39 16.77
N ILE C 889 13.80 -20.14 17.71
CA ILE C 889 14.10 -19.98 19.14
C ILE C 889 14.49 -21.34 19.66
N LEU C 890 15.79 -21.51 20.02
CA LEU C 890 16.30 -22.80 20.43
C LEU C 890 16.17 -22.96 21.94
N PRO C 891 15.99 -24.19 22.42
CA PRO C 891 16.11 -24.44 23.86
C PRO C 891 17.46 -23.98 24.35
N VAL C 892 17.48 -23.37 25.55
CA VAL C 892 18.74 -22.91 26.11
C VAL C 892 19.80 -24.02 26.16
N GLU C 893 19.37 -25.29 26.10
CA GLU C 893 20.30 -26.41 26.15
C GLU C 893 21.25 -26.39 24.95
N ASP C 894 20.70 -26.42 23.74
CA ASP C 894 21.48 -26.54 22.51
C ASP C 894 21.60 -25.16 21.86
N MET C 895 22.63 -24.43 22.27
CA MET C 895 22.87 -23.07 21.77
C MET C 895 24.33 -22.74 22.00
N PRO C 896 24.97 -21.99 21.10
CA PRO C 896 26.36 -21.60 21.34
C PRO C 896 26.53 -20.98 22.71
N PHE C 897 27.27 -21.67 23.59
CA PHE C 897 27.44 -21.23 24.97
C PHE C 897 28.91 -21.14 25.30
N LEU C 898 29.28 -20.08 26.02
CA LEU C 898 30.66 -19.82 26.40
C LEU C 898 31.22 -20.93 27.26
N PRO C 899 32.54 -21.01 27.42
CA PRO C 899 33.12 -22.00 28.34
C PRO C 899 32.51 -21.97 29.73
N ASP C 900 31.93 -20.84 30.13
CA ASP C 900 31.24 -20.77 31.42
C ASP C 900 30.04 -21.71 31.48
N GLY C 901 29.49 -22.11 30.33
CA GLY C 901 28.18 -22.69 30.28
C GLY C 901 27.06 -21.67 30.16
N THR C 902 27.40 -20.45 29.76
CA THR C 902 26.44 -19.35 29.66
C THR C 902 25.91 -19.26 28.24
N PRO C 903 24.68 -19.69 27.96
CA PRO C 903 24.20 -19.68 26.59
C PRO C 903 24.01 -18.26 26.07
N VAL C 904 24.37 -18.06 24.80
CA VAL C 904 24.11 -16.78 24.17
C VAL C 904 22.62 -16.66 23.87
N ASP C 905 22.11 -15.44 23.92
CA ASP C 905 20.68 -15.21 23.75
C ASP C 905 20.29 -15.02 22.28
N ILE C 906 21.13 -14.35 21.50
CA ILE C 906 20.87 -14.10 20.08
C ILE C 906 22.06 -14.55 19.25
N ILE C 907 21.78 -14.95 18.02
CA ILE C 907 22.81 -15.35 17.06
C ILE C 907 22.53 -14.59 15.77
N LEU C 908 23.38 -13.60 15.46
CA LEU C 908 23.21 -12.75 14.29
C LEU C 908 24.12 -13.23 13.18
N ASN C 909 23.61 -13.19 11.94
CA ASN C 909 24.37 -13.68 10.80
C ASN C 909 25.53 -12.73 10.49
N THR C 910 26.64 -13.31 10.02
CA THR C 910 27.84 -12.54 9.77
C THR C 910 27.80 -11.78 8.44
N HIS C 911 27.02 -12.27 7.49
CA HIS C 911 27.12 -11.79 6.12
C HIS C 911 26.42 -10.44 5.93
N GLY C 912 25.27 -10.25 6.58
CA GLY C 912 24.56 -8.98 6.45
C GLY C 912 25.27 -7.80 7.07
N VAL C 913 26.30 -8.02 7.87
CA VAL C 913 26.99 -6.94 8.59
C VAL C 913 27.94 -6.19 7.67
N PRO C 914 28.87 -6.87 6.98
CA PRO C 914 29.93 -6.13 6.28
C PRO C 914 29.44 -5.21 5.17
N ARG C 915 28.49 -5.66 4.36
CA ARG C 915 28.10 -4.91 3.17
C ARG C 915 27.20 -3.71 3.47
N ARG C 916 26.51 -3.71 4.60
CA ARG C 916 25.54 -2.67 4.88
C ARG C 916 26.15 -1.39 5.44
N MET C 917 27.44 -1.41 5.82
CA MET C 917 28.16 -0.23 6.28
C MET C 917 27.72 0.24 7.66
N ASN C 918 27.12 -0.64 8.46
CA ASN C 918 26.76 -0.31 9.84
C ASN C 918 27.64 -1.17 10.74
N ILE C 919 28.86 -0.69 11.00
CA ILE C 919 29.80 -1.40 11.86
C ILE C 919 29.68 -0.98 13.32
N GLY C 920 28.95 0.09 13.61
CA GLY C 920 28.71 0.45 15.00
C GLY C 920 28.12 -0.68 15.81
N GLN C 921 27.30 -1.52 15.17
CA GLN C 921 26.68 -2.63 15.89
C GLN C 921 27.74 -3.60 16.42
N ILE C 922 28.89 -3.69 15.75
CA ILE C 922 29.97 -4.51 16.26
C ILE C 922 30.69 -3.80 17.41
N LEU C 923 30.90 -2.49 17.27
CA LEU C 923 31.55 -1.73 18.34
C LEU C 923 30.77 -1.86 19.64
N GLU C 924 29.47 -1.52 19.63
CA GLU C 924 28.68 -1.65 20.84
C GLU C 924 28.54 -3.10 21.29
N THR C 925 28.79 -4.06 20.40
CA THR C 925 28.84 -5.45 20.82
C THR C 925 30.08 -5.72 21.65
N HIS C 926 31.20 -5.06 21.31
CA HIS C 926 32.41 -5.17 22.13
C HIS C 926 32.26 -4.39 23.42
N LEU C 927 31.93 -3.11 23.32
CA LEU C 927 31.73 -2.29 24.52
C LEU C 927 30.67 -2.90 25.42
N GLY C 928 29.60 -3.44 24.83
CA GLY C 928 28.57 -4.09 25.62
C GLY C 928 29.13 -5.16 26.54
N TRP C 929 30.13 -5.90 26.07
CA TRP C 929 30.77 -6.89 26.92
C TRP C 929 31.68 -6.23 27.96
N VAL C 930 32.36 -5.15 27.57
CA VAL C 930 33.21 -4.42 28.52
C VAL C 930 32.39 -3.97 29.72
N ALA C 931 31.28 -3.27 29.46
CA ALA C 931 30.45 -2.76 30.54
C ALA C 931 29.82 -3.87 31.37
N LYS C 932 29.75 -5.09 30.85
CA LYS C 932 29.09 -6.17 31.57
C LYS C 932 30.01 -6.85 32.57
N ALA C 933 31.26 -7.08 32.19
CA ALA C 933 32.22 -7.79 33.04
C ALA C 933 33.15 -6.85 33.79
N GLY C 934 33.12 -5.56 33.49
CA GLY C 934 34.02 -4.62 34.14
C GLY C 934 35.39 -4.59 33.49
N TRP C 935 36.29 -3.82 34.11
CA TRP C 935 37.64 -3.70 33.59
C TRP C 935 38.48 -2.89 34.55
N ASN C 936 39.80 -2.98 34.38
CA ASN C 936 40.75 -2.19 35.16
C ASN C 936 41.98 -1.96 34.30
N ILE C 937 42.21 -0.70 33.92
CA ILE C 937 43.40 -0.36 33.16
C ILE C 937 44.63 -0.53 34.04
N ASP C 938 45.74 -0.94 33.42
CA ASP C 938 46.96 -1.25 34.16
C ASP C 938 47.51 -0.02 34.88
N VAL C 939 47.45 -0.03 36.20
CA VAL C 939 48.17 0.97 36.99
C VAL C 939 49.66 0.72 36.99
N ALA C 940 50.12 -0.32 36.28
CA ALA C 940 51.54 -0.67 36.35
C ALA C 940 52.39 0.41 35.72
N ALA C 941 53.03 1.18 36.60
CA ALA C 941 54.07 2.16 36.27
C ALA C 941 53.52 3.42 35.60
N GLY C 942 52.24 3.44 35.21
CA GLY C 942 51.71 4.59 34.52
C GLY C 942 50.63 4.22 33.54
N VAL C 943 50.10 5.25 32.86
CA VAL C 943 48.98 5.10 31.95
C VAL C 943 49.46 4.69 30.56
N PRO C 944 48.98 3.57 30.01
CA PRO C 944 49.40 3.18 28.65
C PRO C 944 49.20 4.28 27.63
N ASP C 945 49.77 4.12 26.43
CA ASP C 945 49.74 5.19 25.43
C ASP C 945 48.34 5.39 24.86
N TRP C 946 47.51 4.35 24.82
CA TRP C 946 46.19 4.49 24.20
C TRP C 946 45.25 5.31 25.06
N ALA C 947 45.41 5.28 26.39
CA ALA C 947 44.62 6.09 27.29
C ALA C 947 45.20 7.49 27.49
N SER C 948 46.20 7.87 26.69
CA SER C 948 46.85 9.15 26.88
C SER C 948 45.96 10.32 26.46
N LYS C 949 45.02 10.09 25.55
CA LYS C 949 44.23 11.19 24.98
C LYS C 949 42.89 11.32 25.71
N LEU C 950 42.99 11.82 26.94
CA LEU C 950 41.89 12.31 27.77
C LEU C 950 40.76 11.32 28.04
N PRO C 951 41.05 10.05 28.37
CA PRO C 951 40.10 9.28 29.18
C PRO C 951 40.38 9.49 30.67
N GLU C 952 39.45 10.08 31.40
CA GLU C 952 39.71 10.51 32.77
C GLU C 952 38.81 9.75 33.73
N GLU C 953 39.41 9.17 34.77
CA GLU C 953 38.71 8.44 35.82
C GLU C 953 37.92 7.25 35.28
N LEU C 954 38.08 6.93 34.00
CA LEU C 954 37.45 5.77 33.39
C LEU C 954 38.32 4.53 33.46
N TYR C 955 39.41 4.57 34.24
CA TYR C 955 40.37 3.48 34.25
C TYR C 955 39.78 2.20 34.83
N SER C 956 38.87 2.33 35.80
CA SER C 956 38.27 1.18 36.45
C SER C 956 36.76 1.36 36.50
N ALA C 957 36.04 0.25 36.32
CA ALA C 957 34.59 0.24 36.40
C ALA C 957 34.17 -1.15 36.85
N PRO C 958 33.21 -1.26 37.77
CA PRO C 958 32.79 -2.59 38.24
C PRO C 958 32.01 -3.34 37.18
N ALA C 959 31.57 -4.56 37.51
CA ALA C 959 30.78 -5.35 36.58
C ALA C 959 29.36 -4.79 36.49
N ASP C 960 28.84 -4.74 35.26
CA ASP C 960 27.48 -4.29 34.95
C ASP C 960 27.36 -2.77 34.93
N SER C 961 28.46 -2.03 35.03
CA SER C 961 28.37 -0.58 34.99
C SER C 961 28.02 -0.09 33.59
N THR C 962 27.11 0.89 33.52
CA THR C 962 26.64 1.39 32.24
C THR C 962 27.62 2.42 31.67
N VAL C 963 27.59 2.58 30.35
CA VAL C 963 28.53 3.43 29.63
C VAL C 963 27.74 4.35 28.70
N ALA C 964 28.31 5.52 28.42
CA ALA C 964 27.73 6.49 27.51
C ALA C 964 28.81 7.02 26.59
N THR C 965 28.61 6.85 25.28
CA THR C 965 29.53 7.35 24.25
C THR C 965 28.77 8.35 23.39
N PRO C 966 28.82 9.63 23.71
CA PRO C 966 28.15 10.63 22.86
C PRO C 966 28.55 10.44 21.40
N VAL C 967 27.63 10.79 20.50
CA VAL C 967 27.74 10.36 19.11
C VAL C 967 29.10 10.70 18.53
N PHE C 968 29.43 11.98 18.45
CA PHE C 968 30.65 12.42 17.79
C PHE C 968 31.79 12.69 18.76
N ASP C 969 31.56 12.55 20.06
CA ASP C 969 32.61 12.67 21.05
C ASP C 969 32.84 11.36 21.79
N GLY C 970 32.18 10.29 21.38
CA GLY C 970 32.25 9.02 22.06
C GLY C 970 33.63 8.38 22.04
N ALA C 971 33.71 7.13 22.52
CA ALA C 971 34.97 6.43 22.57
C ALA C 971 35.58 6.28 21.17
N GLN C 972 36.86 5.98 21.14
CA GLN C 972 37.62 5.85 19.90
C GLN C 972 38.23 4.46 19.80
N GLU C 973 38.64 4.11 18.57
CA GLU C 973 39.06 2.74 18.28
C GLU C 973 40.17 2.27 19.21
N GLY C 974 41.22 3.08 19.35
CA GLY C 974 42.32 2.69 20.22
C GLY C 974 41.87 2.35 21.63
N GLU C 975 41.03 3.20 22.21
CA GLU C 975 40.57 2.99 23.58
C GLU C 975 39.80 1.70 23.73
N LEU C 976 39.11 1.26 22.66
CA LEU C 976 38.38 -0.01 22.73
C LEU C 976 39.33 -1.18 22.98
N ALA C 977 40.28 -1.39 22.07
CA ALA C 977 41.21 -2.51 22.19
C ALA C 977 41.80 -2.58 23.59
N GLY C 978 42.37 -1.48 24.08
CA GLY C 978 42.92 -1.46 25.41
C GLY C 978 41.96 -1.97 26.47
N LEU C 979 40.66 -1.73 26.27
CA LEU C 979 39.66 -2.21 27.21
C LEU C 979 39.22 -3.65 26.94
N LEU C 980 39.38 -4.13 25.70
CA LEU C 980 38.95 -5.49 25.39
C LEU C 980 39.59 -6.51 26.32
N GLY C 981 40.87 -6.35 26.62
CA GLY C 981 41.51 -7.15 27.65
C GLY C 981 41.34 -6.49 29.00
N SER C 982 40.54 -7.07 29.88
CA SER C 982 40.16 -6.41 31.12
C SER C 982 39.65 -7.46 32.11
N THR C 983 39.13 -6.99 33.25
CA THR C 983 38.84 -7.82 34.42
C THR C 983 38.16 -9.13 34.02
N LEU C 984 38.49 -10.21 34.74
CA LEU C 984 38.16 -11.55 34.29
C LEU C 984 37.71 -12.44 35.44
N PRO C 985 36.61 -12.09 36.10
CA PRO C 985 35.80 -13.13 36.73
C PRO C 985 34.61 -13.52 35.87
N ASN C 986 34.31 -14.81 35.79
CA ASN C 986 32.91 -15.25 35.63
C ASN C 986 32.35 -15.59 37.01
N ARG C 987 32.86 -16.65 37.63
CA ARG C 987 33.01 -16.71 39.09
C ARG C 987 34.47 -17.03 39.35
N ASP C 988 34.99 -18.03 38.66
CA ASP C 988 36.40 -18.37 38.67
C ASP C 988 37.19 -17.33 37.87
N GLY C 989 38.50 -17.28 38.11
CA GLY C 989 39.33 -16.25 37.53
C GLY C 989 39.78 -16.48 36.10
N GLU C 990 38.89 -16.99 35.25
CA GLU C 990 39.20 -17.25 33.86
C GLU C 990 38.52 -16.23 32.96
N VAL C 991 39.26 -15.73 31.98
CA VAL C 991 38.69 -14.81 31.00
C VAL C 991 37.73 -15.58 30.09
N MET C 992 36.71 -14.87 29.60
CA MET C 992 35.75 -15.43 28.66
C MET C 992 35.79 -14.77 27.29
N VAL C 993 36.56 -13.70 27.12
CA VAL C 993 36.65 -13.01 25.84
C VAL C 993 38.04 -12.40 25.72
N ASP C 994 38.66 -12.58 24.55
CA ASP C 994 40.03 -12.13 24.33
C ASP C 994 40.03 -10.64 23.97
N ALA C 995 41.19 -10.14 23.56
CA ALA C 995 41.34 -8.73 23.18
C ALA C 995 40.82 -8.45 21.77
N ASP C 996 40.37 -9.46 21.04
CA ASP C 996 39.74 -9.29 19.74
C ASP C 996 38.23 -9.35 19.81
N GLY C 997 37.66 -9.53 21.01
CA GLY C 997 36.22 -9.66 21.15
C GLY C 997 35.67 -10.99 20.70
N LYS C 998 36.43 -12.07 20.87
CA LYS C 998 36.00 -13.39 20.42
C LYS C 998 36.11 -14.39 21.58
N SER C 999 35.38 -15.48 21.44
CA SER C 999 35.37 -16.55 22.43
C SER C 999 35.08 -17.87 21.73
N THR C 1000 35.49 -18.95 22.39
CA THR C 1000 35.30 -20.29 21.85
C THR C 1000 33.97 -20.83 22.36
N LEU C 1001 32.97 -20.87 21.49
CA LEU C 1001 31.64 -21.33 21.86
C LEU C 1001 31.52 -22.84 21.63
N PHE C 1002 30.74 -23.48 22.48
CA PHE C 1002 30.47 -24.91 22.39
C PHE C 1002 29.08 -25.14 21.81
N ASP C 1003 29.02 -25.91 20.74
CA ASP C 1003 27.72 -26.24 20.15
C ASP C 1003 26.89 -27.05 21.13
N GLY C 1004 25.67 -26.58 21.39
CA GLY C 1004 24.80 -27.24 22.34
C GLY C 1004 24.15 -28.53 21.86
N ARG C 1005 24.33 -28.88 20.58
CA ARG C 1005 23.76 -30.11 20.04
C ARG C 1005 24.79 -31.23 19.97
N SER C 1006 25.88 -31.02 19.26
CA SER C 1006 26.94 -32.02 19.19
C SER C 1006 27.82 -31.99 20.43
N GLY C 1007 27.89 -30.85 21.11
CA GLY C 1007 28.70 -30.74 22.31
C GLY C 1007 30.17 -30.52 22.06
N GLU C 1008 30.56 -30.12 20.85
CA GLU C 1008 31.96 -29.93 20.53
C GLU C 1008 32.23 -28.46 20.21
N PRO C 1009 33.42 -27.97 20.50
CA PRO C 1009 33.70 -26.55 20.28
C PRO C 1009 33.67 -26.19 18.81
N PHE C 1010 33.31 -24.94 18.54
CA PHE C 1010 33.34 -24.49 17.15
C PHE C 1010 34.78 -24.22 16.72
N PRO C 1011 35.16 -24.63 15.52
CA PRO C 1011 36.58 -24.62 15.14
C PRO C 1011 37.29 -23.30 15.37
N TYR C 1012 36.63 -22.17 15.14
CA TYR C 1012 37.27 -20.87 15.18
C TYR C 1012 36.74 -20.02 16.33
N PRO C 1013 37.46 -18.96 16.70
CA PRO C 1013 36.93 -18.05 17.73
C PRO C 1013 35.81 -17.19 17.17
N VAL C 1014 34.70 -17.14 17.91
CA VAL C 1014 33.52 -16.40 17.49
C VAL C 1014 33.40 -15.14 18.34
N THR C 1015 32.89 -14.08 17.72
CA THR C 1015 32.68 -12.83 18.42
C THR C 1015 31.42 -12.91 19.28
N VAL C 1016 31.57 -12.61 20.57
CA VAL C 1016 30.44 -12.56 21.50
C VAL C 1016 30.42 -11.19 22.14
N GLY C 1017 29.33 -10.92 22.85
CA GLY C 1017 29.17 -9.64 23.52
C GLY C 1017 27.71 -9.38 23.82
N TYR C 1018 27.44 -8.15 24.24
CA TYR C 1018 26.10 -7.71 24.60
C TYR C 1018 25.69 -6.58 23.65
N MET C 1019 24.56 -6.75 22.99
CA MET C 1019 24.02 -5.75 22.08
C MET C 1019 22.64 -5.33 22.56
N TYR C 1020 22.28 -4.08 22.25
CA TYR C 1020 21.00 -3.50 22.65
C TYR C 1020 20.03 -3.61 21.47
N ILE C 1021 19.05 -4.50 21.60
CA ILE C 1021 18.08 -4.76 20.54
C ILE C 1021 16.68 -4.44 21.05
N LEU C 1022 15.85 -3.88 20.17
CA LEU C 1022 14.52 -3.42 20.51
C LEU C 1022 13.47 -4.34 19.91
N LYS C 1023 12.31 -4.40 20.57
CA LYS C 1023 11.15 -5.13 20.07
C LYS C 1023 10.25 -4.16 19.33
N LEU C 1024 10.04 -4.40 18.04
CA LEU C 1024 9.32 -3.48 17.17
C LEU C 1024 7.85 -3.85 17.07
N HIS C 1025 7.04 -2.83 16.75
CA HIS C 1025 5.58 -2.95 16.79
C HIS C 1025 5.01 -3.75 15.63
N HIS C 1026 5.82 -4.46 14.86
CA HIS C 1026 5.33 -5.37 13.82
C HIS C 1026 5.32 -6.77 14.40
N LEU C 1027 4.15 -7.25 14.77
CA LEU C 1027 3.99 -8.54 15.44
C LEU C 1027 3.22 -9.52 14.56
N VAL C 1028 3.58 -10.80 14.69
CA VAL C 1028 2.96 -11.83 13.86
C VAL C 1028 1.48 -11.97 14.16
N ASP C 1029 1.12 -11.95 15.45
CA ASP C 1029 -0.29 -12.12 15.83
C ASP C 1029 -1.18 -11.14 15.07
N ASP C 1030 -0.68 -9.93 14.83
CA ASP C 1030 -1.45 -8.90 14.16
C ASP C 1030 -1.35 -8.98 12.64
N LYS C 1031 -0.32 -9.64 12.12
CA LYS C 1031 -0.06 -9.66 10.68
C LYS C 1031 -0.48 -10.96 10.00
N ILE C 1032 -0.90 -11.97 10.76
CA ILE C 1032 -1.30 -13.25 10.19
C ILE C 1032 -2.80 -13.22 9.92
N HIS C 1033 -3.17 -13.30 8.65
CA HIS C 1033 -4.57 -13.34 8.25
C HIS C 1033 -4.84 -14.58 7.42
N ALA C 1034 -6.09 -15.04 7.45
CA ALA C 1034 -6.51 -16.17 6.63
C ALA C 1034 -8.01 -16.10 6.44
N ARG C 1035 -8.47 -16.56 5.27
CA ARG C 1035 -9.87 -16.44 4.90
C ARG C 1035 -10.24 -17.56 3.94
N SER C 1036 -11.32 -18.27 4.25
CA SER C 1036 -11.94 -19.20 3.30
C SER C 1036 -13.14 -18.56 2.63
N THR C 1037 -14.12 -18.13 3.44
CA THR C 1037 -15.25 -17.34 2.96
C THR C 1037 -15.55 -16.29 4.02
N GLY C 1038 -16.19 -15.21 3.60
CA GLY C 1038 -16.50 -14.11 4.49
C GLY C 1038 -17.41 -13.08 3.87
N PRO C 1039 -17.43 -11.88 4.43
CA PRO C 1039 -18.28 -10.82 3.88
C PRO C 1039 -17.85 -10.43 2.48
N TYR C 1040 -18.80 -9.89 1.72
CA TYR C 1040 -18.55 -9.42 0.36
C TYR C 1040 -18.99 -7.96 0.24
N SER C 1041 -18.28 -7.23 -0.63
CA SER C 1041 -18.65 -5.83 -0.88
C SER C 1041 -20.05 -5.74 -1.46
N MET C 1042 -20.69 -4.58 -1.24
CA MET C 1042 -22.09 -4.43 -1.61
C MET C 1042 -22.26 -4.24 -3.12
N ILE C 1043 -21.65 -3.19 -3.68
CA ILE C 1043 -21.79 -2.92 -5.10
C ILE C 1043 -21.08 -3.99 -5.92
N THR C 1044 -19.77 -4.13 -5.71
CA THR C 1044 -19.01 -5.24 -6.26
C THR C 1044 -19.05 -6.40 -5.27
N GLN C 1045 -19.24 -7.61 -5.80
CA GLN C 1045 -19.37 -8.77 -4.93
C GLN C 1045 -18.04 -9.32 -4.45
N GLN C 1046 -16.95 -8.56 -4.60
CA GLN C 1046 -15.65 -9.05 -4.22
C GLN C 1046 -15.49 -9.05 -2.70
N PRO C 1047 -14.66 -9.94 -2.16
CA PRO C 1047 -14.34 -9.89 -0.73
C PRO C 1047 -13.64 -8.58 -0.38
N LEU C 1048 -14.02 -8.01 0.75
CA LEU C 1048 -13.49 -6.71 1.16
C LEU C 1048 -12.24 -6.91 2.01
N GLY C 1049 -11.14 -6.30 1.59
CA GLY C 1049 -9.86 -6.53 2.24
C GLY C 1049 -9.79 -5.96 3.64
N GLY C 1050 -8.69 -6.30 4.31
CA GLY C 1050 -8.47 -5.90 5.68
C GLY C 1050 -8.88 -6.96 6.68
N LYS C 1051 -8.10 -7.12 7.76
CA LYS C 1051 -8.46 -8.10 8.77
C LYS C 1051 -9.71 -7.70 9.53
N ALA C 1052 -9.98 -6.39 9.63
CA ALA C 1052 -11.18 -5.94 10.33
C ALA C 1052 -12.44 -6.57 9.73
N GLN C 1053 -12.51 -6.62 8.39
CA GLN C 1053 -13.64 -7.22 7.70
C GLN C 1053 -13.44 -8.68 7.37
N PHE C 1054 -12.43 -9.33 7.97
CA PHE C 1054 -12.14 -10.74 7.72
C PHE C 1054 -11.91 -11.01 6.23
N GLY C 1055 -11.32 -10.03 5.53
CA GLY C 1055 -11.27 -10.08 4.09
C GLY C 1055 -10.15 -10.94 3.55
N GLY C 1056 -10.16 -11.11 2.23
CA GLY C 1056 -9.18 -11.90 1.53
C GLY C 1056 -8.12 -11.04 0.85
N GLN C 1057 -7.11 -11.71 0.32
CA GLN C 1057 -6.00 -11.02 -0.31
C GLN C 1057 -6.42 -10.45 -1.67
N ARG C 1058 -5.59 -9.54 -2.19
CA ARG C 1058 -5.83 -8.91 -3.48
C ARG C 1058 -4.90 -9.54 -4.51
N PHE C 1059 -5.49 -10.25 -5.47
CA PHE C 1059 -4.76 -10.78 -6.61
C PHE C 1059 -4.81 -9.73 -7.71
N GLY C 1060 -3.71 -8.98 -7.86
CA GLY C 1060 -3.70 -7.78 -8.67
C GLY C 1060 -3.22 -8.00 -10.09
N GLU C 1061 -3.08 -6.88 -10.80
CA GLU C 1061 -2.65 -6.90 -12.19
C GLU C 1061 -1.34 -7.65 -12.36
N MET C 1062 -0.30 -7.21 -11.64
CA MET C 1062 1.00 -7.85 -11.76
C MET C 1062 0.92 -9.35 -11.51
N GLU C 1063 0.11 -9.76 -10.52
CA GLU C 1063 -0.03 -11.18 -10.24
C GLU C 1063 -0.68 -11.91 -11.42
N CYS C 1064 -1.70 -11.29 -12.01
CA CYS C 1064 -2.32 -11.90 -13.19
C CYS C 1064 -1.33 -12.03 -14.33
N TRP C 1065 -0.40 -11.08 -14.46
CA TRP C 1065 0.66 -11.21 -15.44
C TRP C 1065 1.47 -12.48 -15.20
N ALA C 1066 1.96 -12.66 -13.97
CA ALA C 1066 2.73 -13.86 -13.66
C ALA C 1066 1.92 -15.11 -13.94
N MET C 1067 0.63 -15.10 -13.59
CA MET C 1067 -0.23 -16.24 -13.87
C MET C 1067 -0.32 -16.50 -15.37
N GLN C 1068 -0.40 -15.44 -16.16
CA GLN C 1068 -0.48 -15.59 -17.62
C GLN C 1068 0.84 -16.10 -18.20
N ALA C 1069 1.97 -15.64 -17.65
CA ALA C 1069 3.26 -16.10 -18.14
C ALA C 1069 3.41 -17.61 -17.96
N TYR C 1070 2.90 -18.14 -16.85
CA TYR C 1070 2.95 -19.59 -16.64
C TYR C 1070 2.04 -20.34 -17.61
N GLY C 1071 1.06 -19.67 -18.20
CA GLY C 1071 0.11 -20.34 -19.07
C GLY C 1071 -0.97 -21.10 -18.34
N ALA C 1072 -1.24 -20.75 -17.07
CA ALA C 1072 -2.25 -21.44 -16.28
C ALA C 1072 -3.56 -20.69 -16.41
N ALA C 1073 -4.38 -21.11 -17.38
CA ALA C 1073 -5.65 -20.44 -17.61
C ALA C 1073 -6.66 -20.77 -16.51
N TYR C 1074 -6.78 -22.05 -16.16
CA TYR C 1074 -7.79 -22.45 -15.19
C TYR C 1074 -7.52 -21.86 -13.81
N THR C 1075 -6.25 -21.84 -13.39
CA THR C 1075 -5.91 -21.17 -12.14
C THR C 1075 -6.30 -19.71 -12.18
N LEU C 1076 -5.99 -19.03 -13.28
CA LEU C 1076 -6.30 -17.61 -13.40
C LEU C 1076 -7.80 -17.37 -13.42
N GLN C 1077 -8.53 -18.14 -14.23
CA GLN C 1077 -9.98 -17.98 -14.27
C GLN C 1077 -10.60 -18.23 -12.90
N GLU C 1078 -10.11 -19.23 -12.18
CA GLU C 1078 -10.65 -19.56 -10.86
C GLU C 1078 -10.53 -18.36 -9.92
N LEU C 1079 -9.33 -17.78 -9.83
CA LEU C 1079 -9.12 -16.65 -8.93
C LEU C 1079 -10.05 -15.49 -9.22
N LEU C 1080 -10.42 -15.29 -10.48
CA LEU C 1080 -11.20 -14.11 -10.86
C LEU C 1080 -12.68 -14.36 -11.03
N THR C 1081 -13.15 -15.62 -10.97
CA THR C 1081 -14.58 -15.86 -11.15
C THR C 1081 -15.24 -16.46 -9.92
N ILE C 1082 -14.84 -17.67 -9.50
CA ILE C 1082 -15.56 -18.36 -8.43
C ILE C 1082 -14.97 -18.06 -7.07
N LYS C 1083 -13.79 -17.44 -7.01
CA LYS C 1083 -13.20 -17.06 -5.74
C LYS C 1083 -13.46 -15.61 -5.35
N SER C 1084 -13.88 -14.74 -6.29
CA SER C 1084 -14.37 -13.44 -5.84
C SER C 1084 -15.77 -13.05 -6.31
N ASP C 1085 -15.98 -12.99 -7.62
CA ASP C 1085 -17.06 -12.18 -8.19
C ASP C 1085 -18.30 -12.96 -8.59
N ASP C 1086 -18.19 -14.27 -8.78
CA ASP C 1086 -19.31 -15.09 -9.24
C ASP C 1086 -20.27 -15.31 -8.08
N THR C 1087 -21.41 -14.62 -8.09
CA THR C 1087 -22.34 -14.72 -6.98
C THR C 1087 -22.92 -16.13 -6.86
N VAL C 1088 -23.18 -16.78 -7.99
CA VAL C 1088 -23.73 -18.13 -7.95
C VAL C 1088 -22.64 -19.19 -7.89
N GLY C 1089 -21.48 -18.91 -8.48
CA GLY C 1089 -20.41 -19.89 -8.51
C GLY C 1089 -19.72 -20.09 -7.17
N ARG C 1090 -19.60 -19.02 -6.38
CA ARG C 1090 -18.90 -19.15 -5.11
C ARG C 1090 -19.73 -19.95 -4.09
N VAL C 1091 -21.05 -19.92 -4.20
CA VAL C 1091 -21.86 -20.73 -3.31
C VAL C 1091 -21.92 -22.18 -3.79
N LYS C 1092 -21.78 -22.40 -5.10
CA LYS C 1092 -21.74 -23.77 -5.61
C LYS C 1092 -20.44 -24.45 -5.22
N VAL C 1093 -19.30 -23.80 -5.49
CA VAL C 1093 -18.01 -24.39 -5.16
C VAL C 1093 -17.96 -24.83 -3.70
N TYR C 1094 -18.48 -24.00 -2.81
CA TYR C 1094 -18.58 -24.39 -1.40
C TYR C 1094 -19.42 -25.64 -1.24
N GLU C 1095 -20.59 -25.66 -1.91
CA GLU C 1095 -21.44 -26.84 -1.87
C GLU C 1095 -20.70 -28.07 -2.41
N ALA C 1096 -19.86 -27.88 -3.43
CA ALA C 1096 -19.14 -29.02 -4.01
C ALA C 1096 -18.08 -29.55 -3.06
N ILE C 1097 -17.34 -28.67 -2.39
CA ILE C 1097 -16.29 -29.12 -1.48
C ILE C 1097 -16.89 -29.87 -0.30
N VAL C 1098 -18.00 -29.37 0.23
CA VAL C 1098 -18.63 -30.03 1.37
C VAL C 1098 -19.16 -31.40 1.00
N LYS C 1099 -19.62 -31.58 -0.24
CA LYS C 1099 -20.14 -32.86 -0.71
C LYS C 1099 -19.07 -33.72 -1.38
N GLY C 1100 -17.86 -33.21 -1.57
CA GLY C 1100 -16.84 -33.97 -2.26
C GLY C 1100 -17.06 -34.12 -3.74
N GLU C 1101 -17.99 -33.37 -4.33
CA GLU C 1101 -18.23 -33.42 -5.76
C GLU C 1101 -17.16 -32.64 -6.50
N ASN C 1102 -17.23 -32.64 -7.83
CA ASN C 1102 -16.31 -31.86 -8.64
C ASN C 1102 -16.71 -30.40 -8.62
N ILE C 1103 -15.70 -29.53 -8.60
CA ILE C 1103 -15.98 -28.08 -8.58
C ILE C 1103 -16.64 -27.68 -9.90
N PRO C 1104 -17.76 -26.95 -9.86
CA PRO C 1104 -18.49 -26.66 -11.11
C PRO C 1104 -17.77 -25.69 -12.03
N GLU C 1105 -18.40 -25.34 -13.14
CA GLU C 1105 -17.81 -24.43 -14.09
C GLU C 1105 -18.11 -22.98 -13.68
N PRO C 1106 -17.18 -22.05 -13.92
CA PRO C 1106 -17.38 -20.68 -13.45
C PRO C 1106 -18.45 -19.96 -14.26
N GLY C 1107 -18.96 -18.89 -13.67
CA GLY C 1107 -19.95 -18.05 -14.32
C GLY C 1107 -19.39 -16.72 -14.78
N ILE C 1108 -20.23 -15.69 -14.78
CA ILE C 1108 -19.86 -14.36 -15.26
C ILE C 1108 -19.48 -13.51 -14.06
N PRO C 1109 -18.32 -12.85 -14.08
CA PRO C 1109 -17.94 -12.00 -12.93
C PRO C 1109 -18.93 -10.87 -12.75
N GLU C 1110 -19.44 -10.73 -11.53
CA GLU C 1110 -20.42 -9.68 -11.26
C GLU C 1110 -19.88 -8.31 -11.60
N SER C 1111 -18.57 -8.10 -11.43
CA SER C 1111 -17.97 -6.82 -11.75
C SER C 1111 -18.15 -6.48 -13.23
N PHE C 1112 -17.93 -7.44 -14.11
CA PHE C 1112 -18.13 -7.18 -15.53
C PHE C 1112 -19.58 -6.80 -15.82
N LYS C 1113 -20.54 -7.53 -15.24
CA LYS C 1113 -21.94 -7.18 -15.42
C LYS C 1113 -22.18 -5.73 -15.00
N VAL C 1114 -21.49 -5.27 -13.96
CA VAL C 1114 -21.62 -3.89 -13.52
C VAL C 1114 -21.00 -2.94 -14.56
N LEU C 1115 -19.93 -3.37 -15.22
CA LEU C 1115 -19.29 -2.51 -16.21
C LEU C 1115 -20.25 -2.17 -17.34
N LEU C 1116 -20.88 -3.18 -17.94
CA LEU C 1116 -21.86 -2.94 -18.99
C LEU C 1116 -22.93 -1.96 -18.51
N LYS C 1117 -23.35 -2.08 -17.26
CA LYS C 1117 -24.36 -1.17 -16.72
C LYS C 1117 -23.81 0.24 -16.62
N GLU C 1118 -22.58 0.39 -16.15
CA GLU C 1118 -21.99 1.72 -16.04
C GLU C 1118 -21.70 2.32 -17.41
N LEU C 1119 -21.43 1.47 -18.42
CA LEU C 1119 -21.25 1.99 -19.77
C LEU C 1119 -22.58 2.41 -20.37
N GLN C 1120 -23.66 1.68 -20.06
CA GLN C 1120 -24.98 2.07 -20.54
C GLN C 1120 -25.43 3.39 -19.94
N SER C 1121 -25.02 3.68 -18.70
CA SER C 1121 -25.37 4.93 -18.04
C SER C 1121 -24.67 6.13 -18.66
N LEU C 1122 -23.66 5.92 -19.51
CA LEU C 1122 -23.00 6.99 -20.25
C LEU C 1122 -23.60 7.18 -21.64
N CYS C 1123 -24.73 6.53 -21.94
CA CYS C 1123 -25.32 6.55 -23.27
C CYS C 1123 -24.47 5.76 -24.27
N LEU C 1124 -23.74 4.76 -23.79
CA LEU C 1124 -22.99 3.85 -24.63
C LEU C 1124 -23.77 2.54 -24.72
N ASN C 1125 -24.23 2.21 -25.92
CA ASN C 1125 -24.98 0.98 -26.14
C ASN C 1125 -24.00 -0.17 -26.29
N VAL C 1126 -23.81 -0.94 -25.23
CA VAL C 1126 -22.89 -2.08 -25.21
C VAL C 1126 -23.73 -3.33 -25.31
N GLU C 1127 -23.59 -4.05 -26.41
CA GLU C 1127 -24.34 -5.28 -26.65
C GLU C 1127 -23.38 -6.46 -26.66
N VAL C 1128 -23.71 -7.50 -25.90
CA VAL C 1128 -22.97 -8.76 -25.92
C VAL C 1128 -23.60 -9.63 -26.99
N LEU C 1129 -22.84 -9.93 -28.03
CA LEU C 1129 -23.34 -10.64 -29.20
C LEU C 1129 -22.87 -12.09 -29.20
N SER C 1130 -23.74 -12.99 -29.67
CA SER C 1130 -23.34 -14.35 -29.92
C SER C 1130 -22.64 -14.45 -31.28
N SER C 1131 -22.09 -15.63 -31.56
CA SER C 1131 -21.48 -15.86 -32.86
C SER C 1131 -22.45 -15.48 -33.98
N ASP C 1132 -23.65 -16.07 -33.94
CA ASP C 1132 -24.72 -15.70 -34.87
C ASP C 1132 -26.04 -15.31 -34.20
N GLY C 1133 -26.26 -15.60 -32.91
CA GLY C 1133 -27.51 -15.30 -32.22
C GLY C 1133 -27.47 -13.95 -31.53
N ALA C 1134 -27.76 -12.89 -32.29
CA ALA C 1134 -27.09 -11.59 -32.13
C ALA C 1134 -26.94 -11.14 -30.68
N ALA C 1135 -28.05 -10.95 -29.96
CA ALA C 1135 -28.01 -10.20 -28.70
C ALA C 1135 -28.24 -11.12 -27.51
N ILE C 1136 -27.51 -10.87 -26.42
CA ILE C 1136 -27.62 -11.65 -25.20
C ILE C 1136 -28.01 -10.72 -24.06
N GLU C 1137 -28.77 -11.25 -23.11
CA GLU C 1137 -29.25 -10.50 -21.96
C GLU C 1137 -28.68 -11.10 -20.68
N MET C 1138 -28.17 -10.24 -19.81
CA MET C 1138 -27.55 -10.66 -18.55
C MET C 1138 -28.61 -10.54 -17.45
N ARG C 1139 -29.24 -11.66 -17.12
CA ARG C 1139 -30.29 -11.67 -16.11
C ARG C 1139 -30.35 -13.01 -15.38
N VAL D 4 -23.99 -18.36 -19.43
CA VAL D 4 -23.48 -18.79 -20.72
C VAL D 4 -21.95 -18.82 -20.69
N ASN D 5 -21.35 -17.65 -20.47
CA ASN D 5 -19.92 -17.43 -20.32
C ASN D 5 -19.15 -17.48 -21.64
N PHE D 6 -19.79 -17.78 -22.76
CA PHE D 6 -19.13 -17.84 -24.06
C PHE D 6 -19.89 -16.96 -25.05
N PHE D 7 -19.45 -15.73 -25.22
CA PHE D 7 -19.96 -14.83 -26.24
C PHE D 7 -18.91 -14.61 -27.32
N ASP D 8 -19.37 -14.20 -28.50
CA ASP D 8 -18.47 -14.01 -29.63
C ASP D 8 -17.94 -12.58 -29.70
N GLU D 9 -18.84 -11.61 -29.83
CA GLU D 9 -18.46 -10.22 -30.01
C GLU D 9 -19.04 -9.34 -28.90
N LEU D 10 -18.33 -8.27 -28.59
CA LEU D 10 -18.81 -7.22 -27.69
C LEU D 10 -18.68 -5.89 -28.42
N ARG D 11 -19.80 -5.23 -28.64
CA ARG D 11 -19.88 -4.07 -29.52
C ARG D 11 -20.39 -2.85 -28.77
N ILE D 12 -19.95 -1.68 -29.21
CA ILE D 12 -20.43 -0.41 -28.65
C ILE D 12 -21.15 0.36 -29.76
N GLY D 13 -21.65 1.54 -29.41
CA GLY D 13 -22.32 2.40 -30.34
C GLY D 13 -23.06 3.51 -29.64
N LEU D 14 -23.28 4.63 -30.33
CA LEU D 14 -24.02 5.73 -29.73
C LEU D 14 -25.42 5.28 -29.36
N ALA D 15 -25.78 5.46 -28.10
CA ALA D 15 -27.13 5.14 -27.63
C ALA D 15 -28.06 6.27 -28.04
N THR D 16 -29.12 5.93 -28.78
CA THR D 16 -30.11 6.90 -29.16
C THR D 16 -31.11 7.11 -28.03
N ALA D 17 -31.87 8.21 -28.13
CA ALA D 17 -32.89 8.47 -27.11
C ALA D 17 -33.91 7.35 -27.04
N ASP D 18 -34.14 6.65 -28.16
CA ASP D 18 -35.06 5.51 -28.14
C ASP D 18 -34.45 4.33 -27.42
N ASP D 19 -33.19 4.01 -27.71
CA ASP D 19 -32.50 2.96 -26.98
C ASP D 19 -32.55 3.22 -25.47
N ILE D 20 -32.27 4.46 -25.07
CA ILE D 20 -32.31 4.81 -23.65
C ILE D 20 -33.70 4.60 -23.09
N ARG D 21 -34.73 4.92 -23.86
CA ARG D 21 -36.10 4.75 -23.39
C ARG D 21 -36.48 3.27 -23.31
N ASN D 22 -35.98 2.46 -24.23
CA ASN D 22 -36.30 1.03 -24.19
C ASN D 22 -35.62 0.36 -23.00
N TRP D 23 -34.41 0.78 -22.66
CA TRP D 23 -33.76 0.26 -21.46
C TRP D 23 -34.56 0.59 -20.20
N SER D 24 -35.26 1.72 -20.21
CA SER D 24 -35.86 2.26 -19.00
C SER D 24 -37.11 1.48 -18.60
N TYR D 25 -37.25 1.22 -17.31
CA TYR D 25 -38.45 0.63 -16.75
C TYR D 25 -39.43 1.68 -16.25
N GLY D 26 -39.19 2.95 -16.55
CA GLY D 26 -40.03 4.03 -16.12
C GLY D 26 -39.22 5.30 -15.93
N GLU D 27 -39.91 6.44 -15.98
CA GLU D 27 -39.27 7.73 -15.84
C GLU D 27 -39.28 8.17 -14.40
N VAL D 28 -38.09 8.46 -13.86
CA VAL D 28 -37.97 9.01 -12.52
C VAL D 28 -38.25 10.51 -12.58
N LYS D 29 -39.29 10.94 -11.89
CA LYS D 29 -39.80 12.30 -12.00
C LYS D 29 -39.47 13.19 -10.80
N LYS D 30 -39.02 12.62 -9.68
CA LYS D 30 -38.80 13.43 -8.50
C LYS D 30 -37.38 13.25 -7.98
N PRO D 31 -36.77 14.31 -7.45
CA PRO D 31 -35.42 14.16 -6.90
C PRO D 31 -35.45 13.69 -5.46
N GLU D 32 -36.26 12.67 -5.16
CA GLU D 32 -36.46 12.21 -3.79
C GLU D 32 -35.84 10.84 -3.61
N THR D 33 -35.02 10.68 -2.58
CA THR D 33 -34.41 9.38 -2.30
C THR D 33 -35.34 8.48 -1.49
N ILE D 34 -35.62 8.87 -0.25
CA ILE D 34 -36.36 8.03 0.68
C ILE D 34 -37.06 8.93 1.68
N ASN D 35 -38.16 8.43 2.25
CA ASN D 35 -38.91 9.20 3.23
C ASN D 35 -38.06 9.42 4.48
N TYR D 36 -38.16 10.63 5.04
CA TYR D 36 -37.34 10.97 6.20
C TYR D 36 -37.77 10.24 7.46
N ARG D 37 -39.04 9.81 7.54
CA ARG D 37 -39.54 9.09 8.70
C ARG D 37 -39.48 7.58 8.52
N THR D 38 -40.17 7.05 7.51
CA THR D 38 -40.22 5.61 7.31
C THR D 38 -38.98 5.06 6.65
N LEU D 39 -38.11 5.92 6.11
CA LEU D 39 -36.88 5.50 5.45
C LEU D 39 -37.14 4.56 4.28
N LYS D 40 -38.35 4.59 3.73
CA LYS D 40 -38.71 3.75 2.59
C LYS D 40 -38.56 4.53 1.29
N PRO D 41 -38.39 3.84 0.17
CA PRO D 41 -38.19 4.52 -1.11
C PRO D 41 -39.41 5.35 -1.48
N GLU D 42 -39.16 6.61 -1.86
CA GLU D 42 -40.22 7.49 -2.31
C GLU D 42 -40.64 7.15 -3.74
N LYS D 43 -41.95 7.15 -3.98
CA LYS D 43 -42.46 6.75 -5.29
C LYS D 43 -42.11 7.79 -6.35
N ASP D 44 -41.78 7.31 -7.54
CA ASP D 44 -41.50 8.15 -8.69
C ASP D 44 -40.14 8.83 -8.58
N GLY D 45 -39.47 8.67 -7.45
CA GLY D 45 -38.15 9.23 -7.25
C GLY D 45 -37.06 8.21 -7.53
N LEU D 46 -35.82 8.66 -7.34
CA LEU D 46 -34.70 7.73 -7.33
C LEU D 46 -34.94 6.70 -6.23
N PHE D 47 -34.71 5.43 -6.55
CA PHE D 47 -34.99 4.28 -5.68
C PHE D 47 -36.45 3.87 -5.70
N CYS D 48 -37.30 4.50 -6.52
CA CYS D 48 -38.71 4.13 -6.54
C CYS D 48 -38.89 2.65 -6.87
N GLU D 49 -39.48 1.90 -5.95
CA GLU D 49 -39.66 0.47 -6.16
C GLU D 49 -40.56 0.18 -7.36
N LYS D 50 -41.43 1.11 -7.72
CA LYS D 50 -42.31 0.90 -8.87
C LYS D 50 -41.51 0.82 -10.16
N ILE D 51 -40.37 1.52 -10.24
CA ILE D 51 -39.58 1.56 -11.47
C ILE D 51 -38.45 0.54 -11.38
N PHE D 52 -37.58 0.70 -10.38
CA PHE D 52 -36.36 -0.10 -10.33
C PHE D 52 -36.64 -1.52 -9.85
N GLY D 53 -37.36 -1.68 -8.75
CA GLY D 53 -37.70 -3.00 -8.26
C GLY D 53 -37.95 -3.04 -6.77
N PRO D 54 -38.38 -4.20 -6.27
CA PRO D 54 -38.71 -4.32 -4.85
C PRO D 54 -37.46 -4.27 -3.98
N THR D 55 -37.66 -3.87 -2.74
CA THR D 55 -36.57 -3.89 -1.76
C THR D 55 -36.34 -5.28 -1.21
N ARG D 56 -37.42 -6.03 -0.99
CA ARG D 56 -37.36 -7.39 -0.45
C ARG D 56 -37.90 -8.37 -1.48
N ASP D 57 -37.31 -9.56 -1.50
CA ASP D 57 -37.65 -10.56 -2.51
C ASP D 57 -39.12 -10.95 -2.42
N TRP D 58 -39.81 -10.87 -3.56
CA TRP D 58 -41.21 -11.29 -3.68
C TRP D 58 -42.14 -10.48 -2.79
N GLU D 59 -41.75 -9.25 -2.43
CA GLU D 59 -42.57 -8.37 -1.62
C GLU D 59 -42.79 -7.06 -2.34
N CYS D 60 -44.04 -6.66 -2.48
CA CYS D 60 -44.37 -5.37 -3.06
C CYS D 60 -44.34 -4.28 -1.98
N TYR D 61 -44.41 -3.03 -2.43
CA TYR D 61 -44.29 -1.91 -1.51
C TYR D 61 -45.31 -2.01 -0.39
N CYS D 62 -46.60 -2.10 -0.74
CA CYS D 62 -47.64 -2.18 0.28
C CYS D 62 -47.68 -3.56 0.93
N GLY D 63 -47.43 -4.62 0.15
CA GLY D 63 -47.37 -5.96 0.68
C GLY D 63 -48.57 -6.83 0.42
N LYS D 64 -49.54 -6.37 -0.39
CA LYS D 64 -50.72 -7.19 -0.64
C LYS D 64 -50.35 -8.52 -1.29
N TYR D 65 -49.26 -8.55 -2.04
CA TYR D 65 -48.72 -9.77 -2.65
C TYR D 65 -47.32 -9.99 -2.09
N LYS D 66 -47.20 -10.85 -1.09
CA LYS D 66 -45.95 -11.06 -0.37
C LYS D 66 -45.33 -12.43 -0.61
N ARG D 67 -46.00 -13.31 -1.35
CA ARG D 67 -45.55 -14.69 -1.50
C ARG D 67 -44.99 -14.94 -2.89
N VAL D 68 -44.05 -15.88 -2.96
CA VAL D 68 -43.50 -16.32 -4.25
C VAL D 68 -44.52 -17.04 -5.10
N ARG D 69 -45.71 -17.30 -4.55
CA ARG D 69 -46.72 -18.05 -5.29
C ARG D 69 -47.02 -17.40 -6.64
N PHE D 70 -47.12 -16.08 -6.67
CA PHE D 70 -47.38 -15.33 -7.89
C PHE D 70 -46.15 -14.45 -8.17
N LYS D 71 -45.24 -14.94 -8.99
CA LYS D 71 -44.10 -14.16 -9.44
C LYS D 71 -44.44 -13.49 -10.77
N GLY D 72 -43.79 -12.37 -11.03
CA GLY D 72 -44.03 -11.66 -12.27
C GLY D 72 -45.41 -11.05 -12.39
N ILE D 73 -46.06 -10.76 -11.27
CA ILE D 73 -47.33 -10.03 -11.25
C ILE D 73 -47.10 -8.69 -10.57
N ILE D 74 -47.80 -7.67 -11.04
CA ILE D 74 -47.66 -6.31 -10.51
C ILE D 74 -48.82 -6.02 -9.58
N CYS D 75 -48.52 -5.41 -8.44
CA CYS D 75 -49.56 -5.05 -7.48
C CYS D 75 -50.37 -3.89 -8.03
N GLU D 76 -51.68 -4.09 -8.17
CA GLU D 76 -52.56 -3.05 -8.71
C GLU D 76 -52.58 -1.79 -7.87
N ARG D 77 -52.09 -1.83 -6.62
CA ARG D 77 -52.13 -0.65 -5.77
C ARG D 77 -50.83 0.15 -5.84
N CYS D 78 -49.71 -0.48 -5.47
CA CYS D 78 -48.43 0.21 -5.45
C CYS D 78 -47.70 0.15 -6.79
N GLY D 79 -48.06 -0.79 -7.65
CA GLY D 79 -47.45 -0.88 -8.97
C GLY D 79 -46.12 -1.58 -9.02
N VAL D 80 -45.68 -2.20 -7.93
CA VAL D 80 -44.41 -2.90 -7.88
C VAL D 80 -44.60 -4.32 -8.38
N GLU D 81 -43.56 -4.84 -9.05
CA GLU D 81 -43.56 -6.21 -9.52
C GLU D 81 -43.01 -7.13 -8.43
N VAL D 82 -43.56 -8.35 -8.38
CA VAL D 82 -43.15 -9.34 -7.40
C VAL D 82 -42.07 -10.21 -8.03
N THR D 83 -40.85 -10.09 -7.51
CA THR D 83 -39.69 -10.83 -8.01
C THR D 83 -38.53 -10.54 -7.07
N ARG D 84 -37.40 -11.19 -7.33
CA ARG D 84 -36.23 -11.03 -6.49
C ARG D 84 -35.73 -9.59 -6.54
N ALA D 85 -35.28 -9.08 -5.39
CA ALA D 85 -34.71 -7.75 -5.32
C ALA D 85 -33.42 -7.62 -6.11
N LYS D 86 -32.90 -8.71 -6.67
CA LYS D 86 -31.71 -8.62 -7.51
C LYS D 86 -31.95 -7.70 -8.70
N VAL D 87 -33.21 -7.59 -9.17
CA VAL D 87 -33.50 -6.72 -10.30
C VAL D 87 -33.20 -5.27 -9.96
N ARG D 88 -33.24 -4.92 -8.67
CA ARG D 88 -32.87 -3.58 -8.25
C ARG D 88 -31.46 -3.21 -8.68
N ARG D 89 -30.63 -4.21 -8.97
CA ARG D 89 -29.26 -4.00 -9.42
C ARG D 89 -29.10 -4.12 -10.93
N GLU D 90 -30.15 -4.55 -11.64
CA GLU D 90 -30.09 -4.77 -13.07
C GLU D 90 -30.88 -3.77 -13.89
N ARG D 91 -31.83 -3.05 -13.30
CA ARG D 91 -32.77 -2.23 -14.03
C ARG D 91 -32.37 -0.76 -14.03
N MET D 92 -32.71 -0.08 -15.12
CA MET D 92 -32.39 1.33 -15.30
C MET D 92 -33.65 2.15 -15.52
N GLY D 93 -33.62 3.40 -15.07
CA GLY D 93 -34.64 4.37 -15.39
C GLY D 93 -34.17 5.35 -16.45
N HIS D 94 -34.95 6.41 -16.62
CA HIS D 94 -34.57 7.45 -17.57
C HIS D 94 -35.23 8.75 -17.15
N ILE D 95 -34.75 9.85 -17.74
CA ILE D 95 -35.30 11.18 -17.51
C ILE D 95 -35.60 11.78 -18.87
N GLU D 96 -36.84 12.22 -19.06
CA GLU D 96 -37.25 12.90 -20.28
C GLU D 96 -36.96 14.39 -20.13
N LEU D 97 -35.97 14.88 -20.86
CA LEU D 97 -35.57 16.27 -20.77
C LEU D 97 -36.56 17.16 -21.51
N ALA D 98 -36.86 18.30 -20.90
CA ALA D 98 -37.71 19.30 -21.54
C ALA D 98 -36.99 20.07 -22.64
N ALA D 99 -35.67 19.93 -22.74
CA ALA D 99 -34.86 20.59 -23.76
C ALA D 99 -33.63 19.74 -24.02
N PRO D 100 -33.18 19.64 -25.28
CA PRO D 100 -32.01 18.80 -25.59
C PRO D 100 -30.78 19.25 -24.82
N VAL D 101 -29.75 18.41 -24.88
CA VAL D 101 -28.50 18.65 -24.17
C VAL D 101 -27.40 17.88 -24.89
N THR D 102 -26.22 18.50 -24.99
CA THR D 102 -25.10 17.87 -25.67
C THR D 102 -24.37 16.92 -24.72
N HIS D 103 -23.89 15.82 -25.27
CA HIS D 103 -23.08 14.87 -24.52
C HIS D 103 -21.66 15.40 -24.43
N ILE D 104 -21.22 15.76 -23.21
CA ILE D 104 -19.95 16.46 -23.05
C ILE D 104 -18.80 15.67 -23.65
N TRP D 105 -18.92 14.34 -23.71
CA TRP D 105 -17.82 13.53 -24.23
C TRP D 105 -17.51 13.89 -25.69
N TYR D 106 -18.54 14.16 -26.47
CA TYR D 106 -18.35 14.42 -27.90
C TYR D 106 -18.18 15.90 -28.22
N PHE D 107 -18.61 16.80 -27.34
CA PHE D 107 -18.39 18.23 -27.54
C PHE D 107 -17.00 18.63 -27.04
N LYS D 108 -16.72 18.37 -25.76
CA LYS D 108 -15.47 18.81 -25.14
C LYS D 108 -14.31 17.87 -25.40
N GLY D 109 -14.56 16.65 -25.89
CA GLY D 109 -13.47 15.77 -26.23
C GLY D 109 -12.53 16.41 -27.23
N VAL D 110 -11.25 16.10 -27.10
CA VAL D 110 -10.21 16.66 -27.96
C VAL D 110 -9.72 15.56 -28.89
N PRO D 111 -9.87 15.71 -30.22
CA PRO D 111 -10.51 16.88 -30.81
C PRO D 111 -12.04 16.79 -30.77
N SER D 112 -12.71 17.93 -30.73
CA SER D 112 -14.17 17.96 -30.65
C SER D 112 -14.79 17.15 -31.79
N ARG D 113 -15.57 16.14 -31.42
CA ARG D 113 -16.25 15.34 -32.42
C ARG D 113 -17.34 16.15 -33.12
N LEU D 114 -18.15 16.87 -32.35
CA LEU D 114 -19.15 17.75 -32.94
C LEU D 114 -18.49 18.80 -33.84
N GLY D 115 -17.46 19.46 -33.33
CA GLY D 115 -16.77 20.46 -34.14
C GLY D 115 -16.33 19.91 -35.47
N TYR D 116 -15.64 18.77 -35.47
CA TYR D 116 -15.19 18.17 -36.72
C TYR D 116 -16.36 17.69 -37.57
N LEU D 117 -17.48 17.32 -36.93
CA LEU D 117 -18.62 16.82 -37.70
C LEU D 117 -19.36 17.95 -38.38
N LEU D 118 -19.57 19.07 -37.69
CA LEU D 118 -20.23 20.24 -38.26
C LEU D 118 -19.25 21.26 -38.81
N ASP D 119 -17.94 21.08 -38.57
CA ASP D 119 -16.92 22.02 -39.00
C ASP D 119 -17.10 23.37 -38.28
N LEU D 120 -17.20 23.29 -36.95
CA LEU D 120 -17.27 24.47 -36.10
C LEU D 120 -16.09 24.47 -35.14
N ALA D 121 -15.50 25.63 -34.94
CA ALA D 121 -14.38 25.75 -34.02
C ALA D 121 -14.82 25.37 -32.61
N PRO D 122 -14.06 24.54 -31.91
CA PRO D 122 -14.49 24.14 -30.55
C PRO D 122 -14.81 25.33 -29.64
N LYS D 123 -14.00 26.38 -29.68
CA LYS D 123 -14.29 27.57 -28.89
C LYS D 123 -15.57 28.26 -29.35
N ASP D 124 -15.97 28.09 -30.61
CA ASP D 124 -17.24 28.63 -31.07
C ASP D 124 -18.40 27.69 -30.76
N LEU D 125 -18.20 26.38 -30.98
CA LEU D 125 -19.22 25.42 -30.62
C LEU D 125 -19.60 25.53 -29.15
N GLU D 126 -18.62 25.81 -28.30
CA GLU D 126 -18.91 26.02 -26.88
C GLU D 126 -19.86 27.19 -26.68
N LYS D 127 -19.63 28.30 -27.39
CA LYS D 127 -20.48 29.47 -27.24
C LYS D 127 -21.93 29.16 -27.57
N ILE D 128 -22.18 28.23 -28.50
CA ILE D 128 -23.54 27.93 -28.91
C ILE D 128 -24.24 27.07 -27.86
N ILE D 129 -23.57 26.02 -27.39
CA ILE D 129 -24.22 25.05 -26.50
C ILE D 129 -24.64 25.72 -25.20
N TYR D 130 -23.85 26.69 -24.72
CA TYR D 130 -24.08 27.31 -23.43
C TYR D 130 -24.65 28.73 -23.54
N PHE D 131 -25.30 29.04 -24.67
CA PHE D 131 -26.12 30.24 -24.78
C PHE D 131 -25.30 31.52 -24.66
N ALA D 132 -24.12 31.52 -25.28
CA ALA D 132 -23.30 32.72 -25.37
C ALA D 132 -23.38 33.40 -26.73
N ALA D 133 -24.05 32.77 -27.70
CA ALA D 133 -24.14 33.30 -29.06
C ALA D 133 -25.14 32.46 -29.84
N TYR D 134 -25.76 33.09 -30.84
CA TYR D 134 -26.74 32.44 -31.68
C TYR D 134 -26.07 31.75 -32.87
N VAL D 135 -26.84 30.93 -33.56
CA VAL D 135 -26.36 30.22 -34.75
C VAL D 135 -27.49 30.14 -35.76
N ILE D 136 -27.17 30.36 -37.02
CA ILE D 136 -28.17 30.35 -38.09
C ILE D 136 -28.54 28.90 -38.38
N THR D 137 -29.78 28.53 -38.06
CA THR D 137 -30.23 27.16 -38.29
C THR D 137 -30.79 26.96 -39.69
N SER D 138 -31.39 27.98 -40.28
CA SER D 138 -31.94 27.88 -41.63
C SER D 138 -31.97 29.25 -42.28
N VAL D 139 -31.99 29.25 -43.60
CA VAL D 139 -32.07 30.48 -44.38
C VAL D 139 -32.80 30.17 -45.69
N ASP D 140 -33.74 31.05 -46.05
CA ASP D 140 -34.54 30.88 -47.26
C ASP D 140 -33.85 31.61 -48.40
N ASP D 141 -33.24 30.85 -49.32
CA ASP D 141 -32.45 31.47 -50.39
C ASP D 141 -33.33 32.14 -51.42
N GLU D 142 -34.44 31.50 -51.79
CA GLU D 142 -35.34 32.09 -52.79
C GLU D 142 -35.92 33.40 -52.29
N MET D 143 -36.64 33.37 -51.17
CA MET D 143 -37.28 34.57 -50.66
C MET D 143 -36.28 35.68 -50.42
N ARG D 144 -35.05 35.33 -50.03
CA ARG D 144 -34.01 36.35 -49.88
C ARG D 144 -33.59 36.93 -51.22
N HIS D 145 -33.70 36.14 -52.29
CA HIS D 145 -33.31 36.61 -53.61
C HIS D 145 -34.43 37.37 -54.30
N ASN D 146 -35.66 36.87 -54.23
CA ASN D 146 -36.79 37.54 -54.87
C ASN D 146 -37.06 38.91 -54.26
N GLU D 147 -36.63 39.14 -53.02
CA GLU D 147 -36.90 40.40 -52.34
C GLU D 147 -35.66 41.26 -52.16
N LEU D 148 -34.50 40.79 -52.64
CA LEU D 148 -33.26 41.55 -52.44
C LEU D 148 -33.39 42.97 -52.98
N SER D 149 -34.15 43.16 -54.06
CA SER D 149 -34.30 44.50 -54.63
C SER D 149 -34.94 45.46 -53.64
N THR D 150 -36.20 45.18 -53.25
CA THR D 150 -36.90 46.11 -52.37
C THR D 150 -36.18 46.26 -51.03
N LEU D 151 -35.47 45.23 -50.58
CA LEU D 151 -34.75 45.32 -49.32
C LEU D 151 -33.58 46.27 -49.43
N GLU D 152 -32.72 46.07 -50.43
CA GLU D 152 -31.61 47.00 -50.65
C GLU D 152 -32.13 48.42 -50.84
N ALA D 153 -33.24 48.57 -51.56
CA ALA D 153 -33.82 49.89 -51.77
C ALA D 153 -34.20 50.54 -50.45
N GLU D 154 -34.93 49.80 -49.61
CA GLU D 154 -35.32 50.33 -48.31
C GLU D 154 -34.10 50.55 -47.41
N MET D 155 -33.06 49.73 -47.56
CA MET D 155 -31.85 49.91 -46.77
C MET D 155 -31.12 51.18 -47.19
N ALA D 156 -30.98 51.40 -48.49
CA ALA D 156 -30.29 52.60 -48.98
C ALA D 156 -31.00 53.86 -48.52
N VAL D 157 -32.32 53.91 -48.69
CA VAL D 157 -33.08 55.08 -48.27
C VAL D 157 -32.85 55.36 -46.79
N GLU D 158 -32.88 54.31 -45.96
CA GLU D 158 -32.63 54.48 -44.53
C GLU D 158 -31.22 54.99 -44.28
N LYS D 159 -30.22 54.39 -44.94
CA LYS D 159 -28.85 54.85 -44.78
C LYS D 159 -28.70 56.29 -45.24
N LYS D 160 -29.51 56.71 -46.23
CA LYS D 160 -29.48 58.11 -46.66
C LYS D 160 -30.11 59.03 -45.63
N ALA D 161 -31.26 58.63 -45.08
CA ALA D 161 -31.90 59.43 -44.05
C ALA D 161 -30.95 59.69 -42.89
N VAL D 162 -30.03 58.76 -42.62
CA VAL D 162 -29.02 58.98 -41.59
C VAL D 162 -28.00 60.01 -42.06
N GLU D 163 -27.59 59.93 -43.33
CA GLU D 163 -26.62 60.88 -43.85
C GLU D 163 -27.20 62.28 -43.92
N ASP D 164 -28.41 62.42 -44.45
CA ASP D 164 -29.06 63.73 -44.50
C ASP D 164 -29.10 64.37 -43.12
N GLN D 165 -29.39 63.59 -42.08
CA GLN D 165 -29.40 64.11 -40.73
C GLN D 165 -28.02 64.61 -40.32
N ARG D 166 -27.00 63.77 -40.51
CA ARG D 166 -25.64 64.16 -40.15
C ARG D 166 -25.25 65.48 -40.79
N ASP D 167 -25.52 65.63 -42.09
CA ASP D 167 -25.19 66.87 -42.79
C ASP D 167 -25.97 68.04 -42.21
N ALA D 168 -27.30 67.89 -42.10
CA ALA D 168 -28.12 68.97 -41.55
C ALA D 168 -27.66 69.37 -40.15
N ASP D 169 -27.30 68.39 -39.32
CA ASP D 169 -26.89 68.69 -37.95
C ASP D 169 -25.53 69.38 -37.91
N LEU D 170 -24.58 68.90 -38.72
CA LEU D 170 -23.22 69.44 -38.67
C LEU D 170 -23.16 70.87 -39.19
N GLU D 171 -24.05 71.26 -40.10
CA GLU D 171 -24.08 72.65 -40.55
C GLU D 171 -24.70 73.56 -39.51
N ALA D 172 -25.62 73.05 -38.69
CA ALA D 172 -26.23 73.86 -37.65
C ALA D 172 -25.22 74.16 -36.54
N ARG D 173 -24.42 73.16 -36.15
CA ARG D 173 -23.43 73.39 -35.10
C ARG D 173 -22.31 74.31 -35.58
N ALA D 174 -21.99 74.26 -36.88
CA ALA D 174 -20.97 75.17 -37.42
C ALA D 174 -21.48 76.60 -37.46
N GLN D 175 -22.71 76.80 -37.93
CA GLN D 175 -23.30 78.13 -37.93
C GLN D 175 -23.37 78.69 -36.51
N LYS D 176 -23.67 77.84 -35.53
CA LYS D 176 -23.66 78.29 -34.14
C LYS D 176 -22.28 78.79 -33.74
N LEU D 177 -21.23 78.04 -34.09
CA LEU D 177 -19.88 78.48 -33.76
C LEU D 177 -19.52 79.78 -34.45
N GLU D 178 -20.02 79.99 -35.67
CA GLU D 178 -19.79 81.26 -36.35
C GLU D 178 -20.49 82.40 -35.64
N ALA D 179 -21.74 82.19 -35.22
CA ALA D 179 -22.45 83.24 -34.48
C ALA D 179 -21.80 83.51 -33.13
N ASP D 180 -21.16 82.50 -32.54
CA ASP D 180 -20.54 82.70 -31.24
C ASP D 180 -19.16 83.35 -31.35
N LEU D 181 -18.36 82.94 -32.34
CA LEU D 181 -17.10 83.63 -32.59
C LEU D 181 -17.32 85.06 -33.05
N ALA D 182 -18.52 85.39 -33.54
CA ALA D 182 -18.83 86.77 -33.87
C ALA D 182 -18.95 87.61 -32.60
N GLU D 183 -19.66 87.10 -31.59
CA GLU D 183 -19.71 87.78 -30.31
C GLU D 183 -18.34 87.81 -29.63
N LEU D 184 -17.48 86.84 -29.95
CA LEU D 184 -16.15 86.81 -29.35
C LEU D 184 -15.27 87.94 -29.87
N GLU D 185 -15.45 88.34 -31.13
CA GLU D 185 -14.72 89.48 -31.67
C GLU D 185 -15.47 90.80 -31.46
N ALA D 186 -16.80 90.75 -31.33
CA ALA D 186 -17.56 91.95 -31.02
C ALA D 186 -17.03 92.59 -29.74
N GLU D 187 -16.96 91.81 -28.66
CA GLU D 187 -16.30 92.25 -27.43
C GLU D 187 -14.84 91.82 -27.49
N GLY D 188 -13.93 92.77 -27.30
CA GLY D 188 -12.52 92.46 -27.37
C GLY D 188 -12.17 91.28 -26.49
N ALA D 189 -11.81 90.16 -27.10
CA ALA D 189 -11.54 88.92 -26.40
C ALA D 189 -10.12 88.46 -26.69
N LYS D 190 -9.47 87.89 -25.68
CA LYS D 190 -8.11 87.41 -25.84
C LYS D 190 -8.05 86.39 -26.97
N SER D 191 -6.96 86.46 -27.76
CA SER D 191 -6.82 85.56 -28.89
C SER D 191 -6.91 84.10 -28.47
N ASP D 192 -6.40 83.77 -27.27
CA ASP D 192 -6.49 82.40 -26.77
C ASP D 192 -7.93 82.02 -26.44
N VAL D 193 -8.67 82.93 -25.80
CA VAL D 193 -10.05 82.63 -25.45
C VAL D 193 -10.88 82.38 -26.70
N ARG D 194 -10.63 83.14 -27.77
CA ARG D 194 -11.35 82.95 -29.01
C ARG D 194 -11.07 81.57 -29.61
N ARG D 195 -9.83 81.10 -29.48
CA ARG D 195 -9.45 79.83 -30.10
C ARG D 195 -9.91 78.63 -29.28
N LYS D 196 -9.89 78.73 -27.95
CA LYS D 196 -10.37 77.61 -27.13
C LYS D 196 -11.86 77.36 -27.36
N VAL D 197 -12.62 78.39 -27.71
CA VAL D 197 -14.02 78.18 -28.07
C VAL D 197 -14.12 77.42 -29.38
N ARG D 198 -13.22 77.70 -30.31
CA ARG D 198 -13.20 76.95 -31.57
C ARG D 198 -12.75 75.51 -31.34
N ASP D 199 -11.73 75.30 -30.52
CA ASP D 199 -11.30 73.94 -30.20
C ASP D 199 -12.44 73.14 -29.58
N SER D 200 -13.09 73.71 -28.57
CA SER D 200 -14.25 73.04 -27.98
C SER D 200 -15.36 72.84 -29.00
N GLY D 201 -15.51 73.79 -29.93
CA GLY D 201 -16.52 73.63 -30.97
C GLY D 201 -16.14 72.59 -32.00
N GLU D 202 -14.87 72.60 -32.43
CA GLU D 202 -14.41 71.59 -33.38
C GLU D 202 -14.54 70.18 -32.80
N ARG D 203 -14.34 70.03 -31.49
CA ARG D 203 -14.39 68.70 -30.89
C ARG D 203 -15.83 68.21 -30.77
N GLU D 204 -16.77 69.10 -30.47
CA GLU D 204 -18.17 68.70 -30.42
C GLU D 204 -18.69 68.32 -31.80
N MET D 205 -18.10 68.88 -32.86
CA MET D 205 -18.49 68.48 -34.21
C MET D 205 -18.01 67.07 -34.53
N ARG D 206 -16.76 66.77 -34.20
CA ARG D 206 -16.24 65.41 -34.41
C ARG D 206 -17.11 64.38 -33.70
N GLN D 207 -17.58 64.71 -32.49
CA GLN D 207 -18.51 63.81 -31.80
C GLN D 207 -19.77 63.58 -32.63
N LEU D 208 -20.30 64.64 -33.22
CA LEU D 208 -21.53 64.50 -34.01
C LEU D 208 -21.32 63.62 -35.23
N ARG D 209 -20.20 63.82 -35.94
CA ARG D 209 -19.95 63.01 -37.13
C ARG D 209 -19.61 61.58 -36.76
N ASP D 210 -18.87 61.38 -35.68
CA ASP D 210 -18.53 60.01 -35.24
C ASP D 210 -19.79 59.24 -34.89
N ARG D 211 -20.65 59.82 -34.05
CA ARG D 211 -21.90 59.15 -33.70
C ARG D 211 -22.72 58.83 -34.94
N ALA D 212 -22.69 59.70 -35.95
CA ALA D 212 -23.37 59.41 -37.20
C ALA D 212 -22.66 58.29 -37.97
N GLN D 213 -21.33 58.23 -37.87
CA GLN D 213 -20.59 57.17 -38.54
C GLN D 213 -20.89 55.81 -37.92
N ARG D 214 -20.99 55.76 -36.60
CA ARG D 214 -21.28 54.50 -35.92
C ARG D 214 -22.58 53.88 -36.41
N GLU D 215 -23.60 54.72 -36.63
CA GLU D 215 -24.89 54.19 -37.10
C GLU D 215 -24.80 53.72 -38.54
N LEU D 216 -24.02 54.43 -39.37
CA LEU D 216 -23.84 53.98 -40.75
C LEU D 216 -23.17 52.61 -40.79
N ASP D 217 -22.14 52.40 -39.95
CA ASP D 217 -21.46 51.12 -39.93
C ASP D 217 -22.37 50.03 -39.41
N ARG D 218 -23.15 50.31 -38.35
CA ARG D 218 -24.10 49.33 -37.85
C ARG D 218 -25.11 48.94 -38.91
N LEU D 219 -25.58 49.91 -39.68
CA LEU D 219 -26.51 49.63 -40.77
C LEU D 219 -25.87 48.77 -41.84
N ASP D 220 -24.64 49.13 -42.25
CA ASP D 220 -23.93 48.31 -43.23
C ASP D 220 -23.63 46.92 -42.69
N GLU D 221 -23.43 46.80 -41.37
CA GLU D 221 -23.22 45.49 -40.78
C GLU D 221 -24.47 44.63 -40.85
N ILE D 222 -25.64 45.25 -40.68
CA ILE D 222 -26.90 44.52 -40.79
C ILE D 222 -27.08 44.01 -42.21
N TRP D 223 -26.91 44.89 -43.19
CA TRP D 223 -27.17 44.51 -44.59
C TRP D 223 -26.16 43.47 -45.07
N ASN D 224 -24.87 43.68 -44.80
CA ASN D 224 -23.87 42.69 -45.15
C ASN D 224 -24.17 41.34 -44.52
N THR D 225 -24.43 41.33 -43.22
CA THR D 225 -24.69 40.07 -42.53
C THR D 225 -25.88 39.34 -43.11
N PHE D 226 -26.91 40.08 -43.52
CA PHE D 226 -28.12 39.44 -44.02
C PHE D 226 -27.95 38.91 -45.44
N THR D 227 -27.26 39.67 -46.31
CA THR D 227 -27.11 39.23 -47.69
C THR D 227 -26.19 38.01 -47.79
N LYS D 228 -25.08 38.02 -47.05
CA LYS D 228 -24.19 36.86 -47.02
C LYS D 228 -24.65 35.79 -46.05
N LEU D 229 -25.81 35.97 -45.41
CA LEU D 229 -26.26 35.06 -44.36
C LEU D 229 -26.34 33.63 -44.88
N ALA D 230 -25.88 32.70 -44.05
CA ALA D 230 -25.87 31.28 -44.39
C ALA D 230 -26.02 30.48 -43.10
N PRO D 231 -26.61 29.30 -43.16
CA PRO D 231 -26.73 28.46 -41.95
C PRO D 231 -25.36 28.03 -41.47
N LYS D 232 -25.26 27.79 -40.16
CA LYS D 232 -24.05 27.49 -39.39
C LYS D 232 -23.25 28.75 -39.08
N GLN D 233 -23.68 29.93 -39.50
CA GLN D 233 -22.98 31.16 -39.14
C GLN D 233 -23.28 31.55 -37.70
N LEU D 234 -22.32 32.19 -37.06
CA LEU D 234 -22.38 32.50 -35.64
C LEU D 234 -22.54 34.00 -35.44
N ILE D 235 -23.53 34.38 -34.63
CA ILE D 235 -23.82 35.79 -34.35
C ILE D 235 -23.70 36.00 -32.84
N VAL D 236 -22.74 36.84 -32.44
CA VAL D 236 -22.44 37.06 -31.03
C VAL D 236 -22.94 38.40 -30.51
N ASP D 237 -23.50 39.26 -31.38
CA ASP D 237 -23.85 40.62 -30.96
C ASP D 237 -25.13 40.62 -30.14
N GLU D 238 -26.18 39.98 -30.66
CA GLU D 238 -27.47 39.86 -29.99
C GLU D 238 -28.26 41.15 -30.01
N VAL D 239 -27.62 42.25 -30.38
CA VAL D 239 -28.33 43.50 -30.63
C VAL D 239 -28.35 43.63 -32.14
N LEU D 240 -27.27 43.17 -32.77
CA LEU D 240 -27.29 42.92 -34.21
C LEU D 240 -28.27 41.80 -34.54
N TYR D 241 -28.18 40.68 -33.84
CA TYR D 241 -29.10 39.58 -34.07
C TYR D 241 -30.55 40.03 -33.89
N ARG D 242 -30.83 40.80 -32.84
CA ARG D 242 -32.19 41.29 -32.63
C ARG D 242 -32.65 42.11 -33.83
N GLU D 243 -31.76 42.93 -34.39
CA GLU D 243 -32.13 43.75 -35.53
C GLU D 243 -32.31 42.91 -36.78
N LEU D 244 -31.50 41.87 -36.94
CA LEU D 244 -31.72 40.92 -38.02
C LEU D 244 -33.05 40.19 -37.90
N GLN D 245 -33.65 40.21 -36.71
CA GLN D 245 -34.89 39.46 -36.44
C GLN D 245 -36.13 40.24 -36.85
N ASP D 246 -36.30 41.45 -36.33
CA ASP D 246 -37.47 42.25 -36.67
C ASP D 246 -37.54 42.50 -38.18
N ARG D 247 -36.43 42.94 -38.76
CA ARG D 247 -36.29 43.03 -40.21
C ARG D 247 -35.46 41.85 -40.69
N TYR D 248 -35.98 41.14 -41.69
CA TYR D 248 -35.40 39.93 -42.28
C TYR D 248 -35.67 38.68 -41.46
N GLY D 249 -36.33 38.79 -40.31
CA GLY D 249 -36.58 37.61 -39.49
C GLY D 249 -37.36 36.54 -40.22
N GLU D 250 -38.20 36.94 -41.18
CA GLU D 250 -39.03 36.00 -41.93
C GLU D 250 -38.25 35.19 -42.96
N TYR D 251 -36.99 35.52 -43.21
CA TYR D 251 -36.20 34.85 -44.23
C TYR D 251 -35.23 33.82 -43.66
N PHE D 252 -35.11 33.70 -42.34
CA PHE D 252 -34.13 32.82 -41.73
C PHE D 252 -34.65 32.36 -40.37
N THR D 253 -33.89 31.47 -39.75
CA THR D 253 -34.18 30.98 -38.41
C THR D 253 -32.87 30.74 -37.69
N GLY D 254 -32.84 31.07 -36.40
CA GLY D 254 -31.66 30.85 -35.59
C GLY D 254 -32.05 30.62 -34.15
N ALA D 255 -31.14 29.99 -33.41
CA ALA D 255 -31.39 29.66 -32.01
C ALA D 255 -30.04 29.46 -31.32
N MET D 256 -30.07 29.05 -30.06
CA MET D 256 -28.88 28.75 -29.28
C MET D 256 -29.03 27.38 -28.64
N GLY D 257 -27.99 26.97 -27.92
CA GLY D 257 -28.04 25.76 -27.13
C GLY D 257 -28.11 24.49 -27.98
N ALA D 258 -28.12 23.36 -27.28
CA ALA D 258 -28.17 22.07 -27.94
C ALA D 258 -29.38 21.95 -28.86
N GLU D 259 -30.49 22.60 -28.51
CA GLU D 259 -31.67 22.54 -29.36
C GLU D 259 -31.35 23.01 -30.78
N SER D 260 -30.45 23.99 -30.90
CA SER D 260 -30.05 24.45 -32.23
C SER D 260 -29.09 23.44 -32.87
N ILE D 261 -28.07 23.00 -32.12
CA ILE D 261 -27.13 22.01 -32.63
C ILE D 261 -27.87 20.78 -33.13
N LYS D 262 -28.94 20.39 -32.43
CA LYS D 262 -29.74 19.26 -32.88
C LYS D 262 -30.36 19.53 -34.24
N LYS D 263 -30.60 20.81 -34.57
CA LYS D 263 -31.21 21.15 -35.86
C LYS D 263 -30.20 21.07 -37.00
N LEU D 264 -28.98 21.55 -36.77
CA LEU D 264 -27.96 21.47 -37.82
C LEU D 264 -27.68 20.03 -38.20
N ILE D 265 -27.83 19.10 -37.26
CA ILE D 265 -27.67 17.69 -37.59
C ILE D 265 -28.86 17.17 -38.37
N GLU D 266 -30.07 17.59 -37.97
CA GLU D 266 -31.28 17.18 -38.69
C GLU D 266 -31.16 17.52 -40.17
N ASN D 267 -30.61 18.69 -40.49
CA ASN D 267 -30.34 19.10 -41.87
C ASN D 267 -28.85 18.87 -42.13
N PHE D 268 -28.50 17.64 -42.49
CA PHE D 268 -27.11 17.28 -42.68
C PHE D 268 -27.04 16.13 -43.68
N ASP D 269 -26.07 16.20 -44.59
CA ASP D 269 -25.85 15.17 -45.60
C ASP D 269 -24.43 14.66 -45.44
N ILE D 270 -24.26 13.55 -44.71
CA ILE D 270 -22.93 12.98 -44.54
C ILE D 270 -22.32 12.64 -45.90
N ASP D 271 -23.09 11.98 -46.75
CA ASP D 271 -22.60 11.59 -48.06
C ASP D 271 -22.15 12.82 -48.85
N ALA D 272 -22.85 13.95 -48.69
CA ALA D 272 -22.43 15.18 -49.35
C ALA D 272 -21.20 15.77 -48.68
N GLU D 273 -21.28 16.00 -47.37
CA GLU D 273 -20.12 16.51 -46.63
C GLU D 273 -18.91 15.61 -46.83
N ALA D 274 -19.13 14.30 -46.89
CA ALA D 274 -18.02 13.38 -47.13
C ALA D 274 -17.41 13.60 -48.51
N GLU D 275 -18.24 13.65 -49.54
CA GLU D 275 -17.73 13.83 -50.90
C GLU D 275 -17.07 15.19 -51.07
N SER D 276 -17.68 16.24 -50.53
CA SER D 276 -17.07 17.57 -50.58
C SER D 276 -15.68 17.54 -49.93
N LEU D 277 -15.51 16.75 -48.88
CA LEU D 277 -14.20 16.55 -48.29
C LEU D 277 -13.35 15.57 -49.07
N ARG D 278 -13.98 14.70 -49.87
CA ARG D 278 -13.22 13.70 -50.63
C ARG D 278 -12.34 14.33 -51.70
N GLU D 279 -12.74 15.48 -52.22
CA GLU D 279 -11.97 16.13 -53.28
C GLU D 279 -11.00 17.18 -52.72
N VAL D 280 -11.33 17.80 -51.58
CA VAL D 280 -10.52 18.90 -51.08
C VAL D 280 -9.15 18.42 -50.61
N ILE D 281 -9.05 17.18 -50.11
CA ILE D 281 -7.75 16.68 -49.69
C ILE D 281 -6.80 16.55 -50.87
N ARG D 282 -7.33 16.43 -52.08
CA ARG D 282 -6.52 16.28 -53.27
C ARG D 282 -6.22 17.62 -53.95
N SER D 283 -7.16 18.55 -53.92
CA SER D 283 -7.02 19.80 -54.68
C SER D 283 -6.15 20.81 -53.96
N GLY D 284 -6.47 21.09 -52.70
CA GLY D 284 -5.82 22.16 -51.95
C GLY D 284 -4.76 21.72 -50.97
N LYS D 285 -3.92 20.76 -51.36
CA LYS D 285 -2.92 20.21 -50.46
C LYS D 285 -2.17 21.31 -49.72
N GLY D 286 -2.00 21.12 -48.43
CA GLY D 286 -1.34 22.09 -47.56
C GLY D 286 -1.69 21.79 -46.11
N GLN D 287 -1.79 22.86 -45.32
CA GLN D 287 -2.25 22.71 -43.93
C GLN D 287 -3.76 22.49 -43.88
N LYS D 288 -4.52 23.12 -44.78
CA LYS D 288 -5.95 22.87 -44.85
C LYS D 288 -6.24 21.41 -45.17
N LYS D 289 -5.39 20.76 -45.96
CA LYS D 289 -5.53 19.33 -46.22
C LYS D 289 -5.47 18.54 -44.92
N LEU D 290 -4.45 18.81 -44.09
CA LEU D 290 -4.38 18.16 -42.80
C LEU D 290 -5.58 18.49 -41.94
N ARG D 291 -6.17 19.68 -42.13
CA ARG D 291 -7.39 20.03 -41.41
C ARG D 291 -8.61 19.34 -42.01
N ALA D 292 -8.64 19.20 -43.34
CA ALA D 292 -9.74 18.50 -43.99
C ALA D 292 -9.61 17.00 -43.86
N LEU D 293 -8.38 16.49 -43.75
CA LEU D 293 -8.18 15.05 -43.58
C LEU D 293 -8.66 14.59 -42.21
N LYS D 294 -8.19 15.26 -41.15
CA LYS D 294 -8.66 14.92 -39.80
C LYS D 294 -10.17 14.98 -39.72
N ARG D 295 -10.76 16.07 -40.20
CA ARG D 295 -12.21 16.22 -40.17
C ARG D 295 -12.91 15.09 -40.92
N LEU D 296 -12.27 14.54 -41.96
CA LEU D 296 -12.89 13.45 -42.70
C LEU D 296 -12.97 12.18 -41.87
N LYS D 297 -12.05 11.97 -40.94
CA LYS D 297 -12.04 10.75 -40.16
C LYS D 297 -13.35 10.58 -39.39
N VAL D 298 -13.83 11.65 -38.75
CA VAL D 298 -15.08 11.58 -38.02
C VAL D 298 -16.26 11.48 -38.98
N VAL D 299 -16.28 12.34 -40.01
CA VAL D 299 -17.38 12.32 -40.96
C VAL D 299 -17.49 10.95 -41.63
N ALA D 300 -16.34 10.31 -41.87
CA ALA D 300 -16.36 9.00 -42.53
C ALA D 300 -16.86 7.91 -41.58
N ALA D 301 -16.52 8.03 -40.29
CA ALA D 301 -16.91 7.01 -39.33
C ALA D 301 -18.43 6.86 -39.26
N PHE D 302 -19.16 7.97 -39.32
CA PHE D 302 -20.61 7.92 -39.22
C PHE D 302 -21.25 7.33 -40.48
N GLN D 303 -20.55 7.33 -41.61
CA GLN D 303 -21.13 6.79 -42.83
C GLN D 303 -21.24 5.28 -42.77
N GLN D 304 -20.10 4.59 -42.59
CA GLN D 304 -20.11 3.13 -42.63
C GLN D 304 -20.99 2.56 -41.53
N SER D 305 -20.95 3.13 -40.34
CA SER D 305 -21.78 2.65 -39.25
C SER D 305 -23.19 3.21 -39.36
N GLY D 306 -24.17 2.41 -38.94
CA GLY D 306 -25.55 2.84 -38.95
C GLY D 306 -25.90 3.87 -37.89
N ASN D 307 -24.94 4.30 -37.09
CA ASN D 307 -25.21 5.29 -36.05
C ASN D 307 -25.66 6.61 -36.66
N SER D 308 -26.81 7.09 -36.23
CA SER D 308 -27.23 8.43 -36.59
C SER D 308 -26.47 9.45 -35.76
N PRO D 309 -25.86 10.46 -36.38
CA PRO D 309 -25.12 11.46 -35.59
C PRO D 309 -25.98 12.17 -34.55
N MET D 310 -27.30 12.00 -34.59
CA MET D 310 -28.17 12.59 -33.58
C MET D 310 -27.89 12.08 -32.18
N GLY D 311 -27.21 10.93 -32.06
CA GLY D 311 -26.92 10.38 -30.75
C GLY D 311 -26.11 11.30 -29.86
N MET D 312 -25.34 12.22 -30.45
CA MET D 312 -24.50 13.12 -29.68
C MET D 312 -25.28 14.18 -28.93
N VAL D 313 -26.58 14.30 -29.18
CA VAL D 313 -27.47 15.16 -28.39
C VAL D 313 -28.53 14.30 -27.75
N LEU D 314 -28.73 14.48 -26.45
CA LEU D 314 -29.59 13.61 -25.65
C LEU D 314 -30.96 14.25 -25.48
N ASP D 315 -32.00 13.50 -25.83
CA ASP D 315 -33.36 13.85 -25.47
C ASP D 315 -33.79 13.22 -24.15
N ALA D 316 -33.22 12.07 -23.81
CA ALA D 316 -33.47 11.39 -22.55
C ALA D 316 -32.15 10.93 -21.97
N VAL D 317 -32.06 10.94 -20.65
CA VAL D 317 -30.84 10.58 -19.92
C VAL D 317 -31.12 9.30 -19.14
N PRO D 318 -30.29 8.28 -19.25
CA PRO D 318 -30.53 7.04 -18.49
C PRO D 318 -30.14 7.20 -17.03
N VAL D 319 -30.88 6.51 -16.17
CA VAL D 319 -30.64 6.50 -14.73
C VAL D 319 -30.11 5.13 -14.33
N ILE D 320 -28.97 5.12 -13.65
CA ILE D 320 -28.28 3.89 -13.28
C ILE D 320 -29.05 3.16 -12.19
N PRO D 321 -28.98 1.82 -12.13
CA PRO D 321 -29.74 1.10 -11.12
C PRO D 321 -29.39 1.56 -9.72
N PRO D 322 -30.34 1.49 -8.79
CA PRO D 322 -30.09 2.08 -7.46
C PRO D 322 -29.00 1.39 -6.68
N GLU D 323 -28.88 0.06 -6.80
CA GLU D 323 -27.89 -0.66 -6.02
C GLU D 323 -26.46 -0.34 -6.45
N LEU D 324 -26.28 0.21 -7.65
CA LEU D 324 -24.96 0.69 -8.07
C LEU D 324 -24.68 2.09 -7.56
N ARG D 325 -25.70 2.82 -7.11
CA ARG D 325 -25.57 4.12 -6.46
C ARG D 325 -26.24 4.06 -5.09
N PRO D 326 -25.82 3.12 -4.25
CA PRO D 326 -26.62 2.77 -3.07
C PRO D 326 -26.70 3.90 -2.05
N MET D 327 -27.76 3.83 -1.25
CA MET D 327 -27.91 4.65 -0.05
C MET D 327 -28.22 3.72 1.11
N VAL D 328 -27.31 3.62 2.06
CA VAL D 328 -27.43 2.68 3.17
C VAL D 328 -27.03 3.37 4.46
N GLN D 329 -27.50 2.82 5.57
CA GLN D 329 -27.21 3.34 6.90
C GLN D 329 -26.12 2.49 7.54
N LEU D 330 -25.10 3.16 8.08
CA LEU D 330 -24.00 2.47 8.73
C LEU D 330 -24.39 2.00 10.12
N ASP D 331 -23.47 1.30 10.78
CA ASP D 331 -23.69 0.92 12.17
C ASP D 331 -23.78 2.16 13.04
N GLY D 332 -24.95 2.38 13.63
CA GLY D 332 -25.24 3.55 14.42
C GLY D 332 -26.41 4.37 13.93
N GLY D 333 -26.82 4.19 12.67
CA GLY D 333 -27.98 4.86 12.11
C GLY D 333 -27.64 5.88 11.04
N ARG D 334 -26.52 6.59 11.18
CA ARG D 334 -26.17 7.62 10.22
C ARG D 334 -26.07 7.02 8.82
N PHE D 335 -26.41 7.84 7.82
CA PHE D 335 -26.56 7.38 6.44
C PHE D 335 -25.38 7.80 5.58
N ALA D 336 -25.16 7.04 4.51
CA ALA D 336 -24.16 7.34 3.51
C ALA D 336 -24.71 6.93 2.15
N THR D 337 -24.36 7.70 1.12
CA THR D 337 -24.89 7.46 -0.22
C THR D 337 -23.86 7.87 -1.26
N SER D 338 -24.05 7.37 -2.48
CA SER D 338 -23.17 7.71 -3.58
C SER D 338 -23.41 9.14 -4.03
N ASP D 339 -22.34 9.76 -4.57
CA ASP D 339 -22.46 11.12 -5.09
C ASP D 339 -23.40 11.19 -6.29
N LEU D 340 -23.57 10.09 -7.03
CA LEU D 340 -24.41 10.12 -8.23
C LEU D 340 -25.82 10.60 -7.92
N ASN D 341 -26.30 10.41 -6.70
CA ASN D 341 -27.68 10.78 -6.39
C ASN D 341 -27.85 12.30 -6.32
N ASP D 342 -26.91 12.99 -5.67
CA ASP D 342 -26.94 14.45 -5.70
C ASP D 342 -26.73 14.98 -7.11
N LEU D 343 -25.90 14.29 -7.90
CA LEU D 343 -25.74 14.67 -9.31
C LEU D 343 -27.05 14.46 -10.07
N TYR D 344 -27.64 13.27 -9.94
CA TYR D 344 -28.97 13.05 -10.53
C TYR D 344 -29.99 14.01 -9.95
N ARG D 345 -29.83 14.42 -8.70
CA ARG D 345 -30.80 15.32 -8.08
C ARG D 345 -30.73 16.71 -8.68
N ARG D 346 -29.52 17.19 -9.02
CA ARG D 346 -29.39 18.48 -9.67
C ARG D 346 -30.02 18.45 -11.06
N VAL D 347 -29.81 17.38 -11.80
CA VAL D 347 -30.37 17.27 -13.15
C VAL D 347 -31.89 17.27 -13.09
N ILE D 348 -32.47 16.40 -12.26
CA ILE D 348 -33.92 16.30 -12.17
C ILE D 348 -34.53 17.61 -11.70
N ASN D 349 -33.90 18.26 -10.72
CA ASN D 349 -34.40 19.54 -10.24
C ASN D 349 -34.48 20.56 -11.37
N ARG D 350 -33.37 20.71 -12.11
CA ARG D 350 -33.32 21.76 -13.12
C ARG D 350 -34.23 21.44 -14.31
N ASN D 351 -34.32 20.17 -14.68
CA ASN D 351 -35.22 19.79 -15.77
C ASN D 351 -36.67 20.09 -15.38
N ASN D 352 -37.07 19.70 -14.17
CA ASN D 352 -38.44 19.96 -13.72
C ASN D 352 -38.71 21.46 -13.62
N ARG D 353 -37.77 22.20 -13.03
CA ARG D 353 -37.90 23.66 -12.99
C ARG D 353 -38.06 24.23 -14.40
N LEU D 354 -37.39 23.63 -15.39
CA LEU D 354 -37.51 24.11 -16.75
C LEU D 354 -38.94 23.96 -17.27
N LYS D 355 -39.53 22.77 -17.09
CA LYS D 355 -40.94 22.59 -17.45
C LYS D 355 -41.80 23.68 -16.83
N ARG D 356 -41.51 24.04 -15.58
CA ARG D 356 -42.30 25.04 -14.87
C ARG D 356 -42.22 26.39 -15.57
N LEU D 357 -41.01 26.84 -15.91
CA LEU D 357 -40.85 28.14 -16.56
C LEU D 357 -41.44 28.13 -17.96
N ILE D 358 -41.32 27.02 -18.68
CA ILE D 358 -41.86 26.93 -20.03
C ILE D 358 -43.37 27.13 -20.03
N ASP D 359 -44.07 26.46 -19.10
CA ASP D 359 -45.53 26.51 -19.09
C ASP D 359 -46.04 27.90 -18.73
N LEU D 360 -45.51 28.49 -17.66
CA LEU D 360 -45.89 29.85 -17.30
C LEU D 360 -45.66 30.82 -18.45
N GLY D 361 -44.71 30.51 -19.33
CA GLY D 361 -44.22 31.48 -20.28
C GLY D 361 -43.23 32.35 -19.54
N ALA D 362 -42.03 32.51 -20.10
CA ALA D 362 -41.00 33.19 -19.34
C ALA D 362 -40.00 33.81 -20.29
N PRO D 363 -39.48 34.99 -19.98
CA PRO D 363 -38.51 35.63 -20.86
C PRO D 363 -37.36 34.69 -21.18
N GLU D 364 -36.84 34.79 -22.40
CA GLU D 364 -35.74 33.94 -22.81
C GLU D 364 -34.59 33.98 -21.81
N ILE D 365 -34.30 35.17 -21.27
CA ILE D 365 -33.19 35.29 -20.33
C ILE D 365 -33.34 34.28 -19.20
N ILE D 366 -34.56 34.08 -18.71
CA ILE D 366 -34.79 33.11 -17.63
C ILE D 366 -34.75 31.69 -18.18
N VAL D 367 -35.52 31.42 -19.25
CA VAL D 367 -35.56 30.07 -19.81
C VAL D 367 -34.18 29.65 -20.28
N ASN D 368 -33.52 30.49 -21.08
CA ASN D 368 -32.18 30.15 -21.55
C ASN D 368 -31.23 29.90 -20.38
N ASN D 369 -31.39 30.66 -19.29
CA ASN D 369 -30.55 30.41 -18.13
C ASN D 369 -30.75 29.00 -17.60
N GLU D 370 -31.99 28.51 -17.61
CA GLU D 370 -32.27 27.17 -17.11
C GLU D 370 -31.62 26.12 -18.01
N LYS D 371 -31.84 26.23 -19.33
CA LYS D 371 -31.24 25.28 -20.26
C LYS D 371 -29.73 25.24 -20.11
N ARG D 372 -29.09 26.40 -19.95
CA ARG D 372 -27.66 26.43 -19.68
C ARG D 372 -27.34 25.69 -18.39
N MET D 373 -28.17 25.88 -17.35
CA MET D 373 -27.96 25.15 -16.11
C MET D 373 -28.21 23.65 -16.29
N LEU D 374 -29.29 23.29 -16.99
CA LEU D 374 -29.56 21.88 -17.25
C LEU D 374 -28.42 21.24 -18.02
N GLN D 375 -27.83 21.97 -18.97
CA GLN D 375 -26.71 21.45 -19.74
C GLN D 375 -25.53 21.14 -18.83
N GLU D 376 -25.19 22.08 -17.94
CA GLU D 376 -24.05 21.88 -17.06
C GLU D 376 -24.30 20.72 -16.09
N SER D 377 -25.54 20.58 -15.62
CA SER D 377 -25.85 19.53 -14.67
C SER D 377 -25.57 18.15 -15.26
N VAL D 378 -26.05 17.91 -16.49
CA VAL D 378 -25.80 16.63 -17.13
C VAL D 378 -24.31 16.43 -17.39
N ASP D 379 -23.59 17.51 -17.72
CA ASP D 379 -22.16 17.41 -17.91
C ASP D 379 -21.47 16.91 -16.65
N ALA D 380 -21.80 17.51 -15.50
CA ALA D 380 -21.19 17.07 -14.25
C ALA D 380 -21.57 15.63 -13.94
N LEU D 381 -22.80 15.24 -14.25
CA LEU D 381 -23.22 13.85 -14.04
C LEU D 381 -22.32 12.89 -14.81
N PHE D 382 -22.08 13.17 -16.09
CA PHE D 382 -21.27 12.29 -16.92
C PHE D 382 -19.79 12.43 -16.60
N ASP D 383 -19.23 13.62 -16.80
CA ASP D 383 -17.81 13.89 -16.54
C ASP D 383 -17.73 15.19 -15.74
N ASN D 384 -17.60 15.06 -14.42
CA ASN D 384 -17.55 16.22 -13.55
C ASN D 384 -16.15 16.81 -13.54
N GLY D 385 -16.06 18.12 -13.78
CA GLY D 385 -14.79 18.82 -13.86
C GLY D 385 -14.21 18.94 -15.26
N ARG D 386 -14.67 18.12 -16.21
CA ARG D 386 -14.13 18.18 -17.56
C ARG D 386 -14.29 19.56 -18.18
N ARG D 387 -15.28 20.33 -17.72
CA ARG D 387 -15.46 21.71 -18.15
C ARG D 387 -15.73 22.58 -16.93
N GLY D 388 -14.86 23.53 -16.68
CA GLY D 388 -15.02 24.41 -15.54
C GLY D 388 -14.72 23.73 -14.23
N ARG D 389 -14.96 24.47 -13.15
CA ARG D 389 -14.73 23.94 -11.82
C ARG D 389 -15.69 22.77 -11.55
N PRO D 390 -15.23 21.74 -10.84
CA PRO D 390 -16.09 20.58 -10.61
C PRO D 390 -17.14 20.85 -9.55
N VAL D 391 -18.26 20.13 -9.67
CA VAL D 391 -19.28 20.17 -8.63
C VAL D 391 -18.72 19.55 -7.36
N THR D 392 -18.78 20.30 -6.26
CA THR D 392 -18.20 19.89 -5.00
C THR D 392 -19.29 19.71 -3.96
N GLY D 393 -18.99 18.87 -2.95
CA GLY D 393 -19.85 18.71 -1.81
C GLY D 393 -19.28 19.44 -0.61
N PRO D 394 -19.64 18.99 0.59
CA PRO D 394 -19.06 19.58 1.79
C PRO D 394 -17.55 19.38 1.80
N GLY D 395 -16.85 20.33 2.42
CA GLY D 395 -15.40 20.30 2.42
C GLY D 395 -14.77 20.60 1.09
N ASN D 396 -15.55 21.04 0.10
CA ASN D 396 -15.04 21.41 -1.22
C ASN D 396 -14.36 20.23 -1.92
N ARG D 397 -14.86 19.01 -1.70
CA ARG D 397 -14.30 17.88 -2.44
C ARG D 397 -15.17 17.54 -3.62
N PRO D 398 -14.61 17.39 -4.82
CA PRO D 398 -15.43 17.20 -6.01
C PRO D 398 -16.20 15.88 -5.95
N LEU D 399 -17.43 15.91 -6.48
CA LEU D 399 -18.26 14.72 -6.52
C LEU D 399 -17.76 13.73 -7.56
N LYS D 400 -18.16 12.48 -7.41
CA LYS D 400 -17.70 11.39 -8.27
C LYS D 400 -18.69 11.22 -9.42
N SER D 401 -18.24 11.50 -10.64
CA SER D 401 -19.08 11.37 -11.82
C SER D 401 -19.08 9.93 -12.32
N LEU D 402 -19.93 9.67 -13.32
CA LEU D 402 -19.97 8.35 -13.92
C LEU D 402 -18.63 7.98 -14.54
N SER D 403 -17.94 8.96 -15.13
CA SER D 403 -16.62 8.70 -15.70
C SER D 403 -15.62 8.32 -14.62
N ASP D 404 -15.74 8.92 -13.43
CA ASP D 404 -14.81 8.63 -12.34
C ASP D 404 -14.90 7.19 -11.85
N LEU D 405 -15.89 6.43 -12.30
CA LEU D 405 -15.98 5.02 -11.93
C LEU D 405 -15.03 4.14 -12.75
N LEU D 406 -14.82 4.49 -14.02
CA LEU D 406 -14.03 3.67 -14.93
C LEU D 406 -12.55 4.04 -14.90
N LYS D 407 -12.23 5.31 -14.77
CA LYS D 407 -10.88 5.80 -14.97
C LYS D 407 -10.03 5.58 -13.72
N GLY D 408 -8.72 5.51 -13.94
CA GLY D 408 -7.74 5.54 -12.87
C GLY D 408 -7.40 4.17 -12.31
N LYS D 409 -6.43 4.19 -11.39
CA LYS D 409 -6.03 2.98 -10.68
C LYS D 409 -7.13 2.48 -9.75
N GLN D 410 -8.07 3.34 -9.36
CA GLN D 410 -9.17 2.96 -8.48
C GLN D 410 -10.45 2.66 -9.25
N GLY D 411 -10.42 2.75 -10.57
CA GLY D 411 -11.60 2.51 -11.37
C GLY D 411 -11.95 1.03 -11.46
N ARG D 412 -12.96 0.73 -12.27
CA ARG D 412 -13.43 -0.64 -12.41
C ARG D 412 -12.37 -1.53 -13.03
N PHE D 413 -11.69 -1.07 -14.07
CA PHE D 413 -10.76 -1.91 -14.81
C PHE D 413 -9.62 -2.37 -13.91
N ARG D 414 -8.80 -1.42 -13.43
CA ARG D 414 -7.61 -1.79 -12.67
C ARG D 414 -7.98 -2.29 -11.27
N GLN D 415 -9.00 -1.72 -10.65
CA GLN D 415 -9.34 -2.07 -9.28
C GLN D 415 -10.16 -3.35 -9.22
N ASN D 416 -11.29 -3.40 -9.93
CA ASN D 416 -12.24 -4.49 -9.79
C ASN D 416 -12.24 -5.47 -10.95
N LEU D 417 -11.52 -5.20 -12.03
CA LEU D 417 -11.58 -6.06 -13.22
C LEU D 417 -10.26 -6.77 -13.51
N LEU D 418 -9.16 -6.02 -13.70
CA LEU D 418 -7.88 -6.65 -13.97
C LEU D 418 -7.25 -7.26 -12.71
N GLY D 419 -7.77 -6.92 -11.54
CA GLY D 419 -7.39 -7.52 -10.28
C GLY D 419 -8.61 -7.52 -9.37
N LYS D 420 -8.48 -8.20 -8.23
CA LYS D 420 -9.59 -8.23 -7.29
C LYS D 420 -9.15 -9.02 -6.06
N ARG D 421 -9.91 -8.88 -4.98
CA ARG D 421 -9.68 -9.67 -3.79
C ARG D 421 -10.39 -11.02 -3.92
N VAL D 422 -9.77 -12.05 -3.36
CA VAL D 422 -10.19 -13.43 -3.60
C VAL D 422 -10.36 -14.18 -2.28
N ASP D 423 -11.17 -15.23 -2.34
CA ASP D 423 -11.35 -16.12 -1.21
C ASP D 423 -10.18 -17.11 -1.11
N TYR D 424 -10.21 -17.93 -0.07
CA TYR D 424 -9.22 -18.99 0.12
C TYR D 424 -7.80 -18.46 0.00
N SER D 425 -7.53 -17.36 0.71
CA SER D 425 -6.23 -16.73 0.67
C SER D 425 -5.86 -16.23 2.06
N GLY D 426 -4.57 -15.95 2.23
CA GLY D 426 -4.06 -15.45 3.50
C GLY D 426 -2.67 -14.90 3.32
N ARG D 427 -2.08 -14.47 4.44
CA ARG D 427 -0.72 -13.95 4.43
C ARG D 427 -0.21 -13.87 5.86
N SER D 428 1.10 -13.70 5.99
CA SER D 428 1.77 -13.59 7.28
C SER D 428 3.25 -13.34 7.00
N VAL D 429 3.99 -13.02 8.06
CA VAL D 429 5.43 -12.83 7.92
C VAL D 429 6.10 -14.17 7.68
N ILE D 430 7.24 -14.15 7.00
CA ILE D 430 7.93 -15.36 6.61
C ILE D 430 9.21 -15.52 7.42
N VAL D 431 9.56 -16.78 7.68
CA VAL D 431 10.80 -17.13 8.36
C VAL D 431 11.49 -18.21 7.55
N VAL D 432 12.81 -18.34 7.78
CA VAL D 432 13.60 -19.26 6.99
C VAL D 432 13.16 -20.70 7.23
N GLY D 433 13.33 -21.54 6.20
CA GLY D 433 12.92 -22.93 6.25
C GLY D 433 14.06 -23.88 5.91
N PRO D 434 15.26 -23.61 6.44
CA PRO D 434 16.45 -24.31 5.95
C PRO D 434 16.34 -25.84 5.95
N GLN D 435 15.42 -26.39 6.74
CA GLN D 435 15.23 -27.84 6.80
C GLN D 435 14.18 -28.34 5.81
N LEU D 436 13.62 -27.46 4.99
CA LEU D 436 12.57 -27.83 4.06
C LEU D 436 13.15 -28.37 2.77
N LYS D 437 12.40 -29.26 2.13
CA LYS D 437 12.71 -29.65 0.77
C LYS D 437 12.30 -28.54 -0.19
N LEU D 438 12.96 -28.50 -1.35
CA LEU D 438 12.75 -27.40 -2.28
C LEU D 438 11.28 -27.25 -2.68
N HIS D 439 10.49 -28.31 -2.61
CA HIS D 439 9.10 -28.29 -3.04
C HIS D 439 8.12 -28.01 -1.90
N GLN D 440 8.62 -27.72 -0.70
CA GLN D 440 7.78 -27.61 0.48
C GLN D 440 7.81 -26.20 1.03
N CYS D 441 6.87 -25.92 1.94
CA CYS D 441 6.80 -24.66 2.64
C CYS D 441 6.11 -24.88 3.99
N GLY D 442 6.55 -24.12 4.99
CA GLY D 442 5.94 -24.18 6.30
C GLY D 442 4.71 -23.30 6.36
N LEU D 443 3.58 -23.89 6.75
CA LEU D 443 2.32 -23.19 6.80
C LEU D 443 1.78 -23.16 8.22
N PRO D 444 1.46 -22.00 8.78
CA PRO D 444 0.92 -21.96 10.15
C PRO D 444 -0.35 -22.79 10.25
N LYS D 445 -0.41 -23.65 11.27
CA LYS D 445 -1.54 -24.56 11.41
C LYS D 445 -2.86 -23.79 11.50
N LEU D 446 -2.87 -22.67 12.24
CA LEU D 446 -4.08 -21.86 12.31
C LEU D 446 -4.49 -21.38 10.93
N MET D 447 -3.55 -20.81 10.17
CA MET D 447 -3.85 -20.34 8.84
C MET D 447 -4.35 -21.47 7.95
N ALA D 448 -3.67 -22.62 8.00
CA ALA D 448 -4.07 -23.75 7.16
C ALA D 448 -5.50 -24.20 7.48
N LEU D 449 -5.85 -24.22 8.78
CA LEU D 449 -7.18 -24.68 9.16
C LEU D 449 -8.27 -23.86 8.49
N GLU D 450 -8.12 -22.52 8.53
CA GLU D 450 -9.13 -21.67 7.90
C GLU D 450 -9.14 -21.83 6.40
N LEU D 451 -7.96 -21.86 5.77
CA LEU D 451 -7.89 -22.02 4.32
C LEU D 451 -8.63 -23.27 3.87
N PHE D 452 -8.42 -24.39 4.55
CA PHE D 452 -9.01 -25.66 4.19
C PHE D 452 -10.32 -25.94 4.92
N LYS D 453 -10.88 -24.95 5.62
CA LYS D 453 -12.06 -25.12 6.46
C LYS D 453 -13.12 -25.96 5.78
N PRO D 454 -13.59 -25.60 4.59
CA PRO D 454 -14.62 -26.42 3.93
C PRO D 454 -14.19 -27.85 3.68
N PHE D 455 -12.89 -28.09 3.48
CA PHE D 455 -12.42 -29.44 3.23
C PHE D 455 -12.45 -30.28 4.51
N VAL D 456 -11.83 -29.77 5.58
CA VAL D 456 -11.81 -30.52 6.83
C VAL D 456 -13.22 -30.76 7.35
N MET D 457 -14.12 -29.79 7.14
CA MET D 457 -15.50 -29.97 7.56
C MET D 457 -16.11 -31.24 6.96
N LYS D 458 -15.84 -31.49 5.67
CA LYS D 458 -16.38 -32.70 5.04
C LYS D 458 -15.67 -33.94 5.58
N ARG D 459 -14.35 -33.89 5.72
CA ARG D 459 -13.60 -35.06 6.17
C ARG D 459 -14.05 -35.50 7.55
N LEU D 460 -14.15 -34.56 8.49
CA LEU D 460 -14.56 -34.92 9.84
C LEU D 460 -16.05 -35.27 9.93
N VAL D 461 -16.82 -35.00 8.89
CA VAL D 461 -18.19 -35.49 8.82
C VAL D 461 -18.24 -36.89 8.19
N ASP D 462 -17.42 -37.12 7.16
CA ASP D 462 -17.26 -38.47 6.64
C ASP D 462 -16.91 -39.44 7.77
N LEU D 463 -15.85 -39.12 8.52
CA LEU D 463 -15.60 -39.80 9.78
C LEU D 463 -16.67 -39.40 10.78
N ASN D 464 -16.91 -40.28 11.75
CA ASN D 464 -17.99 -40.01 12.69
C ASN D 464 -17.69 -38.88 13.66
N HIS D 465 -16.59 -38.13 13.48
CA HIS D 465 -16.25 -37.07 14.43
C HIS D 465 -17.41 -36.12 14.65
N ALA D 466 -18.11 -35.75 13.57
CA ALA D 466 -19.26 -34.86 13.66
C ALA D 466 -20.42 -35.49 12.89
N GLN D 467 -21.64 -35.31 13.42
CA GLN D 467 -22.81 -35.96 12.84
C GLN D 467 -23.42 -35.17 11.70
N ASN D 468 -23.42 -33.84 11.78
CA ASN D 468 -23.97 -32.99 10.73
C ASN D 468 -23.00 -31.85 10.45
N ILE D 469 -23.23 -31.18 9.32
CA ILE D 469 -22.34 -30.10 8.90
C ILE D 469 -22.33 -28.97 9.91
N LYS D 470 -23.45 -28.74 10.60
CA LYS D 470 -23.48 -27.71 11.63
C LYS D 470 -22.49 -28.01 12.75
N SER D 471 -22.44 -29.27 13.20
CA SER D 471 -21.47 -29.65 14.22
C SER D 471 -20.05 -29.57 13.68
N ALA D 472 -19.86 -29.88 12.41
CA ALA D 472 -18.52 -29.80 11.82
C ALA D 472 -18.00 -28.37 11.85
N LYS D 473 -18.85 -27.40 11.49
CA LYS D 473 -18.42 -26.01 11.47
C LYS D 473 -17.96 -25.55 12.85
N ARG D 474 -18.81 -25.75 13.87
CA ARG D 474 -18.43 -25.34 15.22
C ARG D 474 -17.21 -26.10 15.71
N MET D 475 -17.06 -27.37 15.30
CA MET D 475 -15.90 -28.15 15.74
C MET D 475 -14.60 -27.57 15.22
N VAL D 476 -14.65 -26.87 14.08
CA VAL D 476 -13.46 -26.20 13.56
C VAL D 476 -13.28 -24.82 14.17
N GLU D 477 -14.38 -24.08 14.33
CA GLU D 477 -14.28 -22.72 14.86
C GLU D 477 -13.64 -22.70 16.25
N ARG D 478 -14.08 -23.59 17.14
CA ARG D 478 -13.51 -23.65 18.48
C ARG D 478 -12.24 -24.48 18.54
N GLN D 479 -11.86 -25.14 17.44
CA GLN D 479 -10.58 -25.83 17.34
C GLN D 479 -10.47 -27.00 18.32
N ARG D 480 -11.48 -27.87 18.29
CA ARG D 480 -11.41 -29.07 19.09
C ARG D 480 -10.24 -29.93 18.61
N PRO D 481 -9.48 -30.54 19.53
CA PRO D 481 -8.21 -31.17 19.15
C PRO D 481 -8.32 -32.24 18.07
N GLN D 482 -9.53 -32.70 17.73
CA GLN D 482 -9.66 -33.78 16.77
C GLN D 482 -9.33 -33.34 15.35
N VAL D 483 -9.53 -32.05 15.05
CA VAL D 483 -9.42 -31.58 13.67
C VAL D 483 -7.99 -31.69 13.15
N TRP D 484 -7.00 -31.50 14.01
CA TRP D 484 -5.62 -31.42 13.55
C TRP D 484 -5.20 -32.69 12.81
N ASP D 485 -5.46 -33.84 13.40
CA ASP D 485 -5.21 -35.10 12.69
C ASP D 485 -5.96 -35.13 11.37
N VAL D 486 -7.12 -34.47 11.30
CA VAL D 486 -7.88 -34.42 10.07
C VAL D 486 -7.24 -33.45 9.08
N LEU D 487 -6.69 -32.35 9.59
CA LEU D 487 -6.11 -31.34 8.70
C LEU D 487 -4.92 -31.89 7.93
N GLU D 488 -4.07 -32.67 8.60
CA GLU D 488 -2.92 -33.25 7.90
C GLU D 488 -3.35 -34.07 6.70
N GLU D 489 -4.52 -34.72 6.77
CA GLU D 489 -4.95 -35.58 5.67
C GLU D 489 -5.41 -34.76 4.47
N VAL D 490 -6.26 -33.76 4.70
CA VAL D 490 -6.76 -32.95 3.59
C VAL D 490 -5.61 -32.18 2.94
N ILE D 491 -4.64 -31.74 3.74
CA ILE D 491 -3.53 -30.95 3.21
C ILE D 491 -2.53 -31.81 2.45
N ALA D 492 -2.54 -33.12 2.66
CA ALA D 492 -1.55 -33.99 2.03
C ALA D 492 -1.57 -33.85 0.52
N GLU D 493 -0.40 -33.62 -0.06
CA GLU D 493 -0.22 -33.54 -1.50
C GLU D 493 -1.21 -32.57 -2.15
N HIS D 494 -1.65 -31.57 -1.39
CA HIS D 494 -2.54 -30.53 -1.91
C HIS D 494 -1.76 -29.23 -2.02
N PRO D 495 -1.38 -28.79 -3.22
CA PRO D 495 -0.45 -27.67 -3.34
C PRO D 495 -1.11 -26.33 -3.03
N VAL D 496 -0.26 -25.34 -2.78
CA VAL D 496 -0.69 -23.96 -2.55
C VAL D 496 0.28 -23.03 -3.27
N LEU D 497 -0.22 -21.85 -3.61
CA LEU D 497 0.57 -20.84 -4.31
C LEU D 497 1.07 -19.80 -3.32
N LEU D 498 2.34 -19.42 -3.48
CA LEU D 498 2.99 -18.48 -2.58
C LEU D 498 3.51 -17.29 -3.40
N ASN D 499 2.97 -16.11 -3.12
CA ASN D 499 3.30 -14.90 -3.88
C ASN D 499 3.81 -13.82 -2.95
N ARG D 500 4.79 -13.05 -3.42
CA ARG D 500 5.30 -11.88 -2.70
C ARG D 500 5.28 -10.69 -3.65
N ALA D 501 4.70 -9.60 -3.20
CA ALA D 501 4.66 -8.41 -4.04
C ALA D 501 5.85 -7.50 -3.75
N PRO D 502 6.31 -6.74 -4.75
CA PRO D 502 5.72 -6.72 -6.09
C PRO D 502 6.11 -7.93 -6.92
N THR D 503 5.19 -8.42 -7.75
CA THR D 503 5.45 -9.55 -8.63
C THR D 503 6.07 -9.03 -9.92
N LEU D 504 7.37 -9.26 -10.09
CA LEU D 504 8.11 -8.74 -11.24
C LEU D 504 8.10 -9.71 -12.41
N HIS D 505 8.54 -10.95 -12.17
CA HIS D 505 8.47 -12.01 -13.17
C HIS D 505 7.57 -13.13 -12.65
N ARG D 506 7.24 -14.05 -13.54
CA ARG D 506 6.30 -15.12 -13.18
C ARG D 506 6.82 -15.93 -12.01
N LEU D 507 8.14 -16.01 -11.83
CA LEU D 507 8.71 -16.71 -10.69
C LEU D 507 8.29 -16.10 -9.35
N GLY D 508 7.69 -14.91 -9.37
CA GLY D 508 7.15 -14.32 -8.16
C GLY D 508 5.99 -15.10 -7.57
N ILE D 509 5.50 -16.12 -8.26
CA ILE D 509 4.47 -17.02 -7.76
C ILE D 509 4.93 -18.45 -8.01
N GLN D 510 4.93 -19.28 -6.97
CA GLN D 510 5.40 -20.65 -7.10
C GLN D 510 4.59 -21.54 -6.17
N ALA D 511 4.31 -22.76 -6.62
CA ALA D 511 3.57 -23.72 -5.83
C ALA D 511 4.51 -24.48 -4.91
N PHE D 512 3.98 -24.89 -3.76
CA PHE D 512 4.72 -25.69 -2.80
C PHE D 512 3.77 -26.68 -2.14
N GLU D 513 4.36 -27.73 -1.55
CA GLU D 513 3.58 -28.69 -0.77
C GLU D 513 3.48 -28.21 0.66
N PRO D 514 2.29 -27.96 1.19
CA PRO D 514 2.18 -27.36 2.52
C PRO D 514 2.56 -28.35 3.61
N GLN D 515 3.17 -27.82 4.67
CA GLN D 515 3.51 -28.58 5.86
C GLN D 515 3.05 -27.80 7.09
N LEU D 516 2.15 -28.39 7.86
CA LEU D 516 1.73 -27.77 9.11
C LEU D 516 2.94 -27.42 9.96
N VAL D 517 2.99 -26.18 10.43
CA VAL D 517 4.12 -25.67 11.19
C VAL D 517 3.60 -25.02 12.47
N GLU D 518 4.34 -25.21 13.56
CA GLU D 518 4.00 -24.55 14.81
C GLU D 518 4.36 -23.07 14.71
N GLY D 519 3.50 -22.22 15.26
CA GLY D 519 3.67 -20.79 15.18
C GLY D 519 2.78 -20.16 14.13
N LYS D 520 2.82 -18.83 14.08
CA LYS D 520 2.00 -18.05 13.18
C LYS D 520 2.76 -17.53 11.96
N ALA D 521 4.03 -17.86 11.81
CA ALA D 521 4.83 -17.43 10.67
C ALA D 521 4.87 -18.52 9.60
N ILE D 522 5.38 -18.13 8.43
CA ILE D 522 5.48 -19.02 7.28
C ILE D 522 6.94 -19.37 7.06
N GLN D 523 7.22 -20.66 6.89
CA GLN D 523 8.58 -21.13 6.63
C GLN D 523 8.81 -21.20 5.13
N LEU D 524 9.80 -20.46 4.64
CA LEU D 524 10.13 -20.38 3.23
C LEU D 524 11.46 -21.05 2.96
N HIS D 525 11.53 -21.81 1.88
CA HIS D 525 12.77 -22.48 1.52
C HIS D 525 13.84 -21.43 1.18
N PRO D 526 15.06 -21.56 1.72
CA PRO D 526 16.06 -20.50 1.52
C PRO D 526 16.52 -20.35 0.08
N LEU D 527 16.26 -21.32 -0.79
CA LEU D 527 16.73 -21.26 -2.17
C LEU D 527 15.80 -20.45 -3.08
N VAL D 528 14.55 -20.23 -2.67
CA VAL D 528 13.61 -19.46 -3.47
C VAL D 528 13.61 -17.98 -3.14
N CYS D 529 14.46 -17.53 -2.21
CA CYS D 529 14.52 -16.11 -1.90
C CYS D 529 14.94 -15.30 -3.12
N GLU D 530 15.87 -15.82 -3.92
CA GLU D 530 16.33 -15.09 -5.09
C GLU D 530 15.16 -14.73 -6.02
N ALA D 531 14.31 -15.71 -6.31
CA ALA D 531 13.18 -15.46 -7.21
C ALA D 531 12.23 -14.44 -6.60
N PHE D 532 11.78 -14.68 -5.37
CA PHE D 532 10.86 -13.76 -4.69
C PHE D 532 11.52 -12.45 -4.28
N ASN D 533 12.84 -12.34 -4.39
CA ASN D 533 13.56 -11.18 -3.86
C ASN D 533 13.19 -10.96 -2.40
N ALA D 534 13.03 -12.06 -1.67
CA ALA D 534 12.47 -12.05 -0.32
C ALA D 534 13.58 -11.86 0.71
N ASP D 535 13.52 -10.77 1.44
CA ASP D 535 14.34 -10.57 2.63
C ASP D 535 13.53 -10.97 3.86
N PHE D 536 14.23 -11.53 4.85
CA PHE D 536 13.59 -11.91 6.11
C PHE D 536 13.62 -10.78 7.13
N ASP D 537 13.71 -9.53 6.68
CA ASP D 537 13.67 -8.36 7.53
C ASP D 537 12.24 -7.98 7.96
N GLY D 538 11.27 -8.87 7.74
CA GLY D 538 9.90 -8.60 8.14
C GLY D 538 8.91 -8.69 7.00
N ASP D 539 9.38 -9.13 5.83
CA ASP D 539 8.51 -9.26 4.67
C ASP D 539 7.38 -10.26 4.95
N GLN D 540 6.30 -10.10 4.20
CA GLN D 540 5.15 -10.99 4.28
C GLN D 540 4.89 -11.61 2.90
N MET D 541 4.12 -12.69 2.89
CA MET D 541 3.78 -13.38 1.66
C MET D 541 2.34 -13.84 1.69
N ALA D 542 1.72 -13.89 0.52
CA ALA D 542 0.34 -14.29 0.39
C ALA D 542 0.26 -15.76 -0.01
N VAL D 543 -0.77 -16.44 0.49
CA VAL D 543 -1.02 -17.84 0.18
C VAL D 543 -2.37 -17.94 -0.51
N HIS D 544 -2.42 -18.75 -1.57
CA HIS D 544 -3.66 -18.99 -2.31
C HIS D 544 -3.87 -20.49 -2.45
N LEU D 545 -5.12 -20.92 -2.37
CA LEU D 545 -5.45 -22.33 -2.37
C LEU D 545 -6.10 -22.73 -3.69
N PRO D 546 -5.36 -23.39 -4.59
CA PRO D 546 -5.98 -23.87 -5.83
C PRO D 546 -7.03 -24.93 -5.53
N LEU D 547 -8.22 -24.76 -6.11
CA LEU D 547 -9.37 -25.62 -5.81
C LEU D 547 -9.62 -26.66 -6.90
N SER D 548 -9.88 -26.23 -8.14
CA SER D 548 -10.31 -27.17 -9.16
C SER D 548 -9.18 -28.11 -9.57
N ALA D 549 -9.56 -29.27 -10.10
CA ALA D 549 -8.58 -30.25 -10.53
C ALA D 549 -7.59 -29.63 -11.51
N GLU D 550 -8.08 -28.84 -12.47
CA GLU D 550 -7.19 -28.17 -13.40
C GLU D 550 -6.24 -27.22 -12.68
N ALA D 551 -6.76 -26.49 -11.69
CA ALA D 551 -5.92 -25.54 -10.96
C ALA D 551 -4.83 -26.25 -10.19
N GLN D 552 -5.15 -27.38 -9.56
CA GLN D 552 -4.13 -28.13 -8.82
C GLN D 552 -3.13 -28.76 -9.78
N ALA D 553 -3.60 -29.23 -10.93
CA ALA D 553 -2.68 -29.76 -11.94
C ALA D 553 -1.70 -28.70 -12.40
N GLU D 554 -2.21 -27.49 -12.67
CA GLU D 554 -1.33 -26.40 -13.08
C GLU D 554 -0.30 -26.07 -12.01
N ALA D 555 -0.72 -26.11 -10.75
CA ALA D 555 0.22 -25.82 -9.66
C ALA D 555 1.33 -26.85 -9.61
N ARG D 556 0.97 -28.13 -9.60
CA ARG D 556 1.97 -29.18 -9.49
C ARG D 556 2.90 -29.22 -10.68
N ILE D 557 2.37 -28.94 -11.87
CA ILE D 557 3.13 -29.12 -13.11
C ILE D 557 3.82 -27.83 -13.52
N LEU D 558 3.04 -26.78 -13.75
CA LEU D 558 3.59 -25.56 -14.34
C LEU D 558 4.35 -24.73 -13.31
N MET D 559 3.76 -24.50 -12.15
CA MET D 559 4.27 -23.54 -11.19
C MET D 559 5.02 -24.16 -10.02
N LEU D 560 5.18 -25.48 -10.00
CA LEU D 560 5.86 -26.14 -8.88
C LEU D 560 7.24 -25.53 -8.66
N SER D 561 7.67 -25.51 -7.40
CA SER D 561 8.90 -24.82 -7.05
C SER D 561 10.10 -25.44 -7.76
N SER D 562 10.28 -26.75 -7.62
CA SER D 562 11.48 -27.41 -8.11
C SER D 562 11.56 -27.45 -9.64
N ASN D 563 10.43 -27.35 -10.34
CA ASN D 563 10.47 -27.34 -11.79
C ASN D 563 10.95 -26.01 -12.34
N ASN D 564 10.83 -24.93 -11.58
CA ASN D 564 11.32 -23.61 -11.97
C ASN D 564 12.61 -23.33 -11.21
N ILE D 565 13.74 -23.49 -11.89
CA ILE D 565 15.07 -23.26 -11.31
C ILE D 565 15.80 -22.15 -12.04
N LEU D 566 15.92 -22.26 -13.36
CA LEU D 566 16.58 -21.23 -14.16
C LEU D 566 15.63 -20.07 -14.41
N SER D 567 16.17 -18.85 -14.40
CA SER D 567 15.35 -17.69 -14.70
C SER D 567 14.89 -17.75 -16.16
N PRO D 568 13.63 -17.41 -16.43
CA PRO D 568 13.13 -17.51 -17.81
C PRO D 568 13.54 -16.33 -18.68
N ALA D 569 14.54 -15.58 -18.25
CA ALA D 569 15.06 -14.47 -19.04
C ALA D 569 16.47 -14.73 -19.56
N SER D 570 17.38 -15.16 -18.69
CA SER D 570 18.77 -15.40 -19.08
C SER D 570 19.13 -16.87 -19.12
N GLY D 571 18.22 -17.76 -18.72
CA GLY D 571 18.53 -19.16 -18.58
C GLY D 571 19.45 -19.51 -17.43
N LYS D 572 20.07 -18.52 -16.79
CA LYS D 572 20.95 -18.77 -15.68
C LYS D 572 20.18 -19.40 -14.52
N PRO D 573 20.87 -20.12 -13.64
CA PRO D 573 20.19 -20.70 -12.48
C PRO D 573 19.91 -19.66 -11.41
N LEU D 574 18.72 -19.77 -10.80
CA LEU D 574 18.30 -18.87 -9.75
C LEU D 574 18.35 -19.51 -8.37
N ALA D 575 17.86 -20.74 -8.24
CA ALA D 575 17.86 -21.45 -6.97
C ALA D 575 19.28 -21.84 -6.56
N MET D 576 20.23 -21.44 -7.38
CA MET D 576 21.64 -21.66 -7.06
C MET D 576 21.93 -21.21 -5.64
N PRO D 577 22.80 -21.92 -4.91
CA PRO D 577 23.11 -21.52 -3.54
C PRO D 577 23.62 -20.09 -3.47
N ARG D 578 23.45 -19.46 -2.30
CA ARG D 578 23.84 -18.07 -2.18
C ARG D 578 24.09 -17.68 -0.72
N LEU D 579 25.09 -16.83 -0.55
CA LEU D 579 25.42 -16.01 0.63
C LEU D 579 25.94 -16.77 1.84
N ASP D 580 25.51 -18.00 2.05
CA ASP D 580 25.97 -18.72 3.23
C ASP D 580 26.45 -20.06 2.73
N MET D 581 25.57 -20.65 1.92
CA MET D 581 25.89 -21.85 1.19
C MET D 581 27.10 -21.64 0.30
N VAL D 582 27.31 -20.40 -0.16
CA VAL D 582 28.50 -20.09 -0.93
C VAL D 582 29.75 -20.18 -0.05
N THR D 583 29.84 -19.34 0.98
CA THR D 583 31.00 -19.40 1.86
C THR D 583 31.10 -20.74 2.56
N GLY D 584 29.97 -21.40 2.79
CA GLY D 584 30.01 -22.72 3.41
C GLY D 584 30.69 -23.75 2.53
N LEU D 585 30.40 -23.74 1.23
CA LEU D 585 31.05 -24.67 0.31
C LEU D 585 32.45 -24.18 -0.06
N TYR D 586 32.58 -22.89 -0.37
CA TYR D 586 33.89 -22.32 -0.65
C TYR D 586 34.91 -22.73 0.40
N TYR D 587 34.50 -22.74 1.67
CA TYR D 587 35.38 -23.20 2.74
C TYR D 587 35.63 -24.70 2.64
N LEU D 588 34.59 -25.47 2.27
CA LEU D 588 34.72 -26.92 2.23
C LEU D 588 35.72 -27.36 1.17
N THR D 589 35.63 -26.77 -0.03
CA THR D 589 36.44 -27.21 -1.16
C THR D 589 37.82 -26.57 -1.21
N THR D 590 38.04 -25.48 -0.48
CA THR D 590 39.33 -24.81 -0.54
C THR D 590 40.44 -25.73 -0.04
N LEU D 591 41.64 -25.51 -0.57
CA LEU D 591 42.82 -26.32 -0.26
C LEU D 591 43.83 -25.47 0.49
N VAL D 592 44.17 -25.89 1.71
CA VAL D 592 45.07 -25.14 2.57
C VAL D 592 46.44 -25.81 2.59
N GLU D 593 47.47 -25.03 2.30
CA GLU D 593 48.84 -25.55 2.35
C GLU D 593 49.26 -25.81 3.79
N GLY D 594 49.95 -26.92 4.00
CA GLY D 594 50.42 -27.26 5.33
C GLY D 594 49.32 -27.55 6.33
N ALA D 595 48.20 -28.11 5.89
CA ALA D 595 47.13 -28.46 6.80
C ALA D 595 47.53 -29.65 7.67
N THR D 596 46.61 -30.08 8.53
CA THR D 596 46.87 -31.20 9.43
C THR D 596 46.69 -32.52 8.69
N GLY D 597 47.66 -33.41 8.83
CA GLY D 597 47.63 -34.68 8.13
C GLY D 597 47.93 -34.59 6.64
N GLU D 598 48.47 -33.47 6.18
CA GLU D 598 48.72 -33.28 4.75
C GLU D 598 49.59 -34.40 4.20
N TYR D 599 49.23 -34.88 3.01
CA TYR D 599 50.05 -35.86 2.31
C TYR D 599 51.48 -35.35 2.19
N GLN D 600 52.42 -36.10 2.76
CA GLN D 600 53.79 -35.65 2.91
C GLN D 600 54.70 -36.06 1.76
N ALA D 601 54.26 -36.97 0.89
CA ALA D 601 55.14 -37.52 -0.15
C ALA D 601 56.41 -38.07 0.48
N ALA D 602 56.21 -39.02 1.37
CA ALA D 602 57.28 -39.48 2.26
C ALA D 602 58.47 -40.03 1.48
N THR D 603 59.62 -40.06 2.15
CA THR D 603 60.88 -40.41 1.52
C THR D 603 61.78 -41.19 2.48
N LYS D 604 62.32 -42.30 1.97
CA LYS D 604 63.42 -43.11 2.48
C LYS D 604 63.13 -43.98 3.68
N ASP D 605 62.13 -43.63 4.50
CA ASP D 605 62.02 -44.37 5.75
C ASP D 605 60.57 -44.55 6.13
N ALA D 606 59.70 -43.83 5.44
CA ALA D 606 58.30 -43.80 5.73
C ALA D 606 57.55 -43.86 4.41
N PRO D 607 56.53 -44.70 4.30
CA PRO D 607 55.65 -44.67 3.12
C PRO D 607 54.94 -43.32 3.03
N GLU D 608 54.26 -43.13 1.90
CA GLU D 608 53.82 -41.80 1.47
C GLU D 608 53.20 -40.99 2.60
N GLN D 609 52.45 -41.62 3.49
CA GLN D 609 51.83 -41.03 4.67
C GLN D 609 50.59 -40.19 4.36
N GLY D 610 50.27 -39.96 3.09
CA GLY D 610 49.14 -39.10 2.76
C GLY D 610 48.01 -39.83 2.09
N VAL D 611 48.00 -41.15 2.20
CA VAL D 611 47.04 -41.99 1.49
C VAL D 611 46.07 -42.57 2.51
N TYR D 612 44.83 -42.79 2.05
CA TYR D 612 43.78 -43.35 2.89
C TYR D 612 43.10 -44.49 2.15
N SER D 613 42.77 -45.55 2.89
CA SER D 613 42.11 -46.70 2.30
C SER D 613 40.85 -46.30 1.55
N SER D 614 40.02 -45.48 2.17
CA SER D 614 38.76 -45.06 1.58
C SER D 614 38.42 -43.68 2.13
N PRO D 615 37.37 -43.05 1.59
CA PRO D 615 36.92 -41.78 2.19
C PRO D 615 36.40 -41.96 3.60
N ALA D 616 35.75 -43.09 3.88
CA ALA D 616 35.30 -43.38 5.24
C ALA D 616 36.45 -43.43 6.23
N GLU D 617 37.67 -43.71 5.77
CA GLU D 617 38.82 -43.66 6.65
C GLU D 617 39.25 -42.22 6.93
N ALA D 618 39.26 -41.37 5.89
CA ALA D 618 39.57 -39.96 6.09
C ALA D 618 38.63 -39.32 7.09
N ILE D 619 37.39 -39.81 7.18
CA ILE D 619 36.46 -39.30 8.19
C ILE D 619 36.90 -39.72 9.58
N MET D 620 37.16 -41.02 9.77
CA MET D 620 37.68 -41.48 11.06
C MET D 620 38.98 -40.77 11.42
N ALA D 621 39.75 -40.35 10.41
CA ALA D 621 40.96 -39.57 10.67
C ALA D 621 40.65 -38.11 10.89
N MET D 622 39.56 -37.59 10.28
CA MET D 622 39.18 -36.21 10.52
C MET D 622 38.60 -36.03 11.92
N ASP D 623 37.74 -36.96 12.35
CA ASP D 623 37.18 -36.87 13.70
C ASP D 623 38.29 -36.79 14.74
N ARG D 624 39.27 -37.67 14.65
CA ARG D 624 40.49 -37.49 15.42
C ARG D 624 41.27 -36.31 14.85
N GLY D 625 42.20 -35.79 15.66
CA GLY D 625 42.94 -34.61 15.25
C GLY D 625 43.85 -34.83 14.06
N ALA D 626 43.77 -36.01 13.44
CA ALA D 626 44.70 -36.37 12.38
C ALA D 626 44.46 -35.56 11.12
N LEU D 627 43.25 -35.60 10.58
CA LEU D 627 42.97 -35.07 9.25
C LEU D 627 42.28 -33.70 9.34
N SER D 628 42.54 -32.88 8.32
CA SER D 628 41.88 -31.60 8.14
C SER D 628 41.05 -31.63 6.87
N VAL D 629 39.85 -31.05 6.93
CA VAL D 629 38.94 -31.08 5.79
C VAL D 629 39.53 -30.34 4.59
N ARG D 630 40.51 -29.48 4.81
CA ARG D 630 41.11 -28.67 3.75
C ARG D 630 42.50 -29.15 3.37
N ALA D 631 42.85 -30.38 3.73
CA ALA D 631 44.16 -30.93 3.44
C ALA D 631 44.27 -31.36 1.97
N LYS D 632 45.49 -31.62 1.53
CA LYS D 632 45.78 -31.97 0.14
C LYS D 632 46.07 -33.46 -0.03
N ILE D 633 45.53 -34.30 0.83
CA ILE D 633 45.80 -35.74 0.80
C ILE D 633 45.20 -36.35 -0.46
N LYS D 634 45.62 -37.58 -0.77
CA LYS D 634 45.07 -38.34 -1.90
C LYS D 634 44.36 -39.57 -1.37
N VAL D 635 43.22 -39.90 -1.97
CA VAL D 635 42.36 -40.98 -1.49
C VAL D 635 41.98 -41.89 -2.66
N ARG D 636 41.72 -43.15 -2.32
CA ARG D 636 41.16 -44.11 -3.28
C ARG D 636 39.64 -44.09 -3.16
N LEU D 637 38.96 -43.84 -4.27
CA LEU D 637 37.52 -43.69 -4.30
C LEU D 637 36.90 -44.78 -5.17
N THR D 638 35.94 -45.51 -4.61
CA THR D 638 35.23 -46.55 -5.34
C THR D 638 33.88 -46.10 -5.89
N GLU D 639 33.19 -45.20 -5.18
CA GLU D 639 31.81 -44.84 -5.50
C GLU D 639 31.69 -43.50 -6.22
N LEU D 640 32.81 -42.86 -6.56
CA LEU D 640 32.77 -41.58 -7.26
C LEU D 640 33.41 -41.72 -8.64
N ARG D 641 33.02 -40.83 -9.54
CA ARG D 641 33.54 -40.91 -10.90
C ARG D 641 34.67 -39.90 -11.10
N PRO D 642 35.73 -40.30 -11.79
CA PRO D 642 36.87 -39.40 -12.01
C PRO D 642 36.57 -38.44 -13.15
N PRO D 643 37.45 -37.46 -13.39
CA PRO D 643 37.24 -36.54 -14.50
C PRO D 643 37.22 -37.27 -15.83
N THR D 644 36.79 -36.56 -16.87
CA THR D 644 36.72 -37.16 -18.20
C THR D 644 38.11 -37.53 -18.70
N ASP D 645 39.06 -36.59 -18.61
CA ASP D 645 40.41 -36.85 -19.10
C ASP D 645 41.03 -38.06 -18.40
N LEU D 646 41.14 -38.00 -17.08
CA LEU D 646 41.81 -39.07 -16.35
C LEU D 646 41.06 -40.39 -16.51
N GLU D 647 39.73 -40.35 -16.63
CA GLU D 647 38.96 -41.58 -16.82
C GLU D 647 39.41 -42.30 -18.09
N ALA D 648 39.72 -41.55 -19.15
CA ALA D 648 40.16 -42.17 -20.39
C ALA D 648 41.47 -42.92 -20.18
N GLN D 649 42.44 -42.29 -19.51
CA GLN D 649 43.73 -42.92 -19.30
C GLN D 649 43.65 -44.06 -18.29
N LEU D 650 42.77 -43.94 -17.29
CA LEU D 650 42.72 -44.94 -16.23
C LEU D 650 42.02 -46.21 -16.69
N PHE D 651 40.84 -46.10 -17.30
CA PHE D 651 40.11 -47.30 -17.72
C PHE D 651 40.01 -47.38 -19.24
N GLU D 652 39.29 -46.47 -19.87
CA GLU D 652 39.05 -46.44 -21.31
C GLU D 652 38.29 -47.69 -21.76
N ASN D 653 38.11 -48.65 -20.86
CA ASN D 653 37.27 -49.81 -21.10
C ASN D 653 35.84 -49.57 -20.65
N GLY D 654 35.61 -48.48 -19.94
CA GLY D 654 34.31 -48.17 -19.37
C GLY D 654 34.50 -47.20 -18.22
N TRP D 655 33.51 -47.17 -17.34
CA TRP D 655 33.55 -46.36 -16.13
C TRP D 655 33.67 -47.28 -14.92
N LYS D 656 33.64 -46.67 -13.74
CA LYS D 656 33.83 -47.40 -12.48
C LYS D 656 32.69 -47.11 -11.52
N PRO D 657 31.71 -48.00 -11.42
CA PRO D 657 30.73 -47.89 -10.33
C PRO D 657 31.28 -48.51 -9.06
N GLY D 658 32.12 -49.53 -9.23
CA GLY D 658 32.81 -50.15 -8.12
C GLY D 658 34.31 -50.17 -8.32
N ASP D 659 34.74 -50.02 -9.57
CA ASP D 659 36.16 -50.00 -9.87
C ASP D 659 36.83 -48.84 -9.14
N ALA D 660 37.86 -49.16 -8.36
CA ALA D 660 38.50 -48.18 -7.51
C ALA D 660 39.58 -47.40 -8.27
N TRP D 661 39.72 -46.13 -7.92
CA TRP D 661 40.74 -45.26 -8.48
C TRP D 661 41.18 -44.28 -7.40
N THR D 662 42.28 -43.59 -7.64
CA THR D 662 42.85 -42.69 -6.65
C THR D 662 43.19 -41.36 -7.29
N ALA D 663 42.83 -40.27 -6.60
CA ALA D 663 43.19 -38.93 -6.99
C ALA D 663 43.57 -38.14 -5.75
N GLU D 664 44.22 -37.00 -5.97
CA GLU D 664 44.67 -36.12 -4.88
C GLU D 664 43.72 -34.94 -4.80
N THR D 665 42.93 -34.90 -3.72
CA THR D 665 41.96 -33.84 -3.51
C THR D 665 41.82 -33.59 -2.01
N THR D 666 41.23 -32.46 -1.66
CA THR D 666 40.89 -32.20 -0.27
C THR D 666 39.74 -33.10 0.15
N LEU D 667 39.75 -33.51 1.43
CA LEU D 667 38.68 -34.36 1.93
C LEU D 667 37.32 -33.73 1.68
N GLY D 668 37.24 -32.40 1.77
CA GLY D 668 35.98 -31.72 1.49
C GLY D 668 35.54 -31.90 0.05
N ARG D 669 36.47 -31.69 -0.89
CA ARG D 669 36.14 -31.85 -2.30
C ARG D 669 35.56 -33.23 -2.58
N VAL D 670 35.99 -34.25 -1.83
CA VAL D 670 35.36 -35.56 -1.92
C VAL D 670 33.90 -35.48 -1.48
N MET D 671 33.68 -35.04 -0.24
CA MET D 671 32.32 -34.89 0.26
C MET D 671 31.50 -33.96 -0.64
N PHE D 672 32.13 -32.94 -1.21
CA PHE D 672 31.41 -32.07 -2.14
C PHE D 672 30.85 -32.85 -3.31
N ASN D 673 31.71 -33.63 -3.98
CA ASN D 673 31.26 -34.42 -5.12
C ASN D 673 30.26 -35.51 -4.73
N GLU D 674 30.22 -35.91 -3.46
CA GLU D 674 29.19 -36.84 -3.02
C GLU D 674 27.81 -36.20 -3.05
N LEU D 675 27.73 -34.88 -3.12
CA LEU D 675 26.44 -34.20 -3.25
C LEU D 675 25.93 -34.22 -4.69
N LEU D 676 26.84 -34.15 -5.67
CA LEU D 676 26.46 -34.21 -7.06
C LEU D 676 26.06 -35.62 -7.43
N PRO D 677 25.45 -35.81 -8.60
CA PRO D 677 25.01 -37.14 -9.00
C PRO D 677 26.20 -38.10 -9.16
N LYS D 678 25.98 -39.36 -8.77
CA LYS D 678 27.05 -40.35 -8.88
C LYS D 678 27.58 -40.43 -10.31
N SER D 679 26.75 -40.14 -11.30
CA SER D 679 27.15 -40.14 -12.69
C SER D 679 27.94 -38.90 -13.09
N TYR D 680 28.20 -37.99 -12.18
CA TYR D 680 28.87 -36.77 -12.62
C TYR D 680 30.36 -36.85 -12.37
N PRO D 681 31.17 -36.31 -13.29
CA PRO D 681 32.63 -36.38 -13.13
C PRO D 681 33.10 -35.61 -11.90
N PHE D 682 34.25 -36.05 -11.37
CA PHE D 682 34.86 -35.40 -10.22
C PHE D 682 35.43 -34.04 -10.63
N VAL D 683 35.09 -33.00 -9.87
CA VAL D 683 35.46 -31.64 -10.26
C VAL D 683 36.81 -31.26 -9.66
N ASN D 684 36.93 -31.37 -8.34
CA ASN D 684 38.18 -31.05 -7.63
C ASN D 684 38.62 -29.61 -7.91
N GLU D 685 37.79 -28.68 -7.43
CA GLU D 685 38.12 -27.27 -7.43
C GLU D 685 37.61 -26.65 -6.14
N GLN D 686 37.99 -25.40 -5.89
CA GLN D 686 37.38 -24.61 -4.83
C GLN D 686 36.22 -23.82 -5.44
N MET D 687 35.04 -23.97 -4.84
CA MET D 687 33.80 -23.50 -5.46
C MET D 687 33.59 -22.02 -5.18
N HIS D 688 33.99 -21.18 -6.13
CA HIS D 688 33.45 -19.83 -6.19
C HIS D 688 32.00 -19.90 -6.62
N LYS D 689 31.28 -18.78 -6.49
CA LYS D 689 29.88 -18.78 -6.91
C LYS D 689 29.76 -19.05 -8.41
N LYS D 690 30.60 -18.38 -9.21
CA LYS D 690 30.56 -18.60 -10.65
C LYS D 690 30.86 -20.06 -10.98
N VAL D 691 31.79 -20.68 -10.26
CA VAL D 691 32.09 -22.09 -10.48
C VAL D 691 30.86 -22.95 -10.18
N GLN D 692 30.14 -22.62 -9.11
CA GLN D 692 28.89 -23.33 -8.81
C GLN D 692 27.84 -23.07 -9.87
N ALA D 693 27.80 -21.86 -10.44
CA ALA D 693 26.88 -21.58 -11.52
C ALA D 693 27.18 -22.44 -12.74
N ARG D 694 28.46 -22.58 -13.08
CA ARG D 694 28.85 -23.46 -14.18
C ARG D 694 28.32 -24.88 -13.95
N ILE D 695 28.54 -25.42 -12.76
CA ILE D 695 28.17 -26.81 -12.48
C ILE D 695 26.66 -26.98 -12.53
N ILE D 696 25.92 -26.22 -11.72
CA ILE D 696 24.47 -26.35 -11.69
C ILE D 696 23.88 -26.09 -13.07
N ASN D 697 24.42 -25.11 -13.79
CA ASN D 697 23.98 -24.88 -15.15
C ASN D 697 24.20 -26.12 -16.02
N ASP D 698 25.28 -26.87 -15.75
CA ASP D 698 25.57 -28.05 -16.53
C ASP D 698 24.61 -29.19 -16.20
N LEU D 699 24.22 -29.32 -14.93
CA LEU D 699 23.30 -30.39 -14.55
C LEU D 699 21.97 -30.25 -15.29
N ALA D 700 21.49 -29.03 -15.48
CA ALA D 700 20.22 -28.82 -16.15
C ALA D 700 20.25 -29.22 -17.62
N GLU D 701 21.43 -29.24 -18.24
CA GLU D 701 21.54 -29.67 -19.62
C GLU D 701 21.64 -31.18 -19.74
N ARG D 702 22.34 -31.82 -18.79
CA ARG D 702 22.66 -33.24 -18.88
C ARG D 702 21.77 -34.13 -18.02
N PHE D 703 20.93 -33.56 -17.18
CA PHE D 703 20.15 -34.34 -16.22
C PHE D 703 18.73 -33.82 -16.15
N PRO D 704 17.79 -34.65 -15.69
CA PRO D 704 16.41 -34.19 -15.52
C PRO D 704 16.32 -33.09 -14.46
N MET D 705 15.14 -32.48 -14.39
CA MET D 705 14.92 -31.42 -13.41
C MET D 705 14.97 -31.97 -11.99
N ILE D 706 14.29 -33.08 -11.73
CA ILE D 706 14.26 -33.63 -10.38
C ILE D 706 15.66 -33.91 -9.87
N VAL D 707 16.61 -34.20 -10.77
CA VAL D 707 17.99 -34.43 -10.35
C VAL D 707 18.60 -33.13 -9.85
N VAL D 708 18.39 -32.03 -10.57
CA VAL D 708 18.92 -30.75 -10.12
C VAL D 708 18.19 -30.28 -8.87
N ALA D 709 16.89 -30.55 -8.78
CA ALA D 709 16.14 -30.16 -7.59
C ALA D 709 16.73 -30.80 -6.34
N GLN D 710 17.11 -32.07 -6.43
CA GLN D 710 17.67 -32.76 -5.26
C GLN D 710 19.14 -32.43 -5.06
N THR D 711 19.88 -32.18 -6.14
CA THR D 711 21.28 -31.82 -6.00
C THR D 711 21.44 -30.48 -5.28
N VAL D 712 20.59 -29.51 -5.62
CA VAL D 712 20.66 -28.20 -4.96
C VAL D 712 20.24 -28.31 -3.50
N ASP D 713 19.27 -29.18 -3.21
CA ASP D 713 18.90 -29.44 -1.82
C ASP D 713 20.10 -29.91 -1.02
N LYS D 714 20.89 -30.84 -1.59
CA LYS D 714 22.05 -31.36 -0.87
C LYS D 714 23.12 -30.30 -0.72
N LEU D 715 23.29 -29.44 -1.73
CA LEU D 715 24.23 -28.33 -1.61
C LEU D 715 23.83 -27.39 -0.47
N LYS D 716 22.53 -27.20 -0.27
CA LYS D 716 22.06 -26.34 0.80
C LYS D 716 22.47 -26.89 2.16
N ASP D 717 22.04 -28.12 2.47
CA ASP D 717 22.37 -28.72 3.76
C ASP D 717 23.88 -28.73 4.01
N ALA D 718 24.65 -29.07 2.97
CA ALA D 718 26.10 -29.07 3.12
C ALA D 718 26.64 -27.66 3.32
N GLY D 719 26.14 -26.70 2.55
CA GLY D 719 26.65 -25.34 2.65
C GLY D 719 26.40 -24.73 4.02
N PHE D 720 25.21 -24.95 4.58
CA PHE D 720 24.91 -24.39 5.89
C PHE D 720 25.80 -24.99 6.97
N TYR D 721 25.90 -26.33 6.99
CA TYR D 721 26.72 -26.99 7.99
C TYR D 721 28.13 -26.42 8.03
N TRP D 722 28.75 -26.22 6.87
CA TRP D 722 30.10 -25.71 6.81
C TRP D 722 30.16 -24.19 6.87
N ALA D 723 29.04 -23.51 6.62
CA ALA D 723 29.02 -22.06 6.80
C ALA D 723 29.22 -21.69 8.27
N THR D 724 28.63 -22.46 9.19
CA THR D 724 28.83 -22.20 10.60
C THR D 724 30.19 -22.70 11.08
N ARG D 725 30.62 -23.88 10.63
CA ARG D 725 31.96 -24.38 10.93
C ARG D 725 33.04 -23.57 10.23
N SER D 726 32.67 -22.63 9.35
CA SER D 726 33.66 -21.85 8.62
C SER D 726 34.46 -20.92 9.53
N GLY D 727 33.97 -20.64 10.73
CA GLY D 727 34.65 -19.68 11.59
C GLY D 727 34.68 -18.29 10.99
N VAL D 728 33.59 -17.86 10.38
CA VAL D 728 33.48 -16.56 9.73
C VAL D 728 32.67 -15.65 10.62
N THR D 729 33.34 -14.76 11.33
CA THR D 729 32.69 -13.75 12.16
C THR D 729 33.25 -12.38 11.78
N VAL D 730 32.80 -11.35 12.50
CA VAL D 730 33.26 -9.99 12.29
C VAL D 730 33.69 -9.42 13.63
N SER D 731 34.72 -8.57 13.58
CA SER D 731 35.24 -7.95 14.79
C SER D 731 35.96 -6.66 14.40
N MET D 732 36.11 -5.78 15.39
CA MET D 732 36.94 -4.61 15.19
C MET D 732 38.37 -5.01 14.83
N ALA D 733 38.78 -6.21 15.24
CA ALA D 733 40.12 -6.70 14.93
C ALA D 733 40.20 -7.17 13.47
N ASP D 734 39.28 -8.03 13.06
CA ASP D 734 39.27 -8.52 11.68
C ASP D 734 39.10 -7.40 10.66
N VAL D 735 38.71 -6.21 11.10
CA VAL D 735 38.68 -5.02 10.25
C VAL D 735 39.94 -4.24 10.53
N LEU D 736 40.84 -4.16 9.55
CA LEU D 736 42.10 -3.46 9.72
C LEU D 736 42.34 -2.54 8.54
N VAL D 737 43.27 -1.60 8.74
CA VAL D 737 43.57 -0.57 7.76
C VAL D 737 45.01 -0.74 7.29
N PRO D 738 45.32 -0.40 6.04
CA PRO D 738 46.71 -0.47 5.57
C PRO D 738 47.54 0.66 6.16
N PRO D 739 48.72 0.34 6.72
CA PRO D 739 49.55 1.40 7.32
C PRO D 739 50.01 2.45 6.32
N GLN D 740 50.02 2.13 5.02
CA GLN D 740 50.43 3.12 4.02
C GLN D 740 49.39 4.21 3.82
N LYS D 741 48.25 4.14 4.49
CA LYS D 741 47.20 5.14 4.27
C LYS D 741 47.66 6.53 4.71
N GLN D 742 48.45 6.59 5.78
CA GLN D 742 48.95 7.89 6.25
C GLN D 742 49.81 8.56 5.18
N GLU D 743 50.86 7.87 4.72
CA GLU D 743 51.76 8.44 3.74
C GLU D 743 51.03 8.78 2.45
N ILE D 744 50.20 7.86 1.94
CA ILE D 744 49.43 8.12 0.73
C ILE D 744 48.58 9.37 0.90
N LEU D 745 47.86 9.46 2.02
CA LEU D 745 46.99 10.61 2.26
C LEU D 745 47.79 11.91 2.30
N GLU D 746 48.77 11.98 3.19
CA GLU D 746 49.56 13.20 3.34
C GLU D 746 50.30 13.55 2.05
N ARG D 747 50.68 12.53 1.27
CA ARG D 747 51.36 12.78 -0.01
C ARG D 747 50.46 13.58 -0.95
N HIS D 748 49.28 13.04 -1.26
CA HIS D 748 48.37 13.73 -2.15
C HIS D 748 47.90 15.07 -1.56
N GLU D 749 47.90 15.19 -0.23
CA GLU D 749 47.55 16.45 0.40
C GLU D 749 48.44 17.58 -0.12
N ALA D 750 49.75 17.39 -0.06
CA ALA D 750 50.67 18.40 -0.56
C ALA D 750 50.48 18.61 -2.06
N GLU D 751 50.30 17.52 -2.81
CA GLU D 751 50.04 17.65 -4.24
C GLU D 751 48.83 18.52 -4.51
N ALA D 752 47.82 18.44 -3.64
CA ALA D 752 46.65 19.32 -3.76
C ALA D 752 46.96 20.71 -3.24
N ASP D 753 47.72 20.80 -2.14
CA ASP D 753 48.11 22.12 -1.62
C ASP D 753 48.93 22.89 -2.64
N ALA D 754 49.85 22.21 -3.33
CA ALA D 754 50.62 22.86 -4.38
C ALA D 754 49.70 23.32 -5.50
N ILE D 755 48.83 22.43 -5.98
CA ILE D 755 47.83 22.82 -6.97
C ILE D 755 46.90 23.87 -6.39
N GLU D 756 46.52 23.71 -5.12
CA GLU D 756 45.78 24.77 -4.44
C GLU D 756 46.59 26.04 -4.33
N ARG D 757 47.91 25.92 -4.18
CA ARG D 757 48.78 27.09 -4.23
C ARG D 757 48.87 27.67 -5.64
N LYS D 758 48.85 26.80 -6.65
CA LYS D 758 48.82 27.29 -8.03
C LYS D 758 47.51 28.01 -8.34
N TYR D 759 46.39 27.46 -7.85
CA TYR D 759 45.12 28.15 -8.01
C TYR D 759 45.06 29.40 -7.15
N GLN D 760 45.58 29.32 -5.92
CA GLN D 760 45.69 30.51 -5.08
C GLN D 760 46.65 31.53 -5.67
N ARG D 761 47.50 31.12 -6.61
CA ARG D 761 48.39 32.06 -7.28
C ARG D 761 47.68 32.86 -8.38
N GLY D 762 46.49 32.44 -8.79
CA GLY D 762 45.70 33.16 -9.75
C GLY D 762 45.78 32.63 -11.17
N ALA D 763 46.78 31.81 -11.48
CA ALA D 763 46.94 31.31 -12.84
C ALA D 763 46.02 30.14 -13.14
N LEU D 764 45.81 29.26 -12.16
CA LEU D 764 45.01 28.06 -12.38
C LEU D 764 43.57 28.41 -12.70
N ASN D 765 42.95 27.59 -13.54
CA ASN D 765 41.54 27.75 -13.87
C ASN D 765 40.68 27.10 -12.80
N HIS D 766 39.65 27.81 -12.34
CA HIS D 766 38.84 27.31 -11.23
C HIS D 766 38.22 25.96 -11.55
N THR D 767 37.69 25.81 -12.77
CA THR D 767 37.11 24.53 -13.16
C THR D 767 38.17 23.45 -13.24
N GLU D 768 39.38 23.80 -13.66
CA GLU D 768 40.46 22.83 -13.73
C GLU D 768 41.03 22.49 -12.36
N ARG D 769 41.00 23.46 -11.43
CA ARG D 769 41.47 23.20 -10.07
C ARG D 769 40.72 22.04 -9.44
N ASN D 770 39.39 22.18 -9.31
CA ASN D 770 38.59 21.10 -8.75
C ASN D 770 38.77 19.82 -9.55
N GLU D 771 38.72 19.93 -10.88
CA GLU D 771 38.94 18.75 -11.72
C GLU D 771 40.29 18.11 -11.41
N SER D 772 41.32 18.93 -11.20
CA SER D 772 42.62 18.40 -10.80
C SER D 772 42.51 17.67 -9.46
N LEU D 773 41.94 18.34 -8.46
CA LEU D 773 41.75 17.70 -7.16
C LEU D 773 40.94 16.41 -7.28
N VAL D 774 39.83 16.46 -8.03
CA VAL D 774 39.02 15.27 -8.24
C VAL D 774 39.86 14.14 -8.81
N LYS D 775 40.73 14.45 -9.77
CA LYS D 775 41.59 13.43 -10.36
C LYS D 775 42.67 12.99 -9.38
N ILE D 776 43.19 13.92 -8.57
CA ILE D 776 44.22 13.58 -7.60
C ILE D 776 43.68 12.59 -6.59
N TRP D 777 42.47 12.85 -6.08
CA TRP D 777 41.90 12.02 -5.02
C TRP D 777 41.27 10.75 -5.58
N GLN D 778 40.72 10.80 -6.79
CA GLN D 778 40.05 9.62 -7.36
C GLN D 778 41.01 8.43 -7.43
N ASP D 779 42.12 8.59 -8.14
CA ASP D 779 43.10 7.51 -8.24
C ASP D 779 43.86 7.30 -6.93
N ALA D 780 43.91 8.31 -6.06
CA ALA D 780 44.49 8.11 -4.74
C ALA D 780 43.69 7.09 -3.94
N THR D 781 42.38 7.01 -4.19
CA THR D 781 41.56 6.00 -3.53
C THR D 781 41.94 4.61 -4.00
N GLU D 782 42.24 4.45 -5.29
CA GLU D 782 42.67 3.15 -5.80
C GLU D 782 43.92 2.66 -5.09
N GLU D 783 44.87 3.57 -4.81
CA GLU D 783 46.08 3.18 -4.10
C GLU D 783 45.75 2.55 -2.75
N VAL D 784 44.91 3.22 -1.97
CA VAL D 784 44.47 2.65 -0.69
C VAL D 784 43.79 1.30 -0.92
N GLY D 785 42.99 1.21 -1.99
CA GLY D 785 42.38 -0.07 -2.33
C GLY D 785 43.41 -1.13 -2.68
N LYS D 786 44.42 -0.76 -3.46
CA LYS D 786 45.50 -1.70 -3.78
C LYS D 786 46.27 -2.08 -2.52
N ALA D 787 46.68 -1.09 -1.73
CA ALA D 787 47.39 -1.38 -0.49
C ALA D 787 46.53 -2.18 0.48
N LEU D 788 45.22 -1.92 0.49
CA LEU D 788 44.33 -2.63 1.40
C LEU D 788 44.28 -4.12 1.06
N GLU D 789 44.04 -4.44 -0.22
CA GLU D 789 43.98 -5.84 -0.63
C GLU D 789 45.30 -6.55 -0.32
N GLU D 790 46.43 -5.88 -0.58
CA GLU D 790 47.73 -6.48 -0.30
C GLU D 790 47.88 -6.84 1.17
N PHE D 791 47.22 -6.07 2.06
CA PHE D 791 47.41 -6.27 3.49
C PHE D 791 46.60 -7.45 4.01
N TYR D 792 45.34 -7.52 3.64
CA TYR D 792 44.43 -8.50 4.23
C TYR D 792 44.88 -9.94 3.91
N PRO D 793 45.18 -10.76 4.90
CA PRO D 793 45.43 -12.17 4.63
C PRO D 793 44.25 -12.83 3.93
N ALA D 794 44.56 -13.80 3.07
CA ALA D 794 43.53 -14.41 2.24
C ALA D 794 42.46 -15.13 3.05
N ASP D 795 42.75 -15.51 4.29
CA ASP D 795 41.80 -16.23 5.14
C ASP D 795 41.05 -15.32 6.09
N ASN D 796 41.19 -14.01 5.94
CA ASN D 796 40.44 -13.09 6.79
C ASN D 796 38.94 -13.25 6.52
N PRO D 797 38.11 -13.23 7.57
CA PRO D 797 36.68 -13.49 7.35
C PRO D 797 35.99 -12.47 6.47
N ILE D 798 36.44 -11.20 6.49
CA ILE D 798 35.76 -10.18 5.71
C ILE D 798 35.99 -10.40 4.22
N ILE D 799 37.23 -10.71 3.83
CA ILE D 799 37.53 -10.87 2.41
C ILE D 799 36.99 -12.19 1.87
N THR D 800 36.97 -13.24 2.70
CA THR D 800 36.41 -14.52 2.24
C THR D 800 34.99 -14.34 1.75
N ILE D 801 34.20 -13.50 2.44
CA ILE D 801 32.82 -13.27 2.03
C ILE D 801 32.78 -12.67 0.62
N VAL D 802 33.71 -11.76 0.33
CA VAL D 802 33.71 -11.10 -0.97
C VAL D 802 34.38 -12.00 -2.02
N LYS D 803 35.48 -12.66 -1.65
CA LYS D 803 36.15 -13.56 -2.59
C LYS D 803 35.19 -14.61 -3.13
N SER D 804 34.56 -15.38 -2.23
CA SER D 804 33.69 -16.47 -2.64
C SER D 804 32.51 -16.01 -3.48
N GLY D 805 32.30 -14.70 -3.62
CA GLY D 805 31.15 -14.22 -4.36
C GLY D 805 29.83 -14.38 -3.64
N ALA D 806 29.85 -14.72 -2.35
CA ALA D 806 28.60 -14.86 -1.60
C ALA D 806 27.87 -13.53 -1.49
N THR D 807 28.58 -12.48 -1.08
CA THR D 807 27.97 -11.18 -0.92
C THR D 807 29.05 -10.15 -0.64
N GLY D 808 28.82 -8.93 -1.10
CA GLY D 808 29.73 -7.83 -0.86
C GLY D 808 30.57 -7.50 -2.08
N ASN D 809 31.17 -6.30 -2.04
CA ASN D 809 32.04 -5.82 -3.09
C ASN D 809 33.38 -5.41 -2.48
N LEU D 810 34.32 -5.02 -3.33
CA LEU D 810 35.55 -4.43 -2.83
C LEU D 810 35.38 -2.94 -2.58
N THR D 811 34.63 -2.25 -3.44
CA THR D 811 34.30 -0.85 -3.18
C THR D 811 33.62 -0.67 -1.83
N GLN D 812 32.80 -1.65 -1.43
CA GLN D 812 32.19 -1.59 -0.10
C GLN D 812 33.24 -1.74 0.98
N THR D 813 34.13 -2.75 0.85
CA THR D 813 35.19 -2.93 1.82
C THR D 813 36.24 -1.83 1.76
N ARG D 814 36.22 -0.99 0.71
CA ARG D 814 37.13 0.15 0.66
C ARG D 814 36.64 1.30 1.53
N THR D 815 35.33 1.43 1.72
CA THR D 815 34.80 2.47 2.59
C THR D 815 34.81 2.05 4.05
N LEU D 816 34.66 0.76 4.32
CA LEU D 816 34.73 0.27 5.70
C LEU D 816 36.09 0.59 6.32
N ALA D 817 37.14 0.05 5.72
CA ALA D 817 38.52 0.36 6.11
C ALA D 817 39.20 1.12 4.97
N GLY D 818 40.13 1.99 5.33
CA GLY D 818 40.80 2.81 4.35
C GLY D 818 40.17 4.19 4.23
N MET D 819 39.44 4.42 3.15
CA MET D 819 38.76 5.70 2.94
C MET D 819 37.48 5.49 2.15
N LYS D 820 36.44 6.22 2.53
CA LYS D 820 35.19 6.15 1.79
C LYS D 820 35.32 6.78 0.41
N GLY D 821 36.18 7.77 0.26
CA GLY D 821 36.41 8.42 -1.01
C GLY D 821 35.64 9.71 -1.16
N LEU D 822 35.57 10.18 -2.40
CA LEU D 822 34.83 11.39 -2.71
C LEU D 822 33.33 11.14 -2.68
N VAL D 823 32.58 12.21 -2.47
CA VAL D 823 31.13 12.15 -2.42
C VAL D 823 30.57 13.26 -3.30
N THR D 824 29.45 12.98 -3.96
CA THR D 824 28.84 13.94 -4.86
C THR D 824 28.09 15.02 -4.08
N ASN D 825 27.98 16.20 -4.69
CA ASN D 825 27.25 17.32 -4.11
C ASN D 825 25.77 17.18 -4.45
N PRO D 826 24.91 18.07 -3.93
CA PRO D 826 23.48 17.96 -4.26
C PRO D 826 23.20 18.18 -5.74
N LYS D 827 23.90 19.10 -6.38
CA LYS D 827 23.68 19.39 -7.79
C LYS D 827 24.21 18.30 -8.71
N GLY D 828 24.81 17.24 -8.17
CA GLY D 828 25.37 16.18 -8.97
C GLY D 828 26.86 16.29 -9.22
N GLU D 829 27.46 17.44 -8.93
CA GLU D 829 28.89 17.62 -9.10
C GLU D 829 29.65 16.90 -7.99
N PHE D 830 30.94 16.66 -8.25
CA PHE D 830 31.81 15.96 -7.31
C PHE D 830 32.44 16.98 -6.37
N ILE D 831 32.08 16.91 -5.09
CA ILE D 831 32.65 17.79 -4.08
C ILE D 831 34.15 17.51 -3.98
N PRO D 832 35.01 18.49 -4.29
CA PRO D 832 36.45 18.23 -4.25
C PRO D 832 36.97 17.86 -2.87
N ARG D 833 36.18 18.08 -1.81
CA ARG D 833 36.59 17.70 -0.47
C ARG D 833 36.37 16.21 -0.26
N PRO D 834 37.44 15.42 -0.13
CA PRO D 834 37.29 13.98 0.02
C PRO D 834 37.06 13.58 1.48
N ILE D 835 36.61 12.34 1.65
CA ILE D 835 36.40 11.75 2.98
C ILE D 835 37.64 10.91 3.27
N LYS D 836 38.62 11.52 3.94
CA LYS D 836 39.86 10.82 4.25
C LYS D 836 39.62 9.69 5.24
N SER D 837 38.71 9.90 6.20
CA SER D 837 38.43 8.87 7.18
C SER D 837 37.62 7.74 6.56
N SER D 838 37.63 6.60 7.24
CA SER D 838 36.81 5.45 6.87
C SER D 838 35.84 5.16 8.00
N PHE D 839 34.76 4.43 7.65
CA PHE D 839 33.76 4.09 8.65
C PHE D 839 34.30 3.23 9.78
N ARG D 840 35.53 2.71 9.65
CA ARG D 840 36.15 2.01 10.76
C ARG D 840 36.66 3.00 11.81
N GLU D 841 37.43 4.00 11.38
CA GLU D 841 37.89 5.05 12.27
C GLU D 841 36.78 6.05 12.61
N GLY D 842 35.64 5.99 11.93
CA GLY D 842 34.57 6.93 12.15
C GLY D 842 34.79 8.23 11.40
N LEU D 843 33.74 8.76 10.80
CA LEU D 843 33.82 10.03 10.11
C LEU D 843 33.74 11.17 11.11
N THR D 844 33.83 12.40 10.61
CA THR D 844 33.77 13.59 11.45
C THR D 844 32.44 14.30 11.25
N VAL D 845 32.23 15.35 12.05
CA VAL D 845 30.99 16.12 11.96
C VAL D 845 30.75 16.57 10.52
N LEU D 846 31.80 17.11 9.88
CA LEU D 846 31.65 17.62 8.52
C LEU D 846 31.68 16.48 7.50
N GLU D 847 32.53 15.48 7.72
CA GLU D 847 32.54 14.33 6.82
C GLU D 847 31.18 13.64 6.80
N TYR D 848 30.53 13.53 7.96
CA TYR D 848 29.23 12.87 8.04
C TYR D 848 28.15 13.72 7.37
N PHE D 849 28.15 15.03 7.60
CA PHE D 849 27.16 15.89 6.99
C PHE D 849 27.26 15.88 5.48
N ILE D 850 28.48 15.76 4.94
CA ILE D 850 28.67 15.79 3.50
C ILE D 850 28.20 14.48 2.87
N ASN D 851 28.49 13.36 3.51
CA ASN D 851 28.12 12.06 2.95
C ASN D 851 26.61 11.96 2.74
N THR D 852 25.83 12.37 3.75
CA THR D 852 24.38 12.32 3.62
C THR D 852 23.89 13.10 2.41
N HIS D 853 24.60 14.16 2.04
CA HIS D 853 24.24 14.91 0.84
C HIS D 853 24.00 13.99 -0.35
N GLY D 854 24.92 13.04 -0.57
CA GLY D 854 24.77 12.08 -1.65
C GLY D 854 23.98 10.85 -1.25
N ALA D 855 24.23 10.34 -0.05
CA ALA D 855 23.53 9.15 0.41
C ALA D 855 22.02 9.30 0.33
N ARG D 856 21.51 10.51 0.57
CA ARG D 856 20.07 10.74 0.46
C ARG D 856 19.62 10.66 -0.99
N LYS D 857 20.34 11.34 -1.90
CA LYS D 857 19.96 11.33 -3.31
C LYS D 857 19.88 9.91 -3.85
N GLY D 858 20.79 9.04 -3.40
CA GLY D 858 20.73 7.65 -3.84
C GLY D 858 19.50 6.93 -3.34
N LEU D 859 19.20 7.06 -2.05
CA LEU D 859 18.03 6.41 -1.49
C LEU D 859 16.74 7.00 -2.06
N ALA D 860 16.74 8.28 -2.39
CA ALA D 860 15.57 8.89 -3.03
C ALA D 860 15.39 8.36 -4.45
N ASP D 861 16.50 8.12 -5.16
CA ASP D 861 16.40 7.56 -6.51
C ASP D 861 15.70 6.21 -6.48
N THR D 862 16.10 5.32 -5.58
CA THR D 862 15.47 4.01 -5.49
C THR D 862 13.97 4.12 -5.31
N ALA D 863 13.50 5.21 -4.71
CA ALA D 863 12.06 5.42 -4.54
C ALA D 863 11.37 5.54 -5.89
N LEU D 864 11.80 6.49 -6.71
CA LEU D 864 11.17 6.70 -8.01
C LEU D 864 11.69 5.76 -9.09
N ARG D 865 12.70 4.95 -8.80
CA ARG D 865 13.19 3.99 -9.78
C ARG D 865 12.30 2.76 -9.88
N THR D 866 11.50 2.47 -8.85
CA THR D 866 10.53 1.38 -8.89
C THR D 866 9.20 1.84 -9.48
N ALA D 867 8.80 3.07 -9.19
CA ALA D 867 7.54 3.58 -9.75
C ALA D 867 7.64 3.75 -11.26
N ASP D 868 8.80 4.19 -11.75
CA ASP D 868 8.98 4.34 -13.19
C ASP D 868 9.22 2.99 -13.87
N SER D 869 10.07 2.15 -13.28
CA SER D 869 10.30 0.83 -13.85
C SER D 869 9.01 0.03 -13.93
N GLY D 870 8.11 0.20 -12.95
CA GLY D 870 6.83 -0.46 -13.02
C GLY D 870 5.93 0.11 -14.09
N TYR D 871 5.96 1.45 -14.26
CA TYR D 871 5.19 2.07 -15.33
C TYR D 871 5.66 1.62 -16.70
N LEU D 872 6.96 1.30 -16.84
CA LEU D 872 7.45 0.77 -18.10
C LEU D 872 6.99 -0.65 -18.32
N THR D 873 7.13 -1.51 -17.30
CA THR D 873 6.72 -2.91 -17.44
C THR D 873 5.26 -3.04 -17.80
N ARG D 874 4.42 -2.12 -17.33
CA ARG D 874 3.00 -2.19 -17.68
C ARG D 874 2.77 -1.90 -19.15
N ARG D 875 3.60 -1.04 -19.75
CA ARG D 875 3.46 -0.76 -21.17
C ARG D 875 4.06 -1.88 -22.03
N LEU D 876 5.17 -2.47 -21.59
CA LEU D 876 5.70 -3.65 -22.28
C LEU D 876 4.66 -4.76 -22.30
N VAL D 877 4.05 -5.05 -21.14
CA VAL D 877 3.08 -6.13 -21.05
C VAL D 877 1.91 -5.88 -21.99
N ASP D 878 1.41 -4.65 -22.01
CA ASP D 878 0.19 -4.37 -22.77
C ASP D 878 0.41 -4.51 -24.26
N VAL D 879 1.61 -4.24 -24.76
CA VAL D 879 1.88 -4.29 -26.18
C VAL D 879 2.21 -5.69 -26.68
N SER D 880 2.70 -6.56 -25.81
CA SER D 880 3.13 -7.90 -26.21
C SER D 880 2.35 -9.02 -25.55
N GLN D 881 1.28 -8.70 -24.82
CA GLN D 881 0.58 -9.73 -24.07
C GLN D 881 -0.12 -10.74 -24.98
N ASP D 882 -0.48 -10.33 -26.19
CA ASP D 882 -1.17 -11.20 -27.12
C ASP D 882 -0.23 -12.05 -27.97
N VAL D 883 1.08 -11.97 -27.74
CA VAL D 883 2.05 -12.76 -28.50
C VAL D 883 2.22 -14.11 -27.81
N ILE D 884 1.87 -15.19 -28.52
CA ILE D 884 1.99 -16.53 -27.99
C ILE D 884 2.36 -17.47 -29.13
N VAL D 885 3.18 -18.48 -28.82
CA VAL D 885 3.54 -19.49 -29.81
C VAL D 885 2.27 -20.15 -30.33
N ARG D 886 2.08 -20.12 -31.65
CA ARG D 886 0.86 -20.65 -32.24
C ARG D 886 1.06 -21.91 -33.07
N GLU D 887 2.29 -22.18 -33.50
CA GLU D 887 2.56 -23.36 -34.32
C GLU D 887 4.03 -23.73 -34.18
N HIS D 888 4.38 -24.90 -34.70
CA HIS D 888 5.74 -25.40 -34.57
C HIS D 888 6.70 -24.68 -35.51
N ASP D 889 6.32 -24.54 -36.78
CA ASP D 889 7.24 -23.99 -37.77
C ASP D 889 6.46 -23.22 -38.82
N CYS D 890 6.87 -21.97 -39.06
CA CYS D 890 6.32 -21.23 -40.18
C CYS D 890 7.04 -21.55 -41.49
N GLU D 891 8.22 -22.15 -41.41
CA GLU D 891 8.98 -22.68 -42.54
C GLU D 891 9.71 -21.61 -43.33
N THR D 892 9.62 -20.34 -42.96
CA THR D 892 10.34 -19.30 -43.68
C THR D 892 11.84 -19.55 -43.60
N GLU D 893 12.55 -19.12 -44.64
CA GLU D 893 14.01 -19.20 -44.68
C GLU D 893 14.67 -17.92 -44.20
N ARG D 894 13.89 -16.92 -43.80
CA ARG D 894 14.40 -15.63 -43.39
C ARG D 894 15.05 -15.71 -42.01
N GLY D 895 15.88 -14.72 -41.71
CA GLY D 895 16.55 -14.69 -40.42
C GLY D 895 17.42 -13.47 -40.29
N ILE D 896 18.27 -13.49 -39.26
CA ILE D 896 19.18 -12.40 -38.96
C ILE D 896 20.59 -12.97 -38.79
N ASN D 897 21.59 -12.14 -39.05
CA ASN D 897 22.99 -12.56 -39.03
C ASN D 897 23.63 -12.18 -37.71
N VAL D 898 24.06 -13.19 -36.94
CA VAL D 898 24.76 -12.99 -35.68
C VAL D 898 26.26 -13.01 -35.96
N THR D 899 26.99 -12.10 -35.32
CA THR D 899 28.43 -12.01 -35.57
C THR D 899 29.17 -13.22 -35.02
N LEU D 900 29.13 -13.41 -33.71
CA LEU D 900 29.60 -14.58 -32.96
C LEU D 900 31.13 -14.70 -32.89
N ALA D 901 31.88 -13.88 -33.63
CA ALA D 901 33.34 -13.84 -33.50
C ALA D 901 33.88 -12.77 -34.45
N GLU D 902 35.13 -12.36 -34.22
CA GLU D 902 35.73 -11.35 -35.10
C GLU D 902 37.25 -11.43 -35.04
N ARG D 903 37.85 -11.86 -36.15
CA ARG D 903 39.25 -11.58 -36.48
C ARG D 903 40.28 -12.34 -35.63
N GLY D 904 39.83 -13.09 -34.64
CA GLY D 904 40.75 -13.70 -33.71
C GLY D 904 40.85 -15.21 -33.84
N PRO D 905 42.04 -15.76 -33.56
CA PRO D 905 43.22 -14.96 -33.24
C PRO D 905 44.06 -14.63 -34.48
N ASP D 906 44.68 -13.46 -34.49
CA ASP D 906 45.52 -13.04 -35.61
C ASP D 906 46.95 -12.73 -35.15
N ILE D 910 38.36 -15.83 -30.42
CA ILE D 910 37.93 -14.59 -29.81
C ILE D 910 36.41 -14.43 -29.91
N ARG D 911 35.70 -15.29 -29.17
CA ARG D 911 34.24 -15.23 -29.15
C ARG D 911 33.78 -13.80 -28.89
N ASP D 912 32.71 -13.40 -29.57
CA ASP D 912 32.15 -12.08 -29.34
C ASP D 912 31.80 -11.90 -27.87
N ALA D 913 31.85 -10.66 -27.40
CA ALA D 913 31.60 -10.37 -25.99
C ALA D 913 30.34 -11.09 -25.50
N HIS D 914 29.22 -10.88 -26.19
CA HIS D 914 27.95 -11.50 -25.83
C HIS D 914 27.44 -12.34 -26.99
N VAL D 915 27.86 -13.60 -27.04
CA VAL D 915 27.18 -14.59 -27.87
C VAL D 915 26.19 -15.42 -27.06
N GLU D 916 26.23 -15.31 -25.73
CA GLU D 916 25.31 -16.06 -24.88
C GLU D 916 23.90 -15.52 -24.99
N THR D 917 23.75 -14.23 -25.23
CA THR D 917 22.43 -13.60 -25.35
C THR D 917 22.02 -13.33 -26.79
N SER D 918 22.90 -13.58 -27.75
CA SER D 918 22.61 -13.31 -29.16
C SER D 918 22.61 -14.57 -30.02
N ALA D 919 23.68 -15.39 -29.94
CA ALA D 919 23.78 -16.58 -30.77
C ALA D 919 23.19 -17.81 -30.09
N PHE D 920 23.55 -18.05 -28.83
CA PHE D 920 23.03 -19.20 -28.11
C PHE D 920 21.51 -19.13 -28.00
N ALA D 921 20.90 -20.28 -27.76
CA ALA D 921 19.45 -20.46 -27.63
C ALA D 921 18.71 -20.21 -28.93
N ARG D 922 19.41 -19.93 -30.02
CA ARG D 922 18.79 -19.67 -31.30
C ARG D 922 18.63 -20.98 -32.08
N THR D 923 18.16 -20.87 -33.32
CA THR D 923 18.08 -22.00 -34.23
C THR D 923 18.57 -21.56 -35.60
N LEU D 924 19.39 -22.41 -36.23
CA LEU D 924 20.03 -22.03 -37.49
C LEU D 924 19.00 -21.94 -38.61
N ALA D 925 19.05 -20.84 -39.35
CA ALA D 925 18.14 -20.66 -40.48
C ALA D 925 18.65 -21.34 -41.73
N THR D 926 19.96 -21.32 -41.94
CA THR D 926 20.59 -22.00 -43.07
C THR D 926 21.84 -22.71 -42.58
N ASP D 927 22.31 -23.67 -43.38
CA ASP D 927 23.47 -24.46 -43.00
C ASP D 927 24.72 -23.60 -42.88
N ALA D 928 25.47 -23.81 -41.81
CA ALA D 928 26.73 -23.11 -41.59
C ALA D 928 27.83 -23.83 -42.37
N VAL D 929 28.29 -23.21 -43.45
CA VAL D 929 29.23 -23.82 -44.37
C VAL D 929 30.64 -23.34 -44.03
N ASP D 930 31.52 -24.28 -43.73
CA ASP D 930 32.93 -23.97 -43.58
C ASP D 930 33.50 -23.47 -44.92
N ALA D 931 34.66 -22.80 -44.84
CA ALA D 931 35.34 -22.28 -46.02
C ALA D 931 35.66 -23.40 -46.99
N ASN D 932 34.61 -24.10 -47.41
CA ASN D 932 34.54 -24.99 -48.56
C ASN D 932 33.07 -25.44 -48.56
N GLY D 933 32.75 -26.60 -49.13
CA GLY D 933 31.43 -27.14 -48.85
C GLY D 933 31.30 -28.13 -47.69
N ASN D 934 31.92 -27.81 -46.54
CA ASN D 934 32.12 -28.74 -45.42
C ASN D 934 30.96 -28.86 -44.43
N VAL D 935 29.77 -28.42 -44.80
CA VAL D 935 28.83 -27.81 -43.87
C VAL D 935 28.94 -28.47 -42.50
N ILE D 936 29.19 -27.66 -41.47
CA ILE D 936 29.55 -28.18 -40.16
C ILE D 936 28.34 -28.30 -39.22
N ILE D 937 27.33 -27.46 -39.40
CA ILE D 937 26.11 -27.53 -38.59
C ILE D 937 24.93 -27.31 -39.51
N GLU D 938 23.96 -28.21 -39.46
CA GLU D 938 22.81 -28.16 -40.33
C GLU D 938 21.80 -27.12 -39.84
N ARG D 939 20.93 -26.70 -40.73
CA ARG D 939 19.92 -25.71 -40.39
C ARG D 939 18.90 -26.32 -39.41
N GLY D 940 18.51 -25.52 -38.42
CA GLY D 940 17.58 -25.98 -37.41
C GLY D 940 18.22 -26.63 -36.22
N HIS D 941 19.44 -26.23 -35.86
CA HIS D 941 20.15 -26.79 -34.73
C HIS D 941 20.02 -25.86 -33.53
N ASP D 942 19.97 -26.46 -32.34
CA ASP D 942 19.68 -25.68 -31.14
C ASP D 942 20.77 -24.65 -30.85
N LEU D 943 21.99 -24.89 -31.33
CA LEU D 943 23.12 -23.98 -31.08
C LEU D 943 23.42 -23.85 -29.58
N GLY D 944 23.80 -24.97 -28.98
CA GLY D 944 24.24 -24.97 -27.60
C GLY D 944 25.70 -24.56 -27.47
N ASP D 945 26.22 -24.75 -26.26
CA ASP D 945 27.63 -24.44 -26.01
C ASP D 945 28.57 -25.24 -26.90
N PRO D 946 28.39 -26.55 -27.07
CA PRO D 946 29.32 -27.29 -27.94
C PRO D 946 29.29 -26.84 -29.39
N ALA D 947 28.11 -26.53 -29.92
CA ALA D 947 28.01 -26.13 -31.32
C ALA D 947 28.77 -24.85 -31.61
N ILE D 948 28.89 -23.96 -30.62
CA ILE D 948 29.62 -22.72 -30.82
C ILE D 948 31.12 -22.98 -30.89
N ASP D 949 31.63 -23.87 -30.02
CA ASP D 949 33.03 -24.25 -30.10
C ASP D 949 33.33 -24.99 -31.39
N ALA D 950 32.47 -25.94 -31.76
CA ALA D 950 32.63 -26.64 -33.02
C ALA D 950 32.59 -25.66 -34.18
N LEU D 951 31.63 -24.74 -34.18
CA LEU D 951 31.55 -23.74 -35.23
C LEU D 951 32.81 -22.89 -35.29
N LEU D 952 33.30 -22.44 -34.13
CA LEU D 952 34.49 -21.60 -34.10
C LEU D 952 35.68 -22.32 -34.71
N ALA D 953 35.79 -23.63 -34.48
CA ALA D 953 36.89 -24.40 -35.07
C ALA D 953 36.92 -24.23 -36.57
N ALA D 954 35.77 -24.41 -37.23
CA ALA D 954 35.70 -24.25 -38.68
C ALA D 954 35.96 -22.83 -39.14
N GLY D 955 36.00 -21.87 -38.21
CA GLY D 955 36.30 -20.50 -38.56
C GLY D 955 35.17 -19.75 -39.25
N ILE D 956 33.95 -19.86 -38.72
CA ILE D 956 32.80 -19.14 -39.22
C ILE D 956 32.60 -17.90 -38.38
N THR D 957 32.68 -16.72 -39.00
CA THR D 957 32.61 -15.45 -38.31
C THR D 957 31.22 -14.84 -38.32
N THR D 958 30.22 -15.55 -38.85
CA THR D 958 28.83 -15.10 -38.82
C THR D 958 27.94 -16.31 -39.00
N VAL D 959 26.67 -16.15 -38.60
CA VAL D 959 25.68 -17.21 -38.72
C VAL D 959 24.31 -16.57 -38.88
N LYS D 960 23.52 -17.12 -39.80
CA LYS D 960 22.14 -16.67 -40.01
C LYS D 960 21.20 -17.54 -39.21
N VAL D 961 20.33 -16.90 -38.44
CA VAL D 961 19.53 -17.59 -37.42
C VAL D 961 18.08 -17.16 -37.52
N ARG D 962 17.18 -18.04 -37.07
CA ARG D 962 15.76 -17.70 -37.01
C ARG D 962 15.49 -16.72 -35.88
N SER D 963 14.53 -15.83 -36.11
CA SER D 963 14.15 -14.83 -35.12
C SER D 963 12.68 -14.50 -35.27
N VAL D 964 12.06 -14.08 -34.16
CA VAL D 964 10.67 -13.66 -34.22
C VAL D 964 10.50 -12.41 -35.06
N LEU D 965 11.58 -11.68 -35.32
CA LEU D 965 11.50 -10.50 -36.18
C LEU D 965 11.19 -10.88 -37.62
N THR D 966 11.67 -12.05 -38.07
CA THR D 966 11.48 -12.50 -39.44
C THR D 966 10.42 -13.60 -39.55
N CYS D 967 9.81 -14.01 -38.44
CA CYS D 967 8.84 -15.08 -38.49
C CYS D 967 7.61 -14.65 -39.27
N THR D 968 7.11 -15.56 -40.11
CA THR D 968 6.00 -15.29 -41.02
C THR D 968 4.68 -15.89 -40.55
N SER D 969 4.58 -16.32 -39.30
CA SER D 969 3.36 -16.94 -38.82
C SER D 969 2.18 -15.99 -38.98
N ALA D 970 1.02 -16.56 -39.32
CA ALA D 970 -0.19 -15.75 -39.46
C ALA D 970 -0.60 -15.15 -38.13
N THR D 971 -0.73 -15.99 -37.10
CA THR D 971 -1.03 -15.53 -35.74
C THR D 971 0.12 -15.92 -34.82
N GLY D 972 0.47 -15.00 -33.93
CA GLY D 972 1.56 -15.27 -33.01
C GLY D 972 2.86 -15.55 -33.75
N VAL D 973 3.69 -16.37 -33.12
CA VAL D 973 4.98 -16.78 -33.66
C VAL D 973 5.07 -18.30 -33.62
N CYS D 974 6.17 -18.83 -34.14
CA CYS D 974 6.38 -20.27 -34.20
C CYS D 974 7.52 -20.66 -33.26
N ALA D 975 7.48 -21.91 -32.79
CA ALA D 975 8.47 -22.40 -31.85
C ALA D 975 9.88 -22.29 -32.43
N MET D 976 10.06 -22.73 -33.68
CA MET D 976 11.39 -22.74 -34.28
C MET D 976 11.99 -21.34 -34.31
N CYS D 977 11.23 -20.36 -34.79
CA CYS D 977 11.74 -18.99 -34.84
C CYS D 977 12.14 -18.50 -33.46
N TYR D 978 11.26 -18.70 -32.46
CA TYR D 978 11.56 -18.21 -31.11
C TYR D 978 12.80 -18.86 -30.54
N GLY D 979 12.84 -20.19 -30.55
CA GLY D 979 13.99 -20.93 -30.08
C GLY D 979 13.76 -21.59 -28.73
N ARG D 980 14.87 -21.89 -28.06
CA ARG D 980 14.80 -22.59 -26.80
C ARG D 980 14.12 -21.74 -25.73
N SER D 981 13.41 -22.39 -24.82
CA SER D 981 12.79 -21.73 -23.69
C SER D 981 13.81 -21.66 -22.56
N MET D 982 14.12 -20.43 -22.11
CA MET D 982 15.16 -20.24 -21.11
C MET D 982 14.87 -21.04 -19.84
N ALA D 983 13.59 -21.18 -19.47
CA ALA D 983 13.26 -21.89 -18.24
C ALA D 983 13.35 -23.40 -18.43
N THR D 984 12.90 -23.92 -19.56
CA THR D 984 12.90 -25.36 -19.76
C THR D 984 14.23 -25.87 -20.29
N GLY D 985 14.99 -25.04 -20.99
CA GLY D 985 16.18 -25.48 -21.67
C GLY D 985 15.93 -26.24 -22.95
N LYS D 986 14.68 -26.41 -23.35
CA LYS D 986 14.29 -27.11 -24.56
C LYS D 986 13.49 -26.17 -25.46
N LEU D 987 13.19 -26.64 -26.66
CA LEU D 987 12.36 -25.87 -27.58
C LEU D 987 11.07 -25.43 -26.90
N VAL D 988 10.73 -24.16 -27.07
CA VAL D 988 9.55 -23.60 -26.40
C VAL D 988 8.32 -24.42 -26.72
N ASP D 989 7.51 -24.68 -25.69
CA ASP D 989 6.24 -25.36 -25.91
C ASP D 989 5.31 -24.49 -26.74
N ILE D 990 4.25 -25.10 -27.27
CA ILE D 990 3.38 -24.39 -28.19
C ILE D 990 2.41 -23.45 -27.47
N GLY D 991 2.11 -23.69 -26.20
CA GLY D 991 1.22 -22.78 -25.50
C GLY D 991 1.88 -21.52 -24.99
N GLU D 992 3.20 -21.52 -24.86
CA GLU D 992 3.91 -20.44 -24.18
C GLU D 992 3.46 -19.07 -24.66
N ALA D 993 3.29 -18.16 -23.71
CA ALA D 993 2.98 -16.76 -24.00
C ALA D 993 4.29 -15.98 -23.83
N VAL D 994 5.07 -15.91 -24.91
CA VAL D 994 6.38 -15.29 -24.84
C VAL D 994 6.30 -13.77 -24.72
N GLY D 995 5.17 -13.18 -25.10
CA GLY D 995 5.02 -11.74 -25.01
C GLY D 995 5.18 -11.23 -23.60
N ILE D 996 4.37 -11.75 -22.66
CA ILE D 996 4.46 -11.32 -21.27
C ILE D 996 5.82 -11.69 -20.70
N VAL D 997 6.28 -12.92 -20.95
CA VAL D 997 7.58 -13.34 -20.45
C VAL D 997 8.67 -12.39 -20.91
N ALA D 998 8.53 -11.82 -22.10
CA ALA D 998 9.51 -10.85 -22.58
C ALA D 998 9.40 -9.54 -21.82
N ALA D 999 8.18 -9.01 -21.69
CA ALA D 999 7.98 -7.77 -20.95
C ALA D 999 8.53 -7.90 -19.52
N GLN D 1000 8.28 -9.02 -18.87
CA GLN D 1000 8.76 -9.20 -17.50
C GLN D 1000 10.27 -9.38 -17.45
N SER D 1001 10.83 -10.11 -18.41
CA SER D 1001 12.27 -10.30 -18.44
C SER D 1001 13.00 -8.99 -18.67
N ILE D 1002 12.35 -8.03 -19.33
CA ILE D 1002 12.96 -6.73 -19.58
C ILE D 1002 12.76 -5.78 -18.41
N GLY D 1003 11.55 -5.78 -17.82
CA GLY D 1003 11.23 -4.84 -16.77
C GLY D 1003 11.82 -5.17 -15.43
N GLU D 1004 11.79 -6.45 -15.05
CA GLU D 1004 12.27 -6.87 -13.73
C GLU D 1004 13.63 -6.30 -13.37
N PRO D 1005 14.64 -6.32 -14.26
CA PRO D 1005 15.92 -5.70 -13.92
C PRO D 1005 15.89 -4.17 -13.93
N GLY D 1006 14.80 -3.56 -14.40
CA GLY D 1006 14.74 -2.11 -14.45
C GLY D 1006 15.06 -1.45 -13.13
N THR D 1007 14.78 -2.14 -12.02
CA THR D 1007 15.12 -1.61 -10.70
C THR D 1007 16.63 -1.45 -10.53
N GLN D 1008 17.43 -2.15 -11.32
CA GLN D 1008 18.88 -2.13 -11.22
C GLN D 1008 19.53 -1.19 -12.23
N LEU D 1009 18.74 -0.39 -12.92
CA LEU D 1009 19.25 0.51 -13.93
C LEU D 1009 19.31 1.94 -13.48
N THR D 1010 20.50 2.49 -13.35
CA THR D 1010 20.64 3.85 -12.87
C THR D 1010 19.84 4.94 -13.56
N MET D 1011 18.58 5.12 -13.14
CA MET D 1011 17.70 6.15 -13.66
C MET D 1011 17.35 7.18 -12.60
N GLY D 1027 21.60 7.31 -19.79
CA GLY D 1027 22.11 5.95 -19.81
C GLY D 1027 21.40 5.03 -18.83
N GLY D 1028 20.06 4.99 -18.89
CA GLY D 1028 19.28 4.13 -18.03
C GLY D 1028 17.83 4.04 -18.42
N LEU D 1029 16.94 3.82 -17.45
CA LEU D 1029 15.50 3.79 -17.74
C LEU D 1029 15.07 4.90 -18.68
N PRO D 1030 15.49 6.16 -18.53
CA PRO D 1030 15.08 7.17 -19.52
C PRO D 1030 15.51 6.83 -20.93
N ARG D 1031 16.71 6.26 -21.09
CA ARG D 1031 17.17 5.88 -22.43
C ARG D 1031 16.40 4.67 -22.96
N VAL D 1032 16.12 3.69 -22.10
CA VAL D 1032 15.36 2.52 -22.53
C VAL D 1032 13.96 2.94 -22.96
N GLN D 1033 13.23 3.64 -22.09
CA GLN D 1033 11.91 4.13 -22.45
C GLN D 1033 11.96 4.96 -23.72
N GLU D 1034 13.04 5.70 -23.93
CA GLU D 1034 13.20 6.47 -25.17
C GLU D 1034 13.20 5.56 -26.39
N LEU D 1035 13.78 4.37 -26.27
CA LEU D 1035 13.87 3.46 -27.39
C LEU D 1035 12.55 2.76 -27.67
N PHE D 1036 11.93 2.17 -26.63
CA PHE D 1036 10.67 1.48 -26.84
C PHE D 1036 9.56 2.42 -27.26
N GLU D 1037 9.62 3.68 -26.82
CA GLU D 1037 8.59 4.65 -27.19
C GLU D 1037 8.83 5.27 -28.56
N ALA D 1038 9.97 5.00 -29.19
CA ALA D 1038 10.25 5.43 -30.55
C ALA D 1038 10.23 6.95 -30.68
N ARG D 1039 10.67 7.66 -29.65
CA ARG D 1039 10.72 9.11 -29.69
C ARG D 1039 12.06 9.55 -30.26
N VAL D 1040 12.06 10.73 -30.88
CA VAL D 1040 13.31 11.25 -31.45
C VAL D 1040 14.36 11.35 -30.35
N PRO D 1041 15.60 10.92 -30.58
CA PRO D 1041 16.58 10.85 -29.49
C PRO D 1041 16.76 12.18 -28.78
N ARG D 1042 17.25 12.10 -27.54
CA ARG D 1042 17.48 13.30 -26.73
C ARG D 1042 18.41 14.26 -27.45
N ASN D 1043 19.58 13.78 -27.87
CA ASN D 1043 20.51 14.56 -28.68
C ASN D 1043 20.68 13.84 -30.02
N LYS D 1044 19.97 14.32 -31.03
CA LYS D 1044 19.92 13.64 -32.33
C LYS D 1044 21.30 13.61 -32.97
N ALA D 1045 21.68 12.44 -33.49
CA ALA D 1045 22.93 12.23 -34.21
C ALA D 1045 22.64 11.78 -35.63
N PRO D 1046 23.33 12.36 -36.62
CA PRO D 1046 23.04 12.03 -38.02
C PRO D 1046 23.70 10.73 -38.45
N ILE D 1047 23.06 10.08 -39.41
CA ILE D 1047 23.58 8.85 -40.01
C ILE D 1047 23.86 9.10 -41.48
N ALA D 1048 24.87 8.40 -42.00
CA ALA D 1048 25.22 8.55 -43.41
C ALA D 1048 24.02 8.22 -44.30
N ASP D 1049 23.84 9.03 -45.34
CA ASP D 1049 22.73 8.84 -46.26
C ASP D 1049 23.10 8.06 -47.52
N VAL D 1050 24.40 7.92 -47.80
CA VAL D 1050 24.86 7.21 -48.99
C VAL D 1050 26.34 6.91 -48.80
N ALA D 1051 26.84 5.92 -49.56
CA ALA D 1051 28.23 5.50 -49.44
C ALA D 1051 29.17 6.47 -50.16
N GLY D 1052 30.34 6.69 -49.58
CA GLY D 1052 31.32 7.58 -50.16
C GLY D 1052 32.28 8.09 -49.12
N ARG D 1053 33.31 8.79 -49.59
CA ARG D 1053 34.29 9.38 -48.69
C ARG D 1053 33.76 10.68 -48.09
N VAL D 1054 34.26 11.01 -46.91
CA VAL D 1054 33.76 12.14 -46.12
C VAL D 1054 34.79 13.26 -46.17
N ARG D 1055 34.29 14.49 -46.26
CA ARG D 1055 35.13 15.70 -46.19
C ARG D 1055 34.71 16.46 -44.94
N LEU D 1056 35.63 16.56 -43.98
CA LEU D 1056 35.33 17.19 -42.70
C LEU D 1056 35.76 18.65 -42.72
N GLU D 1057 34.93 19.51 -42.14
CA GLU D 1057 35.21 20.93 -42.05
C GLU D 1057 34.74 21.45 -40.72
N GLU D 1058 35.48 22.42 -40.17
CA GLU D 1058 35.23 22.95 -38.83
C GLU D 1058 34.95 24.45 -38.90
N SER D 1059 33.69 24.82 -38.71
CA SER D 1059 33.31 26.21 -38.46
C SER D 1059 33.08 26.31 -36.95
N ASP D 1060 34.06 26.87 -36.24
CA ASP D 1060 34.05 26.86 -34.78
C ASP D 1060 32.66 27.15 -34.24
N LYS D 1061 32.27 26.39 -33.22
CA LYS D 1061 30.92 26.30 -32.67
C LYS D 1061 30.05 25.38 -33.52
N PHE D 1062 30.58 24.78 -34.59
CA PHE D 1062 29.80 23.88 -35.43
C PHE D 1062 30.74 22.87 -36.07
N PHE D 1063 30.16 21.98 -36.87
CA PHE D 1063 30.88 20.99 -37.64
C PHE D 1063 30.18 20.83 -38.98
N LYS D 1064 30.97 20.66 -40.04
CA LYS D 1064 30.43 20.39 -41.38
C LYS D 1064 30.99 19.06 -41.87
N ILE D 1065 30.08 18.16 -42.24
CA ILE D 1065 30.44 16.86 -42.79
C ILE D 1065 29.77 16.71 -44.14
N THR D 1066 30.57 16.44 -45.17
CA THR D 1066 30.08 16.26 -46.53
C THR D 1066 30.55 14.90 -47.03
N ILE D 1067 29.63 14.14 -47.62
CA ILE D 1067 29.91 12.81 -48.14
C ILE D 1067 29.95 12.91 -49.67
N VAL D 1068 31.09 12.59 -50.26
CA VAL D 1068 31.26 12.57 -51.70
C VAL D 1068 30.90 11.17 -52.19
N PRO D 1069 29.76 10.98 -52.86
CA PRO D 1069 29.33 9.64 -53.23
C PRO D 1069 30.36 8.93 -54.12
N ASP D 1070 30.33 7.61 -54.07
CA ASP D 1070 31.12 6.79 -54.98
C ASP D 1070 30.46 6.65 -56.35
N ASP D 1071 29.32 7.29 -56.57
CA ASP D 1071 28.64 7.20 -57.86
C ASP D 1071 29.54 7.66 -58.99
N GLY D 1072 30.06 8.89 -58.92
CA GLY D 1072 29.78 9.81 -57.83
C GLY D 1072 28.69 10.81 -58.19
N GLY D 1073 27.69 10.92 -57.33
CA GLY D 1073 26.55 11.76 -57.58
C GLY D 1073 26.51 13.00 -56.70
N GLU D 1074 25.30 13.53 -56.53
CA GLU D 1074 25.12 14.74 -55.72
C GLU D 1074 25.74 14.57 -54.34
N GLU D 1075 26.55 15.54 -53.94
CA GLU D 1075 27.16 15.50 -52.63
C GLU D 1075 26.10 15.72 -51.55
N VAL D 1076 26.35 15.16 -50.37
CA VAL D 1076 25.44 15.22 -49.24
C VAL D 1076 26.14 15.94 -48.10
N VAL D 1077 25.48 16.98 -47.57
CA VAL D 1077 26.07 17.86 -46.56
C VAL D 1077 25.25 17.78 -45.28
N TYR D 1078 25.93 17.85 -44.15
CA TYR D 1078 25.31 17.89 -42.82
C TYR D 1078 25.73 19.20 -42.17
N ASP D 1079 24.81 20.16 -42.17
CA ASP D 1079 25.16 21.57 -42.00
C ASP D 1079 25.77 21.93 -40.65
N LYS D 1080 25.00 21.83 -39.58
CA LYS D 1080 25.37 22.39 -38.28
C LYS D 1080 25.42 21.26 -37.26
N LEU D 1081 26.63 20.89 -36.85
CA LEU D 1081 26.86 19.82 -35.88
C LEU D 1081 27.58 20.40 -34.67
N SER D 1082 26.85 20.60 -33.58
CA SER D 1082 27.43 21.14 -32.35
C SER D 1082 28.64 20.31 -31.92
N LYS D 1083 29.76 20.99 -31.73
CA LYS D 1083 30.99 20.30 -31.34
C LYS D 1083 30.86 19.64 -29.98
N ARG D 1084 29.84 19.99 -29.20
CA ARG D 1084 29.63 19.34 -27.91
C ARG D 1084 29.36 17.85 -28.07
N GLN D 1085 29.00 17.41 -29.27
CA GLN D 1085 28.44 16.09 -29.51
C GLN D 1085 29.39 15.16 -30.24
N ARG D 1086 30.65 15.08 -29.81
CA ARG D 1086 31.79 14.88 -30.71
C ARG D 1086 31.59 13.72 -31.69
N LEU D 1087 32.54 13.52 -32.59
CA LEU D 1087 32.35 12.54 -33.65
C LEU D 1087 32.39 11.12 -33.11
N ARG D 1088 31.82 10.19 -33.89
CA ARG D 1088 31.86 8.78 -33.55
C ARG D 1088 33.26 8.22 -33.80
N VAL D 1089 33.45 6.94 -33.49
CA VAL D 1089 34.76 6.30 -33.56
C VAL D 1089 34.68 5.09 -34.47
N ILE D 1090 35.81 4.75 -35.08
CA ILE D 1090 35.90 3.59 -35.96
C ILE D 1090 36.20 2.35 -35.13
N GLY D 1098 39.82 4.84 -35.00
CA GLY D 1098 39.59 5.84 -33.98
C GLY D 1098 38.47 6.81 -34.36
N VAL D 1099 38.61 8.05 -33.89
CA VAL D 1099 37.60 9.06 -34.19
C VAL D 1099 37.57 9.33 -35.69
N LEU D 1100 36.39 9.60 -36.21
CA LEU D 1100 36.24 9.86 -37.64
C LEU D 1100 37.07 11.08 -38.04
N SER D 1101 37.79 10.95 -39.16
CA SER D 1101 38.65 12.02 -39.66
C SER D 1101 38.40 12.20 -41.15
N ASP D 1102 38.89 13.33 -41.67
CA ASP D 1102 38.69 13.66 -43.08
C ASP D 1102 39.37 12.62 -43.97
N GLY D 1103 38.62 12.09 -44.93
CA GLY D 1103 39.11 11.11 -45.86
C GLY D 1103 38.58 9.71 -45.62
N ASP D 1104 38.03 9.43 -44.45
CA ASP D 1104 37.54 8.10 -44.14
C ASP D 1104 36.34 7.75 -45.00
N HIS D 1105 36.20 6.46 -45.31
CA HIS D 1105 35.05 5.96 -46.05
C HIS D 1105 33.88 5.72 -45.10
N VAL D 1106 32.67 5.77 -45.65
CA VAL D 1106 31.45 5.62 -44.88
C VAL D 1106 30.44 4.80 -45.67
N GLU D 1107 29.72 3.93 -44.99
CA GLU D 1107 28.68 3.12 -45.61
C GLU D 1107 27.31 3.77 -45.41
N VAL D 1108 26.28 3.11 -45.95
CA VAL D 1108 24.98 3.75 -46.08
C VAL D 1108 24.29 3.97 -44.74
N GLY D 1109 24.73 3.33 -43.67
CA GLY D 1109 24.02 3.45 -42.42
C GLY D 1109 24.85 3.87 -41.23
N ASP D 1110 26.11 4.22 -41.46
CA ASP D 1110 27.02 4.53 -40.37
C ASP D 1110 26.57 5.77 -39.61
N GLN D 1111 26.99 5.86 -38.36
CA GLN D 1111 26.67 7.00 -37.50
C GLN D 1111 27.79 8.03 -37.60
N LEU D 1112 27.40 9.29 -37.85
CA LEU D 1112 28.39 10.34 -38.06
C LEU D 1112 28.93 10.93 -36.76
N MET D 1113 28.11 11.00 -35.72
CA MET D 1113 28.52 11.61 -34.46
C MET D 1113 28.02 10.80 -33.29
N GLU D 1114 28.75 10.89 -32.18
CA GLU D 1114 28.31 10.26 -30.94
C GLU D 1114 26.91 10.72 -30.56
N GLY D 1115 26.11 9.81 -30.06
CA GLY D 1115 24.75 10.11 -29.68
C GLY D 1115 23.82 9.02 -30.13
N ALA D 1116 22.52 9.33 -30.15
CA ALA D 1116 21.48 8.38 -30.51
C ALA D 1116 20.93 8.73 -31.88
N ALA D 1117 21.03 7.79 -32.81
CA ALA D 1117 20.48 7.99 -34.14
C ALA D 1117 18.96 7.91 -34.11
N ASP D 1118 18.30 8.77 -34.89
CA ASP D 1118 16.85 8.79 -34.96
C ASP D 1118 16.36 7.46 -35.55
N PRO D 1119 15.67 6.63 -34.76
CA PRO D 1119 15.15 5.37 -35.31
C PRO D 1119 14.29 5.57 -36.54
N HIS D 1120 13.40 6.57 -36.54
CA HIS D 1120 12.61 6.85 -37.73
C HIS D 1120 13.51 7.13 -38.93
N GLU D 1121 14.61 7.83 -38.71
CA GLU D 1121 15.53 8.15 -39.80
C GLU D 1121 16.15 6.87 -40.37
N VAL D 1122 16.77 6.07 -39.50
CA VAL D 1122 17.35 4.80 -39.94
C VAL D 1122 16.31 3.89 -40.57
N LEU D 1123 15.03 4.07 -40.23
CA LEU D 1123 13.98 3.30 -40.88
C LEU D 1123 13.89 3.64 -42.36
N ARG D 1124 13.63 4.92 -42.67
CA ARG D 1124 13.50 5.32 -44.07
C ARG D 1124 14.79 5.10 -44.84
N VAL D 1125 15.94 5.10 -44.16
CA VAL D 1125 17.22 4.95 -44.85
C VAL D 1125 17.53 3.48 -45.10
N GLN D 1126 17.60 2.68 -44.04
CA GLN D 1126 18.08 1.30 -44.13
C GLN D 1126 16.97 0.26 -44.18
N GLY D 1127 15.71 0.66 -44.00
CA GLY D 1127 14.61 -0.26 -44.14
C GLY D 1127 14.15 -0.89 -42.83
N PRO D 1128 12.94 -1.46 -42.83
CA PRO D 1128 12.39 -1.99 -41.57
C PRO D 1128 13.28 -3.02 -40.89
N ARG D 1129 13.73 -4.05 -41.62
CA ARG D 1129 14.48 -5.12 -40.97
C ARG D 1129 15.78 -4.62 -40.35
N GLU D 1130 16.25 -3.42 -40.70
CA GLU D 1130 17.46 -2.88 -40.11
C GLU D 1130 17.19 -2.06 -38.85
N VAL D 1131 16.05 -1.35 -38.81
CA VAL D 1131 15.68 -0.62 -37.60
C VAL D 1131 15.65 -1.57 -36.41
N GLN D 1132 14.98 -2.73 -36.58
CA GLN D 1132 14.89 -3.70 -35.50
C GLN D 1132 16.26 -4.09 -34.97
N ILE D 1133 17.22 -4.31 -35.87
CA ILE D 1133 18.58 -4.64 -35.44
C ILE D 1133 19.16 -3.51 -34.62
N HIS D 1134 18.88 -2.27 -35.01
CA HIS D 1134 19.37 -1.12 -34.27
C HIS D 1134 18.74 -1.03 -32.89
N LEU D 1135 17.40 -1.01 -32.84
CA LEU D 1135 16.72 -0.87 -31.56
C LEU D 1135 17.12 -1.96 -30.57
N VAL D 1136 17.32 -3.19 -31.06
CA VAL D 1136 17.73 -4.27 -30.16
C VAL D 1136 19.14 -4.01 -29.63
N LYS D 1137 20.05 -3.52 -30.49
CA LYS D 1137 21.40 -3.20 -30.03
C LYS D 1137 21.36 -2.10 -28.98
N GLU D 1138 20.63 -1.03 -29.25
CA GLU D 1138 20.55 0.08 -28.30
C GLU D 1138 19.98 -0.38 -26.97
N VAL D 1139 18.80 -1.01 -27.00
CA VAL D 1139 18.18 -1.48 -25.77
C VAL D 1139 19.12 -2.44 -25.04
N GLN D 1140 19.80 -3.31 -25.78
CA GLN D 1140 20.68 -4.28 -25.15
C GLN D 1140 21.95 -3.63 -24.61
N GLU D 1141 22.27 -2.42 -25.02
CA GLU D 1141 23.47 -1.74 -24.53
C GLU D 1141 23.25 -1.16 -23.14
N VAL D 1142 22.07 -0.58 -22.89
CA VAL D 1142 21.76 -0.04 -21.58
C VAL D 1142 21.77 -1.15 -20.53
N TYR D 1143 21.08 -2.26 -20.83
CA TYR D 1143 21.06 -3.40 -19.91
C TYR D 1143 22.42 -4.04 -19.76
N ARG D 1144 23.30 -3.90 -20.76
CA ARG D 1144 24.66 -4.43 -20.63
C ARG D 1144 25.54 -3.52 -19.77
N ALA D 1145 25.22 -2.22 -19.73
CA ALA D 1145 26.02 -1.31 -18.91
C ALA D 1145 25.82 -1.56 -17.42
N GLN D 1146 24.62 -1.99 -17.02
CA GLN D 1146 24.33 -2.26 -15.62
C GLN D 1146 24.58 -3.71 -15.23
N GLY D 1147 25.13 -4.52 -16.13
CA GLY D 1147 25.41 -5.91 -15.81
C GLY D 1147 24.22 -6.83 -15.86
N VAL D 1148 23.25 -6.56 -16.73
CA VAL D 1148 22.04 -7.36 -16.84
C VAL D 1148 22.12 -8.23 -18.09
N SER D 1149 21.75 -9.50 -17.95
CA SER D 1149 21.80 -10.46 -19.04
C SER D 1149 20.37 -10.77 -19.48
N ILE D 1150 19.95 -10.16 -20.59
CA ILE D 1150 18.66 -10.44 -21.21
C ILE D 1150 18.93 -10.99 -22.60
N HIS D 1151 18.35 -12.14 -22.92
CA HIS D 1151 18.53 -12.70 -24.25
C HIS D 1151 17.81 -11.82 -25.28
N ASP D 1152 18.44 -11.63 -26.43
CA ASP D 1152 17.92 -10.70 -27.42
C ASP D 1152 16.49 -11.04 -27.83
N LYS D 1153 16.14 -12.34 -27.83
CA LYS D 1153 14.82 -12.73 -28.32
C LYS D 1153 13.71 -12.01 -27.55
N HIS D 1154 13.88 -11.85 -26.24
CA HIS D 1154 12.90 -11.10 -25.45
C HIS D 1154 12.74 -9.69 -25.99
N ILE D 1155 13.85 -8.99 -26.20
CA ILE D 1155 13.80 -7.65 -26.78
C ILE D 1155 13.19 -7.70 -28.18
N GLU D 1156 13.48 -8.76 -28.92
CA GLU D 1156 12.95 -8.89 -30.28
C GLU D 1156 11.43 -9.00 -30.27
N VAL D 1157 10.88 -9.76 -29.32
CA VAL D 1157 9.43 -9.90 -29.21
C VAL D 1157 8.77 -8.53 -29.11
N ILE D 1158 9.38 -7.62 -28.33
CA ILE D 1158 8.79 -6.29 -28.15
C ILE D 1158 8.98 -5.47 -29.41
N VAL D 1159 10.19 -5.45 -29.97
CA VAL D 1159 10.45 -4.66 -31.17
C VAL D 1159 9.51 -5.08 -32.30
N ARG D 1160 9.26 -6.38 -32.43
CA ARG D 1160 8.40 -6.88 -33.51
C ARG D 1160 7.05 -6.19 -33.53
N GLN D 1161 6.59 -5.70 -32.38
CA GLN D 1161 5.26 -5.10 -32.28
C GLN D 1161 5.23 -3.64 -32.73
N MET D 1162 6.39 -3.00 -32.88
CA MET D 1162 6.40 -1.61 -33.32
C MET D 1162 6.32 -1.49 -34.83
N LEU D 1163 6.77 -2.52 -35.57
CA LEU D 1163 6.79 -2.49 -37.01
C LEU D 1163 5.68 -3.32 -37.64
N ARG D 1164 4.61 -3.58 -36.90
CA ARG D 1164 3.51 -4.41 -37.40
C ARG D 1164 2.54 -3.66 -38.31
N ARG D 1165 2.70 -2.36 -38.47
CA ARG D 1165 1.75 -1.56 -39.23
C ARG D 1165 2.48 -0.66 -40.21
N VAL D 1166 1.72 -0.12 -41.17
CA VAL D 1166 2.26 0.74 -42.22
C VAL D 1166 1.27 1.87 -42.48
N THR D 1167 1.80 2.99 -42.96
CA THR D 1167 0.98 4.17 -43.23
C THR D 1167 0.36 4.07 -44.62
N ILE D 1168 -0.92 4.44 -44.72
CA ILE D 1168 -1.65 4.36 -45.96
C ILE D 1168 -1.56 5.72 -46.66
N ILE D 1169 -0.86 5.76 -47.78
CA ILE D 1169 -0.73 7.00 -48.54
C ILE D 1169 -1.94 7.22 -49.45
N ASP D 1170 -2.54 6.15 -49.94
CA ASP D 1170 -3.72 6.23 -50.79
C ASP D 1170 -4.64 5.07 -50.48
N SER D 1171 -5.94 5.30 -50.64
CA SER D 1171 -6.96 4.30 -50.35
C SER D 1171 -6.74 3.01 -51.15
N GLU D 1175 -11.48 2.21 -49.20
CA GLU D 1175 -11.51 1.24 -48.11
C GLU D 1175 -10.59 1.66 -46.97
N PHE D 1176 -9.57 2.46 -47.30
CA PHE D 1176 -8.61 2.95 -46.33
C PHE D 1176 -8.43 4.45 -46.51
N LEU D 1177 -7.95 5.10 -45.45
CA LEU D 1177 -7.78 6.54 -45.42
C LEU D 1177 -6.32 6.90 -45.27
N PRO D 1178 -5.88 8.00 -45.89
CA PRO D 1178 -4.47 8.40 -45.79
C PRO D 1178 -4.12 8.86 -44.38
N GLY D 1179 -2.89 8.54 -43.97
CA GLY D 1179 -2.42 8.91 -42.66
C GLY D 1179 -2.77 7.93 -41.54
N SER D 1180 -3.57 6.92 -41.83
CA SER D 1180 -3.97 5.94 -40.83
C SER D 1180 -2.94 4.83 -40.72
N LEU D 1181 -2.84 4.25 -39.52
CA LEU D 1181 -1.93 3.16 -39.24
C LEU D 1181 -2.71 1.85 -39.25
N THR D 1182 -2.48 1.03 -40.27
CA THR D 1182 -3.19 -0.23 -40.44
C THR D 1182 -2.23 -1.40 -40.29
N GLU D 1183 -2.76 -2.51 -39.77
CA GLU D 1183 -1.96 -3.71 -39.58
C GLU D 1183 -1.38 -4.17 -40.91
N ARG D 1184 -0.14 -4.68 -40.86
CA ARG D 1184 0.53 -5.12 -42.08
C ARG D 1184 -0.25 -6.24 -42.77
N ALA D 1185 -0.52 -7.33 -42.04
CA ALA D 1185 -1.26 -8.43 -42.64
C ALA D 1185 -2.65 -8.00 -43.11
N GLU D 1186 -3.35 -7.21 -42.28
CA GLU D 1186 -4.68 -6.74 -42.65
C GLU D 1186 -4.65 -5.82 -43.86
N PHE D 1187 -3.47 -5.30 -44.23
CA PHE D 1187 -3.34 -4.39 -45.37
C PHE D 1187 -3.02 -5.12 -46.66
N GLU D 1188 -2.37 -6.28 -46.59
CA GLU D 1188 -1.99 -7.01 -47.80
C GLU D 1188 -3.19 -7.68 -48.44
N ALA D 1189 -3.97 -8.45 -47.67
CA ALA D 1189 -5.07 -9.21 -48.25
C ALA D 1189 -6.12 -8.29 -48.85
N GLU D 1190 -6.48 -7.21 -48.14
CA GLU D 1190 -7.50 -6.30 -48.64
C GLU D 1190 -7.00 -5.48 -49.81
N ASN D 1191 -5.75 -5.01 -49.74
CA ASN D 1191 -5.22 -4.16 -50.80
C ASN D 1191 -5.27 -4.86 -52.15
N ARG D 1192 -4.98 -6.17 -52.18
CA ARG D 1192 -5.04 -6.93 -53.43
C ARG D 1192 -6.40 -6.77 -54.11
N ARG D 1193 -7.48 -7.23 -53.47
CA ARG D 1193 -8.86 -6.97 -53.92
C ARG D 1193 -8.98 -7.28 -55.42
N VAL D 1194 -9.07 -8.59 -55.70
CA VAL D 1194 -8.21 -9.29 -56.66
C VAL D 1194 -7.83 -8.38 -57.82
N VAL D 1195 -8.79 -7.66 -58.39
CA VAL D 1195 -8.44 -6.82 -59.53
C VAL D 1195 -9.28 -5.53 -59.55
N ALA D 1202 -3.45 2.14 -53.58
CA ALA D 1202 -3.34 1.84 -52.16
C ALA D 1202 -1.93 1.36 -51.82
N ALA D 1203 -1.02 2.31 -51.58
CA ALA D 1203 0.36 1.99 -51.22
C ALA D 1203 0.67 2.56 -49.83
N GLY D 1204 1.64 1.93 -49.16
CA GLY D 1204 2.02 2.35 -47.83
C GLY D 1204 3.52 2.20 -47.61
N ARG D 1205 3.96 2.69 -46.45
CA ARG D 1205 5.34 2.63 -46.06
C ARG D 1205 5.46 2.05 -44.66
N PRO D 1206 6.57 1.35 -44.38
CA PRO D 1206 6.75 0.80 -43.02
C PRO D 1206 6.74 1.91 -41.99
N VAL D 1207 6.12 1.64 -40.84
CA VAL D 1207 5.92 2.63 -39.80
C VAL D 1207 6.55 2.14 -38.51
N LEU D 1208 7.38 2.98 -37.90
CA LEU D 1208 7.92 2.73 -36.58
C LEU D 1208 7.13 3.56 -35.58
N MET D 1209 6.61 2.90 -34.55
CA MET D 1209 5.79 3.57 -33.55
C MET D 1209 6.05 2.98 -32.18
N GLY D 1210 5.98 3.83 -31.16
CA GLY D 1210 6.27 3.40 -29.81
C GLY D 1210 5.25 2.39 -29.29
N ILE D 1211 5.63 1.74 -28.19
CA ILE D 1211 4.78 0.70 -27.61
C ILE D 1211 3.46 1.27 -27.14
N THR D 1212 3.49 2.45 -26.51
CA THR D 1212 2.25 3.05 -26.01
C THR D 1212 1.29 3.34 -27.16
N LYS D 1213 1.78 4.01 -28.21
CA LYS D 1213 0.94 4.32 -29.35
C LYS D 1213 0.48 3.05 -30.05
N ALA D 1214 1.35 2.05 -30.15
CA ALA D 1214 0.98 0.80 -30.82
C ALA D 1214 -0.12 0.07 -30.06
N SER D 1215 0.07 -0.12 -28.76
CA SER D 1215 -0.91 -0.87 -27.98
C SER D 1215 -2.28 -0.20 -27.98
N LEU D 1216 -2.31 1.13 -28.12
CA LEU D 1216 -3.59 1.82 -28.20
C LEU D 1216 -4.31 1.51 -29.50
N ALA D 1217 -3.57 1.18 -30.56
CA ALA D 1217 -4.15 0.84 -31.85
C ALA D 1217 -4.68 -0.60 -31.90
N THR D 1218 -4.60 -1.34 -30.80
CA THR D 1218 -5.05 -2.73 -30.81
C THR D 1218 -6.51 -2.81 -31.22
N ASP D 1219 -6.85 -3.91 -31.90
CA ASP D 1219 -8.20 -4.08 -32.43
C ASP D 1219 -9.23 -4.18 -31.31
N SER D 1220 -8.84 -4.65 -30.13
CA SER D 1220 -9.75 -4.79 -29.01
C SER D 1220 -10.00 -3.42 -28.39
N TRP D 1221 -11.26 -3.01 -28.33
CA TRP D 1221 -11.56 -1.68 -27.79
C TRP D 1221 -11.62 -1.68 -26.27
N LEU D 1222 -12.17 -2.73 -25.66
CA LEU D 1222 -12.17 -2.78 -24.20
C LEU D 1222 -10.79 -3.10 -23.65
N SER D 1223 -9.90 -3.65 -24.48
CA SER D 1223 -8.50 -3.79 -24.07
C SER D 1223 -7.82 -2.43 -24.03
N ALA D 1224 -7.99 -1.63 -25.09
CA ALA D 1224 -7.42 -0.29 -25.10
C ALA D 1224 -8.03 0.58 -24.02
N ALA D 1225 -9.30 0.35 -23.69
CA ALA D 1225 -9.96 1.15 -22.66
C ALA D 1225 -9.32 0.95 -21.30
N SER D 1226 -9.16 -0.31 -20.88
CA SER D 1226 -8.56 -0.60 -19.58
C SER D 1226 -7.09 -0.17 -19.51
N PHE D 1227 -6.45 0.05 -20.65
CA PHE D 1227 -5.03 0.37 -20.65
C PHE D 1227 -4.78 1.82 -20.26
N GLN D 1228 -5.37 2.75 -20.99
CA GLN D 1228 -5.05 4.16 -20.82
C GLN D 1228 -6.00 4.99 -21.66
N GLU D 1229 -6.19 6.25 -21.25
CA GLU D 1229 -7.07 7.18 -21.94
C GLU D 1229 -8.43 6.55 -22.23
N THR D 1230 -9.09 6.14 -21.15
CA THR D 1230 -10.35 5.41 -21.26
C THR D 1230 -11.41 6.25 -21.99
N THR D 1231 -11.64 7.47 -21.53
CA THR D 1231 -12.65 8.31 -22.15
C THR D 1231 -12.37 8.50 -23.64
N ARG D 1232 -11.12 8.81 -23.98
CA ARG D 1232 -10.75 8.96 -25.39
C ARG D 1232 -11.07 7.69 -26.17
N VAL D 1233 -10.72 6.53 -25.64
CA VAL D 1233 -10.92 5.28 -26.36
C VAL D 1233 -12.41 4.98 -26.53
N LEU D 1234 -13.20 5.18 -25.46
CA LEU D 1234 -14.62 4.84 -25.53
C LEU D 1234 -15.37 5.71 -26.52
N THR D 1235 -15.04 7.01 -26.57
CA THR D 1235 -15.76 7.90 -27.48
C THR D 1235 -15.49 7.54 -28.94
N ASP D 1236 -14.23 7.24 -29.28
CA ASP D 1236 -13.91 6.85 -30.65
C ASP D 1236 -14.47 5.47 -30.98
N ALA D 1237 -14.51 4.56 -30.00
CA ALA D 1237 -15.06 3.23 -30.25
C ALA D 1237 -16.56 3.29 -30.51
N ALA D 1238 -17.28 4.14 -29.77
CA ALA D 1238 -18.72 4.24 -29.96
C ALA D 1238 -19.07 4.89 -31.29
N ILE D 1239 -18.25 5.84 -31.76
CA ILE D 1239 -18.52 6.49 -33.04
C ILE D 1239 -18.21 5.53 -34.19
N ASN D 1240 -17.06 4.85 -34.12
CA ASN D 1240 -16.71 3.85 -35.11
C ASN D 1240 -17.55 2.59 -35.01
N CYS D 1241 -18.36 2.45 -33.97
CA CYS D 1241 -19.24 1.30 -33.80
C CYS D 1241 -18.43 0.01 -33.79
N ARG D 1242 -17.35 0.01 -33.03
CA ARG D 1242 -16.39 -1.09 -33.05
C ARG D 1242 -16.99 -2.36 -32.44
N SER D 1243 -16.49 -3.50 -32.88
CA SER D 1243 -16.88 -4.79 -32.34
C SER D 1243 -15.62 -5.54 -31.92
N ASP D 1244 -15.63 -6.07 -30.70
CA ASP D 1244 -14.47 -6.76 -30.13
C ASP D 1244 -14.72 -8.25 -30.17
N LYS D 1245 -13.85 -8.98 -30.89
CA LYS D 1245 -14.00 -10.43 -31.02
C LYS D 1245 -13.67 -11.17 -29.73
N LEU D 1246 -13.03 -10.51 -28.77
CA LEU D 1246 -12.67 -11.16 -27.50
C LEU D 1246 -11.61 -12.24 -27.72
N ASN D 1247 -10.66 -11.98 -28.61
CA ASN D 1247 -9.59 -12.93 -28.90
C ASN D 1247 -8.38 -12.73 -27.99
N GLY D 1248 -7.97 -11.48 -27.78
CA GLY D 1248 -6.85 -11.22 -26.89
C GLY D 1248 -7.07 -11.81 -25.51
N LEU D 1249 -5.98 -11.97 -24.77
CA LEU D 1249 -6.08 -12.63 -23.47
C LEU D 1249 -6.56 -11.69 -22.36
N LYS D 1250 -6.31 -10.39 -22.49
CA LYS D 1250 -6.82 -9.46 -21.47
C LYS D 1250 -8.34 -9.35 -21.54
N GLU D 1251 -8.90 -9.35 -22.76
CA GLU D 1251 -10.34 -9.30 -22.89
C GLU D 1251 -11.00 -10.47 -22.18
N ASN D 1252 -10.42 -11.66 -22.31
CA ASN D 1252 -11.00 -12.84 -21.68
C ASN D 1252 -10.86 -12.77 -20.16
N VAL D 1253 -9.79 -12.18 -19.65
CA VAL D 1253 -9.66 -12.01 -18.20
C VAL D 1253 -10.79 -11.14 -17.66
N ILE D 1254 -11.11 -10.05 -18.36
CA ILE D 1254 -12.13 -9.12 -17.89
C ILE D 1254 -13.48 -9.83 -17.77
N ILE D 1255 -13.89 -10.54 -18.83
CA ILE D 1255 -15.19 -11.20 -18.84
C ILE D 1255 -15.17 -12.55 -18.15
N GLY D 1256 -14.01 -13.01 -17.67
CA GLY D 1256 -13.95 -14.28 -16.98
C GLY D 1256 -13.81 -15.49 -17.87
N LYS D 1257 -13.33 -15.31 -19.09
CA LYS D 1257 -13.13 -16.40 -20.02
C LYS D 1257 -11.72 -16.96 -19.86
N LEU D 1258 -11.49 -18.12 -20.48
CA LEU D 1258 -10.18 -18.77 -20.44
C LEU D 1258 -9.25 -18.10 -21.44
N ILE D 1259 -8.14 -17.55 -20.95
CA ILE D 1259 -7.25 -16.81 -21.85
C ILE D 1259 -6.78 -17.71 -22.97
N PRO D 1260 -6.62 -17.22 -24.20
CA PRO D 1260 -6.14 -18.06 -25.31
C PRO D 1260 -4.63 -18.25 -25.28
N ALA D 1261 -4.15 -18.89 -24.22
CA ALA D 1261 -2.73 -19.19 -24.07
C ALA D 1261 -2.57 -20.33 -23.09
N GLY D 1262 -1.43 -21.01 -23.17
CA GLY D 1262 -1.19 -22.13 -22.29
C GLY D 1262 -2.31 -23.13 -22.34
N THR D 1263 -2.68 -23.65 -21.17
CA THR D 1263 -3.73 -24.65 -21.07
C THR D 1263 -5.07 -24.17 -21.61
N GLY D 1264 -5.22 -22.88 -21.88
CA GLY D 1264 -6.46 -22.36 -22.42
C GLY D 1264 -6.62 -22.54 -23.92
N ILE D 1265 -5.52 -22.84 -24.61
CA ILE D 1265 -5.59 -23.05 -26.05
C ILE D 1265 -6.53 -24.22 -26.39
N SER D 1266 -7.06 -24.19 -27.61
CA SER D 1266 -8.10 -25.13 -28.00
C SER D 1266 -7.58 -26.57 -27.98
N ARG D 1267 -6.42 -26.81 -28.60
CA ARG D 1267 -5.89 -28.16 -28.67
C ARG D 1267 -5.73 -28.77 -27.29
N TYR D 1268 -5.41 -27.95 -26.28
CA TYR D 1268 -5.15 -28.48 -24.95
C TYR D 1268 -6.45 -28.68 -24.16
N ARG D 1269 -7.32 -27.67 -24.14
CA ARG D 1269 -8.53 -27.77 -23.34
C ARG D 1269 -9.53 -28.77 -23.91
N ASN D 1270 -9.41 -29.12 -25.18
CA ASN D 1270 -10.29 -30.09 -25.81
C ASN D 1270 -9.72 -31.50 -25.78
N ILE D 1271 -8.63 -31.73 -25.04
CA ILE D 1271 -8.07 -33.06 -24.92
C ILE D 1271 -9.11 -34.00 -24.34
N GLN D 1272 -9.25 -35.18 -24.95
CA GLN D 1272 -10.14 -36.22 -24.47
C GLN D 1272 -9.32 -37.36 -23.91
N VAL D 1273 -9.71 -37.86 -22.73
CA VAL D 1273 -8.93 -38.86 -21.99
C VAL D 1273 -9.82 -40.04 -21.68
N GLN D 1274 -9.29 -41.25 -21.89
CA GLN D 1274 -10.00 -42.48 -21.55
C GLN D 1274 -8.96 -43.56 -21.33
N PRO D 1275 -9.23 -44.52 -20.45
CA PRO D 1275 -8.25 -45.59 -20.21
C PRO D 1275 -8.21 -46.58 -21.36
N THR D 1276 -7.00 -47.09 -21.63
CA THR D 1276 -6.83 -48.05 -22.71
C THR D 1276 -7.65 -49.31 -22.44
N GLU D 1277 -8.19 -49.89 -23.51
CA GLU D 1277 -8.93 -51.14 -23.37
C GLU D 1277 -8.09 -52.21 -22.70
N GLU D 1278 -6.77 -52.19 -22.94
CA GLU D 1278 -5.89 -53.13 -22.24
C GLU D 1278 -5.81 -52.83 -20.75
N ALA D 1279 -5.99 -51.55 -20.38
CA ALA D 1279 -5.94 -51.19 -18.97
C ALA D 1279 -7.25 -51.51 -18.25
N ARG D 1280 -8.39 -51.21 -18.88
CA ARG D 1280 -9.66 -51.57 -18.28
C ARG D 1280 -9.75 -53.07 -18.02
N ALA D 1281 -9.14 -53.87 -18.90
CA ALA D 1281 -9.12 -55.32 -18.68
C ALA D 1281 -8.45 -55.67 -17.36
N ALA D 1282 -7.26 -55.12 -17.13
CA ALA D 1282 -6.56 -55.37 -15.86
C ALA D 1282 -7.39 -54.93 -14.67
N ALA D 1283 -8.26 -53.93 -14.86
CA ALA D 1283 -9.12 -53.44 -13.78
C ALA D 1283 -8.30 -53.01 -12.57
N SER E 24 17.88 -44.09 -14.72
CA SER E 24 18.50 -42.96 -14.04
C SER E 24 18.23 -43.02 -12.54
N ALA E 25 19.26 -42.78 -11.74
CA ALA E 25 19.16 -42.77 -10.28
C ALA E 25 19.11 -41.32 -9.83
N TYR E 26 17.91 -40.79 -9.65
CA TYR E 26 17.78 -39.42 -9.17
C TYR E 26 17.72 -39.38 -7.65
N ASP E 27 16.68 -39.97 -7.07
CA ASP E 27 16.68 -40.48 -5.71
C ASP E 27 15.25 -40.98 -5.52
N THR E 28 14.82 -41.23 -4.29
CA THR E 28 13.37 -41.30 -4.09
C THR E 28 12.80 -39.88 -4.03
N PRO E 29 11.79 -39.58 -4.83
CA PRO E 29 11.09 -38.29 -4.72
C PRO E 29 9.97 -38.36 -3.70
N LEU E 30 9.70 -37.21 -3.09
CA LEU E 30 8.77 -37.10 -1.99
C LEU E 30 7.47 -36.46 -2.47
N GLY E 31 6.35 -37.15 -2.27
CA GLY E 31 5.04 -36.57 -2.47
C GLY E 31 4.81 -35.90 -3.82
N ILE E 32 4.64 -34.58 -3.79
CA ILE E 32 4.22 -33.85 -4.98
C ILE E 32 5.23 -34.03 -6.11
N THR E 33 6.52 -34.13 -5.78
CA THR E 33 7.54 -34.25 -6.82
C THR E 33 7.51 -35.60 -7.53
N ASN E 34 6.72 -36.55 -7.06
CA ASN E 34 6.63 -37.87 -7.66
C ASN E 34 5.28 -38.04 -8.35
N PRO E 35 5.24 -38.58 -9.57
CA PRO E 35 6.46 -38.95 -10.33
C PRO E 35 7.13 -37.73 -10.96
N PRO E 36 8.39 -37.88 -11.35
CA PRO E 36 9.11 -36.75 -11.94
C PRO E 36 8.41 -36.24 -13.20
N ILE E 37 8.51 -34.94 -13.43
CA ILE E 37 7.90 -34.34 -14.61
C ILE E 37 8.56 -34.89 -15.88
N ASP E 38 9.87 -35.09 -15.85
CA ASP E 38 10.58 -35.60 -17.02
C ASP E 38 9.94 -36.89 -17.52
N GLU E 39 9.75 -37.85 -16.62
CA GLU E 39 9.11 -39.10 -17.02
C GLU E 39 7.65 -38.91 -17.41
N LEU E 40 7.03 -37.82 -16.99
CA LEU E 40 5.65 -37.53 -17.36
C LEU E 40 5.53 -36.78 -18.68
N LEU E 41 6.50 -35.91 -19.00
CA LEU E 41 6.43 -35.13 -20.22
C LEU E 41 6.64 -35.99 -21.47
N SER E 42 7.26 -37.16 -21.33
CA SER E 42 7.37 -38.07 -22.46
C SER E 42 6.04 -38.75 -22.79
N ARG E 43 5.03 -38.58 -21.94
CA ARG E 43 3.70 -39.14 -22.15
C ARG E 43 2.74 -38.16 -22.79
N ALA E 44 3.15 -36.90 -22.98
CA ALA E 44 2.29 -35.88 -23.55
C ALA E 44 3.13 -34.91 -24.37
N SER E 45 2.44 -34.09 -25.16
CA SER E 45 3.15 -33.23 -26.10
C SER E 45 3.88 -32.10 -25.38
N SER E 46 3.30 -31.58 -24.30
CA SER E 46 3.89 -30.45 -23.60
C SER E 46 3.44 -30.48 -22.14
N LYS E 47 4.00 -29.56 -21.35
CA LYS E 47 3.57 -29.41 -19.97
C LYS E 47 2.09 -29.05 -19.90
N TYR E 48 1.61 -28.22 -20.84
CA TYR E 48 0.21 -27.82 -20.85
C TYR E 48 -0.70 -29.02 -21.09
N ALA E 49 -0.45 -29.78 -22.16
CA ALA E 49 -1.24 -30.97 -22.44
C ALA E 49 -1.24 -31.92 -21.25
N LEU E 50 -0.10 -32.04 -20.58
CA LEU E 50 -0.03 -32.88 -19.37
C LEU E 50 -1.04 -32.41 -18.33
N VAL E 51 -1.23 -31.10 -18.21
CA VAL E 51 -2.14 -30.56 -17.20
C VAL E 51 -3.55 -31.06 -17.44
N ILE E 52 -4.12 -30.75 -18.61
CA ILE E 52 -5.47 -31.20 -18.92
C ILE E 52 -5.56 -32.72 -18.87
N TYR E 53 -4.53 -33.40 -19.39
CA TYR E 53 -4.47 -34.85 -19.35
C TYR E 53 -4.81 -35.39 -17.96
N ALA E 54 -3.97 -35.05 -16.98
CA ALA E 54 -4.19 -35.53 -15.62
C ALA E 54 -5.40 -34.86 -14.98
N ALA E 55 -5.70 -33.62 -15.38
CA ALA E 55 -6.81 -32.90 -14.76
C ALA E 55 -8.15 -33.57 -15.07
N LYS E 56 -8.42 -33.82 -16.35
CA LYS E 56 -9.70 -34.43 -16.72
C LYS E 56 -9.83 -35.84 -16.16
N ARG E 57 -8.73 -36.60 -16.15
CA ARG E 57 -8.78 -37.95 -15.58
C ARG E 57 -9.10 -37.89 -14.09
N ALA E 58 -8.59 -36.87 -13.40
CA ALA E 58 -8.85 -36.74 -11.97
C ALA E 58 -10.34 -36.53 -11.70
N ARG E 59 -10.96 -35.57 -12.41
CA ARG E 59 -12.40 -35.39 -12.27
C ARG E 59 -13.17 -36.63 -12.70
N GLN E 60 -12.58 -37.45 -13.58
CA GLN E 60 -13.20 -38.71 -13.96
C GLN E 60 -13.21 -39.70 -12.80
N ILE E 61 -12.09 -39.80 -12.08
CA ILE E 61 -12.01 -40.71 -10.94
C ILE E 61 -13.03 -40.33 -9.87
N ASN E 62 -13.06 -39.04 -9.51
CA ASN E 62 -13.93 -38.61 -8.42
C ASN E 62 -15.38 -38.96 -8.70
N ASP E 63 -15.80 -38.92 -9.96
CA ASP E 63 -17.16 -39.33 -10.29
C ASP E 63 -17.39 -40.79 -9.96
N TYR E 64 -16.42 -41.65 -10.30
CA TYR E 64 -16.52 -43.07 -9.94
C TYR E 64 -16.78 -43.26 -8.45
N TYR E 65 -16.09 -42.48 -7.61
CA TYR E 65 -16.30 -42.56 -6.18
C TYR E 65 -17.66 -42.02 -5.74
N ASN E 66 -18.47 -41.51 -6.65
CA ASN E 66 -19.80 -41.01 -6.31
C ASN E 66 -20.89 -41.84 -6.99
N GLU E 74 -17.02 -39.25 -16.20
CA GLU E 74 -17.13 -40.65 -16.60
C GLU E 74 -16.94 -41.58 -15.40
N TYR E 75 -16.89 -42.88 -15.67
CA TYR E 75 -16.77 -43.89 -14.62
C TYR E 75 -15.76 -44.93 -15.06
N VAL E 76 -14.54 -44.85 -14.52
CA VAL E 76 -13.51 -45.85 -14.78
C VAL E 76 -12.41 -45.66 -13.76
N GLY E 77 -11.58 -46.69 -13.58
CA GLY E 77 -10.45 -46.61 -12.68
C GLY E 77 -10.88 -46.67 -11.23
N PRO E 78 -9.93 -46.53 -10.30
CA PRO E 78 -8.50 -46.29 -10.51
C PRO E 78 -7.74 -47.48 -11.09
N LEU E 79 -7.14 -47.30 -12.26
CA LEU E 79 -6.46 -48.40 -12.93
C LEU E 79 -5.29 -48.92 -12.12
N VAL E 80 -4.66 -48.07 -11.32
CA VAL E 80 -3.54 -48.47 -10.48
C VAL E 80 -4.06 -48.72 -9.07
N GLU E 81 -3.27 -49.40 -8.27
CA GLU E 81 -3.65 -49.66 -6.89
C GLU E 81 -3.64 -48.36 -6.10
N PRO E 82 -4.80 -47.83 -5.71
CA PRO E 82 -4.82 -46.53 -5.02
C PRO E 82 -4.06 -46.58 -3.71
N GLY E 83 -3.38 -45.47 -3.40
CA GLY E 83 -2.75 -45.31 -2.11
C GLY E 83 -3.77 -45.34 -0.99
N LEU E 84 -3.32 -45.22 0.25
CA LEU E 84 -4.24 -45.30 1.39
C LEU E 84 -5.35 -44.25 1.27
N GLN E 85 -4.96 -42.97 1.32
CA GLN E 85 -5.90 -41.86 1.20
C GLN E 85 -5.61 -41.01 -0.03
N GLU E 86 -4.95 -41.59 -1.03
CA GLU E 86 -4.44 -40.83 -2.15
C GLU E 86 -5.51 -39.95 -2.77
N LYS E 87 -5.11 -38.74 -3.16
CA LYS E 87 -5.99 -37.81 -3.86
C LYS E 87 -6.16 -38.25 -5.32
N PRO E 88 -7.37 -38.12 -5.87
CA PRO E 88 -7.57 -38.57 -7.26
C PRO E 88 -6.60 -37.95 -8.25
N LEU E 89 -6.33 -36.65 -8.14
CA LEU E 89 -5.35 -36.03 -9.03
C LEU E 89 -4.00 -36.73 -8.94
N SER E 90 -3.57 -37.06 -7.71
CA SER E 90 -2.32 -37.80 -7.56
C SER E 90 -2.42 -39.18 -8.19
N ILE E 91 -3.60 -39.79 -8.17
CA ILE E 91 -3.79 -41.07 -8.83
C ILE E 91 -3.57 -40.93 -10.33
N ALA E 92 -4.33 -40.02 -10.96
CA ALA E 92 -4.24 -39.83 -12.40
C ALA E 92 -2.80 -39.62 -12.86
N LEU E 93 -1.98 -38.97 -12.04
CA LEU E 93 -0.58 -38.79 -12.40
C LEU E 93 0.16 -40.12 -12.47
N ARG E 94 -0.05 -40.98 -11.47
CA ARG E 94 0.56 -42.30 -11.49
C ARG E 94 0.08 -43.11 -12.69
N GLU E 95 -1.20 -43.00 -13.03
CA GLU E 95 -1.72 -43.71 -14.20
C GLU E 95 -1.01 -43.28 -15.48
N ILE E 96 -0.81 -41.97 -15.65
CA ILE E 96 -0.11 -41.48 -16.83
C ILE E 96 1.33 -41.95 -16.84
N HIS E 97 1.94 -42.11 -15.66
CA HIS E 97 3.32 -42.57 -15.59
C HIS E 97 3.46 -43.99 -16.15
N GLY E 98 2.53 -44.87 -15.78
CA GLY E 98 2.53 -46.24 -16.25
C GLY E 98 1.93 -46.46 -17.62
N ASP E 99 1.59 -45.40 -18.34
CA ASP E 99 1.03 -45.51 -19.69
C ASP E 99 -0.32 -46.22 -19.70
N LEU E 100 -1.02 -46.24 -18.56
CA LEU E 100 -2.28 -46.97 -18.46
C LEU E 100 -3.41 -46.31 -19.24
N LEU E 101 -3.23 -45.10 -19.75
CA LEU E 101 -4.27 -44.43 -20.53
C LEU E 101 -3.62 -43.63 -21.64
N GLU E 102 -4.39 -43.41 -22.70
CA GLU E 102 -3.95 -42.63 -23.85
C GLU E 102 -4.97 -41.52 -24.12
N HIS E 103 -4.51 -40.49 -24.83
CA HIS E 103 -5.32 -39.31 -25.09
C HIS E 103 -5.08 -38.85 -26.52
N THR E 104 -5.92 -37.92 -26.97
CA THR E 104 -5.83 -37.35 -28.30
C THR E 104 -6.13 -35.86 -28.21
N GLU E 105 -5.18 -35.03 -28.67
CA GLU E 105 -5.35 -33.59 -28.58
C GLU E 105 -6.39 -33.10 -29.58
N GLY E 106 -7.05 -31.99 -29.22
CA GLY E 106 -8.08 -31.41 -30.07
C GLY E 106 -7.52 -30.61 -31.22
N SER F 162 -18.37 34.88 -20.96
CA SER F 162 -17.52 35.01 -19.79
C SER F 162 -17.01 33.65 -19.34
N ALA F 163 -16.03 33.66 -18.42
CA ALA F 163 -15.43 32.41 -17.97
C ALA F 163 -16.39 31.63 -17.08
N ASP F 164 -17.11 32.32 -16.20
CA ASP F 164 -18.00 31.69 -15.24
C ASP F 164 -19.43 31.67 -15.78
N SER F 165 -20.29 30.87 -15.13
CA SER F 165 -21.68 30.78 -15.52
C SER F 165 -22.53 31.89 -14.91
N VAL F 166 -22.24 32.26 -13.66
CA VAL F 166 -22.97 33.38 -13.06
C VAL F 166 -22.54 34.70 -13.69
N ARG F 167 -21.24 34.84 -13.97
CA ARG F 167 -20.78 36.02 -14.68
C ARG F 167 -21.50 36.19 -16.02
N ALA F 168 -21.85 35.08 -16.67
CA ALA F 168 -22.58 35.16 -17.93
C ALA F 168 -24.02 35.62 -17.70
N TYR F 169 -24.67 35.09 -16.67
CA TYR F 169 -26.06 35.49 -16.39
C TYR F 169 -26.12 36.95 -15.93
N LEU F 170 -25.13 37.39 -15.17
CA LEU F 170 -25.11 38.78 -14.73
C LEU F 170 -24.91 39.74 -15.90
N LYS F 171 -24.16 39.31 -16.93
CA LYS F 171 -23.94 40.17 -18.08
C LYS F 171 -25.26 40.50 -18.78
N GLN F 172 -26.16 39.53 -18.88
CA GLN F 172 -27.39 39.75 -19.63
C GLN F 172 -28.45 40.45 -18.79
N ILE F 173 -28.52 40.17 -17.49
CA ILE F 173 -29.47 40.88 -16.65
C ILE F 173 -29.08 42.35 -16.54
N GLY F 174 -27.79 42.66 -16.65
CA GLY F 174 -27.33 44.04 -16.59
C GLY F 174 -27.66 44.85 -17.83
N LYS F 175 -27.98 44.18 -18.94
CA LYS F 175 -28.30 44.87 -20.19
C LYS F 175 -29.67 45.53 -20.16
N VAL F 176 -30.47 45.31 -19.12
CA VAL F 176 -31.78 45.91 -19.00
C VAL F 176 -31.68 47.13 -18.09
N ALA F 177 -32.68 47.99 -18.15
CA ALA F 177 -32.70 49.24 -17.41
C ALA F 177 -33.71 49.18 -16.27
N LEU F 178 -33.30 49.70 -15.12
CA LEU F 178 -34.19 49.73 -13.95
C LEU F 178 -35.27 50.78 -14.12
N LEU F 179 -36.50 50.41 -13.79
CA LEU F 179 -37.63 51.31 -13.94
C LEU F 179 -37.75 52.22 -12.71
N ASN F 180 -38.42 53.35 -12.92
CA ASN F 180 -38.83 54.22 -11.82
C ASN F 180 -40.28 53.93 -11.48
N ALA F 181 -40.80 54.65 -10.47
CA ALA F 181 -42.15 54.39 -10.00
C ALA F 181 -43.18 54.55 -11.12
N GLU F 182 -43.02 55.58 -11.95
CA GLU F 182 -44.02 55.87 -12.98
C GLU F 182 -44.07 54.76 -14.01
N GLU F 183 -42.92 54.19 -14.37
CA GLU F 183 -42.90 53.13 -15.37
C GLU F 183 -43.57 51.86 -14.84
N GLU F 184 -43.17 51.42 -13.64
CA GLU F 184 -43.79 50.25 -13.03
C GLU F 184 -45.31 50.35 -13.09
N VAL F 185 -45.86 51.52 -12.72
CA VAL F 185 -47.30 51.72 -12.83
C VAL F 185 -47.74 51.56 -14.28
N GLU F 186 -46.98 52.11 -15.21
CA GLU F 186 -47.32 51.98 -16.62
C GLU F 186 -47.44 50.52 -17.03
N LEU F 187 -46.36 49.76 -16.87
CA LEU F 187 -46.36 48.35 -17.25
C LEU F 187 -47.49 47.59 -16.55
N ALA F 188 -47.70 47.86 -15.26
CA ALA F 188 -48.76 47.19 -14.52
C ALA F 188 -50.11 47.34 -15.23
N LYS F 189 -50.42 48.55 -15.68
CA LYS F 189 -51.67 48.76 -16.40
C LYS F 189 -51.71 47.92 -17.68
N ARG F 190 -50.66 47.98 -18.48
CA ARG F 190 -50.62 47.23 -19.74
C ARG F 190 -50.82 45.74 -19.48
N ILE F 191 -50.25 45.22 -18.40
CA ILE F 191 -50.38 43.79 -18.11
C ILE F 191 -51.84 43.44 -17.82
N GLU F 192 -52.47 44.20 -16.93
CA GLU F 192 -53.87 43.94 -16.61
C GLU F 192 -54.77 44.22 -17.80
N ALA F 193 -54.47 45.25 -18.58
CA ALA F 193 -55.26 45.56 -19.76
C ALA F 193 -55.24 44.40 -20.75
N GLY F 194 -54.04 43.89 -21.05
CA GLY F 194 -53.95 42.77 -21.98
C GLY F 194 -54.66 41.53 -21.49
N LEU F 195 -54.58 41.26 -20.19
CA LEU F 195 -55.24 40.07 -19.63
C LEU F 195 -56.75 40.16 -19.81
N TYR F 196 -57.34 41.30 -19.44
CA TYR F 196 -58.78 41.47 -19.62
C TYR F 196 -59.16 41.44 -21.10
N ALA F 197 -58.35 42.07 -21.95
CA ALA F 197 -58.59 41.99 -23.38
C ALA F 197 -58.59 40.55 -23.86
N THR F 198 -57.77 39.68 -23.25
CA THR F 198 -57.75 38.28 -23.63
C THR F 198 -58.98 37.55 -23.12
N GLN F 199 -59.28 37.69 -21.83
CA GLN F 199 -60.44 37.00 -21.27
C GLN F 199 -61.73 37.40 -21.98
N LYS F 200 -61.84 38.66 -22.41
CA LYS F 200 -63.03 39.10 -23.12
C LYS F 200 -63.13 38.44 -24.49
N LEU F 201 -62.06 38.50 -25.27
CA LEU F 201 -62.06 37.82 -26.57
C LEU F 201 -62.33 36.34 -26.41
N ALA F 202 -61.68 35.70 -25.43
CA ALA F 202 -61.95 34.29 -25.15
C ALA F 202 -63.44 34.08 -24.84
N GLU F 203 -64.08 35.05 -24.20
CA GLU F 203 -65.52 34.94 -23.97
C GLU F 203 -66.30 34.90 -25.27
N LEU F 204 -65.78 35.55 -26.32
CA LEU F 204 -66.44 35.52 -27.62
C LEU F 204 -66.36 34.14 -28.25
N ALA F 205 -65.26 33.41 -28.02
CA ALA F 205 -65.11 32.09 -28.62
C ALA F 205 -66.27 31.18 -28.28
N GLU F 206 -66.79 31.28 -27.04
CA GLU F 206 -67.91 30.44 -26.64
C GLU F 206 -69.15 30.77 -27.46
N LYS F 207 -69.55 32.03 -27.48
CA LYS F 207 -70.76 32.48 -28.16
C LYS F 207 -70.49 33.17 -29.48
N GLY F 208 -69.25 33.09 -29.99
CA GLY F 208 -68.96 33.64 -31.30
C GLY F 208 -69.01 35.16 -31.30
N GLU F 209 -69.73 35.72 -32.26
CA GLU F 209 -69.88 37.17 -32.40
C GLU F 209 -68.53 37.84 -32.67
N LYS F 210 -67.88 37.38 -33.75
CA LYS F 210 -66.59 37.94 -34.14
C LYS F 210 -66.68 39.45 -34.25
N LEU F 211 -65.64 40.12 -33.75
CA LEU F 211 -65.61 41.58 -33.71
C LEU F 211 -65.37 42.14 -35.10
N PRO F 212 -65.62 43.44 -35.28
CA PRO F 212 -65.23 44.10 -36.53
C PRO F 212 -63.74 43.94 -36.79
N VAL F 213 -63.34 44.24 -38.03
CA VAL F 213 -61.95 44.04 -38.42
C VAL F 213 -61.01 44.91 -37.59
N GLN F 214 -61.32 46.21 -37.52
CA GLN F 214 -60.44 47.12 -36.78
C GLN F 214 -60.47 46.83 -35.28
N GLN F 215 -61.62 46.40 -34.75
CA GLN F 215 -61.70 46.09 -33.33
C GLN F 215 -61.01 44.77 -32.99
N ARG F 216 -60.83 43.89 -33.97
CA ARG F 216 -60.14 42.64 -33.72
C ARG F 216 -58.63 42.81 -33.79
N ARG F 217 -58.14 43.57 -34.77
CA ARG F 217 -56.71 43.79 -34.92
C ARG F 217 -56.12 44.54 -33.73
N ASP F 218 -56.91 45.42 -33.10
CA ASP F 218 -56.42 46.16 -31.96
C ASP F 218 -56.48 45.35 -30.67
N MET F 219 -57.47 44.47 -30.53
CA MET F 219 -57.51 43.58 -29.38
C MET F 219 -56.33 42.61 -29.38
N GLN F 220 -55.99 42.08 -30.56
CA GLN F 220 -54.81 41.22 -30.68
C GLN F 220 -53.53 41.97 -30.31
N TRP F 221 -53.52 43.29 -30.43
CA TRP F 221 -52.35 44.06 -30.07
C TRP F 221 -52.31 44.38 -28.57
N ILE F 222 -53.49 44.61 -27.97
CA ILE F 222 -53.55 44.83 -26.53
C ILE F 222 -52.96 43.64 -25.79
N CYS F 223 -53.29 42.42 -26.23
CA CYS F 223 -52.74 41.23 -25.59
C CYS F 223 -51.24 41.14 -25.83
N ARG F 224 -50.80 41.30 -27.08
CA ARG F 224 -49.38 41.25 -27.37
C ARG F 224 -48.61 42.30 -26.58
N ASP F 225 -49.17 43.51 -26.47
CA ASP F 225 -48.51 44.55 -25.69
C ASP F 225 -48.51 44.22 -24.20
N GLY F 226 -49.50 43.45 -23.74
CA GLY F 226 -49.54 43.03 -22.36
C GLY F 226 -48.40 42.11 -22.01
N ASP F 227 -48.27 41.01 -22.75
CA ASP F 227 -47.17 40.08 -22.50
C ASP F 227 -45.82 40.74 -22.68
N ARG F 228 -45.71 41.68 -23.63
CA ARG F 228 -44.48 42.46 -23.72
C ARG F 228 -44.23 43.26 -22.45
N ALA F 229 -45.29 43.65 -21.75
CA ALA F 229 -45.12 44.34 -20.48
C ALA F 229 -44.66 43.38 -19.38
N LYS F 230 -45.39 42.28 -19.20
CA LYS F 230 -44.99 41.28 -18.21
C LYS F 230 -43.53 40.88 -18.39
N ASN F 231 -43.08 40.72 -19.63
CA ASN F 231 -41.69 40.36 -19.87
C ASN F 231 -40.74 41.50 -19.53
N HIS F 232 -41.18 42.75 -19.73
CA HIS F 232 -40.31 43.89 -19.43
C HIS F 232 -40.22 44.14 -17.93
N LEU F 233 -41.35 44.01 -17.21
CA LEU F 233 -41.31 44.19 -15.77
C LEU F 233 -40.38 43.17 -15.12
N LEU F 234 -40.44 41.92 -15.58
CA LEU F 234 -39.55 40.89 -15.06
C LEU F 234 -38.09 41.20 -15.37
N GLU F 235 -37.77 41.36 -16.67
CA GLU F 235 -36.40 41.60 -17.08
C GLU F 235 -35.78 42.79 -16.37
N ALA F 236 -36.62 43.75 -15.95
CA ALA F 236 -36.11 44.94 -15.28
C ALA F 236 -35.78 44.69 -13.81
N ASN F 237 -36.37 43.67 -13.19
CA ASN F 237 -36.17 43.40 -11.77
C ASN F 237 -35.33 42.15 -11.50
N LEU F 238 -34.69 41.59 -12.53
CA LEU F 238 -33.85 40.42 -12.31
C LEU F 238 -32.71 40.72 -11.33
N ARG F 239 -32.22 41.96 -11.34
CA ARG F 239 -31.15 42.32 -10.41
C ARG F 239 -31.59 42.15 -8.96
N LEU F 240 -32.87 42.39 -8.67
CA LEU F 240 -33.36 42.27 -7.29
C LEU F 240 -33.27 40.83 -6.79
N VAL F 241 -33.63 39.87 -7.64
CA VAL F 241 -33.52 38.47 -7.25
C VAL F 241 -32.09 38.12 -6.86
N VAL F 242 -31.13 38.50 -7.70
CA VAL F 242 -29.73 38.17 -7.43
C VAL F 242 -29.28 38.79 -6.12
N SER F 243 -29.72 40.02 -5.83
CA SER F 243 -29.30 40.68 -4.61
C SER F 243 -29.78 39.94 -3.37
N LEU F 244 -30.94 39.28 -3.46
CA LEU F 244 -31.45 38.51 -2.33
C LEU F 244 -30.81 37.14 -2.24
N ALA F 245 -30.53 36.51 -3.39
CA ALA F 245 -29.96 35.17 -3.38
C ALA F 245 -28.53 35.15 -2.86
N LYS F 246 -27.80 36.25 -2.94
CA LYS F 246 -26.42 36.28 -2.47
C LYS F 246 -26.32 35.79 -1.02
N ARG F 247 -27.30 36.15 -0.20
CA ARG F 247 -27.21 35.89 1.24
C ARG F 247 -27.56 34.47 1.62
N TYR F 248 -28.17 33.69 0.72
CA TYR F 248 -28.60 32.34 1.03
C TYR F 248 -27.68 31.29 0.43
N THR F 249 -26.52 31.69 -0.11
CA THR F 249 -25.57 30.73 -0.62
C THR F 249 -24.85 30.02 0.53
N GLY F 250 -24.09 28.99 0.20
CA GLY F 250 -23.39 28.21 1.18
C GLY F 250 -24.26 27.40 2.12
N ARG F 251 -25.57 27.39 1.91
CA ARG F 251 -26.50 26.65 2.75
C ARG F 251 -27.00 25.36 2.09
N GLY F 252 -26.31 24.88 1.06
CA GLY F 252 -26.67 23.64 0.42
C GLY F 252 -27.35 23.75 -0.92
N MET F 253 -27.46 24.95 -1.50
CA MET F 253 -28.04 25.13 -2.82
C MET F 253 -27.09 25.94 -3.69
N ALA F 254 -27.01 25.57 -4.96
CA ALA F 254 -26.17 26.29 -5.90
C ALA F 254 -26.70 27.70 -6.13
N PHE F 255 -25.79 28.66 -6.27
CA PHE F 255 -26.18 30.05 -6.42
C PHE F 255 -27.19 30.23 -7.56
N LEU F 256 -26.93 29.57 -8.70
CA LEU F 256 -27.84 29.70 -9.84
C LEU F 256 -29.22 29.15 -9.51
N ASP F 257 -29.28 28.01 -8.82
CA ASP F 257 -30.57 27.46 -8.41
C ASP F 257 -31.31 28.44 -7.51
N LEU F 258 -30.61 29.05 -6.56
CA LEU F 258 -31.23 30.08 -5.73
C LEU F 258 -31.78 31.21 -6.59
N ILE F 259 -31.00 31.66 -7.57
CA ILE F 259 -31.45 32.74 -8.45
C ILE F 259 -32.72 32.32 -9.19
N GLN F 260 -32.68 31.16 -9.84
CA GLN F 260 -33.83 30.72 -10.63
C GLN F 260 -35.09 30.60 -9.77
N GLU F 261 -34.96 30.02 -8.57
CA GLU F 261 -36.12 29.91 -7.69
C GLU F 261 -36.65 31.28 -7.32
N GLY F 262 -35.75 32.23 -7.01
CA GLY F 262 -36.18 33.59 -6.81
C GLY F 262 -36.92 34.15 -8.01
N ASN F 263 -36.42 33.88 -9.22
CA ASN F 263 -37.11 34.30 -10.43
C ASN F 263 -38.54 33.77 -10.46
N LEU F 264 -38.74 32.54 -9.99
CA LEU F 264 -40.10 32.01 -9.88
C LEU F 264 -40.94 32.86 -8.95
N GLY F 265 -40.39 33.28 -7.81
CA GLY F 265 -41.11 34.19 -6.94
C GLY F 265 -41.36 35.53 -7.59
N LEU F 266 -40.35 36.07 -8.28
CA LEU F 266 -40.51 37.33 -8.99
C LEU F 266 -41.69 37.28 -9.95
N ILE F 267 -41.89 36.13 -10.60
CA ILE F 267 -42.98 36.01 -11.57
C ILE F 267 -44.33 36.15 -10.87
N ARG F 268 -44.48 35.55 -9.69
CA ARG F 268 -45.77 35.62 -9.02
C ARG F 268 -46.03 37.02 -8.48
N ALA F 269 -44.98 37.68 -7.98
CA ALA F 269 -45.13 39.08 -7.57
C ALA F 269 -45.73 39.89 -8.72
N VAL F 270 -45.23 39.69 -9.93
CA VAL F 270 -45.76 40.40 -11.09
C VAL F 270 -47.22 40.03 -11.33
N GLU F 271 -47.56 38.76 -11.13
CA GLU F 271 -48.93 38.31 -11.39
C GLU F 271 -49.90 38.89 -10.35
N LYS F 272 -49.47 38.97 -9.09
CA LYS F 272 -50.33 39.42 -8.01
C LYS F 272 -50.10 40.87 -7.61
N PHE F 273 -49.12 41.55 -8.23
CA PHE F 273 -48.84 42.93 -7.88
C PHE F 273 -50.02 43.83 -8.19
N ASP F 274 -50.25 44.81 -7.32
CA ASP F 274 -51.34 45.77 -7.44
C ASP F 274 -50.74 47.16 -7.49
N TYR F 275 -51.03 47.90 -8.57
CA TYR F 275 -50.47 49.22 -8.76
C TYR F 275 -51.28 50.33 -8.10
N THR F 276 -52.55 50.06 -7.76
CA THR F 276 -53.38 51.09 -7.16
C THR F 276 -52.93 51.43 -5.75
N LYS F 277 -52.27 50.50 -5.06
CA LYS F 277 -51.79 50.76 -3.71
C LYS F 277 -50.69 51.81 -3.68
N GLY F 278 -50.11 52.17 -4.82
CA GLY F 278 -49.11 53.21 -4.87
C GLY F 278 -47.80 52.87 -4.19
N TYR F 279 -47.54 51.59 -3.94
CA TYR F 279 -46.28 51.18 -3.34
C TYR F 279 -45.27 50.81 -4.43
N LYS F 280 -44.01 51.13 -4.17
CA LYS F 280 -42.94 50.73 -5.08
C LYS F 280 -42.94 49.22 -5.26
N PHE F 281 -42.53 48.78 -6.45
CA PHE F 281 -42.62 47.35 -6.78
C PHE F 281 -41.71 46.51 -5.89
N SER F 282 -40.49 46.98 -5.64
CA SER F 282 -39.55 46.19 -4.84
C SER F 282 -40.08 45.90 -3.45
N THR F 283 -41.01 46.71 -2.95
CA THR F 283 -41.57 46.47 -1.62
C THR F 283 -42.34 45.16 -1.57
N TYR F 284 -43.20 44.92 -2.56
CA TYR F 284 -44.03 43.72 -2.55
C TYR F 284 -43.27 42.52 -3.10
N ALA F 285 -42.43 42.73 -4.13
CA ALA F 285 -41.73 41.60 -4.73
C ALA F 285 -40.72 40.97 -3.78
N THR F 286 -40.14 41.76 -2.87
CA THR F 286 -39.16 41.19 -1.94
C THR F 286 -39.75 40.05 -1.12
N TRP F 287 -41.02 40.15 -0.76
CA TRP F 287 -41.66 39.08 0.00
C TRP F 287 -41.66 37.78 -0.77
N TRP F 288 -42.12 37.81 -2.02
CA TRP F 288 -42.22 36.58 -2.80
C TRP F 288 -40.85 36.00 -3.13
N ILE F 289 -39.91 36.85 -3.53
CA ILE F 289 -38.60 36.35 -3.92
C ILE F 289 -37.91 35.68 -2.74
N ARG F 290 -38.03 36.25 -1.53
CA ARG F 290 -37.46 35.62 -0.36
C ARG F 290 -38.19 34.33 -0.01
N GLN F 291 -39.53 34.35 -0.06
CA GLN F 291 -40.29 33.13 0.23
C GLN F 291 -40.01 32.05 -0.80
N ALA F 292 -39.91 32.43 -2.07
CA ALA F 292 -39.62 31.45 -3.12
C ALA F 292 -38.25 30.82 -2.90
N ILE F 293 -37.28 31.60 -2.44
CA ILE F 293 -35.93 31.09 -2.23
C ILE F 293 -35.89 30.18 -1.00
N THR F 294 -36.51 30.63 0.10
CA THR F 294 -36.50 29.83 1.32
C THR F 294 -37.39 28.60 1.19
N ARG F 295 -38.58 28.78 0.60
CA ARG F 295 -39.43 27.62 0.31
C ARG F 295 -38.69 26.61 -0.55
N ALA F 296 -37.90 27.10 -1.52
CA ALA F 296 -37.15 26.19 -2.39
C ALA F 296 -36.13 25.40 -1.59
N MET F 297 -35.39 26.08 -0.69
CA MET F 297 -34.35 25.39 0.06
C MET F 297 -34.93 24.23 0.88
N ALA F 298 -36.12 24.42 1.45
CA ALA F 298 -36.72 23.37 2.27
C ALA F 298 -37.08 22.15 1.44
N ASP F 299 -37.31 22.32 0.14
CA ASP F 299 -37.73 21.22 -0.71
C ASP F 299 -36.58 20.53 -1.44
N GLN F 300 -35.39 21.13 -1.47
CA GLN F 300 -34.33 20.61 -2.33
C GLN F 300 -32.98 20.48 -1.64
N ALA F 301 -32.74 21.27 -0.59
CA ALA F 301 -31.40 21.36 -0.01
C ALA F 301 -30.94 20.07 0.66
N ARG F 302 -31.84 19.13 0.93
CA ARG F 302 -31.48 17.89 1.62
C ARG F 302 -31.64 16.71 0.67
N THR F 303 -30.62 15.85 0.63
CA THR F 303 -30.72 14.61 -0.15
C THR F 303 -31.97 13.83 0.23
N ILE F 304 -32.22 13.70 1.52
CA ILE F 304 -33.43 13.07 2.03
C ILE F 304 -34.38 14.21 2.40
N ARG F 305 -35.40 14.43 1.57
CA ARG F 305 -36.25 15.60 1.75
C ARG F 305 -37.00 15.54 3.07
N ILE F 306 -37.22 16.73 3.64
CA ILE F 306 -38.02 16.90 4.85
C ILE F 306 -39.10 17.92 4.53
N PRO F 307 -40.37 17.63 4.81
CA PRO F 307 -41.44 18.59 4.47
C PRO F 307 -41.19 19.94 5.13
N VAL F 308 -41.91 20.95 4.64
CA VAL F 308 -41.68 22.31 5.09
C VAL F 308 -41.94 22.44 6.59
N HIS F 309 -43.05 21.86 7.07
CA HIS F 309 -43.40 22.03 8.47
C HIS F 309 -42.35 21.42 9.39
N MET F 310 -41.67 20.36 8.93
CA MET F 310 -40.60 19.78 9.73
C MET F 310 -39.32 20.59 9.62
N VAL F 311 -39.02 21.11 8.43
CA VAL F 311 -37.89 22.02 8.28
C VAL F 311 -38.11 23.30 9.08
N GLU F 312 -39.36 23.66 9.34
CA GLU F 312 -39.64 24.86 10.12
C GLU F 312 -39.24 24.66 11.58
N VAL F 313 -39.52 23.49 12.14
CA VAL F 313 -39.21 23.24 13.55
C VAL F 313 -37.72 23.02 13.73
N ILE F 314 -37.08 22.29 12.82
CA ILE F 314 -35.65 22.05 12.93
C ILE F 314 -34.89 23.36 13.05
N ASN F 315 -35.27 24.36 12.24
CA ASN F 315 -34.60 25.66 12.32
C ASN F 315 -34.90 26.35 13.64
N LYS F 316 -36.19 26.39 14.02
CA LYS F 316 -36.56 27.01 15.28
C LYS F 316 -35.78 26.42 16.45
N LEU F 317 -35.71 25.08 16.50
CA LEU F 317 -34.92 24.44 17.54
C LEU F 317 -33.46 24.88 17.49
N GLY F 318 -32.96 25.20 16.30
CA GLY F 318 -31.58 25.65 16.19
C GLY F 318 -31.35 26.99 16.87
N ARG F 319 -32.16 27.99 16.52
CA ARG F 319 -32.01 29.30 17.14
C ARG F 319 -32.17 29.23 18.65
N ILE F 320 -33.20 28.51 19.12
CA ILE F 320 -33.38 28.32 20.55
C ILE F 320 -32.10 27.80 21.19
N GLN F 321 -31.43 26.86 20.51
CA GLN F 321 -30.18 26.33 21.03
C GLN F 321 -29.07 27.37 20.99
N ARG F 322 -29.06 28.24 19.97
CA ARG F 322 -28.05 29.29 19.89
C ARG F 322 -28.31 30.40 20.90
N GLU F 323 -29.56 30.85 21.01
CA GLU F 323 -29.91 31.83 22.03
C GLU F 323 -29.68 31.25 23.43
N LEU F 324 -30.15 30.02 23.65
CA LEU F 324 -29.90 29.36 24.92
C LEU F 324 -28.41 29.13 25.15
N LEU F 325 -27.65 28.92 24.08
CA LEU F 325 -26.21 28.74 24.21
C LEU F 325 -25.55 30.02 24.73
N GLN F 326 -26.01 31.18 24.29
CA GLN F 326 -25.39 32.44 24.68
C GLN F 326 -25.73 32.82 26.12
N ASP F 327 -26.92 32.47 26.59
CA ASP F 327 -27.32 32.83 27.94
C ASP F 327 -26.77 31.88 29.00
N LEU F 328 -26.40 30.66 28.62
CA LEU F 328 -25.89 29.67 29.58
C LEU F 328 -24.39 29.44 29.43
N GLY F 329 -23.73 30.12 28.52
CA GLY F 329 -22.30 29.90 28.33
C GLY F 329 -21.94 28.44 28.13
N ARG F 330 -22.77 27.71 27.40
CA ARG F 330 -22.59 26.28 27.20
C ARG F 330 -23.65 25.82 26.20
N GLU F 331 -23.60 24.54 25.85
CA GLU F 331 -24.76 24.16 25.05
C GLU F 331 -25.88 23.64 25.94
N PRO F 332 -27.13 23.98 25.64
CA PRO F 332 -28.24 23.52 26.48
C PRO F 332 -28.49 22.02 26.29
N THR F 333 -28.91 21.38 27.37
CA THR F 333 -29.22 19.96 27.35
C THR F 333 -30.59 19.73 26.74
N PRO F 334 -30.96 18.47 26.49
CA PRO F 334 -32.28 18.19 25.91
C PRO F 334 -33.43 18.71 26.74
N GLU F 335 -33.25 18.84 28.06
CA GLU F 335 -34.33 19.32 28.91
C GLU F 335 -34.49 20.84 28.80
N GLU F 336 -33.37 21.57 28.78
CA GLU F 336 -33.45 23.02 28.61
C GLU F 336 -34.02 23.39 27.26
N LEU F 337 -33.64 22.65 26.21
CA LEU F 337 -34.13 22.95 24.87
C LEU F 337 -35.62 22.64 24.74
N ALA F 338 -36.06 21.50 25.28
CA ALA F 338 -37.47 21.17 25.23
C ALA F 338 -38.31 22.13 26.05
N LYS F 339 -37.72 22.76 27.07
CA LYS F 339 -38.44 23.73 27.89
C LYS F 339 -38.58 25.06 27.17
N GLU F 340 -37.48 25.58 26.63
CA GLU F 340 -37.53 26.86 25.91
C GLU F 340 -38.43 26.80 24.69
N MET F 341 -38.64 25.61 24.13
CA MET F 341 -39.43 25.45 22.92
C MET F 341 -40.82 24.88 23.20
N ASP F 342 -41.15 24.59 24.46
CA ASP F 342 -42.48 24.13 24.84
C ASP F 342 -42.83 22.81 24.14
N ILE F 343 -41.92 21.84 24.24
CA ILE F 343 -42.11 20.51 23.68
C ILE F 343 -41.49 19.49 24.62
N THR F 344 -41.82 18.23 24.40
CA THR F 344 -41.30 17.16 25.23
C THR F 344 -39.83 16.92 24.91
N PRO F 345 -39.00 16.62 25.92
CA PRO F 345 -37.59 16.34 25.63
C PRO F 345 -37.39 15.17 24.68
N GLU F 346 -38.26 14.17 24.73
CA GLU F 346 -38.17 13.05 23.80
C GLU F 346 -38.40 13.50 22.37
N LYS F 347 -39.25 14.51 22.18
CA LYS F 347 -39.49 15.01 20.83
C LYS F 347 -38.24 15.69 20.27
N VAL F 348 -37.59 16.53 21.07
CA VAL F 348 -36.40 17.25 20.61
C VAL F 348 -35.31 16.28 20.19
N LEU F 349 -35.28 15.08 20.77
CA LEU F 349 -34.32 14.07 20.34
C LEU F 349 -34.71 13.53 18.97
N GLU F 350 -35.98 13.17 18.79
CA GLU F 350 -36.46 12.71 17.49
C GLU F 350 -36.21 13.76 16.41
N ILE F 351 -36.37 15.03 16.75
CA ILE F 351 -36.10 16.10 15.79
C ILE F 351 -34.61 16.17 15.47
N GLN F 352 -33.75 16.04 16.48
CA GLN F 352 -32.31 16.10 16.26
C GLN F 352 -31.81 14.92 15.44
N GLN F 353 -32.57 13.82 15.37
CA GLN F 353 -32.21 12.73 14.48
C GLN F 353 -32.61 13.04 13.05
N TYR F 354 -33.75 13.69 12.85
CA TYR F 354 -34.16 14.09 11.51
C TYR F 354 -33.15 15.02 10.86
N ALA F 355 -32.55 15.92 11.66
CA ALA F 355 -31.64 16.91 11.11
C ALA F 355 -30.33 16.32 10.62
N ARG F 356 -30.01 15.08 11.01
CA ARG F 356 -28.78 14.46 10.54
C ARG F 356 -28.79 14.36 9.02
N GLU F 357 -27.64 14.69 8.42
CA GLU F 357 -27.50 14.59 6.98
C GLU F 357 -26.58 13.44 6.60
N PRO F 358 -26.88 12.73 5.52
CA PRO F 358 -26.07 11.58 5.14
C PRO F 358 -24.65 11.99 4.75
N ILE F 359 -23.80 10.97 4.57
CA ILE F 359 -22.41 11.16 4.21
C ILE F 359 -22.18 10.48 2.86
N SER F 360 -21.01 10.74 2.28
CA SER F 360 -20.69 10.23 0.95
C SER F 360 -20.00 8.88 1.03
N LEU F 361 -20.55 7.90 0.32
CA LEU F 361 -19.88 6.61 0.20
C LEU F 361 -18.58 6.72 -0.59
N ASP F 362 -18.52 7.68 -1.52
CA ASP F 362 -17.31 7.92 -2.30
C ASP F 362 -16.26 8.71 -1.53
N GLN F 363 -16.55 9.08 -0.28
CA GLN F 363 -15.55 9.78 0.52
C GLN F 363 -14.37 8.88 0.82
N THR F 364 -13.21 9.51 1.02
CA THR F 364 -11.97 8.82 1.37
C THR F 364 -11.79 8.90 2.87
N ILE F 365 -11.88 7.76 3.55
CA ILE F 365 -11.67 7.71 4.99
C ILE F 365 -10.17 7.69 5.25
N GLY F 366 -9.65 8.81 5.73
CA GLY F 366 -8.24 8.91 6.04
C GLY F 366 -7.54 9.31 4.77
N ASP F 367 -7.03 10.54 4.70
CA ASP F 367 -6.23 10.90 3.55
C ASP F 367 -4.95 10.08 3.51
N GLU F 368 -4.58 9.45 4.63
CA GLU F 368 -3.39 8.61 4.68
C GLU F 368 -3.51 7.43 3.72
N GLY F 369 -4.52 6.59 3.91
CA GLY F 369 -4.73 5.44 3.05
C GLY F 369 -5.87 5.66 2.09
N ASP F 370 -5.58 5.66 0.79
CA ASP F 370 -6.61 6.07 -0.17
C ASP F 370 -7.68 4.98 -0.24
N SER F 371 -8.38 4.80 0.87
CA SER F 371 -9.42 3.79 1.01
C SER F 371 -10.77 4.49 0.98
N GLN F 372 -11.63 4.09 0.05
CA GLN F 372 -12.94 4.70 -0.11
C GLN F 372 -13.93 4.02 0.82
N LEU F 373 -14.62 4.82 1.63
CA LEU F 373 -15.57 4.27 2.60
C LEU F 373 -16.48 3.24 1.95
N GLY F 374 -17.00 3.54 0.77
CA GLY F 374 -17.95 2.68 0.10
C GLY F 374 -17.59 1.21 0.06
N ASP F 375 -16.32 0.90 -0.18
CA ASP F 375 -15.90 -0.48 -0.32
C ASP F 375 -15.69 -1.19 1.02
N PHE F 376 -15.97 -0.53 2.15
CA PHE F 376 -15.92 -1.18 3.45
C PHE F 376 -17.29 -1.66 3.91
N ILE F 377 -18.32 -1.52 3.10
CA ILE F 377 -19.69 -1.82 3.50
C ILE F 377 -20.02 -3.24 3.11
N GLU F 378 -20.40 -4.06 4.09
CA GLU F 378 -20.81 -5.43 3.82
C GLU F 378 -22.14 -5.46 3.08
N ASP F 379 -22.42 -6.61 2.48
CA ASP F 379 -23.71 -6.89 1.84
C ASP F 379 -24.45 -7.86 2.74
N SER F 380 -25.31 -7.32 3.62
CA SER F 380 -25.98 -8.15 4.62
C SER F 380 -26.91 -9.18 3.97
N GLU F 381 -27.44 -8.90 2.80
CA GLU F 381 -28.35 -9.80 2.11
C GLU F 381 -27.63 -10.80 1.22
N ALA F 382 -26.28 -10.82 1.24
CA ALA F 382 -25.54 -11.76 0.43
C ALA F 382 -25.76 -13.20 0.92
N VAL F 383 -25.74 -14.13 -0.03
CA VAL F 383 -25.95 -15.53 0.29
C VAL F 383 -24.72 -16.10 0.98
N VAL F 384 -24.94 -16.72 2.14
CA VAL F 384 -23.86 -17.38 2.88
C VAL F 384 -23.83 -18.85 2.46
N ALA F 385 -22.66 -19.31 1.99
CA ALA F 385 -22.56 -20.63 1.41
C ALA F 385 -22.86 -21.72 2.45
N VAL F 386 -22.28 -21.60 3.64
CA VAL F 386 -22.41 -22.67 4.63
C VAL F 386 -23.86 -22.84 5.06
N ASP F 387 -24.59 -21.72 5.18
CA ASP F 387 -25.98 -21.80 5.61
C ASP F 387 -26.86 -22.42 4.55
N ALA F 388 -26.79 -21.90 3.31
CA ALA F 388 -27.59 -22.44 2.23
C ALA F 388 -27.34 -23.93 2.03
N VAL F 389 -26.10 -24.37 2.25
CA VAL F 389 -25.78 -25.79 2.11
C VAL F 389 -26.39 -26.57 3.27
N SER F 390 -26.20 -26.09 4.50
CA SER F 390 -26.82 -26.74 5.65
C SER F 390 -28.34 -26.71 5.55
N PHE F 391 -28.90 -25.57 5.11
CA PHE F 391 -30.34 -25.51 4.88
C PHE F 391 -30.77 -26.58 3.89
N THR F 392 -30.01 -26.75 2.81
CA THR F 392 -30.30 -27.82 1.86
C THR F 392 -30.23 -29.19 2.54
N LEU F 393 -29.24 -29.38 3.42
CA LEU F 393 -29.16 -30.63 4.17
C LEU F 393 -30.31 -30.76 5.15
N LEU F 394 -30.68 -29.66 5.82
CA LEU F 394 -31.84 -29.68 6.70
C LEU F 394 -33.10 -30.06 5.93
N GLN F 395 -33.28 -29.50 4.74
CA GLN F 395 -34.45 -29.83 3.94
C GLN F 395 -34.52 -31.32 3.63
N ASP F 396 -33.36 -31.97 3.47
CA ASP F 396 -33.36 -33.41 3.23
C ASP F 396 -33.71 -34.18 4.50
N GLN F 397 -33.17 -33.77 5.64
CA GLN F 397 -33.42 -34.50 6.88
C GLN F 397 -34.89 -34.46 7.26
N LEU F 398 -35.60 -33.36 6.95
CA LEU F 398 -37.03 -33.30 7.22
C LEU F 398 -37.80 -34.25 6.30
N GLN F 399 -37.43 -34.29 5.02
CA GLN F 399 -38.07 -35.23 4.10
C GLN F 399 -38.03 -36.65 4.65
N SER F 400 -36.91 -37.03 5.28
CA SER F 400 -36.80 -38.37 5.84
C SER F 400 -37.68 -38.54 7.07
N VAL F 401 -37.60 -37.59 8.00
CA VAL F 401 -38.38 -37.70 9.23
C VAL F 401 -39.86 -37.84 8.92
N LEU F 402 -40.35 -37.07 7.95
CA LEU F 402 -41.75 -37.19 7.54
C LEU F 402 -42.06 -38.54 6.92
N GLU F 403 -41.06 -39.22 6.36
CA GLU F 403 -41.29 -40.56 5.82
C GLU F 403 -41.75 -41.52 6.91
N THR F 404 -41.30 -41.31 8.16
CA THR F 404 -41.74 -42.16 9.25
C THR F 404 -43.23 -41.95 9.54
N LEU F 405 -43.70 -40.72 9.39
CA LEU F 405 -45.11 -40.43 9.63
C LEU F 405 -45.98 -41.08 8.56
N SER F 406 -47.27 -41.14 8.85
CA SER F 406 -48.21 -41.74 7.91
C SER F 406 -48.37 -40.85 6.69
N GLU F 407 -48.98 -41.41 5.65
CA GLU F 407 -49.23 -40.64 4.43
C GLU F 407 -50.09 -39.43 4.73
N ARG F 408 -51.10 -39.57 5.60
CA ARG F 408 -51.93 -38.43 5.96
C ARG F 408 -51.32 -37.60 7.07
N GLU F 409 -50.61 -38.24 8.01
CA GLU F 409 -49.91 -37.48 9.05
C GLU F 409 -48.92 -36.50 8.43
N ALA F 410 -48.02 -37.01 7.59
CA ALA F 410 -47.07 -36.12 6.90
C ALA F 410 -47.78 -35.18 5.96
N GLY F 411 -48.81 -35.67 5.27
CA GLY F 411 -49.55 -34.81 4.34
C GLY F 411 -50.15 -33.60 5.02
N VAL F 412 -50.64 -33.77 6.25
CA VAL F 412 -51.20 -32.65 6.99
C VAL F 412 -50.10 -31.71 7.49
N VAL F 413 -48.97 -32.28 7.93
CA VAL F 413 -47.87 -31.45 8.41
C VAL F 413 -47.35 -30.57 7.27
N ARG F 414 -47.20 -31.14 6.08
CA ARG F 414 -46.68 -30.37 4.95
C ARG F 414 -47.65 -29.26 4.56
N LEU F 415 -48.94 -29.56 4.47
CA LEU F 415 -49.92 -28.53 4.11
C LEU F 415 -50.09 -27.50 5.21
N ARG F 416 -49.97 -27.92 6.48
CA ARG F 416 -50.15 -26.98 7.58
C ARG F 416 -49.10 -25.88 7.55
N PHE F 417 -47.85 -26.25 7.34
CA PHE F 417 -46.74 -25.30 7.27
C PHE F 417 -46.39 -24.90 5.85
N GLY F 418 -47.07 -25.45 4.84
CA GLY F 418 -46.78 -25.11 3.47
C GLY F 418 -45.39 -25.48 3.03
N LEU F 419 -44.94 -26.69 3.38
CA LEU F 419 -43.61 -27.13 2.98
C LEU F 419 -43.49 -27.26 1.48
N THR F 420 -44.49 -27.86 0.84
CA THR F 420 -44.44 -28.09 -0.60
C THR F 420 -44.68 -26.81 -1.39
N ASP F 421 -45.77 -26.10 -1.09
CA ASP F 421 -46.10 -24.89 -1.83
C ASP F 421 -45.41 -23.65 -1.29
N GLY F 422 -44.95 -23.68 -0.05
CA GLY F 422 -44.50 -22.48 0.62
C GLY F 422 -45.61 -21.64 1.20
N GLN F 423 -46.87 -22.02 0.96
CA GLN F 423 -48.03 -21.29 1.45
C GLN F 423 -48.70 -22.09 2.56
N PRO F 424 -48.60 -21.65 3.82
CA PRO F 424 -49.30 -22.35 4.91
C PRO F 424 -50.80 -22.37 4.67
N ARG F 425 -51.46 -23.35 5.28
CA ARG F 425 -52.89 -23.56 5.13
C ARG F 425 -53.55 -23.62 6.49
N THR F 426 -54.80 -23.17 6.56
CA THR F 426 -55.54 -23.17 7.80
C THR F 426 -56.12 -24.56 8.08
N LEU F 427 -56.47 -24.79 9.35
CA LEU F 427 -57.01 -26.08 9.75
C LEU F 427 -58.23 -26.46 8.90
N ASP F 428 -59.12 -25.50 8.66
CA ASP F 428 -60.31 -25.79 7.86
C ASP F 428 -59.93 -26.19 6.43
N GLU F 429 -58.95 -25.50 5.84
CA GLU F 429 -58.60 -25.78 4.44
C GLU F 429 -58.02 -27.18 4.30
N ILE F 430 -57.20 -27.62 5.26
CA ILE F 430 -56.67 -28.97 5.22
C ILE F 430 -57.80 -29.99 5.39
N GLY F 431 -58.78 -29.67 6.27
CA GLY F 431 -59.94 -30.53 6.39
C GLY F 431 -60.78 -30.58 5.14
N GLN F 432 -60.56 -29.66 4.20
CA GLN F 432 -61.34 -29.67 2.97
C GLN F 432 -60.73 -30.58 1.93
N VAL F 433 -59.43 -30.86 2.02
CA VAL F 433 -58.81 -31.79 1.09
C VAL F 433 -59.02 -33.24 1.53
N TYR F 434 -58.87 -33.50 2.83
CA TYR F 434 -59.09 -34.82 3.39
C TYR F 434 -60.54 -35.08 3.77
N GLY F 435 -61.41 -34.08 3.63
CA GLY F 435 -62.83 -34.28 3.85
C GLY F 435 -63.25 -34.43 5.29
N VAL F 436 -62.65 -33.66 6.19
CA VAL F 436 -62.97 -33.71 7.61
C VAL F 436 -63.17 -32.28 8.12
N THR F 437 -63.57 -32.17 9.38
CA THR F 437 -63.72 -30.88 10.02
C THR F 437 -62.36 -30.36 10.49
N ARG F 438 -62.28 -29.05 10.69
CA ARG F 438 -61.02 -28.45 11.13
C ARG F 438 -60.57 -29.02 12.47
N GLU F 439 -61.51 -29.35 13.36
CA GLU F 439 -61.15 -29.91 14.66
C GLU F 439 -60.44 -31.25 14.50
N ARG F 440 -60.93 -32.11 13.61
CA ARG F 440 -60.25 -33.38 13.37
C ARG F 440 -58.81 -33.15 12.92
N ILE F 441 -58.58 -32.14 12.08
CA ILE F 441 -57.22 -31.84 11.66
C ILE F 441 -56.40 -31.32 12.83
N ARG F 442 -57.00 -30.48 13.68
CA ARG F 442 -56.31 -30.03 14.89
C ARG F 442 -55.88 -31.23 15.72
N GLN F 443 -56.71 -32.26 15.80
CA GLN F 443 -56.36 -33.47 16.56
C GLN F 443 -55.20 -34.20 15.90
N ILE F 444 -55.31 -34.50 14.61
CA ILE F 444 -54.23 -35.17 13.90
C ILE F 444 -52.94 -34.37 14.02
N GLU F 445 -53.03 -33.04 14.13
CA GLU F 445 -51.85 -32.22 14.29
C GLU F 445 -51.16 -32.49 15.61
N SER F 446 -51.90 -32.44 16.71
CA SER F 446 -51.30 -32.64 18.03
C SER F 446 -50.60 -33.99 18.13
N LYS F 447 -51.20 -35.03 17.53
CA LYS F 447 -50.64 -36.37 17.67
C LYS F 447 -49.35 -36.51 16.87
N THR F 448 -49.36 -36.04 15.61
CA THR F 448 -48.14 -36.11 14.81
C THR F 448 -47.04 -35.23 15.37
N MET F 449 -47.40 -34.17 16.10
CA MET F 449 -46.38 -33.32 16.71
C MET F 449 -45.74 -34.01 17.91
N SER F 450 -46.54 -34.67 18.75
CA SER F 450 -45.97 -35.47 19.83
C SER F 450 -45.17 -36.64 19.28
N LYS F 451 -45.55 -37.14 18.10
CA LYS F 451 -44.74 -38.16 17.44
C LYS F 451 -43.40 -37.58 16.98
N LEU F 452 -43.42 -36.40 16.37
CA LEU F 452 -42.18 -35.73 15.99
C LEU F 452 -41.34 -35.41 17.22
N ARG F 453 -41.99 -35.01 18.32
CA ARG F 453 -41.26 -34.76 19.55
C ARG F 453 -40.64 -36.03 20.12
N HIS F 454 -41.09 -37.19 19.68
CA HIS F 454 -40.47 -38.45 20.10
C HIS F 454 -38.97 -38.38 19.83
N PRO F 455 -38.13 -38.71 20.81
CA PRO F 455 -36.69 -38.47 20.65
C PRO F 455 -36.08 -39.15 19.44
N SER F 456 -36.66 -40.25 18.96
CA SER F 456 -36.08 -40.94 17.82
C SER F 456 -36.02 -40.04 16.59
N ARG F 457 -37.09 -39.28 16.35
CA ARG F 457 -37.18 -38.41 15.18
C ARG F 457 -36.60 -37.03 15.41
N SER F 458 -36.62 -36.54 16.65
CA SER F 458 -36.16 -35.18 16.93
C SER F 458 -34.67 -35.09 17.17
N GLN F 459 -34.04 -36.15 17.68
CA GLN F 459 -32.63 -36.10 18.03
C GLN F 459 -31.77 -35.65 16.84
N VAL F 460 -32.15 -36.05 15.63
CA VAL F 460 -31.33 -35.73 14.45
C VAL F 460 -31.45 -34.26 14.11
N LEU F 461 -32.63 -33.66 14.29
CA LEU F 461 -32.86 -32.27 13.91
C LEU F 461 -32.44 -31.28 14.98
N ARG F 462 -31.95 -31.75 16.13
CA ARG F 462 -31.63 -30.84 17.23
C ARG F 462 -30.59 -29.81 16.81
N ASP F 463 -29.54 -30.25 16.11
CA ASP F 463 -28.42 -29.37 15.75
C ASP F 463 -28.82 -28.26 14.80
N TYR F 464 -30.08 -28.21 14.34
CA TYR F 464 -30.54 -27.18 13.43
C TYR F 464 -31.27 -26.05 14.15
N LEU F 465 -31.11 -25.94 15.47
CA LEU F 465 -31.75 -24.86 16.21
C LEU F 465 -31.49 -23.51 15.55
N ASP F 466 -30.23 -23.20 15.27
CA ASP F 466 -29.86 -21.98 14.58
C ASP F 466 -28.34 -21.80 14.60
N UNK G 1 -9.81 64.20 -22.37
CA UNK G 1 -10.50 62.91 -22.37
C UNK G 1 -11.53 62.85 -23.49
N UNK G 2 -11.33 63.65 -24.53
CA UNK G 2 -12.22 63.65 -25.69
C UNK G 2 -11.88 62.45 -26.58
N UNK G 3 -10.59 62.13 -26.65
CA UNK G 3 -10.13 60.97 -27.40
C UNK G 3 -9.97 59.80 -26.43
N UNK G 4 -10.22 60.04 -25.15
CA UNK G 4 -10.15 59.01 -24.14
C UNK G 4 -11.52 58.39 -23.90
N UNK G 5 -12.57 59.15 -24.22
CA UNK G 5 -13.94 58.65 -24.11
C UNK G 5 -14.19 57.61 -25.21
N UNK G 6 -13.36 57.65 -26.24
CA UNK G 6 -13.43 56.67 -27.33
C UNK G 6 -12.70 55.40 -26.92
N UNK G 7 -11.75 55.53 -26.01
CA UNK G 7 -11.02 54.38 -25.49
C UNK G 7 -11.85 53.67 -24.43
N UNK G 8 -12.78 54.41 -23.83
CA UNK G 8 -13.70 53.85 -22.85
C UNK G 8 -14.80 53.08 -23.55
N UNK G 9 -14.77 53.11 -24.88
CA UNK G 9 -15.73 52.38 -25.69
C UNK G 9 -15.24 50.95 -25.94
N UNK G 10 -14.15 50.60 -25.27
CA UNK G 10 -13.62 49.23 -25.32
C UNK G 10 -14.55 48.30 -24.56
N UNK G 11 -15.46 48.89 -23.80
CA UNK G 11 -16.48 48.14 -23.06
C UNK G 11 -17.32 47.32 -24.03
N UNK G 12 -17.46 47.83 -25.25
CA UNK G 12 -18.20 47.12 -26.29
C UNK G 12 -17.43 45.88 -26.73
N UNK G 13 -16.11 45.93 -26.58
CA UNK G 13 -15.26 44.78 -26.91
C UNK G 13 -15.40 43.70 -25.84
N UNK G 14 -15.89 44.10 -24.68
CA UNK G 14 -16.11 43.18 -23.59
C UNK G 14 -17.50 42.61 -23.73
N UNK G 15 -18.44 43.44 -24.14
CA UNK G 15 -19.80 42.99 -24.27
C UNK G 15 -19.83 41.87 -25.27
N UNK G 16 -19.00 41.97 -26.30
CA UNK G 16 -18.96 40.93 -27.30
C UNK G 16 -18.00 39.83 -26.91
N UNK G 17 -17.34 40.01 -25.78
CA UNK G 17 -16.38 39.03 -25.30
C UNK G 17 -17.00 38.02 -24.35
N PRO H 26 -51.23 -17.41 -12.42
CA PRO H 26 -52.39 -16.79 -11.78
C PRO H 26 -52.45 -15.29 -12.03
N ARG H 27 -52.32 -14.87 -13.30
CA ARG H 27 -52.21 -13.47 -13.64
C ARG H 27 -53.03 -13.16 -14.87
N GLN H 28 -53.58 -11.95 -14.92
CA GLN H 28 -54.31 -11.44 -16.06
C GLN H 28 -53.61 -10.18 -16.57
N VAL H 29 -53.43 -10.10 -17.89
CA VAL H 29 -52.65 -9.02 -18.50
C VAL H 29 -53.61 -7.98 -19.06
N ALA H 30 -53.31 -6.71 -18.76
CA ALA H 30 -54.06 -5.58 -19.30
C ALA H 30 -53.15 -4.72 -20.15
N ARG H 31 -53.73 -4.04 -21.14
CA ARG H 31 -53.00 -3.20 -22.07
C ARG H 31 -53.48 -1.76 -21.95
N TYR H 32 -52.53 -0.83 -21.88
CA TYR H 32 -52.81 0.59 -21.82
C TYR H 32 -52.16 1.29 -23.01
N ARG H 33 -52.70 2.46 -23.35
CA ARG H 33 -52.23 3.24 -24.49
C ARG H 33 -51.99 4.66 -24.04
N THR H 34 -50.73 5.10 -24.08
CA THR H 34 -50.41 6.46 -23.72
C THR H 34 -50.92 7.44 -24.77
N ASP H 35 -50.89 8.73 -24.42
CA ASP H 35 -51.43 9.76 -25.31
C ASP H 35 -50.71 9.83 -26.64
N ASN H 36 -49.46 9.37 -26.72
CA ASN H 36 -48.66 9.52 -27.92
C ASN H 36 -48.72 8.32 -28.85
N GLY H 37 -49.41 7.24 -28.46
CA GLY H 37 -49.63 6.09 -29.32
C GLY H 37 -49.03 4.80 -28.80
N GLU H 38 -47.96 4.90 -28.01
CA GLU H 38 -47.31 3.70 -27.50
C GLU H 38 -48.26 2.90 -26.63
N GLU H 39 -48.01 1.59 -26.56
CA GLU H 39 -48.84 0.66 -25.82
C GLU H 39 -47.97 -0.25 -24.99
N PHE H 40 -48.47 -0.63 -23.82
CA PHE H 40 -47.68 -1.37 -22.84
C PHE H 40 -48.53 -2.47 -22.21
N ASP H 41 -47.90 -3.62 -21.98
CA ASP H 41 -48.55 -4.77 -21.36
C ASP H 41 -48.17 -4.83 -19.88
N VAL H 42 -49.17 -4.89 -19.02
CA VAL H 42 -48.95 -4.90 -17.57
C VAL H 42 -49.60 -6.14 -16.97
N PRO H 43 -48.82 -7.14 -16.56
CA PRO H 43 -49.43 -8.34 -15.96
C PRO H 43 -49.93 -8.06 -14.56
N PHE H 44 -51.19 -8.41 -14.31
CA PHE H 44 -51.81 -8.27 -13.00
C PHE H 44 -52.25 -9.64 -12.50
N ALA H 45 -52.61 -9.68 -11.22
CA ALA H 45 -53.24 -10.87 -10.65
C ALA H 45 -54.70 -10.92 -11.09
N ASP H 46 -55.14 -12.11 -11.48
CA ASP H 46 -56.49 -12.25 -12.03
C ASP H 46 -57.55 -11.82 -11.02
N ASP H 47 -57.35 -12.14 -9.74
CA ASP H 47 -58.34 -11.84 -8.72
C ASP H 47 -58.43 -10.34 -8.41
N ALA H 48 -57.55 -9.52 -8.97
CA ALA H 48 -57.54 -8.09 -8.68
C ALA H 48 -58.44 -7.33 -9.66
N GLU H 49 -58.77 -6.10 -9.28
CA GLU H 49 -59.60 -5.23 -10.10
C GLU H 49 -58.70 -4.35 -10.96
N ILE H 50 -58.86 -4.44 -12.28
CA ILE H 50 -57.96 -3.75 -13.21
C ILE H 50 -58.22 -2.25 -13.13
N PRO H 51 -57.18 -1.42 -12.94
CA PRO H 51 -57.38 0.02 -12.95
C PRO H 51 -57.57 0.56 -14.36
N GLY H 52 -58.28 1.69 -14.44
CA GLY H 52 -58.53 2.32 -15.73
C GLY H 52 -57.35 3.07 -16.29
N THR H 53 -56.43 3.53 -15.45
CA THR H 53 -55.23 4.22 -15.88
C THR H 53 -54.03 3.67 -15.12
N TRP H 54 -52.86 3.72 -15.76
CA TRP H 54 -51.65 3.14 -15.18
C TRP H 54 -50.45 3.96 -15.62
N LEU H 55 -49.66 4.42 -14.64
CA LEU H 55 -48.42 5.09 -14.94
C LEU H 55 -47.49 4.13 -15.69
N CYS H 56 -47.19 4.45 -16.95
CA CYS H 56 -46.53 3.52 -17.84
C CYS H 56 -45.02 3.69 -17.82
N ARG H 57 -44.33 2.63 -18.26
CA ARG H 57 -42.88 2.67 -18.41
C ARG H 57 -42.43 3.86 -19.25
N ASN H 58 -43.31 4.35 -20.13
CA ASN H 58 -42.98 5.49 -20.98
C ASN H 58 -42.90 6.79 -20.20
N GLY H 59 -43.55 6.87 -19.04
CA GLY H 59 -43.56 8.09 -18.25
C GLY H 59 -44.84 8.88 -18.34
N LEU H 60 -45.83 8.40 -19.09
CA LEU H 60 -47.11 9.07 -19.26
C LEU H 60 -48.23 8.19 -18.73
N GLU H 61 -49.40 8.79 -18.56
CA GLU H 61 -50.59 8.04 -18.17
C GLU H 61 -51.17 7.32 -19.38
N GLY H 62 -51.70 6.13 -19.14
CA GLY H 62 -52.28 5.33 -20.20
C GLY H 62 -53.70 4.92 -19.87
N THR H 63 -54.50 4.79 -20.92
CA THR H 63 -55.91 4.43 -20.79
C THR H 63 -56.11 2.97 -21.17
N LEU H 64 -56.93 2.28 -20.38
CA LEU H 64 -57.25 0.90 -20.67
C LEU H 64 -57.99 0.80 -22.00
N ILE H 65 -57.74 -0.30 -22.73
CA ILE H 65 -58.42 -0.53 -24.00
C ILE H 65 -59.67 -1.37 -23.83
N GLU H 66 -60.04 -1.70 -22.61
CA GLU H 66 -61.26 -2.45 -22.32
C GLU H 66 -62.41 -1.46 -22.07
N GLY H 67 -63.52 -1.94 -21.53
CA GLY H 67 -64.73 -1.15 -21.35
C GLY H 67 -64.54 0.25 -20.79
N ASP H 68 -63.94 0.37 -19.60
CA ASP H 68 -63.84 1.63 -18.88
C ASP H 68 -62.42 1.79 -18.35
N VAL H 69 -61.92 3.04 -18.30
CA VAL H 69 -62.62 4.27 -18.69
C VAL H 69 -63.85 4.60 -17.82
N PRO H 70 -63.68 4.58 -16.48
CA PRO H 70 -64.83 4.80 -15.60
C PRO H 70 -65.14 6.22 -15.14
N GLU H 71 -64.14 7.08 -14.98
CA GLU H 71 -64.31 8.25 -14.15
C GLU H 71 -63.64 9.48 -14.74
N PRO H 72 -64.05 10.68 -14.27
CA PRO H 72 -63.32 11.90 -14.63
C PRO H 72 -62.18 12.21 -13.67
N LYS H 73 -62.19 11.56 -12.51
CA LYS H 73 -61.09 11.67 -11.54
C LYS H 73 -61.01 13.02 -10.81
N LYS H 74 -62.15 13.61 -10.48
CA LYS H 74 -62.23 14.79 -9.60
C LYS H 74 -61.15 15.83 -9.92
N VAL H 75 -61.21 16.34 -11.14
CA VAL H 75 -60.25 17.33 -11.61
C VAL H 75 -60.73 18.73 -11.24
N LYS H 76 -59.77 19.63 -10.98
CA LYS H 76 -60.05 21.03 -10.70
C LYS H 76 -59.04 21.86 -11.48
N PRO H 77 -59.49 22.87 -12.23
CA PRO H 77 -58.57 23.66 -13.05
C PRO H 77 -57.55 24.38 -12.20
N PRO H 78 -56.31 24.49 -12.66
CA PRO H 78 -55.29 25.20 -11.89
C PRO H 78 -55.57 26.70 -11.83
N ARG H 79 -54.82 27.36 -10.95
CA ARG H 79 -54.96 28.80 -10.78
C ARG H 79 -54.16 29.54 -11.84
N THR H 80 -54.77 30.56 -12.43
CA THR H 80 -54.20 31.28 -13.56
C THR H 80 -54.00 32.75 -13.22
N HIS H 81 -53.21 33.42 -14.05
CA HIS H 81 -52.94 34.84 -13.83
C HIS H 81 -54.22 35.66 -13.85
N TRP H 82 -55.15 35.34 -14.75
CA TRP H 82 -56.42 36.05 -14.78
C TRP H 82 -57.14 35.95 -13.45
N ASP H 83 -57.16 34.77 -12.85
CA ASP H 83 -57.82 34.61 -11.55
C ASP H 83 -57.24 35.57 -10.52
N MET H 84 -55.92 35.63 -10.45
CA MET H 84 -55.29 36.54 -9.48
C MET H 84 -55.60 38.00 -9.79
N LEU H 85 -55.76 38.33 -11.07
CA LEU H 85 -56.12 39.70 -11.42
C LEU H 85 -57.59 39.99 -11.12
N LEU H 86 -58.45 38.99 -11.26
CA LEU H 86 -59.89 39.22 -11.08
C LEU H 86 -60.23 39.47 -9.61
N GLU H 87 -59.54 38.78 -8.70
CA GLU H 87 -59.85 38.91 -7.28
C GLU H 87 -59.44 40.25 -6.68
N ARG H 88 -58.79 41.13 -7.46
CA ARG H 88 -58.48 42.48 -7.01
C ARG H 88 -59.22 43.54 -7.82
N ARG H 89 -59.12 43.50 -9.15
CA ARG H 89 -59.84 44.42 -10.01
C ARG H 89 -61.20 43.86 -10.35
N SER H 90 -62.24 44.66 -10.15
CA SER H 90 -63.57 44.26 -10.61
C SER H 90 -63.67 44.43 -12.12
N VAL H 91 -64.64 43.72 -12.71
CA VAL H 91 -64.76 43.71 -14.16
C VAL H 91 -64.92 45.13 -14.71
N GLU H 92 -65.65 45.99 -13.99
CA GLU H 92 -65.84 47.36 -14.46
C GLU H 92 -64.51 48.10 -14.54
N GLU H 93 -63.72 48.04 -13.46
CA GLU H 93 -62.42 48.69 -13.47
C GLU H 93 -61.59 48.29 -14.68
N LEU H 94 -61.72 47.05 -15.13
CA LEU H 94 -61.00 46.60 -16.31
C LEU H 94 -61.51 47.28 -17.57
N GLU H 95 -62.81 47.52 -17.64
CA GLU H 95 -63.38 48.14 -18.84
C GLU H 95 -62.89 49.58 -19.02
N GLU H 96 -62.92 50.37 -17.96
CA GLU H 96 -62.45 51.75 -18.05
C GLU H 96 -60.97 51.79 -18.42
N LEU H 97 -60.15 50.98 -17.74
CA LEU H 97 -58.73 50.94 -18.07
C LEU H 97 -58.52 50.56 -19.53
N LEU H 98 -59.31 49.60 -20.03
CA LEU H 98 -59.23 49.27 -21.45
C LEU H 98 -59.70 50.43 -22.31
N LYS H 99 -60.78 51.10 -21.92
CA LYS H 99 -61.21 52.29 -22.62
C LYS H 99 -60.10 53.33 -22.68
N GLU H 100 -59.34 53.46 -21.59
CA GLU H 100 -58.19 54.37 -21.59
C GLU H 100 -57.16 53.93 -22.62
N ARG H 101 -56.97 52.62 -22.78
CA ARG H 101 -55.91 52.11 -23.65
C ARG H 101 -56.29 52.22 -25.13
N LEU H 102 -57.50 51.78 -25.49
CA LEU H 102 -57.91 51.87 -26.89
C LEU H 102 -57.97 53.33 -27.36
N ASP H 103 -58.51 54.22 -26.52
CA ASP H 103 -58.54 55.63 -26.89
C ASP H 103 -57.14 56.16 -27.13
N LEU H 104 -56.16 55.74 -26.32
CA LEU H 104 -54.79 56.12 -26.58
C LEU H 104 -54.30 55.55 -27.91
N ILE H 105 -54.83 54.39 -28.31
CA ILE H 105 -54.46 53.80 -29.59
C ILE H 105 -55.10 54.54 -30.75
N LYS H 106 -56.34 55.01 -30.57
CA LYS H 106 -57.00 55.74 -31.64
C LYS H 106 -56.24 57.00 -32.02
N ALA H 107 -55.75 57.74 -31.03
CA ALA H 107 -54.87 58.88 -31.31
C ALA H 107 -53.59 58.38 -31.97
N LYS H 108 -53.34 58.83 -33.19
CA LYS H 108 -52.20 58.35 -33.95
C LYS H 108 -51.29 59.50 -34.38
N ILE K 251 -79.41 -2.26 -8.37
CA ILE K 251 -78.92 -2.96 -7.18
C ILE K 251 -78.50 -1.96 -6.11
N ASP K 252 -78.30 -0.70 -6.52
CA ASP K 252 -77.88 0.33 -5.57
C ASP K 252 -79.05 0.93 -4.79
N ASP K 253 -80.29 0.56 -5.13
CA ASP K 253 -81.44 1.05 -4.36
C ASP K 253 -81.46 0.46 -2.96
N LEU K 254 -80.82 -0.70 -2.74
CA LEU K 254 -80.82 -1.31 -1.41
C LEU K 254 -80.03 -0.48 -0.41
N ASP K 255 -78.97 0.18 -0.85
CA ASP K 255 -78.11 0.97 0.04
C ASP K 255 -77.65 0.12 1.23
N LEU K 256 -77.21 -1.09 0.91
CA LEU K 256 -76.81 -2.04 1.94
C LEU K 256 -75.54 -1.56 2.64
N THR K 257 -75.13 -2.30 3.67
CA THR K 257 -73.92 -1.97 4.40
C THR K 257 -72.70 -2.06 3.47
N VAL K 258 -71.65 -1.33 3.84
CA VAL K 258 -70.44 -1.30 3.02
C VAL K 258 -69.87 -2.70 2.86
N ARG K 259 -69.84 -3.47 3.96
CA ARG K 259 -69.33 -4.83 3.89
C ARG K 259 -70.16 -5.68 2.93
N SER K 260 -71.48 -5.56 3.01
CA SER K 260 -72.36 -6.33 2.12
C SER K 260 -72.20 -5.89 0.67
N TYR K 261 -71.92 -4.60 0.45
CA TYR K 261 -71.84 -4.09 -0.92
C TYR K 261 -70.59 -4.59 -1.62
N ASN K 262 -69.45 -4.60 -0.93
CA ASN K 262 -68.20 -5.02 -1.57
C ASN K 262 -68.16 -6.54 -1.75
N CYS K 263 -68.66 -7.29 -0.77
CA CYS K 263 -68.71 -8.75 -0.90
C CYS K 263 -69.53 -9.16 -2.11
N LEU K 264 -70.72 -8.56 -2.27
CA LEU K 264 -71.56 -8.89 -3.41
C LEU K 264 -70.99 -8.32 -4.71
N LYS K 265 -70.28 -7.20 -4.63
CA LYS K 265 -69.68 -6.61 -5.84
C LYS K 265 -68.50 -7.45 -6.33
N ARG K 266 -67.68 -7.96 -5.41
CA ARG K 266 -66.61 -8.86 -5.80
C ARG K 266 -67.14 -10.25 -6.13
N GLU K 267 -68.21 -10.68 -5.45
CA GLU K 267 -68.77 -12.00 -5.72
C GLU K 267 -69.39 -12.09 -7.11
N GLY K 268 -69.78 -10.97 -7.70
CA GLY K 268 -70.26 -10.94 -9.06
C GLY K 268 -71.77 -10.79 -9.24
N VAL K 269 -72.47 -10.28 -8.24
CA VAL K 269 -73.91 -10.04 -8.34
C VAL K 269 -74.12 -8.59 -8.73
N HIS K 270 -74.49 -8.35 -9.98
CA HIS K 270 -74.65 -7.00 -10.51
C HIS K 270 -76.09 -6.51 -10.47
N THR K 271 -77.06 -7.37 -10.78
CA THR K 271 -78.45 -6.99 -10.83
C THR K 271 -79.20 -7.51 -9.60
N VAL K 272 -80.25 -6.79 -9.21
CA VAL K 272 -81.06 -7.20 -8.07
C VAL K 272 -81.74 -8.53 -8.34
N GLY K 273 -82.17 -8.75 -9.59
CA GLY K 273 -82.82 -10.00 -9.93
C GLY K 273 -81.91 -11.20 -9.73
N GLU K 274 -80.63 -11.07 -10.10
CA GLU K 274 -79.69 -12.15 -9.89
C GLU K 274 -79.48 -12.46 -8.41
N LEU K 275 -79.76 -11.50 -7.53
CA LEU K 275 -79.55 -11.72 -6.11
C LEU K 275 -80.59 -12.68 -5.54
N VAL K 276 -81.87 -12.41 -5.78
CA VAL K 276 -82.92 -13.26 -5.23
C VAL K 276 -82.83 -14.68 -5.77
N ALA K 277 -82.26 -14.85 -6.97
CA ALA K 277 -82.12 -16.18 -7.53
C ALA K 277 -81.01 -16.97 -6.83
N ARG K 278 -79.96 -16.29 -6.39
CA ARG K 278 -78.88 -16.96 -5.69
C ARG K 278 -79.38 -17.54 -4.36
N THR K 279 -78.76 -18.64 -3.94
CA THR K 279 -79.16 -19.31 -2.72
C THR K 279 -78.52 -18.66 -1.50
N GLU K 280 -79.21 -18.79 -0.36
CA GLU K 280 -78.68 -18.25 0.88
C GLU K 280 -77.40 -18.96 1.32
N SER K 281 -77.27 -20.24 0.99
CA SER K 281 -76.07 -20.98 1.35
C SER K 281 -74.87 -20.54 0.51
N ASP K 282 -75.09 -20.10 -0.72
CA ASP K 282 -73.98 -19.68 -1.58
C ASP K 282 -73.39 -18.36 -1.11
N LEU K 283 -74.19 -17.53 -0.43
CA LEU K 283 -73.70 -16.22 0.01
C LEU K 283 -72.72 -16.35 1.16
N LEU K 284 -73.08 -17.14 2.18
CA LEU K 284 -72.23 -17.24 3.36
C LEU K 284 -70.89 -17.90 3.06
N ASP K 285 -70.77 -18.61 1.94
CA ASP K 285 -69.48 -19.13 1.52
C ASP K 285 -68.61 -18.07 0.87
N ILE K 286 -69.20 -16.95 0.44
CA ILE K 286 -68.41 -15.86 -0.10
C ILE K 286 -67.44 -15.33 0.94
N ARG K 287 -66.23 -15.01 0.50
CA ARG K 287 -65.18 -14.59 1.43
C ARG K 287 -65.63 -13.38 2.24
N ASN K 288 -65.44 -13.46 3.56
CA ASN K 288 -65.73 -12.35 4.48
C ASN K 288 -67.21 -11.97 4.47
N PHE K 289 -68.08 -12.95 4.18
CA PHE K 289 -69.52 -12.76 4.23
C PHE K 289 -70.08 -13.68 5.30
N GLY K 290 -70.50 -13.10 6.43
CA GLY K 290 -70.92 -13.86 7.58
C GLY K 290 -72.41 -13.83 7.79
N GLN K 291 -72.82 -14.09 9.05
CA GLN K 291 -74.24 -14.13 9.38
C GLN K 291 -74.82 -12.74 9.53
N LYS K 292 -74.09 -11.83 10.19
CA LYS K 292 -74.58 -10.46 10.32
C LYS K 292 -74.76 -9.79 8.97
N SER K 293 -74.10 -10.29 7.92
CA SER K 293 -74.28 -9.73 6.59
C SER K 293 -75.63 -10.12 6.00
N ILE K 294 -75.99 -11.40 6.10
CA ILE K 294 -77.27 -11.86 5.57
C ILE K 294 -78.43 -11.44 6.47
N ASP K 295 -78.17 -11.17 7.76
CA ASP K 295 -79.25 -10.72 8.63
C ASP K 295 -79.81 -9.38 8.16
N GLU K 296 -78.95 -8.47 7.72
CA GLU K 296 -79.42 -7.19 7.22
C GLU K 296 -80.05 -7.32 5.84
N VAL K 297 -79.57 -8.27 5.03
CA VAL K 297 -80.09 -8.43 3.67
C VAL K 297 -81.56 -8.80 3.70
N LYS K 298 -81.90 -9.85 4.43
CA LYS K 298 -83.29 -10.30 4.48
C LYS K 298 -84.19 -9.28 5.18
N ILE K 299 -83.65 -8.53 6.15
CA ILE K 299 -84.46 -7.55 6.86
C ILE K 299 -84.90 -6.44 5.93
N LYS K 300 -84.04 -6.06 4.98
CA LYS K 300 -84.41 -5.00 4.03
C LYS K 300 -85.44 -5.50 3.03
N LEU K 301 -85.26 -6.72 2.51
CA LEU K 301 -86.25 -7.28 1.60
C LEU K 301 -87.59 -7.45 2.27
N HIS K 302 -87.60 -7.74 3.58
CA HIS K 302 -88.85 -7.85 4.32
C HIS K 302 -89.50 -6.49 4.50
N GLN K 303 -88.69 -5.45 4.71
CA GLN K 303 -89.19 -4.09 4.89
C GLN K 303 -89.44 -3.41 3.54
#